data_7CYP
#
_entry.id   7CYP
#
_cell.length_a   1.00
_cell.length_b   1.00
_cell.length_c   1.00
_cell.angle_alpha   90.00
_cell.angle_beta   90.00
_cell.angle_gamma   90.00
#
_symmetry.space_group_name_H-M   'P 1'
#
loop_
_entity.id
_entity.type
_entity.pdbx_description
1 polymer 'SARS-CoV-2 Spike glycoprotein'
2 polymer 'Light chain of HB27'
3 polymer 'Heavy chain of HB27'
4 branched 2-acetamido-2-deoxy-beta-D-glucopyranose-(1-4)-2-acetamido-2-deoxy-beta-D-glucopyranose
5 non-polymer 2-acetamido-2-deoxy-beta-D-glucopyranose
#
loop_
_entity_poly.entity_id
_entity_poly.type
_entity_poly.pdbx_seq_one_letter_code
_entity_poly.pdbx_strand_id
1 'polypeptide(L)'
;MFVFLVLLPLVSSQCVNLTTRTQLPPAYTNSFTRGVYYPDKVFRSSVLHSTQDLFLPFFSNVTWFHAIHVSGTNGTKRFD
NPVLPFNDGVYFASTEKSNIIRGWIFGTTLDSKTQSLLIVNNATNVVIKVCEFQFCNDPFLGVYYHKNNKSWMESEFRVY
SSANNCTFEYVSQPFLMDLEGKQGNFKNLREFVFKNIDGYFKIYSKHTPINLVRDLPQGFSALEPLVDLPIGINITRFQT
LLALHRSYLTPGDSSSGWTAGAAAYYVGYLQPRTFLLKYNENGTITDAVDCALDPLSETKCTLKSFTVEKGIYQTSNFRV
QPTESIVRFPNITNLCPFGEVFNATRFASVYAWNRKRISNCVADYSVLYNSASFSTFKCYGVSPTKLNDLCFTNVYADSF
VIRGDEVRQIAPGQTGKIADYNYKLPDDFTGCVIAWNSNNLDSKVGGNYNYLYRLFRKSNLKPFERDISTEIYQAGSTPC
NGVEGFNCYFPLQSYGFQPTNGVGYQPYRVVVLSFELLHAPATVCGPKKSTNLVKNKCVNFNFNGLTGTGVLTESNKKFL
PFQQFGRDIADTTDAVRDPQTLEILDITPCSFGGVSVITPGTNTSNQVAVLYQDVNCTEVPVAIHADQLTPTWRVYSTGS
NVFQTRAGCLIGAEHVNNSYECDIPIGAGICASYQTQTNSPGSASSVASQSIIAYTMSLGAENSVAYSNNSIAIPTNFTI
SVTTEILPVSMTKTSVDCTMYICGDSTECSNLLLQYGSFCTQLNRALTGIAVEQDKNTQEVFAQVKQIYKTPPIKDFGGF
NFSQILPDPSKPSKRSFIEDLLFNKVTLADAGFIMQYGDCLGDMAYRDLICAQKFNGLTVLPPLLTDEMIAQYTSALLAG
TITSGWTFGAGAALQIPFAMQMAYRFNGIGVTQNVLYENQKLIANQFNSAIGKIQDSLSSTASALGKLQDVVNQNAQALN
TLVKQLSSNFGAISSVLNDILSRLDPPEAEVQIDRLITGRLQSLQTYVTQQLIRAAEIRASANLAATKMSECVLGQSKRV
DFCGKGYHLMSFPQSAPHGVVFLHVTYVPAQEKNFTTAPAICHDGKAHFPREGVFVSNGTHWFVTQRNFYEPQIITTDNT
FVSGNCDVVIGIVNNTVYDPLQPELDSFKEELDKYFKNHTSPDVDLGDISGINASVVNIQKEIDRLNEVAKNLNESLIDL
QELGKYEQ
;
A,B,C
2 'polypeptide(L)'
;IVLTQSPTLSLSPGERATLSCRASESVDNYGISFMNWFQQKPGQAPRLLIYAASNQGSGIPSRFSGSGSGTDFSLTISSL
EPEDFAVYFCQQSKEVPRIFGQGTKVEILK
;
D,F,H
3 'polypeptide(L)'
;VKLVESGGGLVKPGGSLRLSCAASGFTFTNYGMSWVRQAPGKRLEWVAEISSGGSYTYYPDTVTGRFTISRDNAKNTLYL
QMNSLRAEDTAVYYCARFRYGGGGTVDYWGQGTLVTVSS
;
E,G,I
#
# COMPACT_ATOMS: atom_id res chain seq x y z
N PRO A 25 8.17 -56.05 -0.02
CA PRO A 25 9.34 -55.23 -0.27
C PRO A 25 9.26 -54.48 -1.59
N PRO A 26 8.47 -53.42 -1.65
CA PRO A 26 8.29 -52.72 -2.92
C PRO A 26 9.60 -52.10 -3.39
N ALA A 27 9.98 -52.45 -4.61
CA ALA A 27 11.29 -52.10 -5.14
C ALA A 27 11.14 -50.96 -6.12
N TYR A 28 11.91 -49.92 -5.93
CA TYR A 28 11.59 -48.69 -6.61
C TYR A 28 12.02 -48.74 -8.06
N THR A 29 11.84 -47.63 -8.74
CA THR A 29 12.62 -47.29 -9.91
C THR A 29 12.66 -45.78 -9.99
N ASN A 30 13.27 -45.28 -11.04
CA ASN A 30 13.61 -43.87 -11.09
C ASN A 30 12.57 -43.14 -11.93
N SER A 31 11.81 -42.26 -11.28
CA SER A 31 10.67 -41.63 -11.93
C SER A 31 11.01 -40.92 -13.22
N PHE A 32 12.28 -40.63 -13.47
CA PHE A 32 12.69 -40.03 -14.72
C PHE A 32 11.91 -38.72 -14.91
N THR A 33 11.42 -38.43 -16.09
CA THR A 33 10.86 -37.13 -16.40
C THR A 33 9.35 -37.07 -16.30
N ARG A 34 8.71 -38.15 -15.91
CA ARG A 34 7.27 -38.29 -16.04
C ARG A 34 6.54 -37.30 -15.14
N GLY A 35 5.26 -37.10 -15.44
CA GLY A 35 4.38 -36.43 -14.51
C GLY A 35 4.09 -34.97 -14.73
N VAL A 36 4.22 -34.47 -15.95
CA VAL A 36 3.93 -33.07 -16.25
C VAL A 36 2.56 -32.95 -16.88
N TYR A 37 1.74 -32.06 -16.35
CA TYR A 37 0.36 -31.97 -16.77
C TYR A 37 -0.03 -30.53 -16.96
N TYR A 38 -0.86 -30.26 -17.95
CA TYR A 38 -1.22 -28.89 -18.23
C TYR A 38 -1.99 -28.33 -17.05
N PRO A 39 -1.41 -27.38 -16.33
CA PRO A 39 -2.05 -26.89 -15.12
C PRO A 39 -3.30 -26.10 -15.38
N ASP A 40 -3.53 -25.67 -16.63
CA ASP A 40 -4.57 -24.70 -16.91
C ASP A 40 -5.06 -24.88 -18.35
N LYS A 41 -6.04 -24.07 -18.71
CA LYS A 41 -6.71 -24.18 -20.00
C LYS A 41 -6.05 -23.34 -21.08
N VAL A 42 -4.94 -22.69 -20.80
CA VAL A 42 -4.45 -21.61 -21.65
C VAL A 42 -3.48 -22.15 -22.67
N PHE A 43 -3.87 -22.14 -23.93
CA PHE A 43 -2.89 -22.34 -24.99
C PHE A 43 -1.85 -21.23 -24.92
N ARG A 44 -0.64 -21.57 -25.31
CA ARG A 44 0.41 -20.59 -25.49
C ARG A 44 1.19 -21.03 -26.71
N SER A 45 2.27 -20.33 -27.01
CA SER A 45 3.08 -20.77 -28.12
C SER A 45 4.53 -20.48 -27.85
N SER A 46 5.38 -21.49 -28.12
CA SER A 46 6.82 -21.32 -28.21
C SER A 46 7.39 -20.51 -27.06
N VAL A 47 6.74 -20.56 -25.91
CA VAL A 47 7.04 -19.69 -24.80
C VAL A 47 7.44 -20.53 -23.61
N LEU A 48 8.40 -20.03 -22.85
CA LEU A 48 8.78 -20.66 -21.60
C LEU A 48 7.99 -19.97 -20.50
N HIS A 49 7.06 -20.69 -19.89
CA HIS A 49 6.25 -20.13 -18.82
C HIS A 49 6.52 -20.90 -17.54
N SER A 50 6.76 -20.15 -16.48
CA SER A 50 7.17 -20.72 -15.19
C SER A 50 5.99 -20.76 -14.25
N THR A 51 5.81 -21.90 -13.60
CA THR A 51 4.65 -22.12 -12.76
C THR A 51 5.06 -22.89 -11.52
N GLN A 52 4.43 -22.55 -10.41
CA GLN A 52 4.61 -23.28 -9.17
C GLN A 52 3.33 -24.05 -8.91
N ASP A 53 3.39 -25.36 -9.10
CA ASP A 53 2.21 -26.20 -8.96
C ASP A 53 2.67 -27.59 -8.60
N LEU A 54 1.81 -28.31 -7.89
CA LEU A 54 2.13 -29.65 -7.43
C LEU A 54 2.54 -30.53 -8.59
N PHE A 55 3.74 -31.09 -8.52
CA PHE A 55 4.25 -31.93 -9.59
C PHE A 55 4.90 -33.15 -8.99
N LEU A 56 5.40 -34.01 -9.87
CA LEU A 56 6.22 -35.12 -9.44
C LEU A 56 7.66 -34.70 -9.60
N PRO A 57 8.38 -34.38 -8.55
CA PRO A 57 9.79 -33.98 -8.70
C PRO A 57 10.55 -35.00 -9.51
N PHE A 58 11.40 -34.53 -10.41
CA PHE A 58 12.02 -35.45 -11.34
C PHE A 58 12.94 -36.42 -10.64
N PHE A 59 13.10 -37.57 -11.25
CA PHE A 59 14.07 -38.57 -10.82
C PHE A 59 13.85 -39.04 -9.41
N SER A 60 12.64 -38.88 -8.89
CA SER A 60 12.32 -39.47 -7.61
C SER A 60 12.13 -40.97 -7.79
N ASN A 61 12.14 -41.68 -6.67
CA ASN A 61 11.82 -43.09 -6.67
C ASN A 61 10.32 -43.31 -6.59
N VAL A 62 9.82 -44.23 -7.39
CA VAL A 62 8.40 -44.55 -7.41
C VAL A 62 8.17 -45.94 -6.84
N THR A 63 7.38 -46.00 -5.78
CA THR A 63 6.96 -47.28 -5.21
C THR A 63 6.32 -48.11 -6.30
N TRP A 64 6.57 -49.40 -6.30
CA TRP A 64 6.25 -50.11 -7.52
C TRP A 64 5.78 -51.51 -7.27
N PHE A 65 4.75 -51.91 -8.02
CA PHE A 65 3.86 -52.99 -7.63
C PHE A 65 3.70 -53.98 -8.78
N HIS A 66 2.89 -55.01 -8.53
CA HIS A 66 2.69 -56.10 -9.49
C HIS A 66 1.31 -56.70 -9.30
N ALA A 67 1.03 -57.71 -10.12
CA ALA A 67 -0.04 -58.66 -9.85
C ALA A 67 0.60 -60.02 -9.75
N ILE A 68 0.73 -60.53 -8.53
CA ILE A 68 1.50 -61.74 -8.26
C ILE A 68 1.01 -62.34 -6.96
N HIS A 69 1.39 -63.60 -6.74
CA HIS A 69 0.75 -64.50 -5.82
C HIS A 69 1.17 -64.32 -4.37
N ASP A 80 -1.11 -57.55 -4.24
CA ASP A 80 -0.17 -56.44 -4.35
C ASP A 80 -0.90 -55.09 -4.46
N ASN A 81 -1.86 -54.83 -3.59
CA ASN A 81 -2.57 -53.55 -3.59
C ASN A 81 -2.96 -53.16 -2.17
N PRO A 82 -2.03 -52.67 -1.40
CA PRO A 82 -2.38 -52.17 -0.08
C PRO A 82 -3.09 -50.84 -0.17
N VAL A 83 -3.30 -50.20 0.96
CA VAL A 83 -3.90 -48.88 1.00
C VAL A 83 -2.81 -47.86 1.26
N LEU A 84 -2.73 -46.86 0.39
CA LEU A 84 -1.63 -45.92 0.39
C LEU A 84 -2.16 -44.53 0.71
N PRO A 85 -1.40 -43.71 1.42
CA PRO A 85 -1.91 -42.39 1.78
C PRO A 85 -1.97 -41.45 0.59
N PHE A 86 -2.91 -40.51 0.65
CA PHE A 86 -3.07 -39.57 -0.44
C PHE A 86 -2.04 -38.47 -0.36
N ASN A 87 -1.48 -38.23 0.82
CA ASN A 87 -0.48 -37.20 1.01
C ASN A 87 -0.98 -35.87 0.49
N ASP A 88 -0.29 -35.32 -0.51
CA ASP A 88 -0.75 -34.12 -1.20
C ASP A 88 -1.76 -34.45 -2.29
N GLY A 89 -1.45 -35.48 -3.06
CA GLY A 89 -2.15 -35.83 -4.27
C GLY A 89 -1.24 -36.87 -4.87
N VAL A 90 -1.68 -37.67 -5.81
CA VAL A 90 -0.96 -38.89 -6.09
C VAL A 90 -0.83 -39.10 -7.58
N TYR A 91 0.34 -39.50 -8.02
CA TYR A 91 0.52 -39.93 -9.39
C TYR A 91 -0.08 -41.33 -9.52
N PHE A 92 0.17 -42.00 -10.64
CA PHE A 92 -0.26 -43.37 -10.84
C PHE A 92 0.18 -43.72 -12.24
N ALA A 93 0.07 -44.99 -12.60
CA ALA A 93 0.47 -45.42 -13.92
C ALA A 93 0.00 -46.84 -14.13
N SER A 94 0.42 -47.44 -15.23
CA SER A 94 0.50 -48.87 -15.39
C SER A 94 1.26 -49.12 -16.68
N THR A 95 1.51 -50.38 -16.98
CA THR A 95 2.04 -50.75 -18.30
C THR A 95 1.33 -52.03 -18.70
N GLU A 96 0.76 -52.03 -19.89
CA GLU A 96 -0.16 -53.11 -20.16
C GLU A 96 -0.04 -53.68 -21.55
N LYS A 97 -0.15 -55.00 -21.63
CA LYS A 97 -0.98 -55.66 -22.62
C LYS A 97 -2.33 -56.12 -22.10
N SER A 98 -2.53 -56.17 -20.77
CA SER A 98 -3.68 -56.85 -20.20
C SER A 98 -4.81 -55.96 -19.66
N ASN A 99 -4.63 -54.66 -19.60
CA ASN A 99 -5.71 -53.76 -19.17
C ASN A 99 -6.35 -54.18 -17.84
N ILE A 100 -5.55 -54.76 -16.95
CA ILE A 100 -6.10 -55.37 -15.74
C ILE A 100 -6.54 -54.36 -14.70
N ILE A 101 -5.97 -53.17 -14.64
CA ILE A 101 -6.15 -52.36 -13.44
C ILE A 101 -7.43 -51.57 -13.67
N ARG A 102 -8.49 -52.03 -13.05
CA ARG A 102 -9.82 -51.61 -13.43
C ARG A 102 -10.48 -50.68 -12.44
N GLY A 103 -9.78 -50.19 -11.44
CA GLY A 103 -10.54 -49.31 -10.59
C GLY A 103 -9.68 -48.52 -9.66
N TRP A 104 -10.35 -47.76 -8.83
CA TRP A 104 -9.73 -47.00 -7.76
C TRP A 104 -10.73 -46.91 -6.63
N ILE A 105 -10.28 -47.06 -5.40
CA ILE A 105 -11.12 -46.79 -4.26
C ILE A 105 -10.42 -45.72 -3.45
N PHE A 106 -10.95 -44.53 -3.45
CA PHE A 106 -10.32 -43.46 -2.69
C PHE A 106 -11.08 -43.31 -1.40
N GLY A 107 -10.37 -43.05 -0.33
CA GLY A 107 -11.06 -42.88 0.94
C GLY A 107 -10.28 -42.01 1.90
N THR A 108 -11.01 -41.37 2.79
CA THR A 108 -10.40 -40.78 3.96
C THR A 108 -10.27 -41.77 5.12
N THR A 109 -11.29 -42.61 5.30
CA THR A 109 -11.51 -43.29 6.58
C THR A 109 -11.72 -44.79 6.37
N LEU A 110 -12.74 -45.12 5.56
CA LEU A 110 -13.18 -46.49 5.29
C LEU A 110 -13.90 -47.11 6.50
N ASP A 111 -14.70 -46.27 7.19
CA ASP A 111 -15.77 -46.68 8.07
C ASP A 111 -17.15 -46.62 7.42
N SER A 112 -17.22 -46.28 6.13
CA SER A 112 -18.38 -46.23 5.24
C SER A 112 -19.11 -44.90 5.21
N LYS A 113 -18.83 -43.98 6.12
CA LYS A 113 -19.57 -42.73 6.18
C LYS A 113 -18.91 -41.58 5.44
N THR A 114 -17.70 -41.77 4.90
CA THR A 114 -17.12 -40.79 3.99
C THR A 114 -17.38 -41.22 2.56
N GLN A 115 -17.01 -40.37 1.62
CA GLN A 115 -17.26 -40.65 0.20
C GLN A 115 -16.05 -41.33 -0.42
N SER A 116 -16.32 -42.40 -1.13
CA SER A 116 -15.33 -43.05 -1.96
C SER A 116 -15.65 -42.76 -3.41
N LEU A 117 -14.85 -41.90 -4.01
CA LEU A 117 -14.79 -41.93 -5.46
C LEU A 117 -14.47 -43.35 -5.88
N LEU A 118 -15.22 -43.86 -6.80
CA LEU A 118 -14.87 -45.12 -7.41
C LEU A 118 -14.47 -44.84 -8.85
N ILE A 119 -14.05 -45.89 -9.53
CA ILE A 119 -14.18 -45.99 -10.97
C ILE A 119 -14.38 -47.46 -11.22
N VAL A 120 -15.13 -47.77 -12.25
CA VAL A 120 -15.14 -49.14 -12.75
C VAL A 120 -15.12 -49.03 -14.27
N ASN A 121 -14.08 -49.52 -14.88
CA ASN A 121 -14.09 -49.71 -16.32
C ASN A 121 -14.32 -51.18 -16.59
N ASN A 122 -15.50 -51.49 -17.07
CA ASN A 122 -15.87 -52.83 -17.50
C ASN A 122 -16.55 -52.70 -18.84
N ALA A 123 -15.92 -53.22 -19.90
CA ALA A 123 -16.46 -53.10 -21.24
C ALA A 123 -16.87 -51.66 -21.55
N THR A 124 -15.85 -50.82 -21.68
CA THR A 124 -15.93 -49.52 -22.34
C THR A 124 -16.91 -48.54 -21.70
N ASN A 125 -17.61 -48.95 -20.66
CA ASN A 125 -18.58 -48.08 -20.01
C ASN A 125 -18.07 -47.76 -18.61
N VAL A 126 -17.63 -46.53 -18.43
CA VAL A 126 -16.87 -46.15 -17.23
C VAL A 126 -17.87 -45.63 -16.23
N VAL A 127 -18.12 -46.38 -15.17
CA VAL A 127 -19.14 -46.00 -14.22
C VAL A 127 -18.45 -45.46 -12.99
N ILE A 128 -18.52 -44.18 -12.82
CA ILE A 128 -17.95 -43.55 -11.64
C ILE A 128 -19.02 -43.45 -10.57
N LYS A 129 -18.64 -43.69 -9.32
CA LYS A 129 -19.59 -43.56 -8.23
C LYS A 129 -18.88 -42.96 -7.03
N VAL A 130 -19.45 -41.88 -6.47
CA VAL A 130 -18.89 -41.23 -5.30
C VAL A 130 -19.59 -41.67 -4.02
N CYS A 131 -20.47 -42.65 -4.11
CA CYS A 131 -21.28 -43.04 -2.97
C CYS A 131 -20.40 -43.27 -1.75
N GLU A 132 -20.84 -42.80 -0.60
CA GLU A 132 -20.23 -43.22 0.65
C GLU A 132 -20.55 -44.68 0.92
N PHE A 133 -19.55 -45.45 1.36
CA PHE A 133 -19.83 -46.81 1.83
C PHE A 133 -18.66 -47.61 2.38
N GLN A 134 -18.95 -48.82 2.86
CA GLN A 134 -17.98 -49.73 3.45
C GLN A 134 -17.61 -50.78 2.43
N PHE A 135 -16.38 -51.26 2.54
CA PHE A 135 -15.67 -51.89 1.44
C PHE A 135 -15.41 -53.36 1.73
N CYS A 136 -15.24 -54.13 0.67
CA CYS A 136 -14.68 -55.47 0.85
C CYS A 136 -13.27 -55.31 1.41
N ASN A 137 -12.77 -56.34 2.08
CA ASN A 137 -11.42 -56.24 2.61
C ASN A 137 -10.48 -55.90 1.49
N ASP A 138 -10.26 -56.84 0.59
CA ASP A 138 -9.38 -56.65 -0.56
C ASP A 138 -10.25 -56.75 -1.81
N PRO A 139 -10.94 -55.68 -2.16
CA PRO A 139 -11.88 -55.75 -3.29
C PRO A 139 -11.18 -56.04 -4.60
N PHE A 140 -11.97 -56.07 -5.66
CA PHE A 140 -11.47 -56.47 -6.97
C PHE A 140 -12.59 -56.49 -7.99
N LEU A 141 -12.23 -56.80 -9.23
CA LEU A 141 -13.21 -57.02 -10.28
C LEU A 141 -13.19 -58.50 -10.65
N GLY A 142 -14.37 -59.09 -10.79
CA GLY A 142 -14.46 -60.53 -10.91
C GLY A 142 -13.95 -61.02 -12.24
N VAL A 143 -13.08 -62.03 -12.18
CA VAL A 143 -12.77 -62.88 -13.31
C VAL A 143 -12.77 -64.33 -12.83
N TYR A 144 -13.74 -65.10 -13.29
CA TYR A 144 -13.56 -66.55 -13.35
C TYR A 144 -12.42 -66.79 -14.31
N TYR A 145 -11.41 -67.53 -13.87
CA TYR A 145 -10.27 -67.71 -14.75
C TYR A 145 -10.70 -68.37 -16.07
N HIS A 146 -10.40 -67.70 -17.17
CA HIS A 146 -10.66 -68.24 -18.50
C HIS A 146 -12.12 -68.57 -18.74
N LYS A 147 -12.94 -67.58 -18.97
CA LYS A 147 -14.34 -67.80 -19.32
C LYS A 147 -14.46 -68.35 -20.74
N ASN A 148 -15.70 -68.56 -21.18
CA ASN A 148 -16.01 -68.46 -22.60
C ASN A 148 -16.30 -67.01 -22.98
N ASN A 149 -17.06 -66.32 -22.13
CA ASN A 149 -17.32 -64.88 -22.23
C ASN A 149 -16.42 -64.21 -21.20
N LYS A 150 -15.38 -63.54 -21.67
CA LYS A 150 -14.15 -63.48 -20.89
C LYS A 150 -14.42 -63.09 -19.45
N SER A 151 -13.75 -63.79 -18.55
CA SER A 151 -13.82 -63.63 -17.10
C SER A 151 -15.06 -64.27 -16.50
N TRP A 152 -16.08 -64.47 -17.32
CA TRP A 152 -17.41 -64.52 -16.76
C TRP A 152 -17.42 -63.36 -15.77
N MET A 153 -17.93 -63.61 -14.56
CA MET A 153 -17.68 -62.85 -13.34
C MET A 153 -17.59 -61.36 -13.61
N GLU A 154 -18.24 -60.92 -14.68
CA GLU A 154 -18.39 -59.51 -14.89
C GLU A 154 -19.44 -58.98 -13.95
N SER A 155 -20.25 -59.87 -13.41
CA SER A 155 -21.25 -59.60 -12.40
C SER A 155 -20.73 -59.82 -10.98
N GLU A 156 -19.44 -60.13 -10.81
CA GLU A 156 -18.89 -60.31 -9.48
C GLU A 156 -19.13 -59.06 -8.67
N PHE A 157 -18.42 -57.99 -8.99
CA PHE A 157 -18.69 -56.69 -8.40
C PHE A 157 -18.81 -56.77 -6.88
N ARG A 158 -17.78 -57.30 -6.24
CA ARG A 158 -17.60 -57.00 -4.83
C ARG A 158 -16.51 -55.95 -4.82
N VAL A 159 -16.91 -54.71 -4.59
CA VAL A 159 -16.05 -53.62 -4.22
C VAL A 159 -16.25 -53.21 -2.75
N TYR A 160 -17.17 -53.84 -2.03
CA TYR A 160 -17.90 -53.02 -1.09
C TYR A 160 -18.81 -53.86 -0.24
N SER A 161 -19.21 -53.28 0.88
CA SER A 161 -20.30 -53.82 1.69
C SER A 161 -21.64 -53.40 1.10
N SER A 162 -21.71 -52.15 0.68
CA SER A 162 -22.95 -51.55 0.21
C SER A 162 -22.58 -50.23 -0.44
N ALA A 163 -23.60 -49.43 -0.73
CA ALA A 163 -23.50 -47.98 -0.70
C ALA A 163 -24.21 -47.47 0.55
N ASN A 164 -24.16 -46.15 0.76
CA ASN A 164 -25.00 -45.49 1.77
C ASN A 164 -25.74 -44.31 1.16
N ASN A 165 -25.01 -43.23 0.89
CA ASN A 165 -25.52 -42.08 0.15
C ASN A 165 -24.66 -41.91 -1.10
N CYS A 166 -25.30 -41.66 -2.24
CA CYS A 166 -24.63 -41.46 -3.50
C CYS A 166 -24.77 -40.00 -3.91
N THR A 167 -23.69 -39.24 -3.83
CA THR A 167 -23.74 -37.84 -4.17
C THR A 167 -23.29 -37.55 -5.60
N PHE A 168 -23.03 -38.59 -6.40
CA PHE A 168 -22.78 -38.42 -7.82
C PHE A 168 -22.92 -39.78 -8.48
N GLU A 169 -22.88 -39.76 -9.80
CA GLU A 169 -22.88 -40.93 -10.65
C GLU A 169 -22.40 -40.47 -12.01
N TYR A 170 -21.95 -41.40 -12.82
CA TYR A 170 -21.65 -41.08 -14.19
C TYR A 170 -21.63 -42.39 -14.95
N VAL A 171 -21.78 -42.30 -16.27
CA VAL A 171 -21.42 -43.40 -17.16
C VAL A 171 -20.89 -42.76 -18.43
N SER A 172 -20.14 -43.54 -19.21
CA SER A 172 -19.83 -43.18 -20.57
C SER A 172 -20.48 -44.19 -21.49
N PHE A 186 4.62 -55.37 -22.66
CA PHE A 186 3.35 -54.72 -22.47
C PHE A 186 3.28 -53.53 -23.40
N LYS A 187 2.15 -53.40 -24.11
CA LYS A 187 1.98 -52.33 -25.08
C LYS A 187 1.46 -51.02 -24.49
N ASN A 188 0.45 -51.07 -23.64
CA ASN A 188 -0.10 -49.82 -23.12
C ASN A 188 0.92 -49.08 -22.28
N LEU A 189 0.70 -47.78 -22.20
CA LEU A 189 1.06 -47.03 -21.00
C LEU A 189 -0.12 -46.14 -20.71
N ARG A 190 -0.83 -46.40 -19.62
CA ARG A 190 -1.77 -45.43 -19.11
C ARG A 190 -1.01 -44.64 -18.07
N GLU A 191 -1.26 -43.34 -17.97
CA GLU A 191 -0.69 -42.54 -16.91
C GLU A 191 -1.76 -41.63 -16.38
N PHE A 192 -2.14 -41.78 -15.14
CA PHE A 192 -3.26 -41.01 -14.65
C PHE A 192 -2.79 -40.20 -13.45
N VAL A 193 -2.64 -38.93 -13.62
CA VAL A 193 -2.34 -38.07 -12.49
C VAL A 193 -3.64 -37.73 -11.79
N PHE A 194 -3.63 -37.76 -10.47
CA PHE A 194 -4.82 -37.36 -9.77
C PHE A 194 -4.50 -36.14 -8.95
N LYS A 195 -5.55 -35.57 -8.34
CA LYS A 195 -5.45 -34.71 -7.16
C LYS A 195 -6.79 -34.07 -6.79
N ASN A 196 -6.93 -33.65 -5.54
CA ASN A 196 -8.10 -32.94 -5.05
C ASN A 196 -7.67 -31.57 -4.56
N ILE A 197 -8.13 -30.54 -5.23
CA ILE A 197 -7.85 -29.16 -4.87
C ILE A 197 -9.16 -28.53 -4.39
N ASP A 198 -9.27 -28.34 -3.08
CA ASP A 198 -10.37 -27.61 -2.46
C ASP A 198 -11.73 -28.07 -2.96
N GLY A 199 -11.96 -29.37 -2.90
CA GLY A 199 -13.21 -29.92 -3.33
C GLY A 199 -13.29 -30.25 -4.80
N TYR A 200 -12.42 -29.71 -5.62
CA TYR A 200 -12.37 -30.22 -6.97
C TYR A 200 -11.67 -31.56 -6.98
N PHE A 201 -11.56 -32.14 -8.18
CA PHE A 201 -10.81 -33.35 -8.43
C PHE A 201 -10.32 -33.28 -9.85
N LYS A 202 -9.16 -33.83 -10.11
CA LYS A 202 -8.60 -33.77 -11.45
C LYS A 202 -8.11 -35.14 -11.86
N ILE A 203 -8.12 -35.37 -13.17
CA ILE A 203 -7.48 -36.55 -13.73
C ILE A 203 -6.90 -36.19 -15.07
N TYR A 204 -5.69 -36.63 -15.31
CA TYR A 204 -4.98 -36.37 -16.53
C TYR A 204 -4.70 -37.71 -17.17
N SER A 205 -4.13 -37.72 -18.36
CA SER A 205 -4.05 -39.02 -18.98
C SER A 205 -3.02 -39.06 -20.08
N LYS A 206 -2.62 -40.28 -20.39
CA LYS A 206 -2.08 -40.70 -21.67
C LYS A 206 -2.57 -42.10 -21.86
N HIS A 207 -3.03 -42.45 -23.03
CA HIS A 207 -3.14 -43.85 -23.36
C HIS A 207 -2.11 -44.00 -24.46
N THR A 208 -0.96 -44.56 -24.13
CA THR A 208 0.20 -44.38 -25.00
C THR A 208 1.05 -45.64 -25.07
N PRO A 209 1.60 -45.95 -26.24
CA PRO A 209 2.25 -47.24 -26.45
C PRO A 209 3.67 -47.34 -25.92
N ILE A 210 4.05 -48.57 -25.54
CA ILE A 210 5.40 -48.88 -25.09
C ILE A 210 5.75 -50.31 -25.46
N ASN A 211 7.05 -50.58 -25.60
CA ASN A 211 7.60 -51.93 -25.42
C ASN A 211 8.70 -51.87 -24.38
N LEU A 212 8.40 -52.30 -23.16
CA LEU A 212 9.39 -52.74 -22.20
C LEU A 212 8.67 -53.61 -21.19
N VAL A 213 9.34 -54.63 -20.68
CA VAL A 213 8.70 -55.50 -19.70
C VAL A 213 8.73 -54.87 -18.31
N ARG A 214 9.91 -54.44 -17.87
CA ARG A 214 10.17 -54.24 -16.45
C ARG A 214 9.78 -52.88 -15.92
N ASP A 215 9.99 -51.81 -16.69
CA ASP A 215 10.02 -50.48 -16.07
C ASP A 215 9.61 -49.41 -17.07
N LEU A 216 9.56 -48.19 -16.57
CA LEU A 216 9.09 -47.04 -17.35
C LEU A 216 9.99 -46.83 -18.56
N PRO A 217 9.40 -46.60 -19.73
CA PRO A 217 10.20 -45.94 -20.77
C PRO A 217 10.59 -44.60 -20.21
N GLN A 218 11.87 -44.31 -20.24
CA GLN A 218 12.25 -42.99 -19.80
C GLN A 218 11.97 -42.01 -20.91
N GLY A 219 11.06 -41.10 -20.67
CA GLY A 219 10.66 -40.16 -21.69
C GLY A 219 9.59 -39.25 -21.15
N PHE A 220 9.45 -38.09 -21.78
CA PHE A 220 8.46 -37.11 -21.38
C PHE A 220 7.14 -37.30 -22.12
N SER A 221 6.11 -36.59 -21.68
CA SER A 221 4.80 -36.68 -22.30
C SER A 221 3.75 -35.94 -21.49
N ALA A 222 3.39 -34.74 -21.96
CA ALA A 222 2.39 -33.92 -21.28
C ALA A 222 1.19 -34.75 -20.85
N LEU A 223 0.49 -34.28 -19.82
CA LEU A 223 -0.69 -34.99 -19.32
C LEU A 223 -1.90 -34.06 -19.27
N GLU A 224 -2.69 -34.09 -20.34
CA GLU A 224 -3.88 -33.24 -20.43
C GLU A 224 -4.95 -33.70 -19.43
N PRO A 225 -5.95 -32.76 -19.15
CA PRO A 225 -6.94 -33.23 -18.18
C PRO A 225 -8.21 -33.72 -18.87
N LEU A 226 -8.64 -34.93 -18.54
CA LEU A 226 -9.84 -35.51 -19.12
C LEU A 226 -11.08 -35.18 -18.30
N VAL A 227 -11.01 -35.43 -17.00
CA VAL A 227 -12.12 -35.16 -16.12
C VAL A 227 -11.76 -33.98 -15.22
N ASP A 228 -12.75 -33.18 -14.89
CA ASP A 228 -12.63 -32.19 -13.83
C ASP A 228 -13.89 -32.27 -12.97
N LEU A 229 -13.73 -32.60 -11.70
CA LEU A 229 -14.90 -32.70 -10.82
C LEU A 229 -14.87 -31.87 -9.54
N PRO A 230 -15.61 -30.69 -9.57
CA PRO A 230 -15.58 -29.93 -8.31
C PRO A 230 -16.59 -30.57 -7.37
N ILE A 231 -16.20 -31.69 -6.79
CA ILE A 231 -17.04 -32.47 -5.90
C ILE A 231 -17.16 -31.82 -4.53
N GLY A 232 -16.07 -31.73 -3.78
CA GLY A 232 -16.13 -31.35 -2.37
C GLY A 232 -15.84 -32.48 -1.40
N ILE A 233 -15.51 -33.66 -1.89
CA ILE A 233 -15.05 -34.76 -1.05
C ILE A 233 -13.58 -34.53 -0.69
N ASN A 234 -13.13 -35.18 0.38
CA ASN A 234 -11.71 -35.25 0.67
C ASN A 234 -11.25 -36.71 0.59
N ILE A 235 -9.94 -36.90 0.46
CA ILE A 235 -9.34 -38.23 0.44
C ILE A 235 -8.06 -38.18 1.25
N THR A 236 -7.90 -39.10 2.21
CA THR A 236 -6.60 -39.32 2.83
C THR A 236 -5.88 -40.59 2.41
N ARG A 237 -6.54 -41.50 1.69
CA ARG A 237 -5.97 -42.81 1.45
C ARG A 237 -6.62 -43.40 0.23
N PHE A 238 -6.03 -44.44 -0.32
CA PHE A 238 -6.76 -45.11 -1.37
C PHE A 238 -6.13 -46.45 -1.69
N GLN A 239 -6.82 -47.18 -2.56
CA GLN A 239 -6.37 -48.46 -3.03
C GLN A 239 -6.92 -48.69 -4.41
N THR A 240 -6.11 -49.29 -5.27
CA THR A 240 -6.59 -49.63 -6.59
C THR A 240 -7.45 -50.87 -6.51
N LEU A 241 -7.84 -51.39 -7.67
CA LEU A 241 -8.69 -52.56 -7.80
C LEU A 241 -8.11 -53.41 -8.89
N LEU A 242 -8.58 -54.65 -9.00
CA LEU A 242 -7.99 -55.53 -9.99
C LEU A 242 -9.01 -56.57 -10.43
N ALA A 243 -8.70 -57.21 -11.55
CA ALA A 243 -9.52 -58.29 -12.10
C ALA A 243 -8.84 -59.62 -11.78
N LEU A 244 -9.45 -60.41 -10.93
CA LEU A 244 -8.73 -61.50 -10.30
C LEU A 244 -8.56 -62.69 -11.23
N HIS A 245 -8.08 -63.77 -10.63
CA HIS A 245 -8.10 -65.13 -11.14
C HIS A 245 -8.03 -66.08 -9.94
N ALA A 263 0.68 -57.75 -14.17
CA ALA A 263 0.51 -56.43 -14.79
C ALA A 263 1.06 -55.33 -13.87
N ALA A 264 1.82 -54.40 -14.43
CA ALA A 264 2.59 -53.50 -13.59
C ALA A 264 1.69 -52.50 -12.90
N TYR A 265 2.31 -51.61 -12.11
CA TYR A 265 1.90 -50.21 -12.01
C TYR A 265 2.67 -49.52 -10.92
N TYR A 266 2.65 -48.20 -10.91
CA TYR A 266 3.59 -47.40 -10.14
C TYR A 266 2.83 -46.41 -9.28
N VAL A 267 3.56 -45.68 -8.45
CA VAL A 267 2.98 -44.56 -7.71
C VAL A 267 4.09 -43.55 -7.44
N GLY A 268 3.77 -42.27 -7.56
CA GLY A 268 4.56 -41.20 -7.02
C GLY A 268 3.86 -40.47 -5.90
N TYR A 269 4.37 -39.30 -5.58
CA TYR A 269 3.61 -38.34 -4.79
C TYR A 269 3.97 -36.95 -5.23
N LEU A 270 2.98 -36.09 -5.29
CA LEU A 270 3.15 -34.75 -5.80
C LEU A 270 3.74 -33.84 -4.74
N GLN A 271 4.43 -32.80 -5.17
CA GLN A 271 4.93 -31.77 -4.27
C GLN A 271 4.80 -30.43 -4.96
N PRO A 272 4.76 -29.43 -4.25
CA PRO A 272 4.68 -28.08 -4.83
C PRO A 272 6.00 -27.57 -5.38
N ARG A 273 6.53 -28.27 -6.36
CA ARG A 273 7.67 -27.77 -7.09
C ARG A 273 7.26 -26.70 -8.09
N THR A 274 8.26 -25.92 -8.50
CA THR A 274 8.11 -24.96 -9.58
C THR A 274 8.93 -25.44 -10.76
N PHE A 275 8.30 -25.58 -11.93
CA PHE A 275 9.03 -25.98 -13.12
C PHE A 275 8.96 -24.89 -14.16
N LEU A 276 9.88 -24.95 -15.10
CA LEU A 276 9.87 -24.08 -16.26
C LEU A 276 9.30 -24.88 -17.42
N LEU A 277 8.09 -24.54 -17.82
CA LEU A 277 7.39 -25.29 -18.85
C LEU A 277 7.71 -24.70 -20.21
N LYS A 278 8.01 -25.56 -21.17
CA LYS A 278 8.22 -25.13 -22.54
C LYS A 278 7.02 -25.53 -23.38
N TYR A 279 6.18 -24.58 -23.73
CA TYR A 279 5.10 -24.85 -24.66
C TYR A 279 5.69 -24.96 -26.05
N ASN A 280 4.82 -24.99 -27.06
CA ASN A 280 5.33 -25.07 -28.41
C ASN A 280 4.31 -24.42 -29.34
N GLU A 281 4.55 -24.58 -30.64
CA GLU A 281 3.72 -23.98 -31.67
C GLU A 281 2.26 -24.31 -31.47
N ASN A 282 1.99 -25.56 -31.10
CA ASN A 282 0.65 -26.08 -31.03
C ASN A 282 0.10 -26.03 -29.62
N GLY A 283 0.88 -25.59 -28.65
CA GLY A 283 0.46 -25.61 -27.27
C GLY A 283 0.79 -26.89 -26.53
N THR A 284 1.56 -27.77 -27.13
CA THR A 284 1.98 -29.02 -26.50
C THR A 284 3.22 -28.78 -25.67
N ILE A 285 3.14 -29.03 -24.36
CA ILE A 285 4.36 -28.87 -23.59
C ILE A 285 5.30 -29.96 -24.07
N THR A 286 6.39 -29.58 -24.71
CA THR A 286 7.33 -30.61 -25.12
C THR A 286 8.52 -30.71 -24.20
N ASP A 287 8.65 -29.81 -23.23
CA ASP A 287 9.73 -29.98 -22.29
C ASP A 287 9.44 -29.17 -21.04
N ALA A 288 10.09 -29.58 -19.95
CA ALA A 288 10.03 -28.83 -18.72
C ALA A 288 11.34 -29.03 -18.00
N VAL A 289 11.65 -28.10 -17.13
CA VAL A 289 12.85 -28.15 -16.31
C VAL A 289 12.45 -27.96 -14.86
N ASP A 290 13.01 -28.76 -13.99
CA ASP A 290 12.75 -28.60 -12.57
C ASP A 290 13.61 -27.48 -12.03
N CYS A 291 13.04 -26.70 -11.12
CA CYS A 291 13.87 -25.65 -10.52
C CYS A 291 14.73 -26.19 -9.41
N ALA A 292 14.19 -27.08 -8.60
CA ALA A 292 14.87 -27.52 -7.39
C ALA A 292 15.72 -28.76 -7.59
N LEU A 293 15.73 -29.35 -8.78
CA LEU A 293 16.43 -30.61 -8.97
C LEU A 293 17.88 -30.52 -8.55
N ASP A 294 18.53 -29.40 -8.83
CA ASP A 294 19.97 -29.28 -8.65
C ASP A 294 20.39 -27.86 -9.01
N PRO A 295 21.66 -27.48 -8.86
CA PRO A 295 22.02 -26.10 -9.16
C PRO A 295 21.76 -25.71 -10.60
N LEU A 296 22.28 -26.50 -11.55
CA LEU A 296 22.15 -26.10 -12.95
C LEU A 296 20.72 -25.78 -13.31
N SER A 297 19.79 -26.54 -12.77
CA SER A 297 18.39 -26.33 -13.09
C SER A 297 17.77 -25.24 -12.24
N GLU A 298 18.55 -24.60 -11.37
CA GLU A 298 18.06 -23.35 -10.80
C GLU A 298 18.33 -22.20 -11.73
N THR A 299 19.49 -22.22 -12.38
CA THR A 299 19.82 -21.26 -13.41
C THR A 299 18.66 -21.09 -14.37
N LYS A 300 18.36 -22.15 -15.12
CA LYS A 300 17.31 -22.11 -16.12
C LYS A 300 16.02 -21.53 -15.58
N CYS A 301 15.78 -21.66 -14.29
CA CYS A 301 14.62 -21.02 -13.70
C CYS A 301 14.85 -19.56 -13.39
N THR A 302 16.09 -19.11 -13.30
CA THR A 302 16.33 -17.68 -13.23
C THR A 302 16.31 -17.04 -14.61
N LEU A 303 16.89 -17.70 -15.59
CA LEU A 303 17.07 -17.08 -16.89
C LEU A 303 15.89 -17.33 -17.82
N LYS A 304 14.95 -18.17 -17.44
CA LYS A 304 13.86 -18.56 -18.32
C LYS A 304 14.40 -19.06 -19.64
N SER A 305 15.34 -19.98 -19.57
CA SER A 305 15.95 -20.51 -20.78
C SER A 305 16.42 -21.93 -20.54
N PHE A 306 16.27 -22.78 -21.55
CA PHE A 306 16.91 -24.09 -21.45
C PHE A 306 18.35 -24.01 -21.87
N THR A 307 18.64 -23.24 -22.90
CA THR A 307 20.01 -22.97 -23.24
C THR A 307 20.56 -21.96 -22.26
N VAL A 308 21.71 -22.26 -21.70
CA VAL A 308 22.40 -21.34 -20.81
C VAL A 308 23.86 -21.29 -21.20
N GLU A 309 24.31 -20.10 -21.56
CA GLU A 309 25.65 -19.87 -22.02
C GLU A 309 26.60 -19.78 -20.84
N LYS A 310 27.86 -19.59 -21.16
CA LYS A 310 28.93 -19.73 -20.20
C LYS A 310 28.82 -18.68 -19.11
N GLY A 311 29.43 -18.95 -17.98
CA GLY A 311 29.74 -17.84 -17.12
C GLY A 311 28.85 -17.76 -15.89
N ILE A 312 29.42 -17.19 -14.83
CA ILE A 312 28.83 -17.26 -13.50
C ILE A 312 27.52 -16.48 -13.46
N TYR A 313 26.49 -17.11 -12.91
CA TYR A 313 25.22 -16.46 -12.64
C TYR A 313 24.97 -16.56 -11.16
N GLN A 314 24.33 -15.55 -10.61
CA GLN A 314 23.76 -15.74 -9.29
C GLN A 314 22.41 -16.41 -9.43
N THR A 315 22.08 -17.25 -8.45
CA THR A 315 20.76 -17.85 -8.46
C THR A 315 20.01 -17.48 -7.20
N SER A 316 20.36 -18.11 -6.08
CA SER A 316 19.64 -17.85 -4.85
C SER A 316 20.55 -17.51 -3.70
N ASN A 317 19.98 -17.39 -2.50
CA ASN A 317 20.73 -16.98 -1.33
C ASN A 317 20.49 -17.98 -0.22
N PHE A 318 21.52 -18.71 0.14
CA PHE A 318 21.44 -19.66 1.21
C PHE A 318 21.58 -18.90 2.52
N ARG A 319 20.60 -18.99 3.38
CA ARG A 319 20.62 -18.27 4.64
C ARG A 319 20.58 -19.29 5.75
N VAL A 320 21.69 -19.44 6.47
CA VAL A 320 21.78 -20.48 7.47
C VAL A 320 20.62 -20.34 8.44
N GLN A 321 19.94 -21.31 8.59
CA GLN A 321 18.79 -21.13 9.45
C GLN A 321 19.16 -21.42 10.90
N PRO A 322 18.54 -20.71 11.84
CA PRO A 322 18.97 -20.82 13.23
C PRO A 322 18.78 -22.23 13.75
N THR A 323 19.16 -22.46 14.99
CA THR A 323 18.83 -23.76 15.54
C THR A 323 17.63 -23.62 16.45
N GLU A 324 17.77 -23.08 17.67
CA GLU A 324 16.59 -23.07 18.51
C GLU A 324 16.18 -21.70 19.07
N SER A 325 16.77 -21.29 20.20
CA SER A 325 16.39 -20.10 20.93
C SER A 325 17.17 -20.05 22.25
N ILE A 326 17.28 -18.87 22.82
CA ILE A 326 17.90 -18.68 24.12
C ILE A 326 17.10 -17.60 24.82
N VAL A 327 16.67 -17.88 26.04
CA VAL A 327 16.06 -16.86 26.89
C VAL A 327 16.89 -16.80 28.15
N ARG A 328 17.33 -15.61 28.51
CA ARG A 328 18.26 -15.46 29.63
C ARG A 328 17.90 -14.24 30.46
N PHE A 329 17.57 -14.45 31.72
CA PHE A 329 17.06 -13.43 32.62
C PHE A 329 17.70 -13.61 33.98
N PRO A 330 17.77 -12.54 34.79
CA PRO A 330 18.53 -12.60 36.04
C PRO A 330 17.95 -13.63 37.00
N ASN A 331 18.67 -13.94 38.08
CA ASN A 331 18.10 -14.96 38.95
C ASN A 331 17.10 -14.23 39.82
N ILE A 332 15.83 -14.24 39.43
CA ILE A 332 14.66 -14.21 40.32
C ILE A 332 14.65 -13.06 41.33
N THR A 333 15.84 -12.56 41.68
CA THR A 333 16.05 -11.23 42.27
C THR A 333 15.30 -11.00 43.57
N ASN A 334 14.31 -11.83 43.85
CA ASN A 334 13.30 -11.44 44.82
C ASN A 334 12.22 -12.49 44.90
N LEU A 335 11.50 -12.52 46.01
CA LEU A 335 10.31 -13.35 46.12
C LEU A 335 9.24 -12.55 46.84
N CYS A 336 8.13 -12.31 46.17
CA CYS A 336 7.08 -11.49 46.74
C CYS A 336 6.54 -12.16 48.01
N PRO A 337 6.27 -11.41 49.06
CA PRO A 337 6.05 -12.03 50.38
C PRO A 337 4.81 -12.91 50.42
N PHE A 338 4.92 -14.02 49.69
CA PHE A 338 3.83 -14.98 49.59
C PHE A 338 3.54 -15.64 50.92
N GLY A 339 4.58 -15.98 51.67
CA GLY A 339 4.37 -16.84 52.82
C GLY A 339 3.39 -16.23 53.80
N GLU A 340 3.73 -15.07 54.33
CA GLU A 340 2.87 -14.46 55.34
C GLU A 340 1.48 -14.16 54.80
N VAL A 341 1.34 -14.12 53.49
CA VAL A 341 0.00 -14.10 52.90
C VAL A 341 -0.72 -15.39 53.22
N PHE A 342 -0.16 -16.51 52.79
CA PHE A 342 -0.73 -17.82 53.07
C PHE A 342 -0.23 -18.43 54.37
N ASN A 343 1.06 -18.37 54.63
CA ASN A 343 1.66 -19.16 55.68
C ASN A 343 1.70 -18.46 57.02
N ALA A 344 1.10 -17.28 57.16
CA ALA A 344 1.01 -16.67 58.49
C ALA A 344 0.04 -17.46 59.35
N THR A 345 0.51 -17.85 60.53
CA THR A 345 -0.18 -18.86 61.32
C THR A 345 -1.60 -18.42 61.65
N ARG A 346 -1.75 -17.28 62.32
CA ARG A 346 -3.03 -16.83 62.82
C ARG A 346 -3.47 -15.62 62.02
N PHE A 347 -4.46 -15.81 61.17
CA PHE A 347 -5.02 -14.71 60.39
C PHE A 347 -6.01 -13.93 61.23
N ALA A 348 -6.20 -12.68 60.83
CA ALA A 348 -7.21 -11.86 61.48
C ALA A 348 -8.58 -12.45 61.20
N SER A 349 -9.51 -12.14 62.08
CA SER A 349 -10.86 -12.64 61.94
C SER A 349 -11.52 -11.95 60.77
N VAL A 350 -12.77 -12.33 60.50
CA VAL A 350 -13.37 -12.01 59.21
C VAL A 350 -13.89 -10.58 59.17
N TYR A 351 -14.44 -10.08 60.27
CA TYR A 351 -14.89 -8.69 60.29
C TYR A 351 -13.75 -7.75 59.91
N ALA A 352 -12.54 -8.08 60.34
CA ALA A 352 -11.34 -7.38 59.94
C ALA A 352 -10.64 -8.17 58.84
N TRP A 353 -9.48 -7.65 58.43
CA TRP A 353 -8.64 -8.24 57.39
C TRP A 353 -7.46 -7.31 57.24
N ASN A 354 -6.48 -7.73 56.46
CA ASN A 354 -5.29 -6.93 56.25
C ASN A 354 -5.08 -6.70 54.77
N ARG A 355 -4.91 -5.45 54.39
CA ARG A 355 -4.52 -5.10 53.03
C ARG A 355 -3.02 -4.98 53.01
N LYS A 356 -2.36 -5.90 52.34
CA LYS A 356 -0.92 -5.89 52.20
C LYS A 356 -0.60 -5.58 50.76
N ARG A 357 0.02 -4.43 50.52
CA ARG A 357 0.52 -4.17 49.18
C ARG A 357 1.62 -5.16 48.85
N ILE A 358 1.60 -5.66 47.62
CA ILE A 358 2.66 -6.49 47.11
C ILE A 358 3.19 -5.79 45.87
N SER A 359 4.41 -5.29 45.96
CA SER A 359 5.01 -4.57 44.84
C SER A 359 6.52 -4.62 45.03
N ASN A 360 7.23 -4.27 43.95
CA ASN A 360 8.69 -4.27 43.95
C ASN A 360 9.23 -5.65 44.32
N CYS A 361 8.93 -6.60 43.43
CA CYS A 361 9.33 -8.00 43.57
C CYS A 361 8.85 -8.71 42.32
N VAL A 362 9.26 -9.96 42.18
CA VAL A 362 8.72 -10.84 41.16
C VAL A 362 7.88 -11.89 41.85
N ALA A 363 6.69 -12.13 41.32
CA ALA A 363 5.69 -12.94 41.99
C ALA A 363 5.60 -14.29 41.29
N ASP A 364 5.94 -15.34 42.01
CA ASP A 364 5.80 -16.70 41.48
C ASP A 364 4.42 -17.21 41.86
N TYR A 365 3.56 -17.34 40.86
CA TYR A 365 2.24 -17.87 41.11
C TYR A 365 2.22 -19.38 41.01
N SER A 366 3.26 -19.95 40.39
CA SER A 366 3.27 -21.38 40.09
C SER A 366 3.04 -22.19 41.37
N VAL A 367 3.88 -22.00 42.37
CA VAL A 367 3.68 -22.73 43.62
C VAL A 367 2.34 -22.36 44.23
N LEU A 368 1.98 -21.09 44.15
CA LEU A 368 0.64 -20.68 44.59
C LEU A 368 -0.41 -21.36 43.75
N TYR A 369 -0.11 -21.61 42.48
CA TYR A 369 -1.01 -22.35 41.62
C TYR A 369 -0.86 -23.86 41.84
N ASN A 370 0.38 -24.32 42.04
CA ASN A 370 0.71 -25.74 42.02
C ASN A 370 0.77 -26.38 43.39
N SER A 371 0.51 -25.64 44.46
CA SER A 371 0.64 -26.24 45.78
C SER A 371 -0.37 -27.36 46.00
N ALA A 372 -1.55 -27.23 45.41
CA ALA A 372 -2.61 -28.22 45.53
C ALA A 372 -3.01 -28.46 46.98
N SER A 373 -2.71 -27.52 47.86
CA SER A 373 -3.21 -27.53 49.23
C SER A 373 -4.42 -26.62 49.39
N PHE A 374 -4.88 -26.00 48.31
CA PHE A 374 -5.92 -25.00 48.36
C PHE A 374 -7.20 -25.60 47.80
N SER A 375 -8.28 -25.54 48.58
CA SER A 375 -9.55 -26.07 48.13
C SER A 375 -9.91 -25.56 46.75
N THR A 376 -10.07 -24.25 46.63
CA THR A 376 -10.31 -23.62 45.34
C THR A 376 -9.19 -22.66 45.03
N PHE A 377 -8.64 -22.77 43.83
CA PHE A 377 -7.86 -21.70 43.23
C PHE A 377 -8.81 -21.07 42.21
N LYS A 378 -9.33 -19.90 42.55
CA LYS A 378 -10.48 -19.35 41.86
C LYS A 378 -10.08 -18.02 41.25
N CYS A 379 -10.00 -17.98 39.93
CA CYS A 379 -9.77 -16.74 39.23
C CYS A 379 -11.09 -16.20 38.70
N TYR A 380 -11.30 -14.90 38.85
CA TYR A 380 -12.48 -14.26 38.31
C TYR A 380 -12.19 -13.57 36.98
N GLY A 381 -11.32 -12.57 36.98
CA GLY A 381 -11.10 -11.85 35.76
C GLY A 381 -9.76 -12.08 35.08
N VAL A 382 -9.02 -13.11 35.48
CA VAL A 382 -7.70 -13.36 34.92
C VAL A 382 -7.45 -14.85 34.75
N SER A 383 -6.37 -15.18 34.03
CA SER A 383 -6.06 -16.53 33.61
C SER A 383 -5.17 -17.21 34.64
N PRO A 384 -5.57 -18.37 35.18
CA PRO A 384 -4.82 -18.94 36.31
C PRO A 384 -3.41 -19.36 35.96
N THR A 385 -3.23 -19.96 34.79
CA THR A 385 -1.90 -20.43 34.40
C THR A 385 -1.07 -19.34 33.74
N LYS A 386 -1.69 -18.24 33.36
CA LYS A 386 -1.03 -17.12 32.70
C LYS A 386 -0.59 -16.05 33.69
N LEU A 387 -0.77 -16.29 34.98
CA LEU A 387 -0.28 -15.34 35.97
C LEU A 387 1.23 -15.24 35.90
N ASN A 388 1.91 -16.38 35.95
CA ASN A 388 3.36 -16.40 35.94
C ASN A 388 3.89 -15.63 34.74
N ASP A 389 3.08 -15.52 33.70
CA ASP A 389 3.41 -14.73 32.53
C ASP A 389 2.92 -13.29 32.64
N LEU A 390 2.09 -12.96 33.63
CA LEU A 390 1.46 -11.65 33.68
C LEU A 390 1.99 -10.82 34.85
N CYS A 391 2.20 -9.53 34.58
CA CYS A 391 2.92 -8.61 35.46
C CYS A 391 1.99 -7.50 35.92
N PHE A 392 2.07 -7.18 37.21
CA PHE A 392 1.19 -6.19 37.79
C PHE A 392 1.99 -5.10 38.48
N THR A 393 1.47 -3.88 38.42
CA THR A 393 2.03 -2.81 39.21
C THR A 393 1.65 -3.03 40.66
N ASN A 394 0.36 -2.93 40.94
CA ASN A 394 -0.17 -3.20 42.26
C ASN A 394 -0.53 -4.67 42.42
N VAL A 395 -0.36 -5.17 43.63
CA VAL A 395 -0.96 -6.41 44.09
C VAL A 395 -1.38 -6.20 45.52
N TYR A 396 -2.52 -6.77 45.92
CA TYR A 396 -2.97 -6.65 47.30
C TYR A 396 -3.54 -7.96 47.79
N ALA A 397 -3.10 -8.38 48.96
CA ALA A 397 -3.57 -9.61 49.57
C ALA A 397 -4.35 -9.28 50.83
N ASP A 398 -5.50 -9.91 50.98
CA ASP A 398 -6.40 -9.70 52.11
C ASP A 398 -6.81 -11.05 52.66
N SER A 399 -6.42 -11.33 53.90
CA SER A 399 -6.36 -12.70 54.38
C SER A 399 -7.25 -12.85 55.61
N PHE A 400 -8.19 -13.77 55.55
CA PHE A 400 -9.24 -13.82 56.55
C PHE A 400 -9.82 -15.23 56.59
N VAL A 401 -10.96 -15.39 57.25
CA VAL A 401 -11.50 -16.69 57.59
C VAL A 401 -13.01 -16.68 57.37
N ILE A 402 -13.53 -17.61 56.56
CA ILE A 402 -14.95 -17.67 56.31
C ILE A 402 -15.48 -19.10 56.32
N ARG A 403 -16.75 -19.22 56.67
CA ARG A 403 -17.48 -20.47 56.58
C ARG A 403 -17.35 -21.08 55.19
N GLY A 404 -17.22 -22.41 55.14
CA GLY A 404 -17.09 -23.10 53.87
C GLY A 404 -18.21 -22.75 52.91
N ASP A 405 -19.43 -22.70 53.41
CA ASP A 405 -20.54 -22.32 52.55
C ASP A 405 -20.42 -20.89 52.08
N GLU A 406 -19.67 -20.05 52.81
CA GLU A 406 -19.42 -18.69 52.37
C GLU A 406 -18.31 -18.61 51.35
N VAL A 407 -17.51 -19.67 51.23
CA VAL A 407 -16.49 -19.73 50.19
C VAL A 407 -17.13 -19.57 48.83
N ARG A 408 -18.25 -20.25 48.61
CA ARG A 408 -19.00 -20.07 47.37
C ARG A 408 -19.56 -18.66 47.25
N GLN A 409 -19.74 -17.94 48.36
CA GLN A 409 -20.42 -16.66 48.30
C GLN A 409 -19.56 -15.56 47.74
N ILE A 410 -18.25 -15.71 47.74
CA ILE A 410 -17.34 -14.64 47.32
C ILE A 410 -17.10 -14.80 45.83
N ALA A 411 -17.56 -13.81 45.08
CA ALA A 411 -17.45 -13.67 43.64
C ALA A 411 -18.14 -12.37 43.27
N PRO A 412 -17.55 -11.55 42.40
CA PRO A 412 -18.22 -10.29 42.03
C PRO A 412 -19.56 -10.58 41.38
N GLY A 413 -20.60 -9.94 41.89
CA GLY A 413 -21.96 -10.30 41.56
C GLY A 413 -22.63 -11.21 42.57
N GLN A 414 -21.87 -11.76 43.52
CA GLN A 414 -22.42 -12.67 44.53
C GLN A 414 -22.49 -11.93 45.87
N THR A 415 -23.70 -11.62 46.30
CA THR A 415 -23.94 -10.87 47.52
C THR A 415 -24.16 -11.83 48.69
N GLY A 416 -24.63 -11.29 49.80
CA GLY A 416 -25.00 -12.09 50.95
C GLY A 416 -24.74 -11.35 52.23
N LYS A 417 -24.72 -12.11 53.32
CA LYS A 417 -24.25 -11.57 54.59
C LYS A 417 -22.82 -11.06 54.47
N ILE A 418 -22.00 -11.74 53.68
CA ILE A 418 -20.60 -11.36 53.57
C ILE A 418 -20.55 -10.04 52.81
N ALA A 419 -20.81 -10.11 51.50
CA ALA A 419 -20.56 -8.98 50.61
C ALA A 419 -21.16 -7.70 51.18
N ASP A 420 -22.37 -7.78 51.71
CA ASP A 420 -23.00 -6.63 52.34
C ASP A 420 -22.21 -6.08 53.53
N TYR A 421 -22.12 -6.85 54.61
CA TYR A 421 -21.72 -6.29 55.91
C TYR A 421 -20.24 -6.42 56.22
N ASN A 422 -19.78 -7.62 56.56
CA ASN A 422 -18.45 -7.77 57.16
C ASN A 422 -17.36 -7.33 56.20
N TYR A 423 -17.43 -7.76 54.95
CA TYR A 423 -16.43 -7.39 53.98
C TYR A 423 -17.05 -7.49 52.60
N LYS A 424 -16.46 -6.79 51.65
CA LYS A 424 -17.11 -6.56 50.39
C LYS A 424 -16.34 -7.24 49.26
N LEU A 425 -16.92 -7.20 48.08
CA LEU A 425 -16.38 -7.54 46.79
C LEU A 425 -16.50 -6.32 45.89
N PRO A 426 -15.52 -6.04 45.08
CA PRO A 426 -15.76 -5.10 43.97
C PRO A 426 -16.73 -5.74 42.99
N ASP A 427 -17.53 -4.90 42.35
CA ASP A 427 -18.35 -5.37 41.24
C ASP A 427 -17.62 -5.34 39.92
N ASP A 428 -16.51 -4.61 39.85
CA ASP A 428 -15.54 -4.70 38.78
C ASP A 428 -14.40 -5.64 39.12
N PHE A 429 -14.50 -6.33 40.24
CA PHE A 429 -13.39 -7.11 40.77
C PHE A 429 -12.79 -8.01 39.69
N THR A 430 -11.48 -7.95 39.57
CA THR A 430 -10.73 -8.77 38.63
C THR A 430 -9.49 -9.26 39.36
N GLY A 431 -9.32 -10.56 39.40
CA GLY A 431 -8.20 -11.19 40.07
C GLY A 431 -8.62 -12.54 40.59
N CYS A 432 -7.64 -13.27 41.11
CA CYS A 432 -7.97 -14.61 41.50
C CYS A 432 -8.32 -14.66 42.98
N VAL A 433 -8.76 -15.83 43.42
CA VAL A 433 -9.20 -16.05 44.80
C VAL A 433 -8.76 -17.45 45.19
N ILE A 434 -8.23 -17.58 46.40
CA ILE A 434 -7.70 -18.84 46.86
C ILE A 434 -8.23 -19.13 48.25
N ALA A 435 -8.99 -20.21 48.38
CA ALA A 435 -9.58 -20.61 49.63
C ALA A 435 -9.23 -22.05 49.91
N TRP A 436 -9.19 -22.39 51.20
CA TRP A 436 -8.84 -23.71 51.68
C TRP A 436 -9.03 -23.69 53.18
N ASN A 437 -9.17 -24.88 53.77
CA ASN A 437 -9.52 -24.94 55.18
C ASN A 437 -8.29 -24.87 56.06
N SER A 438 -8.43 -24.16 57.16
CA SER A 438 -7.49 -24.15 58.27
C SER A 438 -7.93 -25.07 59.39
N ASN A 439 -9.00 -25.84 59.19
CA ASN A 439 -9.88 -26.31 60.25
C ASN A 439 -9.15 -26.77 61.50
N ASN A 440 -8.43 -27.89 61.42
CA ASN A 440 -7.79 -28.43 62.62
C ASN A 440 -6.82 -27.45 63.25
N LEU A 441 -6.35 -26.45 62.50
CA LEU A 441 -5.51 -25.42 63.07
C LEU A 441 -6.37 -24.32 63.70
N ASP A 442 -7.20 -23.67 62.89
CA ASP A 442 -7.95 -22.52 63.39
C ASP A 442 -9.16 -22.90 64.22
N SER A 443 -9.84 -24.00 63.92
CA SER A 443 -10.93 -24.43 64.79
C SER A 443 -10.42 -24.79 66.16
N LYS A 444 -11.28 -24.62 67.16
CA LYS A 444 -11.08 -25.17 68.49
C LYS A 444 -12.31 -25.96 68.87
N VAL A 445 -12.10 -27.06 69.62
CA VAL A 445 -13.21 -27.91 70.04
C VAL A 445 -14.29 -27.07 70.72
N GLY A 446 -13.90 -25.95 71.32
CA GLY A 446 -14.81 -25.01 71.90
C GLY A 446 -15.44 -24.01 70.95
N GLY A 447 -15.30 -24.19 69.64
CA GLY A 447 -15.90 -23.26 68.72
C GLY A 447 -15.28 -21.88 68.83
N ASN A 448 -13.98 -21.80 68.59
CA ASN A 448 -13.21 -20.61 68.90
C ASN A 448 -13.88 -19.37 68.31
N TYR A 449 -14.12 -18.39 69.16
CA TYR A 449 -14.95 -17.23 68.89
C TYR A 449 -14.17 -16.05 68.37
N ASN A 450 -12.89 -16.24 68.07
CA ASN A 450 -12.11 -15.17 67.47
C ASN A 450 -12.71 -14.75 66.14
N TYR A 451 -13.02 -15.71 65.29
CA TYR A 451 -13.47 -15.38 63.95
C TYR A 451 -14.93 -14.96 64.04
N LEU A 452 -15.19 -13.70 63.69
CA LEU A 452 -16.40 -13.00 64.11
C LEU A 452 -16.91 -12.18 62.93
N TYR A 453 -18.14 -12.43 62.48
CA TYR A 453 -18.62 -11.84 61.24
C TYR A 453 -19.66 -10.78 61.51
N ARG A 454 -19.71 -9.78 60.63
CA ARG A 454 -20.57 -8.63 60.85
C ARG A 454 -22.03 -9.02 60.74
N LEU A 455 -22.77 -8.71 61.80
CA LEU A 455 -24.17 -9.09 61.90
C LEU A 455 -25.04 -8.07 61.17
N PHE A 456 -25.15 -6.86 61.70
CA PHE A 456 -25.78 -5.80 60.93
C PHE A 456 -25.04 -4.48 61.10
N ARG A 457 -24.48 -4.00 59.99
CA ARG A 457 -24.17 -2.59 59.78
C ARG A 457 -24.78 -2.24 58.42
N LYS A 458 -25.80 -1.37 58.44
CA LYS A 458 -26.74 -1.27 57.33
C LYS A 458 -26.04 -1.17 55.97
N SER A 459 -24.98 -0.37 55.89
CA SER A 459 -24.39 -0.06 54.61
C SER A 459 -23.62 -1.25 54.06
N ASN A 460 -23.09 -1.09 52.85
CA ASN A 460 -22.25 -2.08 52.20
C ASN A 460 -20.88 -1.46 51.96
N LEU A 461 -19.84 -2.22 52.27
CA LEU A 461 -18.50 -1.69 52.22
C LEU A 461 -18.09 -1.36 50.79
N LYS A 462 -17.08 -0.52 50.67
CA LYS A 462 -16.49 -0.24 49.37
C LYS A 462 -15.45 -1.30 49.04
N PRO A 463 -15.06 -1.43 47.77
CA PRO A 463 -14.16 -2.52 47.39
C PRO A 463 -12.90 -2.55 48.24
N PHE A 464 -12.62 -3.71 48.81
CA PHE A 464 -11.45 -3.94 49.65
C PHE A 464 -11.39 -2.95 50.81
N GLU A 465 -12.49 -2.81 51.52
CA GLU A 465 -12.53 -1.90 52.66
C GLU A 465 -13.23 -2.58 53.83
N ARG A 466 -13.12 -1.96 54.98
CA ARG A 466 -13.74 -2.51 56.17
C ARG A 466 -14.49 -1.40 56.91
N ASP A 467 -14.98 -1.74 58.09
CA ASP A 467 -15.36 -0.76 59.09
C ASP A 467 -15.05 -1.35 60.46
N ILE A 468 -14.54 -0.52 61.35
CA ILE A 468 -14.18 -0.96 62.70
C ILE A 468 -15.37 -0.77 63.63
N SER A 469 -16.52 -0.42 63.07
CA SER A 469 -17.69 -0.05 63.87
C SER A 469 -18.11 -1.19 64.79
N THR A 470 -18.15 -0.91 66.10
CA THR A 470 -18.76 -1.77 67.08
C THR A 470 -20.15 -1.30 67.49
N GLU A 471 -20.64 -0.21 66.90
CA GLU A 471 -21.90 0.38 67.33
C GLU A 471 -23.05 -0.60 67.20
N ILE A 472 -23.86 -0.70 68.25
CA ILE A 472 -25.01 -1.59 68.23
C ILE A 472 -25.93 -1.20 67.09
N TYR A 473 -26.22 -2.18 66.24
CA TYR A 473 -27.16 -1.97 65.15
C TYR A 473 -28.54 -1.62 65.68
N GLN A 474 -29.29 -0.84 64.90
CA GLN A 474 -30.64 -0.46 65.25
C GLN A 474 -31.61 -1.08 64.23
N ALA A 475 -32.39 -2.06 64.69
CA ALA A 475 -33.45 -2.64 63.85
C ALA A 475 -34.77 -1.95 64.16
N GLY A 476 -35.26 -2.14 65.39
CA GLY A 476 -36.47 -1.43 65.80
C GLY A 476 -36.21 0.06 65.89
N SER A 477 -37.15 0.85 65.34
CA SER A 477 -36.93 2.29 65.22
C SER A 477 -36.75 2.95 66.57
N THR A 478 -37.14 2.30 67.66
CA THR A 478 -36.88 2.82 68.98
C THR A 478 -35.38 2.96 69.18
N PRO A 479 -34.90 4.11 69.64
CA PRO A 479 -33.44 4.31 69.78
C PRO A 479 -32.81 3.24 70.66
N CYS A 480 -31.75 2.62 70.14
CA CYS A 480 -31.05 1.56 70.86
C CYS A 480 -30.10 2.09 71.91
N ASN A 481 -29.79 3.39 71.89
CA ASN A 481 -28.90 4.03 72.86
C ASN A 481 -27.52 3.36 72.88
N GLY A 482 -27.11 2.85 71.73
CA GLY A 482 -25.80 2.23 71.60
C GLY A 482 -25.61 0.99 72.44
N VAL A 483 -26.67 0.48 73.04
CA VAL A 483 -26.62 -0.75 73.82
C VAL A 483 -27.58 -1.75 73.20
N GLU A 484 -27.57 -2.96 73.75
CA GLU A 484 -28.52 -3.98 73.33
C GLU A 484 -29.89 -3.71 73.92
N GLY A 485 -30.90 -4.30 73.30
CA GLY A 485 -32.27 -4.08 73.72
C GLY A 485 -33.21 -4.74 72.75
N PHE A 486 -34.45 -4.25 72.72
CA PHE A 486 -35.44 -4.79 71.80
C PHE A 486 -35.07 -4.41 70.38
N ASN A 487 -34.90 -5.44 69.53
CA ASN A 487 -34.48 -5.25 68.14
C ASN A 487 -33.26 -4.35 68.03
N CYS A 488 -32.30 -4.53 68.95
CA CYS A 488 -31.05 -3.78 68.95
C CYS A 488 -29.92 -4.78 68.96
N TYR A 489 -29.17 -4.86 67.87
CA TYR A 489 -28.24 -5.95 67.64
C TYR A 489 -26.81 -5.45 67.65
N PHE A 490 -25.94 -6.24 68.26
CA PHE A 490 -24.51 -6.03 68.10
C PHE A 490 -24.16 -6.15 66.62
N PRO A 491 -23.39 -5.20 66.06
CA PRO A 491 -23.18 -5.19 64.61
C PRO A 491 -22.53 -6.44 64.06
N LEU A 492 -21.98 -7.31 64.90
CA LEU A 492 -21.11 -8.39 64.47
C LEU A 492 -21.65 -9.71 65.05
N GLN A 493 -21.14 -10.83 64.56
CA GLN A 493 -21.48 -12.11 65.14
C GLN A 493 -20.31 -13.08 64.99
N SER A 494 -20.14 -13.93 66.01
CA SER A 494 -18.88 -14.62 66.28
C SER A 494 -19.02 -16.10 65.94
N TYR A 495 -18.29 -16.55 64.91
CA TYR A 495 -18.33 -17.96 64.54
C TYR A 495 -17.71 -18.79 65.64
N GLY A 496 -18.45 -19.78 66.12
CA GLY A 496 -17.83 -20.95 66.69
C GLY A 496 -17.23 -21.77 65.57
N PHE A 497 -15.93 -22.03 65.63
CA PHE A 497 -15.32 -23.03 64.76
C PHE A 497 -14.83 -24.18 65.62
N GLN A 498 -15.55 -25.28 65.59
CA GLN A 498 -15.18 -26.59 66.09
C GLN A 498 -14.57 -27.42 64.96
N PRO A 499 -13.52 -28.18 65.26
CA PRO A 499 -13.05 -29.17 64.27
C PRO A 499 -14.12 -30.19 63.92
N THR A 500 -15.11 -30.37 64.81
CA THR A 500 -16.20 -31.30 64.62
C THR A 500 -17.33 -30.72 63.79
N ASN A 501 -17.18 -29.50 63.29
CA ASN A 501 -18.22 -28.89 62.47
C ASN A 501 -18.39 -29.65 61.17
N GLY A 502 -19.52 -29.42 60.52
CA GLY A 502 -19.70 -29.84 59.16
C GLY A 502 -18.81 -29.04 58.23
N VAL A 503 -18.96 -29.30 56.93
CA VAL A 503 -18.08 -28.70 55.93
C VAL A 503 -18.12 -27.18 56.03
N GLY A 504 -19.31 -26.59 55.88
CA GLY A 504 -19.41 -25.14 55.85
C GLY A 504 -18.76 -24.48 57.05
N TYR A 505 -19.06 -24.99 58.23
CA TYR A 505 -18.73 -24.32 59.48
C TYR A 505 -17.30 -24.57 59.93
N GLN A 506 -16.51 -25.16 59.12
CA GLN A 506 -15.10 -25.13 59.42
C GLN A 506 -14.48 -23.83 58.88
N PRO A 507 -13.36 -23.38 59.44
CA PRO A 507 -12.71 -22.17 58.90
C PRO A 507 -12.04 -22.49 57.57
N TYR A 508 -12.28 -21.63 56.60
CA TYR A 508 -11.60 -21.72 55.31
C TYR A 508 -10.87 -20.41 55.07
N ARG A 509 -9.56 -20.45 55.17
CA ARG A 509 -8.78 -19.23 54.99
C ARG A 509 -8.86 -18.80 53.54
N VAL A 510 -9.20 -17.54 53.33
CA VAL A 510 -9.36 -16.99 51.99
C VAL A 510 -8.47 -15.79 51.88
N VAL A 511 -7.51 -15.85 50.95
CA VAL A 511 -6.75 -14.68 50.56
C VAL A 511 -7.17 -14.31 49.16
N VAL A 512 -7.41 -13.02 48.94
CA VAL A 512 -7.84 -12.51 47.65
C VAL A 512 -6.73 -11.64 47.09
N LEU A 513 -6.55 -11.69 45.78
CA LEU A 513 -5.52 -10.89 45.15
C LEU A 513 -6.13 -9.70 44.43
N SER A 514 -5.25 -8.86 43.92
CA SER A 514 -5.61 -7.54 43.42
C SER A 514 -4.51 -7.10 42.49
N PHE A 515 -4.80 -6.05 41.72
CA PHE A 515 -3.78 -5.50 40.84
C PHE A 515 -4.31 -4.27 40.10
N GLU A 516 -3.39 -3.52 39.51
CA GLU A 516 -3.71 -2.56 38.46
C GLU A 516 -3.40 -3.09 37.07
N LEU A 517 -2.81 -4.28 36.96
CA LEU A 517 -2.20 -4.76 35.72
C LEU A 517 -1.05 -3.82 35.39
N LEU A 518 -1.02 -3.23 34.19
CA LEU A 518 -0.09 -2.18 33.82
C LEU A 518 -0.77 -0.82 34.07
N HIS A 519 -0.22 0.25 33.48
CA HIS A 519 -0.71 1.64 33.48
C HIS A 519 -0.17 2.43 34.67
N ALA A 520 0.55 1.79 35.56
CA ALA A 520 1.40 2.46 36.54
C ALA A 520 2.78 1.89 36.30
N PRO A 521 3.84 2.47 36.84
CA PRO A 521 5.15 1.80 36.74
C PRO A 521 5.05 0.40 37.30
N ALA A 522 5.49 -0.58 36.49
CA ALA A 522 5.27 -1.98 36.80
C ALA A 522 6.25 -2.47 37.84
N THR A 523 5.77 -3.27 38.78
CA THR A 523 6.62 -3.76 39.86
C THR A 523 6.53 -5.27 39.97
N VAL A 524 5.35 -5.79 40.28
CA VAL A 524 5.18 -7.23 40.39
C VAL A 524 5.01 -7.85 39.01
N CYS A 525 5.88 -8.78 38.69
CA CYS A 525 5.78 -9.60 37.50
C CYS A 525 5.91 -11.06 37.91
N GLY A 526 5.54 -11.95 37.01
CA GLY A 526 5.79 -13.36 37.24
C GLY A 526 7.24 -13.66 36.95
N PRO A 527 7.73 -14.79 37.44
CA PRO A 527 9.13 -15.15 37.15
C PRO A 527 9.35 -15.25 35.65
N LYS A 528 10.58 -14.96 35.26
CA LYS A 528 10.96 -14.89 33.86
C LYS A 528 12.00 -15.97 33.60
N LYS A 529 11.64 -16.94 32.78
CA LYS A 529 12.32 -18.23 32.80
C LYS A 529 13.46 -18.23 31.82
N SER A 530 14.67 -18.22 32.33
CA SER A 530 15.84 -18.24 31.48
C SER A 530 16.11 -19.66 31.03
N THR A 531 16.64 -19.79 29.83
CA THR A 531 17.11 -21.05 29.29
C THR A 531 18.58 -21.23 29.62
N ASN A 532 19.22 -22.18 28.97
CA ASN A 532 20.65 -22.35 29.05
C ASN A 532 21.27 -21.55 27.90
N LEU A 533 22.55 -21.76 27.63
CA LEU A 533 23.27 -20.97 26.65
C LEU A 533 23.93 -21.89 25.64
N VAL A 534 24.07 -21.40 24.40
CA VAL A 534 24.73 -22.14 23.34
C VAL A 534 25.61 -21.19 22.56
N LYS A 535 26.87 -21.54 22.39
CA LYS A 535 27.84 -20.70 21.70
C LYS A 535 28.25 -21.34 20.38
N ASN A 536 28.47 -20.49 19.39
CA ASN A 536 28.90 -20.94 18.07
C ASN A 536 27.85 -21.78 17.38
N LYS A 537 26.58 -21.55 17.68
CA LYS A 537 25.52 -22.19 16.94
C LYS A 537 24.43 -21.17 16.70
N CYS A 538 24.09 -20.94 15.44
CA CYS A 538 23.14 -19.90 15.12
C CYS A 538 21.84 -20.13 15.85
N VAL A 539 21.43 -19.15 16.64
CA VAL A 539 20.27 -19.29 17.49
C VAL A 539 19.49 -17.99 17.44
N ASN A 540 18.17 -18.11 17.48
CA ASN A 540 17.43 -16.97 17.99
C ASN A 540 17.77 -16.81 19.46
N PHE A 541 17.56 -15.62 19.98
CA PHE A 541 17.80 -15.42 21.40
C PHE A 541 17.00 -14.24 21.91
N ASN A 542 16.89 -14.17 23.22
CA ASN A 542 16.35 -13.02 23.91
C ASN A 542 17.15 -12.80 25.19
N PHE A 543 17.47 -11.54 25.45
CA PHE A 543 18.20 -11.14 26.65
C PHE A 543 17.51 -9.95 27.26
N ASN A 544 16.95 -10.13 28.46
CA ASN A 544 16.31 -9.04 29.20
C ASN A 544 15.23 -8.35 28.38
N GLY A 545 14.72 -9.00 27.34
CA GLY A 545 13.84 -8.37 26.41
C GLY A 545 14.47 -7.94 25.10
N LEU A 546 15.78 -7.76 25.06
CA LEU A 546 16.47 -7.64 23.79
C LEU A 546 16.31 -8.92 23.01
N THR A 547 15.82 -8.82 21.78
CA THR A 547 15.61 -9.99 20.95
C THR A 547 16.42 -9.86 19.68
N GLY A 548 17.23 -10.88 19.38
CA GLY A 548 17.99 -10.89 18.16
C GLY A 548 18.48 -12.29 17.89
N THR A 549 19.17 -12.44 16.77
CA THR A 549 19.55 -13.74 16.26
C THR A 549 20.96 -13.68 15.73
N GLY A 550 21.79 -14.63 16.11
CA GLY A 550 23.17 -14.58 15.70
C GLY A 550 23.95 -15.78 16.19
N VAL A 551 25.25 -15.60 16.25
CA VAL A 551 26.16 -16.61 16.78
C VAL A 551 26.76 -16.05 18.04
N LEU A 552 26.35 -16.58 19.19
CA LEU A 552 26.81 -16.07 20.46
C LEU A 552 28.21 -16.57 20.74
N THR A 553 29.12 -15.67 21.08
CA THR A 553 30.52 -16.02 21.27
C THR A 553 31.09 -15.21 22.42
N GLU A 554 32.10 -15.76 23.08
CA GLU A 554 32.78 -15.00 24.12
C GLU A 554 33.65 -13.92 23.49
N SER A 555 33.71 -12.77 24.15
CA SER A 555 34.49 -11.65 23.65
C SER A 555 35.26 -11.00 24.78
N ASN A 556 36.33 -10.32 24.39
CA ASN A 556 37.22 -9.71 25.35
C ASN A 556 36.72 -8.36 25.83
N LYS A 557 36.04 -7.59 24.98
CA LYS A 557 35.80 -6.19 25.27
C LYS A 557 35.03 -6.01 26.56
N LYS A 558 35.44 -5.02 27.34
CA LYS A 558 34.95 -4.81 28.69
C LYS A 558 33.92 -3.70 28.69
N PHE A 559 32.92 -3.83 29.54
CA PHE A 559 31.88 -2.84 29.66
C PHE A 559 32.07 -1.94 30.87
N LEU A 560 31.12 -1.05 31.06
CA LEU A 560 30.92 -0.35 32.30
C LEU A 560 29.76 -0.99 33.03
N PRO A 561 29.93 -1.25 34.32
CA PRO A 561 29.05 -2.20 35.01
C PRO A 561 27.57 -1.92 34.86
N PHE A 562 27.19 -0.68 34.61
CA PHE A 562 25.77 -0.39 34.41
C PHE A 562 25.34 -0.55 32.97
N GLN A 563 26.28 -0.68 32.03
CA GLN A 563 25.94 -0.80 30.63
C GLN A 563 25.52 -2.21 30.29
N GLN A 564 24.59 -2.31 29.35
CA GLN A 564 23.98 -3.60 29.08
C GLN A 564 24.37 -4.12 27.72
N PHE A 565 23.78 -3.54 26.68
CA PHE A 565 24.05 -4.00 25.33
C PHE A 565 25.43 -3.57 24.92
N GLY A 566 25.80 -3.93 23.70
CA GLY A 566 26.71 -3.17 22.90
C GLY A 566 25.94 -2.57 21.74
N ARG A 567 26.65 -1.78 20.95
CA ARG A 567 26.20 -1.42 19.62
C ARG A 567 27.43 -1.18 18.77
N ASP A 568 27.20 -0.67 17.57
CA ASP A 568 28.24 -0.41 16.60
C ASP A 568 27.93 0.91 15.94
N ILE A 569 28.71 1.27 14.92
CA ILE A 569 28.48 2.54 14.25
C ILE A 569 27.08 2.60 13.67
N ALA A 570 26.58 1.48 13.16
CA ALA A 570 25.33 1.45 12.42
C ALA A 570 24.13 1.22 13.31
N ASP A 571 24.31 1.26 14.63
CA ASP A 571 23.24 0.97 15.57
C ASP A 571 22.77 -0.47 15.40
N THR A 572 23.71 -1.38 15.36
CA THR A 572 23.44 -2.79 15.21
C THR A 572 23.79 -3.47 16.51
N THR A 573 22.77 -3.89 17.26
CA THR A 573 22.99 -4.42 18.59
C THR A 573 23.95 -5.59 18.52
N ASP A 574 25.07 -5.46 19.23
CA ASP A 574 26.20 -6.33 18.95
C ASP A 574 26.65 -7.12 20.16
N ALA A 575 27.40 -6.52 21.06
CA ALA A 575 27.73 -7.24 22.27
C ALA A 575 26.50 -7.34 23.13
N VAL A 576 26.50 -8.31 24.02
CA VAL A 576 25.50 -8.36 25.09
C VAL A 576 26.17 -8.90 26.34
N ARG A 577 25.84 -8.31 27.46
CA ARG A 577 26.39 -8.75 28.73
C ARG A 577 25.46 -9.79 29.30
N ASP A 578 25.99 -10.96 29.57
CA ASP A 578 25.13 -12.07 29.95
C ASP A 578 24.42 -11.82 31.27
N PRO A 579 23.10 -11.69 31.28
CA PRO A 579 22.46 -11.16 32.50
C PRO A 579 22.62 -12.04 33.74
N GLN A 580 22.37 -13.34 33.66
CA GLN A 580 22.62 -14.15 34.84
C GLN A 580 24.07 -14.09 35.26
N THR A 581 24.95 -14.78 34.54
CA THR A 581 26.37 -14.74 34.85
C THR A 581 27.01 -13.69 33.97
N LEU A 582 27.55 -12.65 34.59
CA LEU A 582 28.00 -11.52 33.81
C LEU A 582 29.21 -11.91 32.98
N GLU A 583 29.08 -11.77 31.68
CA GLU A 583 30.20 -11.91 30.78
C GLU A 583 29.80 -11.24 29.50
N ILE A 584 30.79 -10.91 28.68
CA ILE A 584 30.54 -10.19 27.45
C ILE A 584 30.40 -11.23 26.36
N LEU A 585 29.19 -11.42 25.87
CA LEU A 585 29.03 -12.29 24.72
C LEU A 585 29.37 -11.48 23.50
N ASP A 586 28.99 -11.99 22.34
CA ASP A 586 28.90 -11.21 21.13
C ASP A 586 27.62 -11.59 20.41
N ILE A 587 27.45 -11.01 19.24
CA ILE A 587 26.53 -11.52 18.25
C ILE A 587 27.33 -11.46 16.96
N THR A 588 26.72 -11.76 15.84
CA THR A 588 27.37 -12.00 14.56
C THR A 588 26.21 -12.33 13.63
N PRO A 589 26.24 -11.94 12.39
CA PRO A 589 25.14 -12.34 11.50
C PRO A 589 25.18 -13.84 11.33
N CYS A 590 24.24 -14.43 10.62
CA CYS A 590 24.26 -15.88 10.62
C CYS A 590 25.30 -16.36 9.62
N SER A 591 24.93 -16.39 8.35
CA SER A 591 25.89 -16.43 7.25
C SER A 591 25.43 -15.54 6.12
N PHE A 592 24.28 -15.89 5.54
CA PHE A 592 23.75 -15.29 4.31
C PHE A 592 24.81 -15.52 3.23
N GLY A 593 25.05 -14.57 2.36
CA GLY A 593 25.87 -14.88 1.22
C GLY A 593 24.99 -15.49 0.16
N GLY A 594 25.36 -15.34 -1.09
CA GLY A 594 24.55 -15.81 -2.18
C GLY A 594 25.06 -17.12 -2.72
N VAL A 595 24.28 -17.69 -3.61
CA VAL A 595 24.68 -18.88 -4.35
C VAL A 595 24.92 -18.46 -5.78
N SER A 596 25.97 -18.98 -6.37
CA SER A 596 26.28 -18.66 -7.75
C SER A 596 26.70 -19.92 -8.47
N VAL A 597 26.54 -19.92 -9.79
CA VAL A 597 26.67 -21.14 -10.57
C VAL A 597 27.64 -20.91 -11.72
N ILE A 598 28.75 -21.61 -11.69
CA ILE A 598 29.83 -21.41 -12.63
C ILE A 598 29.76 -22.50 -13.68
N THR A 599 29.37 -22.15 -14.89
CA THR A 599 29.17 -23.20 -15.87
C THR A 599 29.80 -22.87 -17.21
N PRO A 600 30.40 -23.85 -17.87
CA PRO A 600 30.55 -23.77 -19.31
C PRO A 600 29.17 -23.94 -19.91
N GLY A 601 28.99 -23.43 -21.13
CA GLY A 601 27.67 -23.37 -21.68
C GLY A 601 26.95 -24.69 -21.68
N THR A 602 25.64 -24.70 -21.41
CA THR A 602 24.92 -25.96 -21.43
C THR A 602 25.12 -26.67 -22.75
N ASN A 603 25.33 -25.91 -23.82
CA ASN A 603 25.73 -26.49 -25.09
C ASN A 603 26.92 -27.41 -24.93
N THR A 604 27.83 -27.10 -24.03
CA THR A 604 28.93 -28.04 -23.76
C THR A 604 28.51 -29.09 -22.75
N SER A 605 28.39 -28.72 -21.48
CA SER A 605 28.17 -29.71 -20.44
C SER A 605 27.06 -29.26 -19.50
N ASN A 606 26.49 -30.24 -18.82
CA ASN A 606 25.60 -30.00 -17.71
C ASN A 606 26.34 -30.05 -16.38
N GLN A 607 27.66 -30.15 -16.40
CA GLN A 607 28.44 -30.16 -15.18
C GLN A 607 28.66 -28.73 -14.72
N VAL A 608 28.26 -28.42 -13.49
CA VAL A 608 28.37 -27.08 -12.96
C VAL A 608 29.12 -27.11 -11.65
N ALA A 609 29.71 -25.97 -11.30
CA ALA A 609 30.30 -25.76 -9.99
C ALA A 609 29.54 -24.64 -9.32
N VAL A 610 29.52 -24.64 -7.99
CA VAL A 610 28.72 -23.70 -7.24
C VAL A 610 29.60 -22.92 -6.30
N LEU A 611 29.56 -21.60 -6.42
CA LEU A 611 30.30 -20.72 -5.54
C LEU A 611 29.37 -20.24 -4.43
N TYR A 612 29.66 -20.61 -3.20
CA TYR A 612 29.00 -19.99 -2.07
C TYR A 612 29.82 -18.80 -1.68
N GLN A 613 29.27 -17.61 -1.86
CA GLN A 613 30.04 -16.39 -1.71
C GLN A 613 30.25 -16.10 -0.24
N ASP A 614 31.51 -16.03 0.16
CA ASP A 614 31.87 -15.56 1.49
C ASP A 614 31.17 -16.38 2.58
N VAL A 615 31.53 -17.65 2.64
CA VAL A 615 31.35 -18.48 3.83
C VAL A 615 32.56 -19.39 3.95
N ASN A 616 33.00 -19.55 5.18
CA ASN A 616 33.94 -20.58 5.50
C ASN A 616 33.31 -21.92 5.16
N CYS A 617 34.11 -22.92 4.80
CA CYS A 617 33.48 -24.14 4.33
C CYS A 617 33.16 -24.97 5.56
N THR A 618 31.93 -24.85 6.01
CA THR A 618 31.42 -25.63 7.12
C THR A 618 29.99 -26.04 6.85
N GLU A 619 29.12 -25.03 6.77
CA GLU A 619 27.67 -25.23 6.76
C GLU A 619 27.20 -26.18 5.68
N VAL A 620 27.89 -26.20 4.56
CA VAL A 620 27.35 -26.85 3.40
C VAL A 620 27.64 -28.34 3.41
N ASN A 641 36.13 -32.54 -2.33
CA ASN A 641 36.77 -31.72 -3.35
C ASN A 641 36.22 -30.32 -3.35
N VAL A 642 36.64 -29.54 -2.37
CA VAL A 642 36.10 -28.22 -2.10
C VAL A 642 37.25 -27.26 -1.91
N PHE A 643 37.11 -26.07 -2.49
CA PHE A 643 38.16 -25.08 -2.50
C PHE A 643 37.72 -23.93 -1.61
N GLN A 644 38.70 -23.24 -1.02
CA GLN A 644 38.42 -22.09 -0.17
C GLN A 644 39.10 -20.88 -0.80
N THR A 645 38.31 -19.96 -1.30
CA THR A 645 38.84 -18.82 -2.03
C THR A 645 39.06 -17.66 -1.09
N ARG A 646 39.31 -16.49 -1.65
CA ARG A 646 38.97 -15.27 -0.93
C ARG A 646 37.50 -14.95 -1.07
N ALA A 647 36.87 -15.34 -2.18
CA ALA A 647 35.50 -14.98 -2.45
C ALA A 647 34.50 -15.82 -1.68
N GLY A 648 34.81 -17.09 -1.47
CA GLY A 648 33.89 -17.94 -0.75
C GLY A 648 34.15 -19.38 -1.07
N CYS A 649 33.38 -20.23 -0.42
CA CYS A 649 33.60 -21.66 -0.53
C CYS A 649 33.10 -22.11 -1.89
N LEU A 650 34.00 -22.65 -2.70
CA LEU A 650 33.71 -23.00 -4.08
C LEU A 650 33.67 -24.50 -4.18
N ILE A 651 32.49 -25.05 -4.41
CA ILE A 651 32.26 -26.48 -4.37
C ILE A 651 32.02 -26.97 -5.79
N GLY A 652 32.75 -27.99 -6.19
CA GLY A 652 32.55 -28.56 -7.49
C GLY A 652 33.59 -28.25 -8.53
N ALA A 653 34.76 -27.77 -8.14
CA ALA A 653 35.82 -27.56 -9.12
C ALA A 653 37.17 -27.79 -8.46
N GLU A 654 38.09 -28.33 -9.24
CA GLU A 654 39.37 -28.75 -8.70
C GLU A 654 40.41 -27.65 -8.88
N HIS A 655 40.98 -27.20 -7.77
CA HIS A 655 42.06 -26.24 -7.81
C HIS A 655 43.19 -26.74 -8.71
N VAL A 656 43.86 -25.81 -9.36
CA VAL A 656 44.98 -26.11 -10.23
C VAL A 656 46.10 -25.15 -9.92
N ASN A 657 47.33 -25.66 -9.88
CA ASN A 657 48.48 -24.81 -9.61
C ASN A 657 49.07 -24.17 -10.84
N ASN A 658 48.53 -24.45 -12.02
CA ASN A 658 48.99 -23.69 -13.15
C ASN A 658 48.40 -22.30 -13.06
N SER A 659 48.72 -21.46 -14.03
CA SER A 659 48.03 -20.20 -14.14
C SER A 659 47.85 -19.89 -15.61
N TYR A 660 46.61 -19.73 -16.04
CA TYR A 660 46.31 -19.49 -17.44
C TYR A 660 45.49 -18.22 -17.52
N GLU A 661 45.17 -17.81 -18.74
CA GLU A 661 44.39 -16.60 -18.86
C GLU A 661 42.98 -16.83 -18.36
N CYS A 662 42.34 -15.74 -17.96
CA CYS A 662 41.06 -15.83 -17.28
C CYS A 662 39.98 -16.23 -18.25
N ASP A 663 38.97 -16.90 -17.72
CA ASP A 663 37.94 -17.48 -18.56
C ASP A 663 36.55 -17.15 -18.03
N ILE A 664 36.24 -17.65 -16.84
CA ILE A 664 35.09 -17.17 -16.09
C ILE A 664 35.63 -16.53 -14.82
N PRO A 665 35.63 -15.21 -14.74
CA PRO A 665 36.11 -14.56 -13.52
C PRO A 665 35.16 -14.83 -12.38
N ILE A 666 35.75 -15.14 -11.23
CA ILE A 666 34.98 -15.49 -10.05
C ILE A 666 35.14 -14.38 -9.03
N GLY A 667 36.33 -14.24 -8.50
CA GLY A 667 36.62 -13.15 -7.62
C GLY A 667 38.04 -13.27 -7.11
N ALA A 668 38.57 -12.14 -6.68
CA ALA A 668 39.88 -12.09 -6.05
C ALA A 668 40.94 -12.79 -6.88
N GLY A 669 40.79 -12.80 -8.19
CA GLY A 669 41.80 -13.33 -9.07
C GLY A 669 41.61 -14.77 -9.48
N ILE A 670 40.59 -15.45 -8.97
CA ILE A 670 40.37 -16.86 -9.23
C ILE A 670 39.45 -16.99 -10.43
N CYS A 671 39.95 -17.52 -11.53
CA CYS A 671 39.16 -17.65 -12.74
C CYS A 671 38.94 -19.10 -13.07
N ALA A 672 37.68 -19.51 -13.15
CA ALA A 672 37.33 -20.87 -13.50
C ALA A 672 37.37 -21.08 -15.01
N SER A 673 37.62 -22.32 -15.40
CA SER A 673 37.61 -22.70 -16.82
C SER A 673 37.42 -24.20 -16.92
N TYR A 674 37.05 -24.65 -18.10
CA TYR A 674 36.53 -25.99 -18.28
C TYR A 674 37.56 -27.03 -18.71
N GLN A 675 38.80 -26.61 -18.94
CA GLN A 675 39.77 -27.45 -19.64
C GLN A 675 39.94 -28.80 -18.96
N THR A 676 40.31 -29.79 -19.77
CA THR A 676 40.30 -31.18 -19.36
C THR A 676 41.31 -31.46 -18.27
N SER A 689 37.53 -36.89 -19.54
CA SER A 689 37.56 -36.36 -18.18
C SER A 689 37.75 -34.87 -18.21
N GLN A 690 36.71 -34.16 -18.59
CA GLN A 690 36.72 -32.71 -18.63
C GLN A 690 36.00 -32.18 -17.40
N SER A 691 36.75 -31.58 -16.49
CA SER A 691 36.21 -31.13 -15.22
C SER A 691 36.41 -29.63 -15.07
N ILE A 692 35.38 -28.94 -14.58
CA ILE A 692 35.53 -27.53 -14.26
C ILE A 692 36.68 -27.37 -13.30
N ILE A 693 37.63 -26.52 -13.65
CA ILE A 693 38.75 -26.27 -12.77
C ILE A 693 38.73 -24.80 -12.39
N ALA A 694 39.40 -24.49 -11.30
CA ALA A 694 39.48 -23.12 -10.82
C ALA A 694 40.91 -22.86 -10.42
N TYR A 695 41.48 -21.78 -10.94
CA TYR A 695 42.91 -21.58 -10.84
C TYR A 695 43.20 -20.11 -10.80
N THR A 696 44.19 -19.71 -10.01
CA THR A 696 44.56 -18.31 -9.99
C THR A 696 45.09 -17.93 -11.36
N MET A 697 44.53 -16.87 -11.92
CA MET A 697 44.80 -16.49 -13.29
C MET A 697 46.13 -15.78 -13.42
N SER A 698 46.72 -15.90 -14.60
CA SER A 698 47.91 -15.15 -14.94
C SER A 698 47.48 -13.81 -15.47
N LEU A 699 47.86 -12.74 -14.80
CA LEU A 699 47.62 -11.43 -15.39
C LEU A 699 48.52 -11.37 -16.59
N GLY A 700 47.94 -11.26 -17.77
CA GLY A 700 48.77 -11.44 -18.93
C GLY A 700 49.48 -12.79 -18.91
N ALA A 701 50.44 -12.89 -19.80
CA ALA A 701 51.33 -14.05 -19.88
C ALA A 701 52.75 -13.51 -19.92
N GLU A 702 53.52 -13.80 -18.88
CA GLU A 702 54.70 -13.02 -18.53
C GLU A 702 55.68 -12.91 -19.69
N ASN A 703 56.39 -11.79 -19.72
CA ASN A 703 57.44 -11.50 -20.67
C ASN A 703 58.52 -10.72 -19.94
N SER A 704 59.69 -10.60 -20.56
CA SER A 704 60.70 -9.71 -20.05
C SER A 704 61.51 -9.21 -21.21
N VAL A 705 61.94 -7.97 -21.14
CA VAL A 705 62.65 -7.34 -22.24
C VAL A 705 64.10 -7.18 -21.87
N ALA A 706 64.97 -7.39 -22.84
CA ALA A 706 66.39 -7.29 -22.60
C ALA A 706 66.77 -5.86 -22.89
N TYR A 707 67.00 -5.11 -21.84
CA TYR A 707 67.31 -3.70 -21.94
C TYR A 707 68.79 -3.51 -21.71
N SER A 708 69.46 -2.90 -22.65
CA SER A 708 70.84 -2.58 -22.42
C SER A 708 71.12 -1.25 -23.08
N ASN A 709 71.81 -0.39 -22.34
CA ASN A 709 71.84 1.02 -22.66
C ASN A 709 72.32 1.34 -24.06
N ASN A 710 73.00 0.43 -24.74
CA ASN A 710 73.41 0.72 -26.10
C ASN A 710 72.61 0.02 -27.18
N SER A 711 71.58 -0.76 -26.86
CA SER A 711 71.04 -1.69 -27.84
C SER A 711 69.59 -1.40 -28.18
N ILE A 712 69.29 -1.38 -29.48
CA ILE A 712 67.97 -1.01 -29.99
C ILE A 712 67.45 -2.11 -30.90
N ALA A 713 66.12 -2.19 -31.02
CA ALA A 713 65.46 -3.20 -31.82
C ALA A 713 64.47 -2.55 -32.78
N ILE A 714 64.74 -2.60 -34.07
CA ILE A 714 63.97 -1.91 -35.09
C ILE A 714 63.21 -2.93 -35.92
N PRO A 715 61.89 -2.82 -36.03
CA PRO A 715 61.15 -3.79 -36.85
C PRO A 715 61.54 -3.68 -38.30
N THR A 716 61.79 -4.83 -38.90
CA THR A 716 62.20 -4.89 -40.29
C THR A 716 61.06 -5.08 -41.24
N ASN A 717 59.89 -5.41 -40.72
CA ASN A 717 58.78 -5.77 -41.56
C ASN A 717 57.54 -5.59 -40.75
N PHE A 718 56.43 -5.40 -41.43
CA PHE A 718 55.26 -4.97 -40.70
C PHE A 718 54.08 -5.81 -41.09
N THR A 719 52.92 -5.44 -40.61
CA THR A 719 51.71 -6.02 -41.12
C THR A 719 50.71 -4.91 -41.31
N ILE A 720 49.52 -5.29 -41.73
CA ILE A 720 48.36 -4.41 -41.77
C ILE A 720 47.23 -5.21 -41.19
N SER A 721 46.69 -4.77 -40.08
CA SER A 721 45.55 -5.49 -39.55
C SER A 721 44.29 -4.72 -39.85
N VAL A 722 43.16 -5.34 -39.52
CA VAL A 722 41.86 -4.70 -39.59
C VAL A 722 41.11 -5.14 -38.36
N THR A 723 40.69 -4.20 -37.52
CA THR A 723 40.14 -4.54 -36.23
C THR A 723 38.79 -3.89 -36.09
N THR A 724 37.75 -4.70 -36.05
CA THR A 724 36.42 -4.17 -35.87
C THR A 724 36.31 -3.44 -34.54
N GLU A 725 35.44 -2.45 -34.51
CA GLU A 725 35.09 -1.77 -33.28
C GLU A 725 33.62 -1.38 -33.41
N ILE A 726 32.87 -1.62 -32.36
CA ILE A 726 31.42 -1.59 -32.47
C ILE A 726 30.87 -0.66 -31.41
N LEU A 727 29.92 0.17 -31.79
CA LEU A 727 29.43 1.14 -30.86
C LEU A 727 27.91 1.23 -30.93
N PRO A 728 27.25 1.37 -29.80
CA PRO A 728 25.85 1.74 -29.84
C PRO A 728 25.74 3.17 -30.27
N VAL A 729 24.66 3.50 -30.93
CA VAL A 729 24.45 4.88 -31.35
C VAL A 729 23.09 5.34 -30.90
N SER A 730 22.06 4.67 -31.37
CA SER A 730 20.72 4.98 -30.95
C SER A 730 20.16 3.81 -30.18
N MET A 731 19.20 4.11 -29.33
CA MET A 731 18.39 3.07 -28.71
C MET A 731 16.98 3.23 -29.25
N THR A 732 16.24 2.14 -29.22
CA THR A 732 14.92 2.14 -29.84
C THR A 732 14.06 3.25 -29.28
N LYS A 733 13.53 4.09 -30.15
CA LYS A 733 12.65 5.15 -29.69
C LYS A 733 11.37 4.53 -29.19
N THR A 734 11.02 4.77 -27.94
CA THR A 734 9.78 4.23 -27.42
C THR A 734 9.08 5.31 -26.65
N SER A 735 7.87 5.64 -27.05
CA SER A 735 7.01 6.46 -26.24
C SER A 735 5.95 5.57 -25.62
N VAL A 736 5.56 5.92 -24.40
CA VAL A 736 4.55 5.19 -23.68
C VAL A 736 3.52 6.18 -23.21
N ASP A 737 2.31 6.07 -23.73
CA ASP A 737 1.24 6.84 -23.12
C ASP A 737 1.16 6.50 -21.65
N CYS A 738 1.35 7.50 -20.83
CA CYS A 738 1.21 7.28 -19.40
C CYS A 738 -0.24 7.15 -18.98
N THR A 739 -1.15 7.76 -19.72
CA THR A 739 -2.52 7.77 -19.23
C THR A 739 -3.22 6.46 -19.53
N MET A 740 -2.92 5.83 -20.65
CA MET A 740 -3.53 4.53 -20.88
C MET A 740 -2.85 3.44 -20.08
N TYR A 741 -1.52 3.37 -20.14
CA TYR A 741 -0.83 2.34 -19.38
C TYR A 741 -1.37 2.25 -17.96
N ILE A 742 -1.48 3.38 -17.29
CA ILE A 742 -1.87 3.36 -15.90
C ILE A 742 -3.33 3.00 -15.81
N CYS A 743 -4.19 3.92 -16.23
CA CYS A 743 -5.60 3.61 -16.36
C CYS A 743 -5.83 3.20 -17.81
N GLY A 744 -6.02 1.91 -18.04
CA GLY A 744 -6.36 1.46 -19.37
C GLY A 744 -7.86 1.55 -19.56
N ASP A 745 -8.26 1.96 -20.75
CA ASP A 745 -9.60 1.72 -21.27
C ASP A 745 -10.68 2.16 -20.30
N SER A 746 -10.37 3.10 -19.42
CA SER A 746 -11.26 3.43 -18.34
C SER A 746 -11.44 4.93 -18.25
N THR A 747 -12.39 5.31 -17.42
CA THR A 747 -12.62 6.72 -17.12
C THR A 747 -12.52 6.96 -15.62
N GLU A 748 -13.42 6.38 -14.85
CA GLU A 748 -13.44 6.60 -13.42
C GLU A 748 -12.15 6.17 -12.77
N CYS A 749 -11.32 5.40 -13.47
CA CYS A 749 -9.92 5.32 -13.08
C CYS A 749 -9.24 6.64 -13.34
N SER A 750 -9.34 7.14 -14.57
CA SER A 750 -8.52 8.27 -14.98
C SER A 750 -8.79 9.50 -14.15
N ASN A 751 -9.99 9.65 -13.62
CA ASN A 751 -10.26 10.80 -12.76
C ASN A 751 -9.34 10.80 -11.57
N LEU A 752 -9.08 9.64 -10.99
CA LEU A 752 -8.05 9.57 -9.96
C LEU A 752 -6.72 10.03 -10.49
N LEU A 753 -6.37 9.62 -11.70
CA LEU A 753 -5.05 9.93 -12.21
C LEU A 753 -4.79 11.42 -12.27
N LEU A 754 -5.84 12.23 -12.34
CA LEU A 754 -5.63 13.67 -12.34
C LEU A 754 -5.23 14.19 -10.99
N GLN A 755 -5.70 13.56 -9.91
CA GLN A 755 -5.33 14.02 -8.59
C GLN A 755 -3.86 13.90 -8.29
N TYR A 756 -3.10 13.19 -9.12
CA TYR A 756 -1.66 13.09 -8.95
C TYR A 756 -0.93 14.17 -9.72
N GLY A 757 -1.66 15.11 -10.29
CA GLY A 757 -1.02 16.24 -10.90
C GLY A 757 -0.42 15.89 -12.24
N SER A 758 0.75 16.44 -12.51
CA SER A 758 1.32 16.47 -13.84
C SER A 758 2.19 15.27 -14.15
N PHE A 759 2.21 14.26 -13.29
CA PHE A 759 3.02 13.08 -13.53
C PHE A 759 2.91 12.65 -14.98
N CYS A 760 1.73 12.21 -15.38
CA CYS A 760 1.57 11.72 -16.74
C CYS A 760 2.10 12.73 -17.74
N THR A 761 1.76 14.00 -17.59
CA THR A 761 2.26 14.96 -18.55
C THR A 761 3.73 15.27 -18.38
N GLN A 762 4.30 15.05 -17.21
CA GLN A 762 5.74 15.24 -17.11
C GLN A 762 6.51 13.98 -17.43
N LEU A 763 5.86 12.85 -17.58
CA LEU A 763 6.56 11.67 -18.06
C LEU A 763 6.76 11.79 -19.56
N ASN A 764 5.66 11.85 -20.30
CA ASN A 764 5.75 11.90 -21.74
C ASN A 764 6.71 12.98 -22.20
N ARG A 765 6.89 14.02 -21.40
CA ARG A 765 7.94 14.97 -21.70
C ARG A 765 9.30 14.31 -21.61
N ALA A 766 9.54 13.58 -20.52
CA ALA A 766 10.81 12.87 -20.39
C ALA A 766 11.02 11.93 -21.57
N LEU A 767 10.15 10.94 -21.72
CA LEU A 767 10.32 9.99 -22.81
C LEU A 767 10.35 10.65 -24.16
N THR A 768 9.85 11.86 -24.31
CA THR A 768 10.07 12.53 -25.57
C THR A 768 11.50 13.02 -25.68
N GLY A 769 11.96 13.75 -24.66
CA GLY A 769 13.31 14.26 -24.69
C GLY A 769 14.31 13.20 -25.06
N ILE A 770 14.11 11.99 -24.57
CA ILE A 770 14.88 10.86 -25.04
C ILE A 770 14.65 10.70 -26.52
N ALA A 771 13.44 10.28 -26.89
CA ALA A 771 13.17 9.89 -28.26
C ALA A 771 13.46 10.99 -29.25
N VAL A 772 13.52 12.24 -28.81
CA VAL A 772 13.93 13.29 -29.72
C VAL A 772 15.44 13.25 -29.93
N GLU A 773 16.21 13.22 -28.86
CA GLU A 773 17.64 13.25 -29.08
C GLU A 773 18.13 11.99 -29.75
N GLN A 774 17.40 10.89 -29.64
CA GLN A 774 17.80 9.67 -30.32
C GLN A 774 18.02 9.91 -31.80
N ASP A 775 17.34 10.88 -32.37
CA ASP A 775 17.63 11.26 -33.74
C ASP A 775 18.55 12.45 -33.83
N LYS A 776 18.95 13.02 -32.71
CA LYS A 776 20.11 13.89 -32.76
C LYS A 776 21.38 13.09 -32.72
N ASN A 777 21.38 11.99 -31.98
CA ASN A 777 22.51 11.09 -31.96
C ASN A 777 22.83 10.65 -33.36
N THR A 778 21.93 9.87 -33.95
CA THR A 778 22.12 9.38 -35.30
C THR A 778 22.45 10.49 -36.26
N GLN A 779 22.01 11.70 -35.95
CA GLN A 779 22.23 12.81 -36.86
C GLN A 779 23.70 13.21 -36.87
N GLU A 780 24.29 13.32 -35.68
CA GLU A 780 25.65 13.79 -35.54
C GLU A 780 26.65 12.74 -35.97
N VAL A 781 26.37 11.50 -35.63
CA VAL A 781 27.26 10.41 -36.00
C VAL A 781 27.39 10.37 -37.50
N PHE A 782 26.30 10.06 -38.18
CA PHE A 782 26.39 9.77 -39.60
C PHE A 782 26.43 11.04 -40.43
N ALA A 783 25.53 11.98 -40.22
CA ALA A 783 25.52 13.06 -41.18
C ALA A 783 26.49 14.10 -40.68
N GLN A 784 27.73 13.93 -41.10
CA GLN A 784 28.74 14.95 -41.03
C GLN A 784 29.07 15.51 -42.38
N VAL A 785 28.45 14.97 -43.42
CA VAL A 785 28.86 15.23 -44.78
C VAL A 785 27.77 16.05 -45.46
N LYS A 786 28.19 17.12 -46.11
CA LYS A 786 27.28 17.93 -46.89
C LYS A 786 26.57 17.10 -47.94
N GLN A 787 27.32 16.66 -48.94
CA GLN A 787 26.75 16.07 -50.14
C GLN A 787 26.97 14.58 -50.13
N ILE A 788 25.92 13.81 -50.39
CA ILE A 788 26.13 12.40 -50.66
C ILE A 788 27.01 12.27 -51.88
N TYR A 789 28.15 11.63 -51.72
CA TYR A 789 29.01 11.32 -52.84
C TYR A 789 28.58 9.99 -53.41
N LYS A 790 29.24 9.56 -54.47
CA LYS A 790 29.07 8.19 -54.88
C LYS A 790 30.29 7.77 -55.67
N THR A 791 30.55 6.47 -55.64
CA THR A 791 31.76 5.93 -56.21
C THR A 791 31.76 6.10 -57.71
N PRO A 792 32.93 6.01 -58.32
CA PRO A 792 33.00 5.91 -59.77
C PRO A 792 32.61 4.52 -60.24
N PRO A 793 32.31 4.35 -61.51
CA PRO A 793 31.95 3.01 -61.99
C PRO A 793 33.12 2.04 -62.04
N ILE A 794 34.31 2.49 -62.41
CA ILE A 794 35.45 1.61 -62.56
C ILE A 794 36.24 1.61 -61.26
N LYS A 795 36.49 0.45 -60.72
CA LYS A 795 37.23 0.35 -59.48
C LYS A 795 38.64 -0.10 -59.85
N ASP A 796 39.58 0.83 -59.82
CA ASP A 796 41.00 0.52 -59.79
C ASP A 796 41.64 1.38 -58.70
N PHE A 797 41.87 0.80 -57.54
CA PHE A 797 42.38 1.54 -56.41
C PHE A 797 43.85 1.34 -56.17
N GLY A 798 44.54 0.63 -57.04
CA GLY A 798 45.87 0.22 -56.76
C GLY A 798 45.96 -1.19 -56.24
N GLY A 799 44.90 -1.97 -56.39
CA GLY A 799 44.87 -3.33 -55.94
C GLY A 799 44.04 -3.55 -54.71
N PHE A 800 43.67 -2.50 -54.00
CA PHE A 800 42.88 -2.72 -52.81
C PHE A 800 41.48 -3.02 -53.26
N ASN A 801 40.88 -4.03 -52.68
CA ASN A 801 39.62 -4.53 -53.17
C ASN A 801 38.54 -4.23 -52.14
N PHE A 802 37.71 -3.25 -52.44
CA PHE A 802 36.70 -2.81 -51.50
C PHE A 802 35.32 -3.39 -51.77
N SER A 803 35.17 -4.19 -52.83
CA SER A 803 33.85 -4.65 -53.22
C SER A 803 33.10 -5.24 -52.04
N GLN A 804 33.82 -5.78 -51.08
CA GLN A 804 33.21 -6.18 -49.82
C GLN A 804 32.39 -5.04 -49.23
N ILE A 805 33.02 -3.88 -49.07
CA ILE A 805 32.43 -2.82 -48.28
C ILE A 805 31.74 -1.74 -49.09
N LEU A 806 31.79 -1.78 -50.40
CA LEU A 806 31.03 -0.79 -51.12
C LEU A 806 29.59 -1.23 -51.27
N PRO A 807 28.67 -0.28 -51.44
CA PRO A 807 27.28 -0.66 -51.67
C PRO A 807 27.20 -1.64 -52.81
N ASP A 808 26.52 -2.74 -52.57
CA ASP A 808 26.47 -3.82 -53.54
C ASP A 808 25.32 -3.52 -54.48
N PRO A 809 25.57 -3.16 -55.74
CA PRO A 809 24.46 -2.74 -56.61
C PRO A 809 23.44 -3.81 -56.86
N SER A 810 23.79 -5.06 -56.56
CA SER A 810 22.88 -6.20 -56.77
C SER A 810 21.96 -6.44 -55.59
N LYS A 811 21.76 -5.42 -54.76
CA LYS A 811 20.89 -5.54 -53.59
C LYS A 811 19.78 -4.49 -53.66
N PRO A 812 18.53 -4.95 -53.65
CA PRO A 812 17.39 -4.02 -53.71
C PRO A 812 17.59 -2.81 -52.80
N SER A 813 17.96 -3.06 -51.56
CA SER A 813 18.37 -2.02 -50.62
C SER A 813 19.86 -2.13 -50.52
N LYS A 814 20.59 -1.16 -51.07
CA LYS A 814 21.97 -1.46 -51.40
C LYS A 814 22.79 -1.21 -50.16
N ARG A 815 23.16 -2.31 -49.53
CA ARG A 815 24.03 -2.34 -48.38
C ARG A 815 25.21 -3.18 -48.77
N SER A 816 26.40 -2.79 -48.33
CA SER A 816 27.56 -3.56 -48.71
C SER A 816 27.47 -4.94 -48.10
N PHE A 817 28.27 -5.85 -48.61
CA PHE A 817 28.18 -7.21 -48.11
C PHE A 817 28.36 -7.21 -46.59
N ILE A 818 29.53 -6.79 -46.15
CA ILE A 818 29.88 -6.84 -44.73
C ILE A 818 28.82 -6.18 -43.88
N GLU A 819 28.05 -5.27 -44.46
CA GLU A 819 26.89 -4.78 -43.74
C GLU A 819 25.87 -5.89 -43.57
N ASP A 820 25.64 -6.70 -44.60
CA ASP A 820 24.59 -7.69 -44.52
C ASP A 820 24.77 -8.59 -43.31
N LEU A 821 25.97 -9.14 -43.15
CA LEU A 821 26.23 -10.03 -42.04
C LEU A 821 25.75 -9.42 -40.75
N LEU A 822 25.91 -8.11 -40.62
CA LEU A 822 25.57 -7.47 -39.36
C LEU A 822 24.08 -7.51 -39.11
N PHE A 823 23.27 -7.46 -40.16
CA PHE A 823 21.84 -7.48 -39.95
C PHE A 823 21.30 -8.87 -39.72
N ASN A 824 22.11 -9.89 -39.95
CA ASN A 824 21.75 -11.22 -39.48
C ASN A 824 22.13 -11.41 -38.02
N LYS A 825 23.35 -11.02 -37.66
CA LYS A 825 23.87 -11.31 -36.33
C LYS A 825 23.05 -10.68 -35.24
N VAL A 826 22.16 -9.77 -35.56
CA VAL A 826 21.37 -9.08 -34.57
C VAL A 826 19.97 -9.67 -34.57
N THR A 827 19.36 -9.72 -33.39
CA THR A 827 18.00 -10.18 -33.21
C THR A 827 17.04 -9.02 -33.32
N ASN A 856 -0.81 -1.58 -24.64
CA ASN A 856 -0.94 -0.67 -23.51
C ASN A 856 -0.42 0.72 -23.77
N GLY A 857 -0.06 1.04 -25.00
CA GLY A 857 0.51 2.32 -25.33
C GLY A 857 1.97 2.22 -25.64
N LEU A 858 2.59 1.09 -25.33
CA LEU A 858 3.94 0.84 -25.76
C LEU A 858 4.02 0.99 -27.26
N THR A 859 4.98 1.77 -27.72
CA THR A 859 5.14 1.99 -29.14
C THR A 859 6.57 1.73 -29.53
N VAL A 860 6.83 1.84 -30.82
CA VAL A 860 8.16 1.99 -31.34
C VAL A 860 8.09 3.10 -32.35
N LEU A 861 8.68 4.17 -32.06
CA LEU A 861 8.61 5.15 -33.11
C LEU A 861 9.70 4.86 -34.13
N PRO A 862 9.40 4.92 -35.41
CA PRO A 862 10.42 4.66 -36.39
C PRO A 862 11.48 5.75 -36.34
N PRO A 863 12.74 5.38 -36.43
CA PRO A 863 13.78 6.40 -36.49
C PRO A 863 13.56 7.30 -37.68
N LEU A 864 13.83 8.60 -37.50
CA LEU A 864 13.74 9.52 -38.62
C LEU A 864 14.49 8.97 -39.82
N LEU A 865 15.79 8.81 -39.69
CA LEU A 865 16.53 8.18 -40.75
C LEU A 865 16.12 6.72 -40.85
N THR A 866 16.35 6.12 -42.01
CA THR A 866 16.06 4.72 -42.19
C THR A 866 17.19 4.01 -42.90
N ASP A 867 17.18 2.69 -42.75
CA ASP A 867 18.30 1.87 -43.17
C ASP A 867 18.53 1.93 -44.67
N GLU A 868 17.66 2.57 -45.43
CA GLU A 868 18.11 2.97 -46.75
C GLU A 868 18.99 4.20 -46.65
N MET A 869 18.55 5.21 -45.90
CA MET A 869 19.34 6.43 -45.82
C MET A 869 20.63 6.19 -45.07
N ILE A 870 20.52 5.62 -43.86
CA ILE A 870 21.71 5.26 -43.11
C ILE A 870 22.69 4.55 -44.02
N ALA A 871 22.18 3.71 -44.89
CA ALA A 871 23.06 3.07 -45.84
C ALA A 871 23.52 4.00 -46.95
N GLN A 872 22.87 5.16 -47.16
CA GLN A 872 23.46 6.06 -48.14
C GLN A 872 24.63 6.83 -47.55
N TYR A 873 24.47 7.38 -46.35
CA TYR A 873 25.58 8.10 -45.74
C TYR A 873 26.81 7.23 -45.71
N THR A 874 26.74 6.14 -44.98
CA THR A 874 27.91 5.29 -44.87
C THR A 874 28.39 4.82 -46.22
N SER A 875 27.64 5.06 -47.28
CA SER A 875 28.23 4.97 -48.61
C SER A 875 28.97 6.24 -48.97
N ALA A 876 28.42 7.41 -48.65
CA ALA A 876 29.14 8.63 -48.92
C ALA A 876 30.48 8.65 -48.20
N LEU A 877 30.41 8.70 -46.87
CA LEU A 877 31.61 8.76 -46.04
C LEU A 877 32.61 7.75 -46.51
N LEU A 878 32.12 6.58 -46.87
CA LEU A 878 33.01 5.54 -47.31
C LEU A 878 33.46 5.76 -48.74
N ALA A 879 32.75 6.57 -49.51
CA ALA A 879 33.18 6.80 -50.88
C ALA A 879 33.90 8.11 -51.08
N GLY A 880 33.98 8.96 -50.08
CA GLY A 880 34.83 10.11 -50.24
C GLY A 880 36.16 9.79 -49.65
N THR A 881 36.15 8.89 -48.68
CA THR A 881 37.39 8.47 -48.05
C THR A 881 38.28 7.80 -49.06
N ILE A 882 37.69 7.06 -49.98
CA ILE A 882 38.48 6.37 -50.97
C ILE A 882 39.08 7.37 -51.95
N THR A 883 38.24 8.17 -52.58
CA THR A 883 38.76 9.09 -53.58
C THR A 883 39.39 10.31 -52.94
N SER A 884 38.57 11.10 -52.25
CA SER A 884 38.98 12.41 -51.78
C SER A 884 40.06 12.34 -50.73
N GLY A 885 39.98 11.37 -49.84
CA GLY A 885 40.90 11.35 -48.73
C GLY A 885 40.31 12.02 -47.53
N TRP A 886 41.15 12.58 -46.66
CA TRP A 886 40.62 13.24 -45.49
C TRP A 886 39.95 14.55 -45.83
N THR A 887 40.25 15.12 -46.99
CA THR A 887 39.90 16.50 -47.21
C THR A 887 38.42 16.73 -47.39
N PHE A 888 37.59 15.70 -47.48
CA PHE A 888 36.23 16.05 -47.83
C PHE A 888 35.45 16.57 -46.64
N GLY A 889 35.97 16.42 -45.44
CA GLY A 889 35.26 16.90 -44.27
C GLY A 889 35.76 18.27 -43.88
N ALA A 890 36.94 18.61 -44.38
CA ALA A 890 37.56 19.89 -44.13
C ALA A 890 37.17 20.94 -45.15
N GLY A 891 36.22 20.64 -46.02
CA GLY A 891 35.94 21.55 -47.10
C GLY A 891 35.34 20.79 -48.27
N ALA A 892 35.56 21.32 -49.45
CA ALA A 892 35.11 20.65 -50.66
C ALA A 892 35.97 19.43 -50.93
N ALA A 893 35.34 18.31 -51.24
CA ALA A 893 36.09 17.10 -51.52
C ALA A 893 37.02 17.32 -52.70
N LEU A 894 38.16 16.65 -52.67
CA LEU A 894 39.17 16.79 -53.71
C LEU A 894 39.66 15.41 -54.09
N GLN A 895 39.43 14.99 -55.32
CA GLN A 895 39.87 13.65 -55.66
C GLN A 895 41.39 13.59 -55.61
N ILE A 896 41.90 12.45 -55.15
CA ILE A 896 43.33 12.18 -55.13
C ILE A 896 43.51 10.69 -55.37
N PRO A 897 44.51 10.25 -56.11
CA PRO A 897 44.65 8.83 -56.39
C PRO A 897 44.87 8.04 -55.12
N PHE A 898 44.08 7.00 -54.94
CA PHE A 898 44.06 6.35 -53.63
C PHE A 898 45.46 5.96 -53.19
N ALA A 899 46.18 5.22 -54.03
CA ALA A 899 47.54 4.85 -53.67
C ALA A 899 48.43 6.05 -53.43
N MET A 900 48.02 7.25 -53.78
CA MET A 900 48.74 8.38 -53.22
C MET A 900 48.24 8.69 -51.83
N GLN A 901 46.94 8.61 -51.62
CA GLN A 901 46.42 8.87 -50.29
C GLN A 901 47.15 8.04 -49.27
N MET A 902 47.35 6.77 -49.55
CA MET A 902 48.07 5.97 -48.58
C MET A 902 49.52 6.36 -48.44
N ALA A 903 50.04 7.22 -49.29
CA ALA A 903 51.36 7.71 -48.98
C ALA A 903 51.33 8.85 -48.00
N TYR A 904 50.18 9.50 -47.85
CA TYR A 904 50.01 10.55 -46.86
C TYR A 904 49.39 10.05 -45.59
N ARG A 905 49.00 8.80 -45.54
CA ARG A 905 48.68 8.22 -44.26
C ARG A 905 49.84 7.49 -43.65
N PHE A 906 50.90 7.22 -44.40
CA PHE A 906 52.11 6.75 -43.75
C PHE A 906 52.93 7.89 -43.19
N ASN A 907 53.01 9.01 -43.89
CA ASN A 907 53.68 10.14 -43.30
C ASN A 907 53.09 10.47 -41.95
N GLY A 908 51.81 10.18 -41.76
CA GLY A 908 51.22 10.38 -40.45
C GLY A 908 51.91 9.56 -39.38
N ILE A 909 52.10 8.28 -39.65
CA ILE A 909 52.57 7.36 -38.62
C ILE A 909 54.08 7.31 -38.62
N GLY A 910 54.72 8.20 -39.36
CA GLY A 910 56.15 8.26 -39.27
C GLY A 910 56.87 7.22 -40.07
N VAL A 911 56.21 6.58 -41.03
CA VAL A 911 56.86 5.75 -42.01
C VAL A 911 56.96 6.54 -43.29
N THR A 912 58.16 6.76 -43.76
CA THR A 912 58.33 7.49 -44.99
C THR A 912 57.59 6.79 -46.11
N GLN A 913 57.07 7.59 -47.04
CA GLN A 913 56.26 7.08 -48.12
C GLN A 913 57.00 6.14 -49.05
N ASN A 914 58.31 6.22 -49.12
CA ASN A 914 58.99 5.28 -49.99
C ASN A 914 58.83 3.85 -49.52
N VAL A 915 58.22 3.64 -48.37
CA VAL A 915 57.85 2.30 -47.96
C VAL A 915 56.63 1.82 -48.69
N LEU A 916 55.60 2.65 -48.80
CA LEU A 916 54.37 2.21 -49.43
C LEU A 916 54.59 1.75 -50.87
N TYR A 917 54.90 2.67 -51.76
CA TYR A 917 54.99 2.35 -53.18
C TYR A 917 55.86 1.13 -53.39
N GLU A 918 57.02 1.10 -52.76
CA GLU A 918 57.90 -0.01 -53.02
C GLU A 918 57.30 -1.33 -52.57
N ASN A 919 56.41 -1.32 -51.60
CA ASN A 919 55.75 -2.56 -51.22
C ASN A 919 54.35 -2.70 -51.79
N GLN A 920 53.90 -1.77 -52.62
CA GLN A 920 52.48 -1.55 -52.84
C GLN A 920 51.69 -2.83 -53.01
N LYS A 921 52.24 -3.79 -53.75
CA LYS A 921 51.48 -4.98 -54.09
C LYS A 921 51.26 -5.87 -52.88
N LEU A 922 52.34 -6.22 -52.20
CA LEU A 922 52.23 -6.94 -50.94
C LEU A 922 51.17 -6.31 -50.05
N ILE A 923 51.25 -5.00 -49.88
CA ILE A 923 50.35 -4.35 -48.94
C ILE A 923 48.92 -4.52 -49.37
N ALA A 924 48.68 -4.49 -50.69
CA ALA A 924 47.33 -4.72 -51.18
C ALA A 924 46.78 -6.03 -50.63
N ASN A 925 47.55 -7.11 -50.77
CA ASN A 925 47.07 -8.40 -50.28
C ASN A 925 46.83 -8.36 -48.78
N GLN A 926 47.87 -8.00 -48.03
CA GLN A 926 47.73 -7.93 -46.58
C GLN A 926 46.50 -7.15 -46.22
N PHE A 927 46.22 -6.09 -46.98
CA PHE A 927 44.92 -5.49 -46.81
C PHE A 927 43.85 -6.51 -47.13
N ASN A 928 43.77 -6.94 -48.40
CA ASN A 928 42.63 -7.72 -48.86
C ASN A 928 42.35 -8.92 -47.98
N SER A 929 43.35 -9.77 -47.76
CA SER A 929 43.15 -10.90 -46.87
C SER A 929 42.55 -10.45 -45.56
N ALA A 930 43.13 -9.42 -44.95
CA ALA A 930 42.61 -8.93 -43.69
C ALA A 930 41.15 -8.54 -43.82
N ILE A 931 40.74 -8.05 -45.00
CA ILE A 931 39.32 -7.83 -45.21
C ILE A 931 38.56 -9.13 -45.08
N GLY A 932 39.01 -10.15 -45.82
CA GLY A 932 38.27 -11.41 -45.85
C GLY A 932 38.01 -11.96 -44.47
N LYS A 933 39.08 -12.11 -43.68
CA LYS A 933 38.96 -12.69 -42.34
C LYS A 933 37.87 -12.04 -41.54
N ILE A 934 37.67 -10.73 -41.72
CA ILE A 934 36.66 -10.03 -40.95
C ILE A 934 35.32 -10.68 -41.13
N GLN A 935 35.00 -11.07 -42.36
CA GLN A 935 33.73 -11.71 -42.63
C GLN A 935 33.55 -12.93 -41.74
N ASP A 936 34.53 -13.81 -41.73
CA ASP A 936 34.39 -15.03 -40.98
C ASP A 936 34.58 -14.78 -39.50
N SER A 937 35.32 -13.74 -39.15
CA SER A 937 35.27 -13.26 -37.78
C SER A 937 33.86 -12.88 -37.40
N LEU A 938 33.01 -12.63 -38.37
CA LEU A 938 31.60 -12.37 -38.13
C LEU A 938 30.75 -13.59 -38.44
N SER A 939 30.71 -14.02 -39.71
CA SER A 939 29.69 -14.94 -40.18
C SER A 939 29.54 -16.17 -39.29
N SER A 940 30.62 -16.63 -38.69
CA SER A 940 30.53 -17.76 -37.79
C SER A 940 30.45 -17.36 -36.33
N THR A 941 30.51 -16.07 -36.02
CA THR A 941 30.48 -15.62 -34.62
C THR A 941 29.49 -14.48 -34.48
N ALA A 942 28.41 -14.72 -33.74
CA ALA A 942 27.48 -13.66 -33.40
C ALA A 942 27.95 -12.83 -32.22
N SER A 943 28.72 -13.44 -31.31
CA SER A 943 29.16 -12.75 -30.11
C SER A 943 30.12 -11.61 -30.39
N ALA A 944 30.58 -11.46 -31.63
CA ALA A 944 31.35 -10.27 -31.99
C ALA A 944 30.53 -9.00 -31.78
N LEU A 945 29.21 -9.08 -31.91
CA LEU A 945 28.32 -7.94 -31.77
C LEU A 945 27.86 -7.73 -30.35
N GLY A 946 28.51 -8.36 -29.38
CA GLY A 946 27.98 -8.36 -28.04
C GLY A 946 27.43 -7.02 -27.58
N LYS A 947 28.14 -5.93 -27.86
CA LYS A 947 27.70 -4.63 -27.39
C LYS A 947 26.31 -4.30 -27.89
N LEU A 948 26.21 -4.08 -29.20
CA LEU A 948 24.92 -3.85 -29.84
C LEU A 948 23.92 -4.89 -29.44
N GLN A 949 24.38 -6.13 -29.25
CA GLN A 949 23.44 -7.16 -28.88
C GLN A 949 22.85 -6.90 -27.52
N ASP A 950 23.64 -6.34 -26.62
CA ASP A 950 23.12 -6.11 -25.28
C ASP A 950 22.16 -4.94 -25.27
N VAL A 951 22.56 -3.82 -25.85
CA VAL A 951 21.73 -2.62 -25.87
C VAL A 951 20.31 -2.96 -26.25
N VAL A 952 20.15 -3.83 -27.24
CA VAL A 952 18.81 -4.26 -27.59
C VAL A 952 18.19 -5.03 -26.46
N ASN A 953 18.88 -6.05 -25.95
CA ASN A 953 18.31 -6.88 -24.91
C ASN A 953 17.84 -6.02 -23.74
N GLN A 954 18.74 -5.22 -23.19
CA GLN A 954 18.37 -4.40 -22.05
C GLN A 954 17.13 -3.57 -22.32
N ASN A 955 16.97 -3.10 -23.54
CA ASN A 955 15.71 -2.43 -23.83
C ASN A 955 14.56 -3.37 -23.65
N ALA A 956 14.49 -4.41 -24.50
CA ALA A 956 13.42 -5.38 -24.37
C ALA A 956 13.30 -5.85 -22.94
N GLN A 957 14.43 -6.13 -22.30
CA GLN A 957 14.39 -6.56 -20.92
C GLN A 957 13.70 -5.58 -20.02
N ALA A 958 13.63 -4.32 -20.41
CA ALA A 958 12.85 -3.37 -19.61
C ALA A 958 11.37 -3.60 -19.84
N LEU A 959 10.93 -3.40 -21.09
CA LEU A 959 9.51 -3.45 -21.40
C LEU A 959 8.84 -4.68 -20.82
N ASN A 960 9.42 -5.85 -21.06
CA ASN A 960 8.88 -7.05 -20.46
C ASN A 960 8.68 -6.83 -18.98
N THR A 961 9.77 -6.58 -18.27
CA THR A 961 9.66 -6.26 -16.85
C THR A 961 8.64 -5.16 -16.61
N LEU A 962 8.53 -4.21 -17.54
CA LEU A 962 7.50 -3.19 -17.39
C LEU A 962 6.13 -3.78 -17.62
N VAL A 963 5.96 -4.51 -18.72
CA VAL A 963 4.65 -5.08 -19.02
C VAL A 963 4.15 -5.92 -17.87
N LYS A 964 4.93 -6.91 -17.46
CA LYS A 964 4.51 -7.81 -16.40
C LYS A 964 3.98 -7.06 -15.20
N GLN A 965 4.52 -5.89 -14.92
CA GLN A 965 4.01 -5.11 -13.80
C GLN A 965 2.53 -4.85 -13.92
N LEU A 966 1.96 -4.97 -15.12
CA LEU A 966 0.51 -4.85 -15.21
C LEU A 966 -0.18 -5.98 -14.47
N SER A 967 0.41 -7.16 -14.47
CA SER A 967 -0.27 -8.29 -13.84
C SER A 967 -0.26 -8.17 -12.33
N SER A 968 0.78 -7.59 -11.75
CA SER A 968 0.90 -7.59 -10.30
C SER A 968 -0.25 -6.83 -9.66
N ASN A 969 -0.59 -7.23 -8.46
CA ASN A 969 -1.72 -6.67 -7.74
C ASN A 969 -1.34 -5.53 -6.82
N PHE A 970 -0.06 -5.33 -6.58
CA PHE A 970 0.40 -4.24 -5.71
C PHE A 970 -0.38 -4.21 -4.42
N GLY A 971 -0.77 -5.39 -3.95
CA GLY A 971 -1.64 -5.49 -2.81
C GLY A 971 -3.11 -5.30 -3.12
N ALA A 972 -3.45 -4.71 -4.26
CA ALA A 972 -4.85 -4.53 -4.57
C ALA A 972 -5.50 -5.89 -4.84
N ILE A 973 -6.82 -5.90 -4.76
CA ILE A 973 -7.53 -7.16 -4.66
C ILE A 973 -7.83 -7.73 -6.04
N SER A 974 -7.33 -7.09 -7.09
CA SER A 974 -7.34 -7.76 -8.38
C SER A 974 -6.34 -7.09 -9.30
N SER A 975 -5.98 -7.79 -10.36
CA SER A 975 -5.07 -7.22 -11.34
C SER A 975 -5.80 -6.30 -12.29
N VAL A 976 -6.96 -6.69 -12.77
CA VAL A 976 -7.62 -5.95 -13.82
C VAL A 976 -8.46 -4.83 -13.23
N LEU A 977 -8.45 -3.70 -13.92
CA LEU A 977 -9.10 -2.50 -13.44
C LEU A 977 -10.61 -2.66 -13.50
N ASN A 978 -11.11 -3.10 -14.66
CA ASN A 978 -12.54 -3.33 -14.84
C ASN A 978 -13.11 -4.20 -13.73
N ASP A 979 -12.45 -5.31 -13.47
CA ASP A 979 -12.95 -6.25 -12.49
C ASP A 979 -12.87 -5.70 -11.09
N ILE A 980 -12.00 -4.72 -10.87
CA ILE A 980 -12.15 -3.93 -9.67
C ILE A 980 -13.23 -2.89 -9.86
N LEU A 981 -13.32 -2.30 -11.05
CA LEU A 981 -14.40 -1.37 -11.35
C LEU A 981 -15.74 -2.05 -11.16
N SER A 982 -16.04 -3.05 -11.98
CA SER A 982 -17.30 -3.76 -11.94
C SER A 982 -17.65 -4.20 -10.52
N ARG A 983 -16.90 -5.18 -10.01
CA ARG A 983 -17.25 -5.84 -8.75
C ARG A 983 -17.57 -4.88 -7.62
N LEU A 984 -16.92 -3.74 -7.56
CA LEU A 984 -16.77 -3.04 -6.29
C LEU A 984 -17.58 -1.75 -6.25
N ASP A 985 -17.99 -1.39 -5.03
CA ASP A 985 -18.58 -0.09 -4.76
C ASP A 985 -17.51 0.99 -4.77
N PRO A 986 -17.77 2.17 -5.32
CA PRO A 986 -16.71 3.17 -5.52
C PRO A 986 -15.89 3.39 -4.26
N PRO A 987 -16.51 3.55 -3.08
CA PRO A 987 -15.68 3.74 -1.87
C PRO A 987 -14.79 2.56 -1.58
N GLU A 988 -15.09 1.39 -2.14
CA GLU A 988 -14.12 0.31 -2.26
C GLU A 988 -13.19 0.60 -3.42
N ALA A 989 -13.77 0.64 -4.63
CA ALA A 989 -12.99 0.78 -5.84
C ALA A 989 -11.95 1.87 -5.70
N GLU A 990 -12.35 3.03 -5.18
CA GLU A 990 -11.40 4.11 -4.97
C GLU A 990 -10.19 3.62 -4.21
N VAL A 991 -10.39 3.16 -2.98
CA VAL A 991 -9.24 2.77 -2.17
C VAL A 991 -8.48 1.63 -2.82
N GLN A 992 -9.16 0.75 -3.54
CA GLN A 992 -8.44 -0.29 -4.24
C GLN A 992 -7.70 0.28 -5.44
N ILE A 993 -8.39 1.05 -6.27
CA ILE A 993 -7.80 1.51 -7.53
C ILE A 993 -6.57 2.35 -7.28
N ASP A 994 -6.52 3.05 -6.14
CA ASP A 994 -5.27 3.71 -5.79
C ASP A 994 -4.11 2.74 -5.86
N ARG A 995 -4.15 1.69 -5.05
CA ARG A 995 -3.03 0.77 -4.96
C ARG A 995 -2.53 0.37 -6.33
N LEU A 996 -3.44 0.05 -7.25
CA LEU A 996 -3.01 -0.14 -8.63
C LEU A 996 -2.27 1.07 -9.12
N ILE A 997 -2.95 2.19 -9.21
CA ILE A 997 -2.36 3.40 -9.76
C ILE A 997 -1.03 3.65 -9.09
N THR A 998 -1.05 3.94 -7.80
CA THR A 998 0.19 4.23 -7.10
C THR A 998 1.25 3.20 -7.41
N GLY A 999 0.87 1.95 -7.48
CA GLY A 999 1.84 0.99 -7.91
C GLY A 999 2.21 1.20 -9.35
N ARG A 1000 1.23 1.11 -10.25
CA ARG A 1000 1.57 1.15 -11.66
C ARG A 1000 2.25 2.45 -12.02
N LEU A 1001 1.83 3.53 -11.40
CA LEU A 1001 2.57 4.78 -11.54
C LEU A 1001 4.04 4.57 -11.20
N GLN A 1002 4.31 4.22 -9.94
CA GLN A 1002 5.67 4.05 -9.51
C GLN A 1002 6.45 3.12 -10.42
N SER A 1003 5.77 2.17 -11.04
CA SER A 1003 6.47 1.30 -11.97
C SER A 1003 7.03 2.08 -13.15
N LEU A 1004 6.28 3.07 -13.63
CA LEU A 1004 6.80 3.90 -14.70
C LEU A 1004 8.04 4.65 -14.24
N GLN A 1005 7.92 5.43 -13.17
CA GLN A 1005 9.05 6.25 -12.76
C GLN A 1005 10.29 5.41 -12.65
N THR A 1006 10.15 4.17 -12.22
CA THR A 1006 11.28 3.26 -12.36
C THR A 1006 11.64 3.10 -13.82
N TYR A 1007 10.69 2.68 -14.64
CA TYR A 1007 11.02 2.43 -16.02
C TYR A 1007 11.53 3.68 -16.71
N VAL A 1008 10.96 4.83 -16.38
CA VAL A 1008 11.44 6.05 -17.02
C VAL A 1008 12.88 6.31 -16.61
N THR A 1009 13.12 6.40 -15.32
CA THR A 1009 14.46 6.66 -14.84
C THR A 1009 15.47 5.73 -15.47
N GLN A 1010 15.14 4.45 -15.55
CA GLN A 1010 16.06 3.53 -16.19
C GLN A 1010 16.41 3.99 -17.58
N GLN A 1011 15.41 4.42 -18.34
CA GLN A 1011 15.70 4.94 -19.67
C GLN A 1011 16.65 6.12 -19.56
N LEU A 1012 16.23 7.18 -18.90
CA LEU A 1012 17.07 8.38 -18.82
C LEU A 1012 18.50 8.02 -18.48
N ILE A 1013 18.68 7.22 -17.44
CA ILE A 1013 20.03 6.82 -17.08
C ILE A 1013 20.67 6.05 -18.20
N ARG A 1014 19.94 5.12 -18.79
CA ARG A 1014 20.51 4.35 -19.87
C ARG A 1014 20.70 5.22 -21.10
N ALA A 1015 19.69 5.99 -21.46
CA ALA A 1015 19.80 6.81 -22.65
C ALA A 1015 20.85 7.87 -22.52
N ALA A 1016 21.30 8.17 -21.31
CA ALA A 1016 22.43 9.05 -21.18
C ALA A 1016 23.73 8.33 -21.43
N GLU A 1017 23.77 7.04 -21.14
CA GLU A 1017 24.95 6.25 -21.45
C GLU A 1017 25.17 6.19 -22.94
N ILE A 1018 24.13 5.86 -23.69
CA ILE A 1018 24.21 5.86 -25.15
C ILE A 1018 24.78 7.19 -25.61
N ARG A 1019 24.18 8.27 -25.15
CA ARG A 1019 24.63 9.60 -25.49
C ARG A 1019 26.12 9.74 -25.26
N ALA A 1020 26.65 9.07 -24.25
CA ALA A 1020 28.08 9.12 -24.04
C ALA A 1020 28.80 8.28 -25.08
N SER A 1021 28.18 7.20 -25.53
CA SER A 1021 28.79 6.39 -26.56
C SER A 1021 28.48 6.88 -27.96
N ALA A 1022 27.46 7.70 -28.13
CA ALA A 1022 27.29 8.36 -29.41
C ALA A 1022 28.35 9.42 -29.58
N ASN A 1023 28.53 10.26 -28.56
CA ASN A 1023 29.55 11.28 -28.60
C ASN A 1023 30.93 10.70 -28.77
N LEU A 1024 31.10 9.41 -28.51
CA LEU A 1024 32.39 8.80 -28.80
C LEU A 1024 32.50 8.43 -30.27
N ALA A 1025 31.43 7.93 -30.87
CA ALA A 1025 31.49 7.60 -32.29
C ALA A 1025 31.63 8.86 -33.11
N ALA A 1026 30.77 9.84 -32.85
CA ALA A 1026 30.87 11.10 -33.54
C ALA A 1026 32.26 11.68 -33.45
N THR A 1027 33.03 11.29 -32.44
CA THR A 1027 34.42 11.64 -32.42
C THR A 1027 35.23 10.71 -33.32
N LYS A 1028 35.05 9.42 -33.18
CA LYS A 1028 35.80 8.51 -34.03
C LYS A 1028 35.47 8.77 -35.49
N MET A 1029 34.19 8.97 -35.79
CA MET A 1029 33.80 9.30 -37.14
C MET A 1029 34.56 10.50 -37.64
N SER A 1030 34.64 11.53 -36.82
CA SER A 1030 35.32 12.74 -37.24
C SER A 1030 36.81 12.52 -37.32
N GLU A 1031 37.42 12.08 -36.23
CA GLU A 1031 38.87 12.02 -36.22
C GLU A 1031 39.39 10.82 -36.99
N CYS A 1032 38.84 9.65 -36.71
CA CYS A 1032 39.48 8.44 -37.20
C CYS A 1032 39.12 8.17 -38.64
N VAL A 1033 37.98 8.67 -39.12
CA VAL A 1033 37.61 8.47 -40.51
C VAL A 1033 38.05 9.68 -41.30
N LEU A 1034 37.33 10.78 -41.13
CA LEU A 1034 37.60 11.99 -41.90
C LEU A 1034 39.02 12.48 -41.77
N GLY A 1035 39.71 12.15 -40.70
CA GLY A 1035 41.10 12.50 -40.58
C GLY A 1035 42.01 11.29 -40.57
N GLN A 1036 43.18 11.44 -39.97
CA GLN A 1036 43.99 10.32 -39.50
C GLN A 1036 44.37 10.61 -38.07
N SER A 1037 43.96 9.73 -37.16
CA SER A 1037 44.08 10.02 -35.75
C SER A 1037 45.48 9.78 -35.25
N LYS A 1038 46.02 10.74 -34.51
CA LYS A 1038 47.30 10.58 -33.86
C LYS A 1038 47.15 10.04 -32.46
N ARG A 1039 45.94 9.88 -31.98
CA ARG A 1039 45.72 9.48 -30.60
C ARG A 1039 45.96 7.98 -30.51
N VAL A 1040 46.95 7.58 -29.71
CA VAL A 1040 47.33 6.18 -29.68
C VAL A 1040 46.16 5.36 -29.15
N ASP A 1041 45.88 4.25 -29.81
CA ASP A 1041 44.91 3.26 -29.36
C ASP A 1041 43.53 3.86 -29.14
N PHE A 1042 43.28 4.98 -29.78
CA PHE A 1042 41.92 5.48 -29.92
C PHE A 1042 41.24 4.81 -31.10
N CYS A 1043 42.00 4.58 -32.15
CA CYS A 1043 41.56 3.88 -33.34
C CYS A 1043 41.88 2.40 -33.33
N GLY A 1044 42.31 1.85 -32.21
CA GLY A 1044 42.58 0.43 -32.24
C GLY A 1044 44.06 0.14 -32.29
N LYS A 1045 44.43 -1.01 -31.74
CA LYS A 1045 45.81 -1.25 -31.41
C LYS A 1045 46.71 -1.16 -32.63
N GLY A 1046 47.73 -0.34 -32.54
CA GLY A 1046 48.64 -0.10 -33.62
C GLY A 1046 48.49 1.29 -34.19
N TYR A 1047 49.49 1.70 -34.95
CA TYR A 1047 49.42 2.94 -35.67
C TYR A 1047 48.24 2.91 -36.62
N HIS A 1048 47.50 4.00 -36.66
CA HIS A 1048 46.25 4.05 -37.41
C HIS A 1048 46.46 4.55 -38.82
N LEU A 1049 45.75 3.95 -39.77
CA LEU A 1049 45.81 4.37 -41.15
C LEU A 1049 44.49 4.97 -41.62
N MET A 1050 43.41 4.21 -41.63
CA MET A 1050 42.15 4.80 -42.02
C MET A 1050 41.04 4.05 -41.32
N SER A 1051 39.81 4.39 -41.64
CA SER A 1051 38.70 3.70 -41.01
C SER A 1051 37.52 3.70 -41.94
N PHE A 1052 36.78 2.62 -41.89
CA PHE A 1052 35.60 2.45 -42.73
C PHE A 1052 34.40 2.27 -41.84
N PRO A 1053 33.50 3.22 -41.76
CA PRO A 1053 32.28 2.98 -41.00
C PRO A 1053 31.41 2.01 -41.75
N GLN A 1054 30.66 1.22 -40.99
CA GLN A 1054 29.63 0.38 -41.57
C GLN A 1054 28.46 0.44 -40.62
N SER A 1055 27.27 0.64 -41.16
CA SER A 1055 26.11 0.74 -40.31
C SER A 1055 25.70 -0.62 -39.80
N ALA A 1056 25.13 -0.64 -38.62
CA ALA A 1056 24.63 -1.84 -37.99
C ALA A 1056 23.31 -1.44 -37.35
N PRO A 1057 22.48 -2.37 -36.92
CA PRO A 1057 21.22 -1.96 -36.30
C PRO A 1057 21.50 -1.15 -35.04
N HIS A 1058 20.97 0.06 -35.02
CA HIS A 1058 21.13 0.98 -33.91
C HIS A 1058 22.57 1.02 -33.43
N GLY A 1059 23.47 1.22 -34.37
CA GLY A 1059 24.87 1.27 -33.99
C GLY A 1059 25.73 1.25 -35.22
N VAL A 1060 26.99 1.57 -35.01
CA VAL A 1060 27.92 1.69 -36.12
C VAL A 1060 29.10 0.79 -35.86
N VAL A 1061 29.72 0.34 -36.93
CA VAL A 1061 30.85 -0.58 -36.86
C VAL A 1061 31.97 -0.01 -37.68
N PHE A 1062 33.12 0.17 -37.07
CA PHE A 1062 34.26 0.72 -37.76
C PHE A 1062 35.22 -0.39 -38.13
N LEU A 1063 35.80 -0.29 -39.29
CA LEU A 1063 36.90 -1.17 -39.66
C LEU A 1063 38.14 -0.31 -39.57
N HIS A 1064 38.93 -0.50 -38.54
CA HIS A 1064 40.12 0.30 -38.37
C HIS A 1064 41.27 -0.41 -39.04
N VAL A 1065 41.81 0.19 -40.07
CA VAL A 1065 42.95 -0.41 -40.75
C VAL A 1065 44.19 0.16 -40.10
N THR A 1066 44.92 -0.67 -39.38
CA THR A 1066 46.01 -0.20 -38.57
C THR A 1066 47.30 -0.83 -39.03
N TYR A 1067 48.40 -0.20 -38.67
CA TYR A 1067 49.72 -0.59 -39.10
C TYR A 1067 50.48 -1.15 -37.92
N VAL A 1068 50.75 -2.45 -37.93
CA VAL A 1068 51.42 -3.10 -36.81
C VAL A 1068 52.76 -3.61 -37.29
N PRO A 1069 53.86 -3.21 -36.68
CA PRO A 1069 55.17 -3.72 -37.11
C PRO A 1069 55.38 -5.15 -36.66
N ALA A 1070 56.28 -5.84 -37.36
CA ALA A 1070 56.41 -7.26 -37.07
C ALA A 1070 57.80 -7.70 -36.65
N GLN A 1071 58.72 -7.87 -37.60
CA GLN A 1071 59.90 -8.68 -37.39
C GLN A 1071 61.10 -7.82 -37.00
N GLU A 1072 61.53 -7.97 -35.76
CA GLU A 1072 62.59 -7.18 -35.15
C GLU A 1072 63.96 -7.64 -35.57
N LYS A 1073 64.92 -6.76 -35.42
CA LYS A 1073 66.31 -7.16 -35.37
C LYS A 1073 67.02 -6.30 -34.36
N ASN A 1074 67.79 -6.93 -33.47
CA ASN A 1074 68.56 -6.13 -32.55
C ASN A 1074 69.59 -5.32 -33.30
N PHE A 1075 70.01 -4.23 -32.68
CA PHE A 1075 71.11 -3.47 -33.22
C PHE A 1075 71.79 -2.76 -32.08
N THR A 1076 73.04 -2.40 -32.31
CA THR A 1076 73.75 -1.53 -31.40
C THR A 1076 73.56 -0.10 -31.85
N THR A 1077 73.20 0.76 -30.92
CA THR A 1077 72.80 2.12 -31.24
C THR A 1077 73.54 3.11 -30.36
N ALA A 1078 73.90 4.25 -30.94
CA ALA A 1078 74.53 5.27 -30.14
C ALA A 1078 74.00 6.64 -30.49
N PRO A 1079 73.73 7.47 -29.49
CA PRO A 1079 72.92 8.67 -29.72
C PRO A 1079 73.57 9.76 -30.54
N ALA A 1080 74.86 9.74 -30.76
CA ALA A 1080 75.44 10.79 -31.58
C ALA A 1080 76.60 10.20 -32.38
N ILE A 1081 77.32 11.05 -33.08
CA ILE A 1081 78.59 10.68 -33.66
C ILE A 1081 79.54 11.85 -33.58
N CYS A 1082 80.71 11.64 -32.99
CA CYS A 1082 81.78 12.61 -33.17
C CYS A 1082 82.31 12.40 -34.56
N HIS A 1083 82.28 13.41 -35.40
CA HIS A 1083 83.08 13.21 -36.59
C HIS A 1083 84.38 13.96 -36.41
N ASP A 1084 84.34 15.26 -36.54
CA ASP A 1084 85.56 16.03 -36.37
C ASP A 1084 85.73 16.46 -34.93
N GLY A 1085 84.88 15.99 -34.04
CA GLY A 1085 84.80 16.47 -32.69
C GLY A 1085 83.58 17.29 -32.43
N LYS A 1086 83.01 17.88 -33.47
CA LYS A 1086 81.62 18.23 -33.36
C LYS A 1086 80.81 16.95 -33.20
N ALA A 1087 79.65 17.06 -32.63
CA ALA A 1087 78.79 15.91 -32.65
C ALA A 1087 78.09 15.83 -34.01
N HIS A 1088 77.23 14.84 -34.18
CA HIS A 1088 76.20 14.91 -35.21
C HIS A 1088 74.96 14.24 -34.68
N PHE A 1089 73.88 14.90 -34.76
CA PHE A 1089 72.84 14.01 -34.34
C PHE A 1089 71.97 13.70 -35.54
N PRO A 1090 71.31 12.56 -35.56
CA PRO A 1090 70.52 12.22 -36.74
C PRO A 1090 69.33 13.14 -36.82
N ARG A 1091 68.99 13.56 -38.03
CA ARG A 1091 67.88 14.50 -38.11
C ARG A 1091 66.55 13.81 -37.87
N GLU A 1092 66.37 12.63 -38.43
CA GLU A 1092 65.12 11.90 -38.27
C GLU A 1092 65.45 10.45 -38.02
N GLY A 1093 65.06 9.93 -36.87
CA GLY A 1093 65.29 8.53 -36.59
C GLY A 1093 66.71 8.22 -36.15
N VAL A 1094 66.84 7.03 -35.59
CA VAL A 1094 67.99 6.69 -34.77
C VAL A 1094 69.21 6.47 -35.64
N PHE A 1095 70.38 6.55 -35.00
CA PHE A 1095 71.56 5.85 -35.49
C PHE A 1095 71.44 4.38 -35.12
N VAL A 1096 72.01 3.51 -35.94
CA VAL A 1096 72.13 2.11 -35.59
C VAL A 1096 73.43 1.62 -36.16
N SER A 1097 73.85 0.48 -35.67
CA SER A 1097 74.91 -0.24 -36.33
C SER A 1097 74.63 -1.72 -36.21
N ASN A 1098 74.99 -2.45 -37.25
CA ASN A 1098 74.96 -3.88 -37.20
C ASN A 1098 76.32 -4.44 -36.83
N GLY A 1099 77.25 -3.59 -36.44
CA GLY A 1099 78.58 -4.02 -36.08
C GLY A 1099 79.69 -3.57 -36.99
N THR A 1100 79.40 -2.95 -38.13
CA THR A 1100 80.46 -2.21 -38.82
C THR A 1100 79.96 -0.85 -39.23
N HIS A 1101 79.02 -0.87 -40.16
CA HIS A 1101 78.65 0.32 -40.90
C HIS A 1101 77.52 0.99 -40.14
N TRP A 1102 77.81 2.10 -39.51
CA TRP A 1102 76.74 2.83 -38.87
C TRP A 1102 75.72 3.26 -39.90
N PHE A 1103 74.46 3.28 -39.48
CA PHE A 1103 73.34 3.57 -40.34
C PHE A 1103 72.39 4.45 -39.57
N VAL A 1104 72.10 5.62 -40.09
CA VAL A 1104 70.90 6.30 -39.65
C VAL A 1104 69.72 5.50 -40.17
N THR A 1105 68.60 5.56 -39.48
CA THR A 1105 67.42 4.98 -40.08
C THR A 1105 66.21 5.64 -39.49
N GLN A 1106 65.09 5.46 -40.17
CA GLN A 1106 63.82 5.85 -39.63
C GLN A 1106 63.42 4.85 -38.59
N ARG A 1107 62.61 5.30 -37.64
CA ARG A 1107 62.45 4.49 -36.45
C ARG A 1107 61.54 3.30 -36.67
N ASN A 1108 60.35 3.53 -37.21
CA ASN A 1108 59.33 2.51 -37.18
C ASN A 1108 59.43 1.50 -38.31
N PHE A 1109 60.46 1.60 -39.13
CA PHE A 1109 60.66 0.60 -40.16
C PHE A 1109 62.12 0.57 -40.49
N TYR A 1110 62.65 -0.59 -40.82
CA TYR A 1110 64.10 -0.70 -40.94
C TYR A 1110 64.49 -0.43 -42.37
N GLU A 1111 65.14 0.71 -42.58
CA GLU A 1111 65.58 1.12 -43.92
C GLU A 1111 66.90 1.85 -43.77
N PRO A 1112 67.98 1.13 -43.58
CA PRO A 1112 69.26 1.77 -43.30
C PRO A 1112 69.69 2.66 -44.45
N GLN A 1113 70.55 3.61 -44.13
CA GLN A 1113 71.07 4.57 -45.08
C GLN A 1113 72.44 4.97 -44.60
N ILE A 1114 73.37 5.17 -45.52
CA ILE A 1114 74.68 5.66 -45.09
C ILE A 1114 74.51 7.09 -44.62
N ILE A 1115 75.35 7.50 -43.69
CA ILE A 1115 75.13 8.73 -42.95
C ILE A 1115 75.85 9.86 -43.65
N THR A 1116 75.09 10.77 -44.22
CA THR A 1116 75.67 11.98 -44.77
C THR A 1116 75.02 13.16 -44.08
N THR A 1117 75.47 14.36 -44.42
CA THR A 1117 75.09 15.52 -43.64
C THR A 1117 73.60 15.80 -43.72
N ASP A 1118 72.96 15.41 -44.82
CA ASP A 1118 71.53 15.60 -44.91
C ASP A 1118 70.78 14.80 -43.86
N ASN A 1119 71.40 13.76 -43.32
CA ASN A 1119 70.75 12.98 -42.29
C ASN A 1119 70.95 13.58 -40.91
N THR A 1120 71.96 14.42 -40.74
CA THR A 1120 72.44 14.82 -39.44
C THR A 1120 72.42 16.32 -39.32
N PHE A 1121 72.47 16.80 -38.09
CA PHE A 1121 72.72 18.20 -37.89
C PHE A 1121 73.67 18.37 -36.73
N VAL A 1122 74.72 19.14 -36.95
CA VAL A 1122 75.75 19.27 -35.94
C VAL A 1122 75.21 20.02 -34.75
N SER A 1123 75.65 19.63 -33.57
CA SER A 1123 75.45 20.47 -32.40
C SER A 1123 76.69 20.45 -31.53
N GLY A 1124 77.34 21.60 -31.40
CA GLY A 1124 78.43 21.73 -30.45
C GLY A 1124 79.53 20.73 -30.68
N ASN A 1125 80.25 20.40 -29.61
CA ASN A 1125 81.35 19.45 -29.69
C ASN A 1125 81.09 18.29 -28.75
N CYS A 1126 82.00 17.31 -28.80
CA CYS A 1126 81.73 15.97 -28.28
C CYS A 1126 81.33 15.94 -26.81
N ASP A 1127 82.30 16.21 -25.94
CA ASP A 1127 82.36 15.58 -24.63
C ASP A 1127 81.04 15.49 -23.89
N VAL A 1128 80.22 16.54 -24.01
CA VAL A 1128 79.02 16.59 -23.19
C VAL A 1128 78.07 15.48 -23.57
N VAL A 1129 78.04 15.13 -24.86
CA VAL A 1129 77.25 13.98 -25.27
C VAL A 1129 77.73 12.77 -24.50
N ILE A 1130 76.82 11.85 -24.20
CA ILE A 1130 77.14 10.69 -23.41
C ILE A 1130 76.78 9.46 -24.23
N GLY A 1131 77.78 8.69 -24.62
CA GLY A 1131 77.58 7.57 -25.50
C GLY A 1131 77.96 7.79 -26.93
N ILE A 1132 78.61 8.90 -27.25
CA ILE A 1132 78.93 9.19 -28.62
C ILE A 1132 79.94 8.19 -29.14
N VAL A 1133 80.00 8.04 -30.47
CA VAL A 1133 80.90 7.06 -31.07
C VAL A 1133 81.53 7.61 -32.34
N ASN A 1134 82.77 7.21 -32.58
CA ASN A 1134 83.47 7.68 -33.77
C ASN A 1134 82.86 7.09 -35.03
N ASN A 1135 83.18 7.74 -36.14
CA ASN A 1135 82.71 7.34 -37.45
C ASN A 1135 83.19 8.39 -38.45
N THR A 1136 83.04 8.07 -39.72
CA THR A 1136 83.21 9.02 -40.80
C THR A 1136 81.82 9.40 -41.26
N VAL A 1137 81.41 10.63 -41.02
CA VAL A 1137 80.10 11.06 -41.49
C VAL A 1137 80.32 11.57 -42.90
N TYR A 1138 79.77 10.85 -43.86
CA TYR A 1138 80.14 11.07 -45.23
C TYR A 1138 79.71 12.45 -45.65
N ASP A 1139 80.37 12.95 -46.68
CA ASP A 1139 80.16 14.33 -47.13
C ASP A 1139 79.59 14.31 -48.54
N PRO A 1140 78.34 14.70 -48.74
CA PRO A 1140 77.76 14.59 -50.08
C PRO A 1140 78.52 15.43 -51.08
N LEU A 1141 78.84 16.66 -50.68
CA LEU A 1141 79.57 17.55 -51.56
C LEU A 1141 80.81 16.89 -52.11
N GLN A 1142 81.74 16.54 -51.22
CA GLN A 1142 83.15 16.34 -51.59
C GLN A 1142 83.40 15.61 -52.91
N PRO A 1143 82.81 14.45 -53.17
CA PRO A 1143 83.07 13.82 -54.48
C PRO A 1143 82.71 14.73 -55.64
N GLU A 1144 81.72 15.60 -55.46
CA GLU A 1144 81.35 16.51 -56.51
C GLU A 1144 82.52 17.41 -56.92
N LEU A 1145 83.58 17.42 -56.12
CA LEU A 1145 84.72 18.28 -56.41
C LEU A 1145 85.82 17.57 -57.18
N ASP A 1146 85.57 16.34 -57.63
CA ASP A 1146 86.61 15.57 -58.31
C ASP A 1146 87.28 16.30 -59.47
N SER A 1147 86.61 17.30 -60.05
CA SER A 1147 87.16 18.09 -61.16
C SER A 1147 88.54 18.68 -60.92
N PRO B 25 -38.71 29.69 -38.57
CA PRO B 25 -37.43 29.23 -39.11
C PRO B 25 -36.27 30.05 -38.61
N PRO B 26 -35.84 29.83 -37.37
CA PRO B 26 -34.77 30.65 -36.81
C PRO B 26 -33.47 30.44 -37.57
N ALA B 27 -32.90 31.53 -38.05
CA ALA B 27 -31.77 31.49 -38.94
C ALA B 27 -30.52 31.86 -38.18
N TYR B 28 -29.51 31.03 -38.26
CA TYR B 28 -28.43 31.15 -37.31
C TYR B 28 -27.51 32.30 -37.67
N THR B 29 -26.46 32.44 -36.89
CA THR B 29 -25.25 33.10 -37.34
C THR B 29 -24.11 32.48 -36.57
N ASN B 30 -22.91 32.99 -36.77
CA ASN B 30 -21.73 32.31 -36.29
C ASN B 30 -21.26 32.98 -35.02
N SER B 31 -21.33 32.24 -33.91
CA SER B 31 -21.09 32.80 -32.59
C SER B 31 -19.76 33.51 -32.47
N PHE B 32 -18.82 33.25 -33.37
CA PHE B 32 -17.53 33.96 -33.35
C PHE B 32 -16.89 33.73 -31.99
N THR B 33 -16.29 34.75 -31.39
CA THR B 33 -15.47 34.58 -30.21
C THR B 33 -16.21 34.85 -28.91
N ARG B 34 -17.49 35.18 -28.97
CA ARG B 34 -18.19 35.72 -27.83
C ARG B 34 -18.29 34.70 -26.70
N GLY B 35 -18.61 35.20 -25.52
CA GLY B 35 -19.03 34.34 -24.43
C GLY B 35 -18.01 33.96 -23.39
N VAL B 36 -16.96 34.75 -23.20
CA VAL B 36 -15.94 34.45 -22.20
C VAL B 36 -16.18 35.30 -20.97
N TYR B 37 -16.21 34.66 -19.80
CA TYR B 37 -16.59 35.34 -18.59
C TYR B 37 -15.64 34.96 -17.47
N TYR B 38 -15.33 35.92 -16.61
CA TYR B 38 -14.38 35.64 -15.56
C TYR B 38 -14.95 34.58 -14.63
N PRO B 39 -14.37 33.38 -14.62
CA PRO B 39 -14.95 32.30 -13.85
C PRO B 39 -14.83 32.49 -12.36
N ASP B 40 -14.00 33.42 -11.91
CA ASP B 40 -13.66 33.52 -10.50
C ASP B 40 -13.28 34.95 -10.15
N LYS B 41 -12.98 35.16 -8.88
CA LYS B 41 -12.70 36.48 -8.36
C LYS B 41 -11.23 36.87 -8.42
N VAL B 42 -10.38 36.04 -9.01
CA VAL B 42 -8.95 36.16 -8.81
C VAL B 42 -8.35 37.01 -9.91
N PHE B 43 -7.87 38.20 -9.54
CA PHE B 43 -7.01 38.94 -10.45
C PHE B 43 -5.76 38.12 -10.72
N ARG B 44 -5.22 38.29 -11.91
CA ARG B 44 -3.94 37.73 -12.26
C ARG B 44 -3.26 38.76 -13.13
N SER B 45 -2.08 38.42 -13.64
CA SER B 45 -1.45 39.37 -14.54
C SER B 45 -0.69 38.62 -15.61
N SER B 46 -0.87 39.07 -16.85
CA SER B 46 -0.01 38.71 -17.98
C SER B 46 0.24 37.21 -18.04
N VAL B 47 -0.70 36.42 -17.56
CA VAL B 47 -0.50 35.00 -17.37
C VAL B 47 -1.53 34.25 -18.19
N LEU B 48 -1.12 33.12 -18.74
CA LEU B 48 -2.03 32.24 -19.43
C LEU B 48 -2.48 31.19 -18.41
N HIS B 49 -3.74 31.23 -18.03
CA HIS B 49 -4.29 30.28 -17.09
C HIS B 49 -5.36 29.45 -17.76
N SER B 50 -5.27 28.15 -17.58
CA SER B 50 -6.14 27.20 -18.26
C SER B 50 -7.22 26.72 -17.32
N THR B 51 -8.45 26.72 -17.80
CA THR B 51 -9.59 26.40 -16.97
C THR B 51 -10.58 25.57 -17.75
N GLN B 52 -11.21 24.64 -17.07
CA GLN B 52 -12.29 23.85 -17.64
C GLN B 52 -13.58 24.31 -16.99
N ASP B 53 -14.39 25.04 -17.75
CA ASP B 53 -15.62 25.60 -17.21
C ASP B 53 -16.59 25.79 -18.36
N LEU B 54 -17.87 25.73 -18.05
CA LEU B 54 -18.90 25.84 -19.05
C LEU B 54 -18.74 27.13 -19.84
N PHE B 55 -18.61 27.01 -21.15
CA PHE B 55 -18.41 28.16 -22.01
C PHE B 55 -19.29 28.02 -23.23
N LEU B 56 -19.22 29.03 -24.09
CA LEU B 56 -19.84 28.93 -25.40
C LEU B 56 -18.76 28.52 -26.38
N PRO B 57 -18.74 27.28 -26.84
CA PRO B 57 -17.71 26.86 -27.79
C PRO B 57 -17.66 27.81 -28.97
N PHE B 58 -16.46 28.15 -29.40
CA PHE B 58 -16.33 29.19 -30.39
C PHE B 58 -16.96 28.78 -31.71
N PHE B 59 -17.39 29.78 -32.46
CA PHE B 59 -17.86 29.60 -33.82
C PHE B 59 -19.03 28.66 -33.92
N SER B 60 -19.76 28.46 -32.84
CA SER B 60 -20.99 27.72 -32.92
C SER B 60 -22.07 28.58 -33.56
N ASN B 61 -23.14 27.93 -33.98
CA ASN B 61 -24.30 28.66 -34.48
C ASN B 61 -25.21 29.07 -33.34
N VAL B 62 -25.70 30.29 -33.40
CA VAL B 62 -26.57 30.83 -32.37
C VAL B 62 -27.96 31.02 -32.95
N THR B 63 -28.94 30.34 -32.34
CA THR B 63 -30.33 30.54 -32.69
C THR B 63 -30.67 32.01 -32.57
N TRP B 64 -31.47 32.53 -33.49
CA TRP B 64 -31.50 33.97 -33.57
C TRP B 64 -32.85 34.51 -33.94
N PHE B 65 -33.24 35.58 -33.27
CA PHE B 65 -34.64 35.97 -33.12
C PHE B 65 -34.83 37.43 -33.48
N HIS B 66 -36.07 37.89 -33.38
CA HIS B 66 -36.45 39.24 -33.77
C HIS B 66 -37.63 39.72 -32.94
N ALA B 67 -38.06 40.93 -33.22
CA ALA B 67 -39.38 41.40 -32.85
C ALA B 67 -40.10 41.76 -34.13
N ILE B 68 -41.04 40.91 -34.54
CA ILE B 68 -41.68 41.02 -35.85
C ILE B 68 -43.00 40.29 -35.80
N HIS B 69 -43.84 40.57 -36.79
CA HIS B 69 -45.27 40.37 -36.77
C HIS B 69 -45.68 38.93 -37.06
N ASP B 80 -41.99 36.39 -31.49
CA ASP B 80 -40.70 35.75 -31.67
C ASP B 80 -40.02 35.44 -30.32
N ASN B 81 -40.75 34.82 -29.40
CA ASN B 81 -40.18 34.44 -28.10
C ASN B 81 -40.81 33.15 -27.60
N PRO B 82 -40.41 32.03 -28.14
CA PRO B 82 -40.91 30.76 -27.61
C PRO B 82 -40.25 30.43 -26.30
N VAL B 83 -40.48 29.24 -25.80
CA VAL B 83 -39.84 28.78 -24.58
C VAL B 83 -38.73 27.81 -24.95
N LEU B 84 -37.52 28.09 -24.46
CA LEU B 84 -36.33 27.39 -24.87
C LEU B 84 -35.76 26.63 -23.68
N PRO B 85 -35.18 25.47 -23.89
CA PRO B 85 -34.66 24.69 -22.76
C PRO B 85 -33.40 25.32 -22.18
N PHE B 86 -33.21 25.09 -20.88
CA PHE B 86 -32.05 25.65 -20.21
C PHE B 86 -30.83 24.82 -20.48
N ASN B 87 -31.00 23.55 -20.84
CA ASN B 87 -29.89 22.66 -21.14
C ASN B 87 -28.91 22.66 -19.98
N ASP B 88 -27.67 23.08 -20.25
CA ASP B 88 -26.68 23.26 -19.19
C ASP B 88 -26.83 24.60 -18.50
N GLY B 89 -27.02 25.64 -19.29
CA GLY B 89 -26.98 27.02 -18.87
C GLY B 89 -26.97 27.75 -20.18
N VAL B 90 -27.28 29.03 -20.22
CA VAL B 90 -27.66 29.62 -21.48
C VAL B 90 -26.97 30.95 -21.66
N TYR B 91 -26.48 31.20 -22.85
CA TYR B 91 -25.98 32.53 -23.20
C TYR B 91 -27.20 33.41 -23.45
N PHE B 92 -26.99 34.60 -23.99
CA PHE B 92 -28.07 35.50 -24.37
C PHE B 92 -27.39 36.75 -24.91
N ALA B 93 -28.16 37.65 -25.48
CA ALA B 93 -27.58 38.87 -26.01
C ALA B 93 -28.73 39.80 -26.38
N SER B 94 -28.38 40.90 -27.04
CA SER B 94 -29.29 41.66 -27.87
C SER B 94 -28.44 42.67 -28.61
N THR B 95 -29.06 43.43 -29.49
CA THR B 95 -28.40 44.58 -30.11
C THR B 95 -29.43 45.68 -30.20
N GLU B 96 -29.11 46.85 -29.69
CA GLU B 96 -30.17 47.79 -29.49
C GLU B 96 -29.79 49.21 -29.87
N LYS B 97 -30.75 49.90 -30.49
CA LYS B 97 -31.10 51.26 -30.13
C LYS B 97 -32.35 51.37 -29.25
N SER B 98 -33.15 50.30 -29.14
CA SER B 98 -34.49 50.42 -28.55
C SER B 98 -34.66 49.86 -27.14
N ASN B 99 -33.67 49.18 -26.58
CA ASN B 99 -33.77 48.69 -25.20
C ASN B 99 -35.05 47.91 -24.92
N ILE B 100 -35.56 47.20 -25.94
CA ILE B 100 -36.88 46.58 -25.83
C ILE B 100 -36.89 45.35 -24.94
N ILE B 101 -35.80 44.62 -24.78
CA ILE B 101 -35.93 43.28 -24.21
C ILE B 101 -35.86 43.46 -22.71
N ARG B 102 -37.02 43.41 -22.08
CA ARG B 102 -37.15 43.89 -20.73
C ARG B 102 -37.31 42.82 -19.69
N GLY B 103 -37.13 41.56 -20.03
CA GLY B 103 -37.31 40.63 -18.94
C GLY B 103 -36.82 39.26 -19.26
N TRP B 104 -37.02 38.38 -18.30
CA TRP B 104 -36.73 36.97 -18.45
C TRP B 104 -37.72 36.22 -17.57
N ILE B 105 -38.26 35.12 -18.08
CA ILE B 105 -39.05 34.23 -17.25
C ILE B 105 -38.38 32.88 -17.28
N PHE B 106 -37.77 32.48 -16.19
CA PHE B 106 -37.10 31.21 -16.15
C PHE B 106 -38.02 30.22 -15.47
N GLY B 107 -38.06 29.00 -15.95
CA GLY B 107 -38.90 28.02 -15.32
C GLY B 107 -38.42 26.61 -15.53
N THR B 108 -38.76 25.76 -14.58
CA THR B 108 -38.67 24.33 -14.81
C THR B 108 -39.90 23.75 -15.48
N THR B 109 -41.08 24.22 -15.07
CA THR B 109 -42.33 23.50 -15.30
C THR B 109 -43.39 24.40 -15.92
N LEU B 110 -43.69 25.50 -15.23
CA LEU B 110 -44.74 26.46 -15.60
C LEU B 110 -46.15 25.89 -15.35
N ASP B 111 -46.28 25.14 -14.24
CA ASP B 111 -47.54 24.84 -13.58
C ASP B 111 -47.82 25.74 -12.38
N SER B 112 -46.94 26.71 -12.09
CA SER B 112 -47.00 27.75 -11.07
C SER B 112 -46.37 27.37 -9.74
N LYS B 113 -46.05 26.11 -9.50
CA LYS B 113 -45.56 25.70 -8.21
C LYS B 113 -44.04 25.65 -8.13
N THR B 114 -43.32 25.89 -9.23
CA THR B 114 -41.87 26.07 -9.16
C THR B 114 -41.56 27.55 -9.14
N GLN B 115 -40.29 27.89 -8.96
CA GLN B 115 -39.89 29.28 -8.88
C GLN B 115 -39.47 29.80 -10.24
N SER B 116 -39.99 30.96 -10.58
CA SER B 116 -39.56 31.70 -11.75
C SER B 116 -38.76 32.90 -11.29
N LEU B 117 -37.46 32.83 -11.48
CA LEU B 117 -36.70 34.06 -11.51
C LEU B 117 -37.35 34.96 -12.54
N LEU B 118 -37.58 36.19 -12.16
CA LEU B 118 -38.00 37.17 -13.12
C LEU B 118 -36.88 38.18 -13.27
N ILE B 119 -37.09 39.11 -14.16
CA ILE B 119 -36.46 40.43 -14.08
C ILE B 119 -37.48 41.35 -14.70
N VAL B 120 -37.53 42.57 -14.21
CA VAL B 120 -38.24 43.61 -14.93
C VAL B 120 -37.38 44.84 -14.85
N ASN B 121 -36.92 45.32 -15.98
CA ASN B 121 -36.31 46.63 -16.04
C ASN B 121 -37.33 47.59 -16.63
N ASN B 122 -37.88 48.45 -15.79
CA ASN B 122 -38.78 49.51 -16.20
C ASN B 122 -38.30 50.78 -15.52
N ALA B 123 -37.85 51.75 -16.30
CA ALA B 123 -37.32 52.99 -15.75
C ALA B 123 -36.33 52.71 -14.62
N THR B 124 -35.18 52.18 -15.02
CA THR B 124 -33.94 52.19 -14.24
C THR B 124 -34.04 51.46 -12.90
N ASN B 125 -35.20 50.94 -12.56
CA ASN B 125 -35.38 50.25 -11.29
C ASN B 125 -35.63 48.78 -11.58
N VAL B 126 -34.64 47.95 -11.29
CA VAL B 126 -34.62 46.56 -11.74
C VAL B 126 -35.25 45.72 -10.65
N VAL B 127 -36.44 45.23 -10.88
CA VAL B 127 -37.14 44.51 -9.83
C VAL B 127 -37.07 43.03 -10.14
N ILE B 128 -36.27 42.33 -9.41
CA ILE B 128 -36.16 40.89 -9.56
C ILE B 128 -37.16 40.22 -8.65
N LYS B 129 -37.79 39.16 -9.12
CA LYS B 129 -38.71 38.41 -8.28
C LYS B 129 -38.57 36.94 -8.58
N VAL B 130 -38.36 36.13 -7.53
CA VAL B 130 -38.23 34.68 -7.69
C VAL B 130 -39.53 33.97 -7.37
N CYS B 131 -40.61 34.71 -7.15
CA CYS B 131 -41.86 34.11 -6.71
C CYS B 131 -42.23 32.95 -7.61
N GLU B 132 -42.70 31.86 -7.00
CA GLU B 132 -43.35 30.82 -7.77
C GLU B 132 -44.69 31.32 -8.31
N PHE B 133 -44.99 31.03 -9.58
CA PHE B 133 -46.34 31.31 -10.08
C PHE B 133 -46.63 30.89 -11.52
N GLN B 134 -47.88 31.09 -11.94
CA GLN B 134 -48.38 30.74 -13.26
C GLN B 134 -48.42 31.99 -14.12
N PHE B 135 -48.25 31.78 -15.41
CA PHE B 135 -47.79 32.82 -16.32
C PHE B 135 -48.86 33.15 -17.34
N CYS B 136 -48.78 34.37 -17.87
CA CYS B 136 -49.56 34.66 -19.07
C CYS B 136 -49.07 33.74 -20.18
N ASN B 137 -49.92 33.51 -21.18
CA ASN B 137 -49.48 32.65 -22.28
C ASN B 137 -48.20 33.20 -22.86
N ASP B 138 -48.31 34.34 -23.53
CA ASP B 138 -47.17 35.02 -24.13
C ASP B 138 -47.01 36.35 -23.43
N PRO B 139 -46.40 36.36 -22.25
CA PRO B 139 -46.31 37.60 -21.48
C PRO B 139 -45.51 38.66 -22.19
N PHE B 140 -45.34 39.80 -21.52
CA PHE B 140 -44.73 40.96 -22.12
C PHE B 140 -44.73 42.14 -21.16
N LEU B 141 -44.16 43.24 -21.61
CA LEU B 141 -44.24 44.50 -20.88
C LEU B 141 -45.09 45.47 -21.69
N GLY B 142 -46.00 46.15 -21.00
CA GLY B 142 -47.01 46.92 -21.70
C GLY B 142 -46.43 48.15 -22.38
N VAL B 143 -46.76 48.33 -23.64
CA VAL B 143 -46.64 49.59 -24.34
C VAL B 143 -47.92 49.81 -25.14
N TYR B 144 -48.70 50.82 -24.73
CA TYR B 144 -49.61 51.45 -25.66
C TYR B 144 -48.76 52.10 -26.73
N TYR B 145 -49.03 51.79 -27.99
CA TYR B 145 -48.17 52.32 -29.02
C TYR B 145 -48.16 53.85 -28.98
N HIS B 146 -46.96 54.42 -28.85
CA HIS B 146 -46.79 55.86 -28.88
C HIS B 146 -47.61 56.60 -27.83
N LYS B 147 -47.16 56.57 -26.59
CA LYS B 147 -47.79 57.34 -25.54
C LYS B 147 -47.52 58.82 -25.69
N ASN B 148 -48.03 59.62 -24.75
CA ASN B 148 -47.36 60.88 -24.41
C ASN B 148 -46.27 60.64 -23.37
N ASN B 149 -46.58 59.79 -22.37
CA ASN B 149 -45.63 59.30 -21.38
C ASN B 149 -45.26 57.89 -21.79
N LYS B 150 -44.04 57.71 -22.30
CA LYS B 150 -43.81 56.69 -23.31
C LYS B 150 -44.41 55.36 -22.91
N SER B 151 -45.06 54.72 -23.88
CA SER B 151 -45.72 53.44 -23.77
C SER B 151 -47.07 53.54 -23.09
N TRP B 152 -47.28 54.60 -22.32
CA TRP B 152 -48.23 54.48 -21.24
C TRP B 152 -47.92 53.13 -20.63
N MET B 153 -48.97 52.33 -20.36
CA MET B 153 -48.94 50.88 -20.20
C MET B 153 -47.70 50.42 -19.46
N GLU B 154 -47.14 51.32 -18.65
CA GLU B 154 -46.09 50.91 -17.75
C GLU B 154 -46.69 50.13 -16.61
N SER B 155 -48.00 50.29 -16.42
CA SER B 155 -48.79 49.56 -15.45
C SER B 155 -49.44 48.31 -16.05
N GLU B 156 -49.14 47.97 -17.31
CA GLU B 156 -49.68 46.76 -17.90
C GLU B 156 -49.33 45.57 -17.04
N PHE B 157 -48.07 45.19 -17.05
CA PHE B 157 -47.57 44.17 -16.14
C PHE B 157 -48.46 42.94 -16.11
N ARG B 158 -48.68 42.36 -17.29
CA ARG B 158 -49.11 40.97 -17.30
C ARG B 158 -47.85 40.21 -17.65
N VAL B 159 -47.28 39.56 -16.65
CA VAL B 159 -46.28 38.53 -16.79
C VAL B 159 -46.84 37.15 -16.44
N TYR B 160 -48.09 37.06 -16.03
CA TYR B 160 -48.34 36.06 -14.99
C TYR B 160 -49.81 35.96 -14.70
N SER B 161 -50.17 34.83 -14.09
CA SER B 161 -51.48 34.67 -13.48
C SER B 161 -51.52 35.34 -12.11
N SER B 162 -50.45 35.17 -11.35
CA SER B 162 -50.36 35.63 -9.99
C SER B 162 -48.92 35.50 -9.57
N ALA B 163 -48.67 35.65 -8.27
CA ALA B 163 -47.61 34.96 -7.57
C ALA B 163 -48.22 33.84 -6.73
N ASN B 164 -47.37 33.06 -6.06
CA ASN B 164 -47.81 32.13 -5.02
C ASN B 164 -47.01 32.30 -3.74
N ASN B 165 -45.75 31.87 -3.77
CA ASN B 165 -44.79 32.14 -2.71
C ASN B 165 -43.61 32.89 -3.30
N CYS B 166 -43.15 33.93 -2.59
CA CYS B 166 -42.03 34.74 -3.03
C CYS B 166 -40.86 34.48 -2.11
N THR B 167 -39.85 33.79 -2.61
CA THR B 167 -38.69 33.47 -1.79
C THR B 167 -37.54 34.46 -1.98
N PHE B 168 -37.74 35.53 -2.74
CA PHE B 168 -36.76 36.60 -2.83
C PHE B 168 -37.45 37.81 -3.43
N GLU B 169 -36.74 38.92 -3.42
CA GLU B 169 -37.15 40.17 -4.04
C GLU B 169 -35.89 41.00 -4.16
N TYR B 170 -35.92 42.00 -5.02
CA TYR B 170 -34.84 42.95 -5.07
C TYR B 170 -35.37 44.18 -5.77
N VAL B 171 -34.70 45.31 -5.56
CA VAL B 171 -34.85 46.47 -6.44
C VAL B 171 -33.50 47.13 -6.51
N SER B 172 -33.29 47.94 -7.54
CA SER B 172 -32.18 48.87 -7.58
C SER B 172 -32.74 50.29 -7.56
N PHE B 186 -28.21 49.70 -34.68
CA PHE B 186 -28.46 49.59 -33.25
C PHE B 186 -27.17 49.86 -32.53
N LYS B 187 -27.23 50.71 -31.49
CA LYS B 187 -26.05 51.11 -30.75
C LYS B 187 -25.67 50.15 -29.62
N ASN B 188 -26.62 49.71 -28.82
CA ASN B 188 -26.26 48.86 -27.70
C ASN B 188 -25.68 47.55 -28.16
N LEU B 189 -24.90 46.94 -27.28
CA LEU B 189 -24.81 45.49 -27.22
C LEU B 189 -24.89 45.15 -25.74
N ARG B 190 -25.97 44.52 -25.31
CA ARG B 190 -25.98 43.89 -24.01
C ARG B 190 -25.59 42.46 -24.25
N GLU B 191 -24.83 41.87 -23.34
CA GLU B 191 -24.55 40.44 -23.42
C GLU B 191 -24.67 39.87 -22.03
N PHE B 192 -25.60 38.97 -21.82
CA PHE B 192 -25.84 38.50 -20.48
C PHE B 192 -25.67 36.99 -20.47
N VAL B 193 -24.59 36.53 -19.91
CA VAL B 193 -24.43 35.10 -19.72
C VAL B 193 -25.16 34.69 -18.46
N PHE B 194 -25.85 33.58 -18.51
CA PHE B 194 -26.50 33.11 -17.31
C PHE B 194 -25.90 31.77 -16.94
N LYS B 195 -26.29 31.27 -15.77
CA LYS B 195 -26.25 29.85 -15.41
C LYS B 195 -26.62 29.61 -13.95
N ASN B 196 -27.03 28.38 -13.64
CA ASN B 196 -27.33 27.95 -12.27
C ASN B 196 -26.40 26.81 -11.92
N ILE B 197 -25.54 27.05 -10.95
CA ILE B 197 -24.62 26.05 -10.45
C ILE B 197 -25.02 25.70 -9.02
N ASP B 198 -25.61 24.52 -8.86
CA ASP B 198 -25.94 23.95 -7.56
C ASP B 198 -26.65 24.94 -6.65
N GLY B 199 -27.72 25.53 -7.16
CA GLY B 199 -28.48 26.47 -6.39
C GLY B 199 -28.00 27.89 -6.47
N TYR B 200 -26.77 28.14 -6.90
CA TYR B 200 -26.42 29.51 -7.17
C TYR B 200 -27.04 29.93 -8.50
N PHE B 201 -26.78 31.18 -8.85
CA PHE B 201 -27.16 31.73 -10.15
C PHE B 201 -26.15 32.80 -10.48
N LYS B 202 -25.85 32.96 -11.75
CA LYS B 202 -24.86 33.93 -12.15
C LYS B 202 -25.39 34.77 -13.29
N ILE B 203 -24.88 35.99 -13.39
CA ILE B 203 -25.13 36.83 -14.55
C ILE B 203 -23.91 37.66 -14.80
N TYR B 204 -23.52 37.74 -16.05
CA TYR B 204 -22.37 38.49 -16.48
C TYR B 204 -22.86 39.57 -17.42
N SER B 205 -21.98 40.43 -17.88
CA SER B 205 -22.56 41.53 -18.63
C SER B 205 -21.54 42.22 -19.50
N LYS B 206 -22.06 42.92 -20.49
CA LYS B 206 -21.44 44.06 -21.13
C LYS B 206 -22.58 44.98 -21.47
N HIS B 207 -22.44 46.25 -21.24
CA HIS B 207 -23.32 47.20 -21.90
C HIS B 207 -22.36 47.93 -22.81
N THR B 208 -22.39 47.60 -24.10
CA THR B 208 -21.27 47.97 -24.96
C THR B 208 -21.73 48.36 -26.36
N PRO B 209 -21.09 49.35 -26.96
CA PRO B 209 -21.60 49.94 -28.20
C PRO B 209 -21.26 49.16 -29.45
N ILE B 210 -22.15 49.29 -30.45
CA ILE B 210 -21.95 48.68 -31.76
C ILE B 210 -22.63 49.54 -32.82
N ASN B 211 -22.13 49.45 -34.06
CA ASN B 211 -22.93 49.75 -35.24
C ASN B 211 -22.90 48.54 -36.17
N LEU B 212 -23.99 47.77 -36.18
CA LEU B 212 -24.33 46.88 -37.28
C LEU B 212 -25.81 46.60 -37.16
N VAL B 213 -26.48 46.44 -38.29
CA VAL B 213 -27.91 46.15 -38.25
C VAL B 213 -28.16 44.69 -37.96
N ARG B 214 -27.52 43.81 -38.73
CA ARG B 214 -27.99 42.43 -38.88
C ARG B 214 -27.47 41.47 -37.83
N ASP B 215 -26.21 41.59 -37.41
CA ASP B 215 -25.57 40.47 -36.74
C ASP B 215 -24.49 40.95 -35.79
N LEU B 216 -23.89 39.99 -35.08
CA LEU B 216 -22.89 40.27 -34.06
C LEU B 216 -21.70 40.98 -34.67
N PRO B 217 -21.20 42.02 -34.03
CA PRO B 217 -19.83 42.42 -34.30
C PRO B 217 -18.96 41.24 -33.93
N GLN B 218 -18.13 40.81 -34.85
CA GLN B 218 -17.24 39.73 -34.46
C GLN B 218 -16.11 40.33 -33.67
N GLY B 219 -16.02 39.95 -32.42
CA GLY B 219 -15.01 40.51 -31.55
C GLY B 219 -15.14 39.92 -30.18
N PHE B 220 -14.05 40.02 -29.44
CA PHE B 220 -13.95 39.38 -28.14
C PHE B 220 -14.28 40.36 -27.04
N SER B 221 -15.03 39.89 -26.06
CA SER B 221 -15.18 40.62 -24.81
C SER B 221 -15.28 39.64 -23.67
N ALA B 222 -14.55 39.92 -22.61
CA ALA B 222 -14.79 39.20 -21.38
C ALA B 222 -16.10 39.65 -20.78
N LEU B 223 -16.62 38.86 -19.84
CA LEU B 223 -17.88 39.17 -19.19
C LEU B 223 -17.82 38.98 -17.68
N GLU B 224 -17.55 40.07 -16.96
CA GLU B 224 -17.46 40.01 -15.51
C GLU B 224 -18.85 39.94 -14.90
N PRO B 225 -18.98 39.24 -13.79
CA PRO B 225 -20.27 39.10 -13.13
C PRO B 225 -20.76 40.42 -12.59
N LEU B 226 -22.06 40.62 -12.68
CA LEU B 226 -22.77 41.62 -11.89
C LEU B 226 -23.41 40.98 -10.66
N VAL B 227 -24.32 40.06 -10.89
CA VAL B 227 -25.11 39.47 -9.83
C VAL B 227 -24.56 38.08 -9.52
N ASP B 228 -24.63 37.70 -8.25
CA ASP B 228 -24.42 36.32 -7.85
C ASP B 228 -25.50 35.95 -6.86
N LEU B 229 -26.33 34.96 -7.20
CA LEU B 229 -27.40 34.57 -6.29
C LEU B 229 -27.44 33.09 -5.90
N PRO B 230 -26.95 32.78 -4.63
CA PRO B 230 -27.04 31.35 -4.28
C PRO B 230 -28.46 31.10 -3.81
N ILE B 231 -29.37 31.00 -4.76
CA ILE B 231 -30.79 30.81 -4.49
C ILE B 231 -31.09 29.38 -4.07
N GLY B 232 -30.89 28.40 -4.95
CA GLY B 232 -31.39 27.06 -4.73
C GLY B 232 -32.55 26.64 -5.62
N ILE B 233 -32.98 27.51 -6.52
CA ILE B 233 -33.98 27.15 -7.52
C ILE B 233 -33.31 26.36 -8.64
N ASN B 234 -34.11 25.61 -9.40
CA ASN B 234 -33.64 25.03 -10.64
C ASN B 234 -34.42 25.63 -11.80
N ILE B 235 -33.88 25.48 -13.01
CA ILE B 235 -34.52 25.93 -14.23
C ILE B 235 -34.30 24.88 -15.30
N THR B 236 -35.38 24.43 -15.96
CA THR B 236 -35.23 23.66 -17.19
C THR B 236 -35.59 24.40 -18.47
N ARG B 237 -36.16 25.59 -18.38
CA ARG B 237 -36.72 26.22 -19.57
C ARG B 237 -36.82 27.70 -19.30
N PHE B 238 -37.00 28.48 -20.36
CA PHE B 238 -37.28 29.87 -20.09
C PHE B 238 -37.77 30.58 -21.32
N GLN B 239 -38.17 31.83 -21.12
CA GLN B 239 -38.63 32.68 -22.18
C GLN B 239 -38.34 34.11 -21.81
N THR B 240 -37.94 34.90 -22.78
CA THR B 240 -37.73 36.31 -22.55
C THR B 240 -39.07 37.03 -22.48
N LEU B 241 -39.02 38.35 -22.40
CA LEU B 241 -40.19 39.20 -22.33
C LEU B 241 -39.97 40.36 -23.25
N LEU B 242 -41.01 41.12 -23.52
CA LEU B 242 -40.85 42.22 -24.47
C LEU B 242 -41.85 43.33 -24.16
N ALA B 243 -41.58 44.49 -24.73
CA ALA B 243 -42.46 45.65 -24.62
C ALA B 243 -43.24 45.80 -25.92
N LEU B 244 -44.54 45.57 -25.85
CA LEU B 244 -45.30 45.34 -27.06
C LEU B 244 -45.58 46.62 -27.83
N HIS B 245 -46.44 46.46 -28.83
CA HIS B 245 -47.15 47.51 -29.54
C HIS B 245 -48.43 46.90 -30.14
N ALA B 263 -36.17 44.53 -32.85
CA ALA B 263 -34.98 44.50 -32.00
C ALA B 263 -34.43 43.10 -31.88
N ALA B 264 -33.11 42.95 -31.99
CA ALA B 264 -32.52 41.63 -32.18
C ALA B 264 -32.60 40.82 -30.88
N TYR B 265 -32.07 39.60 -30.95
CA TYR B 265 -31.33 38.99 -29.86
C TYR B 265 -31.02 37.54 -30.15
N TYR B 266 -30.10 36.95 -29.42
CA TYR B 266 -29.48 35.70 -29.81
C TYR B 266 -29.58 34.72 -28.65
N VAL B 267 -29.14 33.50 -28.88
CA VAL B 267 -29.00 32.51 -27.82
C VAL B 267 -27.89 31.54 -28.20
N GLY B 268 -27.06 31.15 -27.24
CA GLY B 268 -26.21 30.01 -27.35
C GLY B 268 -26.60 28.91 -26.39
N TYR B 269 -25.69 27.97 -26.19
CA TYR B 269 -25.77 27.07 -25.06
C TYR B 269 -24.37 26.74 -24.59
N LEU B 270 -24.20 26.66 -23.29
CA LEU B 270 -22.90 26.46 -22.71
C LEU B 270 -22.53 24.99 -22.73
N GLN B 271 -21.22 24.72 -22.74
CA GLN B 271 -20.72 23.36 -22.64
C GLN B 271 -19.47 23.38 -21.77
N PRO B 272 -19.14 22.34 -21.22
CA PRO B 272 -17.92 22.26 -20.40
C PRO B 272 -16.65 22.16 -21.23
N ARG B 273 -16.39 23.18 -22.03
CA ARG B 273 -15.12 23.28 -22.70
C ARG B 273 -14.03 23.75 -21.75
N THR B 274 -12.78 23.50 -22.15
CA THR B 274 -11.61 24.04 -21.49
C THR B 274 -10.96 25.05 -22.41
N PHE B 275 -10.76 26.27 -21.93
CA PHE B 275 -10.08 27.28 -22.72
C PHE B 275 -8.80 27.70 -22.05
N LEU B 276 -7.92 28.29 -22.84
CA LEU B 276 -6.71 28.90 -22.33
C LEU B 276 -6.95 30.41 -22.25
N LEU B 277 -7.08 30.92 -21.05
CA LEU B 277 -7.40 32.31 -20.83
C LEU B 277 -6.14 33.13 -20.75
N LYS B 278 -6.11 34.25 -21.45
CA LYS B 278 -5.00 35.18 -21.34
C LYS B 278 -5.42 36.39 -20.54
N TYR B 279 -4.96 36.49 -19.32
CA TYR B 279 -5.19 37.68 -18.52
C TYR B 279 -4.27 38.77 -19.04
N ASN B 280 -4.18 39.87 -18.32
CA ASN B 280 -3.30 40.94 -18.75
C ASN B 280 -2.83 41.71 -17.51
N GLU B 281 -2.17 42.83 -17.78
CA GLU B 281 -1.60 43.66 -16.73
C GLU B 281 -2.63 44.02 -15.69
N ASN B 282 -3.83 44.33 -16.13
CA ASN B 282 -4.88 44.84 -15.29
C ASN B 282 -5.84 43.77 -14.83
N GLY B 283 -5.65 42.54 -15.28
CA GLY B 283 -6.58 41.48 -14.97
C GLY B 283 -7.71 41.31 -15.96
N THR B 284 -7.67 42.02 -17.07
CA THR B 284 -8.68 41.94 -18.11
C THR B 284 -8.36 40.79 -19.05
N ILE B 285 -9.24 39.80 -19.14
CA ILE B 285 -8.95 38.76 -20.11
C ILE B 285 -9.03 39.40 -21.47
N THR B 286 -7.93 39.50 -22.17
CA THR B 286 -8.00 40.06 -23.51
C THR B 286 -7.98 39.00 -24.58
N ASP B 287 -7.77 37.74 -24.23
CA ASP B 287 -7.88 36.73 -25.26
C ASP B 287 -8.07 35.38 -24.61
N ALA B 288 -8.62 34.46 -25.39
CA ALA B 288 -8.75 33.08 -24.97
C ALA B 288 -8.64 32.22 -26.19
N VAL B 289 -8.28 30.96 -25.98
CA VAL B 289 -8.18 29.98 -27.03
C VAL B 289 -8.97 28.76 -26.63
N ASP B 290 -9.72 28.21 -27.56
CA ASP B 290 -10.47 27.01 -27.29
C ASP B 290 -9.55 25.82 -27.40
N CYS B 291 -9.72 24.83 -26.54
CA CYS B 291 -8.89 23.64 -26.68
C CYS B 291 -9.44 22.71 -27.73
N ALA B 292 -10.76 22.55 -27.77
CA ALA B 292 -11.37 21.53 -28.61
C ALA B 292 -11.74 22.03 -29.99
N LEU B 293 -11.54 23.32 -30.28
CA LEU B 293 -12.03 23.85 -31.55
C LEU B 293 -11.48 23.07 -32.74
N ASP B 294 -10.24 22.65 -32.66
CA ASP B 294 -9.56 22.06 -33.81
C ASP B 294 -8.16 21.63 -33.39
N PRO B 295 -7.37 20.99 -34.26
CA PRO B 295 -6.06 20.54 -33.80
C PRO B 295 -5.16 21.68 -33.35
N LEU B 296 -4.98 22.70 -34.18
CA LEU B 296 -4.04 23.76 -33.83
C LEU B 296 -4.30 24.30 -32.45
N SER B 297 -5.56 24.42 -32.08
CA SER B 297 -5.91 24.95 -30.79
C SER B 297 -5.87 23.91 -29.71
N GLU B 298 -5.49 22.68 -30.02
CA GLU B 298 -5.13 21.76 -28.96
C GLU B 298 -3.69 21.98 -28.53
N THR B 299 -2.83 22.24 -29.51
CA THR B 299 -1.45 22.60 -29.23
C THR B 299 -1.38 23.66 -28.15
N LYS B 300 -1.89 24.85 -28.45
CA LYS B 300 -1.84 25.96 -27.52
C LYS B 300 -2.33 25.57 -26.14
N CYS B 301 -3.20 24.58 -26.04
CA CYS B 301 -3.59 24.10 -24.73
C CYS B 301 -2.61 23.13 -24.13
N THR B 302 -1.74 22.53 -24.94
CA THR B 302 -0.64 21.77 -24.37
C THR B 302 0.51 22.67 -23.97
N LEU B 303 0.83 23.65 -24.80
CA LEU B 303 2.02 24.44 -24.58
C LEU B 303 1.77 25.66 -23.70
N LYS B 304 0.52 25.95 -23.38
CA LYS B 304 0.19 27.16 -22.64
C LYS B 304 0.77 28.38 -23.33
N SER B 305 0.53 28.48 -24.63
CA SER B 305 1.06 29.59 -25.40
C SER B 305 0.14 29.90 -26.56
N PHE B 306 -0.02 31.18 -26.88
CA PHE B 306 -0.71 31.50 -28.12
C PHE B 306 0.25 31.46 -29.29
N THR B 307 1.47 31.92 -29.08
CA THR B 307 2.48 31.74 -30.09
C THR B 307 2.96 30.31 -30.03
N VAL B 308 3.01 29.65 -31.17
CA VAL B 308 3.53 28.31 -31.27
C VAL B 308 4.47 28.23 -32.46
N GLU B 309 5.71 27.89 -32.18
CA GLU B 309 6.74 27.84 -33.17
C GLU B 309 6.66 26.54 -33.95
N LYS B 310 7.55 26.39 -34.90
CA LYS B 310 7.45 25.36 -35.90
C LYS B 310 7.60 23.98 -35.27
N GLY B 311 7.11 22.97 -35.97
CA GLY B 311 7.61 21.66 -35.64
C GLY B 311 6.61 20.80 -34.88
N ILE B 312 6.74 19.50 -35.07
CA ILE B 312 5.72 18.55 -34.64
C ILE B 312 5.64 18.50 -33.13
N TYR B 313 4.42 18.58 -32.61
CA TYR B 313 4.14 18.40 -31.21
C TYR B 313 3.19 17.24 -31.08
N GLN B 314 3.31 16.48 -30.01
CA GLN B 314 2.22 15.58 -29.67
C GLN B 314 1.18 16.35 -28.90
N THR B 315 -0.08 15.97 -29.08
CA THR B 315 -1.13 16.60 -28.32
C THR B 315 -1.87 15.55 -27.51
N SER B 316 -2.73 14.78 -28.17
CA SER B 316 -3.52 13.81 -27.45
C SER B 316 -3.44 12.43 -28.06
N ASN B 317 -4.24 11.50 -27.54
CA ASN B 317 -4.20 10.12 -27.98
C ASN B 317 -5.59 9.67 -28.35
N PHE B 318 -5.80 9.42 -29.63
CA PHE B 318 -7.09 8.95 -30.10
C PHE B 318 -7.15 7.45 -29.84
N ARG B 319 -8.13 7.01 -29.08
CA ARG B 319 -8.25 5.61 -28.74
C ARG B 319 -9.58 5.12 -29.28
N VAL B 320 -9.52 4.28 -30.31
CA VAL B 320 -10.74 3.87 -30.98
C VAL B 320 -11.69 3.28 -29.95
N GLN B 321 -12.79 3.76 -29.91
CA GLN B 321 -13.64 3.24 -28.86
C GLN B 321 -14.42 2.04 -29.37
N PRO B 322 -14.70 1.08 -28.48
CA PRO B 322 -15.29 -0.18 -28.93
C PRO B 322 -16.64 0.05 -29.55
N THR B 323 -17.27 -1.00 -30.03
CA THR B 323 -18.64 -0.81 -30.47
C THR B 323 -19.59 -1.33 -29.40
N GLU B 324 -19.76 -2.66 -29.27
CA GLU B 324 -20.75 -3.08 -28.29
C GLU B 324 -20.25 -4.05 -27.22
N SER B 325 -20.26 -5.35 -27.52
CA SER B 325 -19.98 -6.42 -26.58
C SER B 325 -20.25 -7.77 -27.23
N ILE B 326 -19.64 -8.82 -26.69
CA ILE B 326 -19.88 -10.17 -27.15
C ILE B 326 -19.85 -11.05 -25.92
N VAL B 327 -20.89 -11.85 -25.72
CA VAL B 327 -20.89 -12.87 -24.69
C VAL B 327 -21.11 -14.20 -25.39
N ARG B 328 -20.23 -15.16 -25.12
CA ARG B 328 -20.26 -16.42 -25.84
C ARG B 328 -19.99 -17.58 -24.91
N PHE B 329 -20.95 -18.48 -24.77
CA PHE B 329 -20.92 -19.58 -23.82
C PHE B 329 -21.45 -20.83 -24.48
N PRO B 330 -21.08 -22.01 -23.99
CA PRO B 330 -21.41 -23.26 -24.69
C PRO B 330 -22.90 -23.47 -24.77
N ASN B 331 -23.35 -24.44 -25.58
CA ASN B 331 -24.79 -24.59 -25.67
C ASN B 331 -25.19 -25.39 -24.45
N ILE B 332 -25.60 -24.72 -23.38
CA ILE B 332 -26.59 -25.19 -22.40
C ILE B 332 -26.29 -26.57 -21.80
N THR B 333 -25.55 -27.41 -22.54
CA THR B 333 -24.81 -28.54 -22.01
C THR B 333 -25.68 -29.56 -21.28
N ASN B 334 -26.89 -29.19 -20.90
CA ASN B 334 -27.58 -29.92 -19.87
C ASN B 334 -28.89 -29.24 -19.55
N LEU B 335 -29.82 -30.00 -18.97
CA LEU B 335 -31.03 -29.41 -18.43
C LEU B 335 -31.34 -30.10 -17.11
N CYS B 336 -31.35 -29.33 -16.03
CA CYS B 336 -31.56 -29.92 -14.72
C CYS B 336 -32.94 -30.56 -14.66
N PRO B 337 -33.07 -31.73 -14.05
CA PRO B 337 -34.31 -32.53 -14.23
C PRO B 337 -35.54 -31.84 -13.68
N PHE B 338 -35.91 -30.75 -14.35
CA PHE B 338 -37.05 -29.95 -13.94
C PHE B 338 -38.35 -30.73 -14.09
N GLY B 339 -38.49 -31.48 -15.17
CA GLY B 339 -39.79 -32.02 -15.48
C GLY B 339 -40.33 -32.89 -14.36
N GLU B 340 -39.61 -33.95 -14.02
CA GLU B 340 -40.11 -34.86 -13.00
C GLU B 340 -40.28 -34.16 -11.67
N VAL B 341 -39.63 -33.02 -11.47
CA VAL B 341 -39.95 -32.18 -10.32
C VAL B 341 -41.38 -31.69 -10.42
N PHE B 342 -41.69 -30.96 -11.49
CA PHE B 342 -43.04 -30.48 -11.74
C PHE B 342 -43.92 -31.45 -12.52
N ASN B 343 -43.39 -32.03 -13.57
CA ASN B 343 -44.21 -32.74 -14.52
C ASN B 343 -44.38 -34.21 -14.21
N ALA B 344 -43.90 -34.69 -13.09
CA ALA B 344 -44.19 -36.08 -12.71
C ALA B 344 -45.66 -36.21 -12.33
N THR B 345 -46.32 -37.17 -12.97
CA THR B 345 -47.78 -37.22 -12.95
C THR B 345 -48.32 -37.33 -11.53
N ARG B 346 -47.91 -38.37 -10.82
CA ARG B 346 -48.45 -38.66 -9.49
C ARG B 346 -47.38 -38.40 -8.45
N PHE B 347 -47.54 -37.33 -7.70
CA PHE B 347 -46.63 -37.00 -6.62
C PHE B 347 -46.97 -37.81 -5.40
N ALA B 348 -45.97 -37.99 -4.54
CA ALA B 348 -46.20 -38.63 -3.27
C ALA B 348 -47.12 -37.78 -2.43
N SER B 349 -47.80 -38.43 -1.49
CA SER B 349 -48.72 -37.73 -0.63
C SER B 349 -47.93 -36.86 0.34
N VAL B 350 -48.67 -36.12 1.19
CA VAL B 350 -48.05 -35.01 1.89
C VAL B 350 -47.25 -35.48 3.09
N TYR B 351 -47.73 -36.50 3.80
CA TYR B 351 -46.96 -37.03 4.93
C TYR B 351 -45.57 -37.41 4.50
N ALA B 352 -45.44 -37.95 3.29
CA ALA B 352 -44.17 -38.24 2.67
C ALA B 352 -43.82 -37.13 1.69
N TRP B 353 -42.69 -37.31 1.00
CA TRP B 353 -42.19 -36.38 0.00
C TRP B 353 -40.88 -36.97 -0.49
N ASN B 354 -40.31 -36.37 -1.52
CA ASN B 354 -39.08 -36.86 -2.09
C ASN B 354 -38.06 -35.74 -2.10
N ARG B 355 -36.88 -36.02 -1.55
CA ARG B 355 -35.75 -35.11 -1.66
C ARG B 355 -34.92 -35.54 -2.86
N LYS B 356 -34.93 -34.73 -3.89
CA LYS B 356 -34.17 -35.00 -5.10
C LYS B 356 -33.05 -33.98 -5.17
N ARG B 357 -31.82 -34.45 -5.07
CA ARG B 357 -30.71 -33.55 -5.30
C ARG B 357 -30.71 -33.12 -6.75
N ILE B 358 -30.45 -31.85 -6.97
CA ILE B 358 -30.28 -31.31 -8.31
C ILE B 358 -28.88 -30.70 -8.34
N SER B 359 -27.99 -31.31 -9.09
CA SER B 359 -26.62 -30.84 -9.19
C SER B 359 -26.04 -31.37 -10.49
N ASN B 360 -24.90 -30.79 -10.87
CA ASN B 360 -24.20 -31.16 -12.10
C ASN B 360 -25.13 -31.00 -13.30
N CYS B 361 -25.49 -29.75 -13.55
CA CYS B 361 -26.36 -29.34 -14.63
C CYS B 361 -26.45 -27.82 -14.59
N VAL B 362 -27.08 -27.26 -15.61
CA VAL B 362 -27.44 -25.85 -15.61
C VAL B 362 -28.94 -25.76 -15.48
N ALA B 363 -29.40 -24.89 -14.60
CA ALA B 363 -30.80 -24.84 -14.21
C ALA B 363 -31.43 -23.63 -14.85
N ASP B 364 -32.41 -23.86 -15.72
CA ASP B 364 -33.16 -22.76 -16.33
C ASP B 364 -34.38 -22.49 -15.46
N TYR B 365 -34.37 -21.36 -14.78
CA TYR B 365 -35.50 -20.99 -13.96
C TYR B 365 -36.53 -20.23 -14.76
N SER B 366 -36.13 -19.71 -15.93
CA SER B 366 -36.99 -18.83 -16.70
C SER B 366 -38.33 -19.49 -16.97
N VAL B 367 -38.32 -20.66 -17.60
CA VAL B 367 -39.57 -21.34 -17.87
C VAL B 367 -40.26 -21.69 -16.55
N LEU B 368 -39.48 -22.09 -15.55
CA LEU B 368 -40.05 -22.30 -14.23
C LEU B 368 -40.60 -21.00 -13.67
N TYR B 369 -39.98 -19.89 -14.03
CA TYR B 369 -40.50 -18.58 -13.67
C TYR B 369 -41.62 -18.13 -14.61
N ASN B 370 -41.47 -18.41 -15.91
CA ASN B 370 -42.30 -17.86 -16.95
C ASN B 370 -43.45 -18.77 -17.38
N SER B 371 -43.59 -19.94 -16.78
CA SER B 371 -44.64 -20.84 -17.25
C SER B 371 -46.02 -20.27 -17.01
N ALA B 372 -46.19 -19.51 -15.94
CA ALA B 372 -47.47 -18.89 -15.59
C ALA B 372 -48.58 -19.92 -15.42
N SER B 373 -48.21 -21.18 -15.19
CA SER B 373 -49.16 -22.21 -14.80
C SER B 373 -49.17 -22.45 -13.30
N PHE B 374 -48.39 -21.67 -12.55
CA PHE B 374 -48.19 -21.88 -11.13
C PHE B 374 -48.94 -20.80 -10.37
N SER B 375 -49.81 -21.21 -9.45
CA SER B 375 -50.57 -20.26 -8.65
C SER B 375 -49.64 -19.22 -8.04
N THR B 376 -48.73 -19.65 -7.19
CA THR B 376 -47.74 -18.76 -6.62
C THR B 376 -46.35 -19.22 -7.04
N PHE B 377 -45.56 -18.29 -7.53
CA PHE B 377 -44.11 -18.45 -7.59
C PHE B 377 -43.59 -17.62 -6.43
N LYS B 378 -43.18 -18.29 -5.37
CA LYS B 378 -42.97 -17.64 -4.08
C LYS B 378 -41.53 -17.82 -3.68
N CYS B 379 -40.77 -16.73 -3.69
CA CYS B 379 -39.40 -16.74 -3.21
C CYS B 379 -39.38 -16.18 -1.80
N TYR B 380 -38.63 -16.84 -0.92
CA TYR B 380 -38.45 -16.35 0.43
C TYR B 380 -37.13 -15.60 0.60
N GLY B 381 -36.01 -16.26 0.42
CA GLY B 381 -34.75 -15.60 0.65
C GLY B 381 -33.94 -15.28 -0.59
N VAL B 382 -34.53 -15.34 -1.78
CA VAL B 382 -33.79 -15.09 -3.01
C VAL B 382 -34.67 -14.35 -4.02
N SER B 383 -34.00 -13.87 -5.08
CA SER B 383 -34.61 -12.99 -6.07
C SER B 383 -35.21 -13.81 -7.21
N PRO B 384 -36.49 -13.65 -7.51
CA PRO B 384 -37.13 -14.56 -8.48
C PRO B 384 -36.58 -14.43 -9.89
N THR B 385 -36.32 -13.22 -10.34
CA THR B 385 -35.82 -13.01 -11.69
C THR B 385 -34.32 -13.16 -11.79
N LYS B 386 -33.62 -13.16 -10.66
CA LYS B 386 -32.17 -13.27 -10.60
C LYS B 386 -31.71 -14.71 -10.41
N LEU B 387 -32.63 -15.66 -10.42
CA LEU B 387 -32.23 -17.05 -10.35
C LEU B 387 -31.41 -17.44 -11.55
N ASN B 388 -31.93 -17.15 -12.75
CA ASN B 388 -31.24 -17.51 -13.99
C ASN B 388 -29.83 -16.96 -13.98
N ASP B 389 -29.60 -15.90 -13.21
CA ASP B 389 -28.27 -15.34 -13.03
C ASP B 389 -27.54 -15.96 -11.85
N LEU B 390 -28.20 -16.73 -10.99
CA LEU B 390 -27.59 -17.19 -9.75
C LEU B 390 -27.36 -18.70 -9.78
N CYS B 391 -26.20 -19.10 -9.26
CA CYS B 391 -25.65 -20.45 -9.38
C CYS B 391 -25.54 -21.11 -8.02
N PHE B 392 -25.94 -22.37 -7.94
CA PHE B 392 -25.95 -23.08 -6.67
C PHE B 392 -25.14 -24.36 -6.78
N THR B 393 -24.49 -24.71 -5.68
CA THR B 393 -23.86 -26.02 -5.59
C THR B 393 -24.95 -27.06 -5.43
N ASN B 394 -25.64 -27.02 -4.30
CA ASN B 394 -26.76 -27.88 -4.03
C ASN B 394 -28.06 -27.27 -4.53
N VAL B 395 -28.97 -28.13 -4.97
CA VAL B 395 -30.38 -27.80 -5.14
C VAL B 395 -31.17 -29.02 -4.71
N TYR B 396 -32.32 -28.81 -4.07
CA TYR B 396 -33.15 -29.93 -3.66
C TYR B 396 -34.61 -29.61 -3.90
N ALA B 397 -35.31 -30.54 -4.53
CA ALA B 397 -36.72 -30.39 -4.82
C ALA B 397 -37.50 -31.41 -4.01
N ASP B 398 -38.59 -30.95 -3.39
CA ASP B 398 -39.44 -31.79 -2.54
C ASP B 398 -40.87 -31.55 -2.96
N SER B 399 -41.54 -32.58 -3.45
CA SER B 399 -42.74 -32.41 -4.26
C SER B 399 -43.89 -33.17 -3.62
N PHE B 400 -44.97 -32.45 -3.32
CA PHE B 400 -46.02 -33.01 -2.49
C PHE B 400 -47.31 -32.26 -2.78
N VAL B 401 -48.31 -32.47 -1.92
CA VAL B 401 -49.67 -32.03 -2.17
C VAL B 401 -50.26 -31.46 -0.90
N ILE B 402 -50.75 -30.21 -0.95
CA ILE B 402 -51.35 -29.59 0.24
C ILE B 402 -52.61 -28.84 -0.11
N ARG B 403 -53.49 -28.74 0.90
CA ARG B 403 -54.68 -27.91 0.83
C ARG B 403 -54.33 -26.49 0.42
N GLY B 404 -55.20 -25.89 -0.39
CA GLY B 404 -54.96 -24.52 -0.84
C GLY B 404 -54.76 -23.57 0.30
N ASP B 405 -55.56 -23.70 1.35
CA ASP B 405 -55.38 -22.84 2.52
C ASP B 405 -54.05 -23.12 3.20
N GLU B 406 -53.47 -24.30 3.00
CA GLU B 406 -52.15 -24.60 3.53
C GLU B 406 -51.04 -24.05 2.66
N VAL B 407 -51.36 -23.69 1.42
CA VAL B 407 -50.39 -23.04 0.57
C VAL B 407 -49.87 -21.77 1.22
N ARG B 408 -50.78 -21.00 1.81
CA ARG B 408 -50.36 -19.82 2.55
C ARG B 408 -49.55 -20.20 3.80
N GLN B 409 -49.71 -21.41 4.30
CA GLN B 409 -49.08 -21.75 5.58
C GLN B 409 -47.59 -21.99 5.46
N ILE B 410 -47.09 -22.27 4.28
CA ILE B 410 -45.68 -22.62 4.10
C ILE B 410 -44.91 -21.34 3.85
N ALA B 411 -44.03 -21.02 4.79
CA ALA B 411 -43.14 -19.87 4.80
C ALA B 411 -42.35 -19.96 6.09
N PRO B 412 -41.03 -19.73 6.07
CA PRO B 412 -40.26 -19.80 7.32
C PRO B 412 -40.76 -18.76 8.30
N GLY B 413 -41.06 -19.22 9.51
CA GLY B 413 -41.80 -18.42 10.46
C GLY B 413 -43.27 -18.70 10.51
N GLN B 414 -43.81 -19.47 9.57
CA GLN B 414 -45.23 -19.79 9.50
C GLN B 414 -45.43 -21.24 9.92
N THR B 415 -46.01 -21.43 11.11
CA THR B 415 -46.21 -22.75 11.68
C THR B 415 -47.60 -23.27 11.33
N GLY B 416 -48.01 -24.34 11.98
CA GLY B 416 -49.36 -24.86 11.83
C GLY B 416 -49.36 -26.36 11.97
N LYS B 417 -50.46 -26.96 11.53
CA LYS B 417 -50.51 -28.41 11.37
C LYS B 417 -49.41 -28.90 10.46
N ILE B 418 -49.10 -28.14 9.43
CA ILE B 418 -48.10 -28.59 8.47
C ILE B 418 -46.75 -28.53 9.15
N ALA B 419 -46.25 -27.31 9.36
CA ALA B 419 -44.87 -27.12 9.79
C ALA B 419 -44.52 -28.02 10.96
N ASP B 420 -45.43 -28.13 11.93
CA ASP B 420 -45.23 -29.01 13.07
C ASP B 420 -45.08 -30.47 12.67
N TYR B 421 -46.15 -31.09 12.16
CA TYR B 421 -46.23 -32.55 12.09
C TYR B 421 -45.76 -33.15 10.76
N ASN B 422 -46.59 -33.03 9.72
CA ASN B 422 -46.37 -33.83 8.51
C ASN B 422 -45.05 -33.48 7.85
N TYR B 423 -44.75 -32.20 7.71
CA TYR B 423 -43.50 -31.80 7.08
C TYR B 423 -43.16 -30.41 7.59
N LYS B 424 -41.90 -30.06 7.50
CA LYS B 424 -41.38 -28.91 8.20
C LYS B 424 -40.93 -27.85 7.21
N LEU B 425 -40.56 -26.70 7.75
CA LEU B 425 -39.87 -25.59 7.14
C LEU B 425 -38.60 -25.33 7.93
N PRO B 426 -37.51 -25.01 7.27
CA PRO B 426 -36.40 -24.42 8.01
C PRO B 426 -36.80 -23.04 8.51
N ASP B 427 -36.25 -22.66 9.65
CA ASP B 427 -36.41 -21.29 10.11
C ASP B 427 -35.35 -20.37 9.54
N ASP B 428 -34.27 -20.92 9.01
CA ASP B 428 -33.31 -20.21 8.17
C ASP B 428 -33.63 -20.37 6.70
N PHE B 429 -34.75 -21.01 6.38
CA PHE B 429 -35.05 -21.40 5.01
C PHE B 429 -34.85 -20.23 4.05
N THR B 430 -34.12 -20.51 2.98
CA THR B 430 -33.87 -19.54 1.93
C THR B 430 -34.01 -20.26 0.61
N GLY B 431 -34.88 -19.76 -0.24
CA GLY B 431 -35.14 -20.34 -1.54
C GLY B 431 -36.57 -20.08 -1.93
N CYS B 432 -36.89 -20.45 -3.16
CA CYS B 432 -38.21 -20.10 -3.63
C CYS B 432 -39.17 -21.26 -3.39
N VAL B 433 -40.45 -21.00 -3.66
CA VAL B 433 -41.53 -21.96 -3.45
C VAL B 433 -42.52 -21.79 -4.58
N ILE B 434 -42.98 -22.92 -5.12
CA ILE B 434 -43.87 -22.88 -6.27
C ILE B 434 -45.04 -23.81 -6.01
N ALA B 435 -46.23 -23.24 -5.96
CA ALA B 435 -47.45 -23.97 -5.70
C ALA B 435 -48.46 -23.66 -6.79
N TRP B 436 -49.35 -24.62 -7.03
CA TRP B 436 -50.37 -24.54 -8.06
C TRP B 436 -51.22 -25.78 -7.93
N ASN B 437 -52.43 -25.72 -8.46
CA ASN B 437 -53.37 -26.81 -8.24
C ASN B 437 -53.19 -27.92 -9.26
N SER B 438 -53.32 -29.14 -8.78
CA SER B 438 -53.45 -30.33 -9.60
C SER B 438 -54.89 -30.78 -9.74
N ASN B 439 -55.85 -29.98 -9.27
CA ASN B 439 -57.14 -30.45 -8.80
C ASN B 439 -57.77 -31.50 -9.70
N ASN B 440 -58.18 -31.13 -10.90
CA ASN B 440 -58.89 -32.08 -11.76
C ASN B 440 -58.05 -33.31 -12.06
N LEU B 441 -56.73 -33.23 -11.90
CA LEU B 441 -55.88 -34.40 -12.06
C LEU B 441 -55.84 -35.21 -10.77
N ASP B 442 -55.34 -34.60 -9.69
CA ASP B 442 -55.14 -35.33 -8.45
C ASP B 442 -56.42 -35.56 -7.66
N SER B 443 -57.37 -34.63 -7.68
CA SER B 443 -58.64 -34.89 -7.01
C SER B 443 -59.36 -36.05 -7.67
N LYS B 444 -60.16 -36.75 -6.88
CA LYS B 444 -61.15 -37.69 -7.37
C LYS B 444 -62.50 -37.35 -6.78
N VAL B 445 -63.56 -37.55 -7.56
CA VAL B 445 -64.90 -37.25 -7.10
C VAL B 445 -65.17 -37.91 -5.77
N GLY B 446 -64.50 -39.03 -5.50
CA GLY B 446 -64.56 -39.71 -4.24
C GLY B 446 -63.66 -39.18 -3.14
N GLY B 447 -63.04 -38.01 -3.33
CA GLY B 447 -62.19 -37.49 -2.29
C GLY B 447 -60.97 -38.35 -2.07
N ASN B 448 -60.17 -38.53 -3.12
CA ASN B 448 -59.10 -39.51 -3.12
C ASN B 448 -58.24 -39.39 -1.88
N TYR B 449 -58.10 -40.50 -1.17
CA TYR B 449 -57.53 -40.57 0.16
C TYR B 449 -56.04 -40.85 0.16
N ASN B 450 -55.41 -40.85 -1.01
CA ASN B 450 -53.97 -41.01 -1.08
C ASN B 450 -53.27 -39.91 -0.32
N TYR B 451 -53.66 -38.66 -0.56
CA TYR B 451 -52.95 -37.54 0.04
C TYR B 451 -53.39 -37.43 1.49
N LEU B 452 -52.45 -37.62 2.39
CA LEU B 452 -52.73 -37.97 3.78
C LEU B 452 -51.78 -37.20 4.68
N TYR B 453 -52.31 -36.38 5.59
CA TYR B 453 -51.47 -35.46 6.34
C TYR B 453 -51.34 -35.89 7.80
N ARG B 454 -50.20 -35.57 8.39
CA ARG B 454 -49.90 -36.05 9.73
C ARG B 454 -50.80 -35.40 10.76
N LEU B 455 -51.49 -36.25 11.51
CA LEU B 455 -52.47 -35.80 12.48
C LEU B 455 -51.79 -35.40 13.78
N PHE B 456 -51.25 -36.36 14.52
CA PHE B 456 -50.39 -36.02 15.65
C PHE B 456 -49.19 -36.94 15.72
N ARG B 457 -48.00 -36.34 15.55
CA ARG B 457 -46.75 -36.87 16.05
C ARG B 457 -46.09 -35.71 16.79
N LYS B 458 -45.96 -35.84 18.11
CA LYS B 458 -45.75 -34.69 18.99
C LYS B 458 -44.65 -33.76 18.49
N SER B 459 -43.53 -34.33 18.03
CA SER B 459 -42.37 -33.52 17.72
C SER B 459 -42.58 -32.72 16.45
N ASN B 460 -41.58 -31.90 16.12
CA ASN B 460 -41.56 -31.12 14.90
C ASN B 460 -40.34 -31.54 14.08
N LEU B 461 -40.55 -31.74 12.79
CA LEU B 461 -39.51 -32.30 11.96
C LEU B 461 -38.34 -31.32 11.83
N LYS B 462 -37.21 -31.85 11.43
CA LYS B 462 -36.05 -31.02 11.12
C LYS B 462 -36.15 -30.53 9.68
N PRO B 463 -35.40 -29.49 9.31
CA PRO B 463 -35.56 -28.91 7.98
C PRO B 463 -35.42 -29.96 6.89
N PHE B 464 -36.41 -29.99 6.00
CA PHE B 464 -36.45 -30.92 4.87
C PHE B 464 -36.30 -32.37 5.33
N GLU B 465 -37.10 -32.77 6.31
CA GLU B 465 -37.06 -34.13 6.81
C GLU B 465 -38.49 -34.65 7.00
N ARG B 466 -38.57 -35.95 7.22
CA ARG B 466 -39.87 -36.56 7.42
C ARG B 466 -39.83 -37.48 8.62
N ASP B 467 -40.91 -38.21 8.82
CA ASP B 467 -40.89 -39.41 9.65
C ASP B 467 -41.89 -40.39 9.04
N ILE B 468 -41.52 -41.67 9.04
CA ILE B 468 -42.35 -42.71 8.47
C ILE B 468 -43.26 -43.29 9.54
N SER B 469 -43.26 -42.66 10.72
CA SER B 469 -43.97 -43.21 11.86
C SER B 469 -45.46 -43.37 11.59
N THR B 470 -45.94 -44.60 11.74
CA THR B 470 -47.37 -44.91 11.76
C THR B 470 -47.90 -45.10 13.18
N GLU B 471 -47.05 -44.96 14.20
CA GLU B 471 -47.44 -45.26 15.57
C GLU B 471 -48.62 -44.41 16.01
N ILE B 472 -49.62 -45.06 16.61
CA ILE B 472 -50.78 -44.34 17.09
C ILE B 472 -50.36 -43.28 18.10
N TYR B 473 -50.75 -42.05 17.85
CA TYR B 473 -50.48 -40.96 18.77
C TYR B 473 -51.16 -41.22 20.10
N GLN B 474 -50.56 -40.71 21.17
CA GLN B 474 -51.12 -40.82 22.51
C GLN B 474 -51.49 -39.43 23.01
N ALA B 475 -52.79 -39.17 23.12
CA ALA B 475 -53.27 -37.91 23.72
C ALA B 475 -53.57 -38.14 25.20
N GLY B 476 -54.57 -38.99 25.49
CA GLY B 476 -54.85 -39.34 26.87
C GLY B 476 -53.71 -40.13 27.45
N SER B 477 -53.30 -39.77 28.68
CA SER B 477 -52.12 -40.37 29.28
C SER B 477 -52.25 -41.87 29.47
N THR B 478 -53.46 -42.40 29.41
CA THR B 478 -53.65 -43.84 29.44
C THR B 478 -52.94 -44.46 28.24
N PRO B 479 -52.13 -45.50 28.44
CA PRO B 479 -51.38 -46.08 27.33
C PRO B 479 -52.30 -46.53 26.21
N CYS B 480 -51.96 -46.09 24.99
CA CYS B 480 -52.76 -46.42 23.82
C CYS B 480 -52.46 -47.80 23.27
N ASN B 481 -51.39 -48.43 23.72
CA ASN B 481 -51.01 -49.79 23.29
C ASN B 481 -50.83 -49.87 21.77
N GLY B 482 -50.42 -48.76 21.16
CA GLY B 482 -50.18 -48.71 19.74
C GLY B 482 -51.40 -48.93 18.88
N VAL B 483 -52.59 -48.95 19.49
CA VAL B 483 -53.83 -49.08 18.76
C VAL B 483 -54.69 -47.85 19.04
N GLU B 484 -55.83 -47.78 18.37
CA GLU B 484 -56.79 -46.72 18.62
C GLU B 484 -57.55 -47.00 19.91
N GLY B 485 -58.13 -45.93 20.45
CA GLY B 485 -58.84 -46.03 21.72
C GLY B 485 -59.26 -44.65 22.18
N PHE B 486 -59.47 -44.53 23.48
CA PHE B 486 -59.86 -43.24 24.05
C PHE B 486 -58.68 -42.28 23.97
N ASN B 487 -58.88 -41.15 23.30
CA ASN B 487 -57.84 -40.15 23.08
C ASN B 487 -56.56 -40.78 22.55
N CYS B 488 -56.71 -41.73 21.61
CA CYS B 488 -55.58 -42.39 20.97
C CYS B 488 -55.77 -42.26 19.47
N TYR B 489 -54.90 -41.49 18.83
CA TYR B 489 -55.12 -41.04 17.46
C TYR B 489 -54.09 -41.65 16.52
N PHE B 490 -54.55 -42.04 15.35
CA PHE B 490 -53.65 -42.38 14.28
C PHE B 490 -52.81 -41.15 13.96
N PRO B 491 -51.48 -41.30 13.82
CA PRO B 491 -50.62 -40.11 13.69
C PRO B 491 -50.92 -39.25 12.49
N LEU B 492 -51.71 -39.74 11.53
CA LEU B 492 -51.86 -39.11 10.23
C LEU B 492 -53.35 -38.88 9.95
N GLN B 493 -53.64 -38.08 8.93
CA GLN B 493 -55.03 -37.92 8.51
C GLN B 493 -55.09 -37.68 7.01
N SER B 494 -56.13 -38.22 6.38
CA SER B 494 -56.17 -38.45 4.94
C SER B 494 -57.12 -37.47 4.26
N TYR B 495 -56.56 -36.59 3.44
CA TYR B 495 -57.40 -35.64 2.71
C TYR B 495 -58.27 -36.36 1.71
N GLY B 496 -59.57 -36.14 1.79
CA GLY B 496 -60.41 -36.28 0.62
C GLY B 496 -60.13 -35.10 -0.30
N PHE B 497 -59.72 -35.38 -1.53
CA PHE B 497 -59.70 -34.35 -2.57
C PHE B 497 -60.74 -34.71 -3.62
N GLN B 498 -61.84 -33.99 -3.61
CA GLN B 498 -62.86 -33.93 -4.64
C GLN B 498 -62.58 -32.76 -5.57
N PRO B 499 -62.79 -32.94 -6.88
CA PRO B 499 -62.76 -31.78 -7.78
C PRO B 499 -63.81 -30.75 -7.41
N THR B 500 -64.86 -31.17 -6.71
CA THR B 500 -65.95 -30.32 -6.29
C THR B 500 -65.65 -29.57 -5.00
N ASN B 501 -64.44 -29.72 -4.46
CA ASN B 501 -64.07 -29.03 -3.24
C ASN B 501 -64.03 -27.52 -3.48
N GLY B 502 -64.08 -26.77 -2.38
CA GLY B 502 -63.75 -25.37 -2.42
C GLY B 502 -62.27 -25.17 -2.72
N VAL B 503 -61.86 -23.89 -2.70
CA VAL B 503 -60.50 -23.54 -3.09
C VAL B 503 -59.48 -24.30 -2.24
N GLY B 504 -59.54 -24.12 -0.91
CA GLY B 504 -58.55 -24.71 -0.05
C GLY B 504 -58.39 -26.20 -0.26
N TYR B 505 -59.50 -26.90 -0.31
CA TYR B 505 -59.52 -28.36 -0.27
C TYR B 505 -59.24 -29.00 -1.61
N GLN B 506 -58.89 -28.25 -2.57
CA GLN B 506 -58.34 -28.90 -3.76
C GLN B 506 -56.85 -29.17 -3.56
N PRO B 507 -56.28 -30.15 -4.27
CA PRO B 507 -54.84 -30.39 -4.15
C PRO B 507 -54.06 -29.29 -4.85
N TYR B 508 -53.05 -28.77 -4.17
CA TYR B 508 -52.14 -27.81 -4.75
C TYR B 508 -50.73 -28.38 -4.65
N ARG B 509 -50.18 -28.80 -5.78
CA ARG B 509 -48.85 -29.39 -5.77
C ARG B 509 -47.84 -28.31 -5.43
N VAL B 510 -46.99 -28.60 -4.47
CA VAL B 510 -45.99 -27.66 -3.99
C VAL B 510 -44.64 -28.34 -4.10
N VAL B 511 -43.76 -27.77 -4.91
CA VAL B 511 -42.36 -28.15 -4.91
C VAL B 511 -41.58 -27.00 -4.32
N VAL B 512 -40.66 -27.33 -3.42
CA VAL B 512 -39.83 -26.35 -2.76
C VAL B 512 -38.39 -26.54 -3.20
N LEU B 513 -37.66 -25.44 -3.35
CA LEU B 513 -36.28 -25.52 -3.76
C LEU B 513 -35.35 -25.28 -2.58
N SER B 514 -34.06 -25.46 -2.86
CA SER B 514 -33.04 -25.52 -1.83
C SER B 514 -31.72 -25.21 -2.49
N PHE B 515 -30.71 -24.94 -1.67
CA PHE B 515 -29.38 -24.69 -2.20
C PHE B 515 -28.38 -24.47 -1.08
N GLU B 516 -27.10 -24.54 -1.43
CA GLU B 516 -26.03 -23.98 -0.61
C GLU B 516 -25.54 -22.64 -1.13
N LEU B 517 -26.05 -22.17 -2.26
CA LEU B 517 -25.46 -21.06 -3.01
C LEU B 517 -24.07 -21.49 -3.46
N LEU B 518 -23.03 -20.74 -3.14
CA LEU B 518 -21.63 -21.13 -3.34
C LEU B 518 -21.12 -21.76 -2.05
N HIS B 519 -19.80 -21.89 -1.91
CA HIS B 519 -19.03 -22.37 -0.75
C HIS B 519 -18.83 -23.89 -0.81
N ALA B 520 -19.40 -24.56 -1.77
CA ALA B 520 -19.03 -25.91 -2.15
C ALA B 520 -18.67 -25.81 -3.62
N PRO B 521 -18.01 -26.81 -4.21
CA PRO B 521 -17.83 -26.77 -5.66
C PRO B 521 -19.16 -26.60 -6.36
N ALA B 522 -19.23 -25.59 -7.23
CA ALA B 522 -20.50 -25.18 -7.81
C ALA B 522 -20.92 -26.11 -8.93
N THR B 523 -22.21 -26.42 -8.98
CA THR B 523 -22.71 -27.34 -9.98
C THR B 523 -23.89 -26.74 -10.73
N VAL B 524 -24.98 -26.47 -10.02
CA VAL B 524 -26.14 -25.88 -10.65
C VAL B 524 -25.94 -24.38 -10.82
N CYS B 525 -26.03 -23.92 -12.05
CA CYS B 525 -26.06 -22.50 -12.38
C CYS B 525 -27.25 -22.25 -13.29
N GLY B 526 -27.59 -20.98 -13.44
CA GLY B 526 -28.60 -20.61 -14.41
C GLY B 526 -27.98 -20.62 -15.78
N PRO B 527 -28.80 -20.65 -16.82
CA PRO B 527 -28.25 -20.61 -18.17
C PRO B 527 -27.44 -19.35 -18.39
N LYS B 528 -26.45 -19.45 -19.26
CA LYS B 528 -25.50 -18.39 -19.50
C LYS B 528 -25.64 -17.96 -20.95
N LYS B 529 -26.08 -16.73 -21.17
CA LYS B 529 -26.68 -16.35 -22.42
C LYS B 529 -25.63 -15.81 -23.36
N SER B 530 -25.32 -16.57 -24.39
CA SER B 530 -24.35 -16.13 -25.36
C SER B 530 -25.00 -15.18 -26.34
N THR B 531 -24.22 -14.24 -26.83
CA THR B 531 -24.62 -13.34 -27.89
C THR B 531 -24.22 -13.92 -29.24
N ASN B 532 -24.26 -13.12 -30.27
CA ASN B 532 -23.75 -13.48 -31.56
C ASN B 532 -22.29 -13.02 -31.63
N LEU B 533 -21.70 -13.03 -32.81
CA LEU B 533 -20.29 -12.73 -32.97
C LEU B 533 -20.10 -11.62 -33.99
N VAL B 534 -19.06 -10.82 -33.81
CA VAL B 534 -18.71 -9.76 -34.75
C VAL B 534 -17.22 -9.73 -34.95
N LYS B 535 -16.78 -9.77 -36.20
CA LYS B 535 -15.37 -9.80 -36.54
C LYS B 535 -14.95 -8.50 -37.20
N ASN B 536 -13.73 -8.07 -36.90
CA ASN B 536 -13.16 -6.87 -37.47
C ASN B 536 -13.91 -5.62 -37.02
N LYS B 537 -14.49 -5.65 -35.84
CA LYS B 537 -15.08 -4.45 -35.27
C LYS B 537 -14.75 -4.43 -33.80
N CYS B 538 -14.10 -3.36 -33.36
CA CYS B 538 -13.62 -3.29 -31.99
C CYS B 538 -14.78 -3.47 -31.04
N VAL B 539 -14.69 -4.47 -30.20
CA VAL B 539 -15.78 -4.85 -29.31
C VAL B 539 -15.20 -5.18 -27.95
N ASN B 540 -15.93 -4.82 -26.90
CA ASN B 540 -15.73 -5.56 -25.68
C ASN B 540 -16.22 -6.98 -25.91
N PHE B 541 -15.72 -7.91 -25.10
CA PHE B 541 -16.20 -9.27 -25.24
C PHE B 541 -16.00 -10.02 -23.94
N ASN B 542 -16.68 -11.15 -23.84
CA ASN B 542 -16.47 -12.11 -22.78
C ASN B 542 -16.59 -13.51 -23.36
N PHE B 543 -15.68 -14.39 -22.96
CA PHE B 543 -15.67 -15.78 -23.40
C PHE B 543 -15.46 -16.66 -22.18
N ASN B 544 -16.47 -17.45 -21.83
CA ASN B 544 -16.38 -18.40 -20.73
C ASN B 544 -15.98 -17.72 -19.43
N GLY B 545 -16.14 -16.42 -19.33
CA GLY B 545 -15.64 -15.67 -18.22
C GLY B 545 -14.36 -14.90 -18.48
N LEU B 546 -13.58 -15.30 -19.49
CA LEU B 546 -12.51 -14.43 -19.97
C LEU B 546 -13.11 -13.16 -20.50
N THR B 547 -12.64 -12.02 -20.01
CA THR B 547 -13.14 -10.73 -20.45
C THR B 547 -12.00 -9.92 -21.04
N GLY B 548 -12.20 -9.42 -22.25
CA GLY B 548 -11.21 -8.57 -22.86
C GLY B 548 -11.84 -7.85 -24.03
N THR B 549 -11.04 -7.00 -24.67
CA THR B 549 -11.52 -6.08 -25.67
C THR B 549 -10.54 -6.02 -26.81
N GLY B 550 -11.03 -6.14 -28.04
CA GLY B 550 -10.13 -6.16 -29.17
C GLY B 550 -10.86 -6.25 -30.47
N VAL B 551 -10.15 -6.73 -31.48
CA VAL B 551 -10.71 -6.97 -32.80
C VAL B 551 -10.68 -8.46 -33.04
N LEU B 552 -11.84 -9.09 -33.00
CA LEU B 552 -11.91 -10.54 -33.14
C LEU B 552 -11.76 -10.91 -34.60
N THR B 553 -10.85 -11.85 -34.88
CA THR B 553 -10.54 -12.22 -36.25
C THR B 553 -10.28 -13.72 -36.33
N GLU B 554 -10.54 -14.30 -37.48
CA GLU B 554 -10.20 -15.71 -37.68
C GLU B 554 -8.70 -15.88 -37.80
N SER B 555 -8.19 -16.97 -37.25
CA SER B 555 -6.77 -17.24 -37.29
C SER B 555 -6.51 -18.70 -37.61
N ASN B 556 -5.33 -18.95 -38.13
CA ASN B 556 -4.96 -20.28 -38.57
C ASN B 556 -4.48 -21.16 -37.43
N LYS B 557 -3.82 -20.60 -36.43
CA LYS B 557 -3.08 -21.41 -35.48
C LYS B 557 -3.99 -22.40 -34.76
N LYS B 558 -3.49 -23.60 -34.60
CA LYS B 558 -4.26 -24.73 -34.10
C LYS B 558 -3.96 -24.96 -32.63
N PHE B 559 -4.98 -25.36 -31.88
CA PHE B 559 -4.81 -25.63 -30.47
C PHE B 559 -4.71 -27.11 -30.18
N LEU B 560 -4.62 -27.43 -28.91
CA LEU B 560 -4.86 -28.75 -28.39
C LEU B 560 -6.25 -28.80 -27.78
N PRO B 561 -7.02 -29.83 -28.09
CA PRO B 561 -8.47 -29.76 -27.88
C PRO B 561 -8.89 -29.37 -26.49
N PHE B 562 -8.06 -29.61 -25.49
CA PHE B 562 -8.41 -29.20 -24.13
C PHE B 562 -7.99 -27.77 -23.82
N GLN B 563 -7.15 -27.16 -24.66
CA GLN B 563 -6.67 -25.81 -24.40
C GLN B 563 -7.70 -24.79 -24.81
N GLN B 564 -7.74 -23.70 -24.07
CA GLN B 564 -8.80 -22.73 -24.23
C GLN B 564 -8.28 -21.43 -24.81
N PHE B 565 -7.62 -20.64 -23.97
CA PHE B 565 -7.12 -19.37 -24.41
C PHE B 565 -5.95 -19.56 -25.33
N GLY B 566 -5.41 -18.45 -25.81
CA GLY B 566 -4.02 -18.34 -26.15
C GLY B 566 -3.36 -17.42 -25.14
N ARG B 567 -2.05 -17.28 -25.29
CA ARG B 567 -1.32 -16.19 -24.69
C ARG B 567 -0.12 -15.89 -25.57
N ASP B 568 0.75 -15.03 -25.07
CA ASP B 568 1.92 -14.58 -25.79
C ASP B 568 3.07 -14.53 -24.79
N ILE B 569 4.22 -14.01 -25.22
CA ILE B 569 5.37 -13.94 -24.33
C ILE B 569 5.04 -13.11 -23.09
N ALA B 570 4.27 -12.05 -23.28
CA ALA B 570 4.03 -11.07 -22.23
C ALA B 570 2.85 -11.42 -21.36
N ASP B 571 2.28 -12.61 -21.53
CA ASP B 571 1.07 -13.01 -20.80
C ASP B 571 -0.09 -12.10 -21.18
N THR B 572 -0.26 -11.90 -22.47
CA THR B 572 -1.33 -11.08 -22.99
C THR B 572 -2.32 -11.98 -23.69
N THR B 573 -3.49 -12.16 -23.08
CA THR B 573 -4.44 -13.11 -23.59
C THR B 573 -4.78 -12.79 -25.03
N ASP B 574 -4.53 -13.75 -25.91
CA ASP B 574 -4.47 -13.43 -27.32
C ASP B 574 -5.45 -14.22 -28.17
N ALA B 575 -5.13 -15.46 -28.48
CA ALA B 575 -6.11 -16.25 -29.19
C ALA B 575 -7.21 -16.63 -28.22
N VAL B 576 -8.37 -16.97 -28.77
CA VAL B 576 -9.42 -17.59 -28.00
C VAL B 576 -10.14 -18.59 -28.87
N ARG B 577 -10.45 -19.74 -28.30
CA ARG B 577 -11.15 -20.77 -29.03
C ARG B 577 -12.64 -20.55 -28.82
N ASP B 578 -13.37 -20.40 -29.91
CA ASP B 578 -14.76 -20.00 -29.80
C ASP B 578 -15.59 -21.06 -29.10
N PRO B 579 -16.12 -20.79 -27.91
CA PRO B 579 -16.69 -21.89 -27.12
C PRO B 579 -17.87 -22.60 -27.76
N GLN B 580 -18.88 -21.89 -28.26
CA GLN B 580 -19.95 -22.62 -28.92
C GLN B 580 -19.44 -23.38 -30.13
N THR B 581 -19.14 -22.69 -31.22
CA THR B 581 -18.59 -23.32 -32.40
C THR B 581 -17.09 -23.22 -32.34
N LEU B 582 -16.41 -24.35 -32.26
CA LEU B 582 -14.98 -24.31 -32.01
C LEU B 582 -14.27 -23.74 -33.21
N GLU B 583 -13.56 -22.65 -33.00
CA GLU B 583 -12.67 -22.11 -34.00
C GLU B 583 -11.71 -21.20 -33.26
N ILE B 584 -10.59 -20.91 -33.90
CA ILE B 584 -9.56 -20.12 -33.27
C ILE B 584 -9.80 -18.69 -33.69
N LEU B 585 -10.26 -17.86 -32.76
CA LEU B 585 -10.36 -16.45 -33.07
C LEU B 585 -8.99 -15.84 -32.89
N ASP B 586 -8.94 -14.54 -32.82
CA ASP B 586 -7.81 -13.81 -32.28
C ASP B 586 -8.30 -12.70 -31.40
N ILE B 587 -7.37 -11.91 -30.91
CA ILE B 587 -7.66 -10.60 -30.39
C ILE B 587 -6.57 -9.74 -31.01
N THR B 588 -6.49 -8.48 -30.63
CA THR B 588 -5.70 -7.45 -31.26
C THR B 588 -6.00 -6.20 -30.44
N PRO B 589 -5.07 -5.32 -30.24
CA PRO B 589 -5.42 -4.10 -29.50
C PRO B 589 -6.38 -3.28 -30.34
N CYS B 590 -6.88 -2.18 -29.84
CA CYS B 590 -7.91 -1.53 -30.65
C CYS B 590 -7.25 -0.73 -31.76
N SER B 591 -6.78 0.47 -31.43
CA SER B 591 -5.79 1.18 -32.24
C SER B 591 -4.78 1.87 -31.34
N PHE B 592 -5.28 2.82 -30.55
CA PHE B 592 -4.47 3.74 -29.75
C PHE B 592 -3.58 4.49 -30.73
N GLY B 593 -2.34 4.75 -30.41
CA GLY B 593 -1.59 5.65 -31.23
C GLY B 593 -1.88 7.05 -30.79
N GLY B 594 -0.96 7.97 -31.00
CA GLY B 594 -1.12 9.32 -30.54
C GLY B 594 -1.53 10.24 -31.67
N VAL B 595 -1.85 11.46 -31.30
CA VAL B 595 -2.13 12.52 -32.26
C VAL B 595 -0.98 13.49 -32.20
N SER B 596 -0.54 13.96 -33.35
CA SER B 596 0.54 14.91 -33.40
C SER B 596 0.22 15.98 -34.42
N VAL B 597 0.82 17.14 -34.26
CA VAL B 597 0.42 18.33 -35.00
C VAL B 597 1.63 18.95 -35.67
N ILE B 598 1.64 18.96 -36.98
CA ILE B 598 2.80 19.39 -37.75
C ILE B 598 2.52 20.78 -38.25
N THR B 599 3.20 21.77 -37.71
CA THR B 599 2.87 23.13 -38.09
C THR B 599 4.09 23.97 -38.41
N PRO B 600 4.01 24.80 -39.43
CA PRO B 600 4.88 25.97 -39.47
C PRO B 600 4.43 26.91 -38.39
N GLY B 601 5.33 27.77 -37.94
CA GLY B 601 5.03 28.58 -36.77
C GLY B 601 3.75 29.35 -36.89
N THR B 602 2.99 29.47 -35.80
CA THR B 602 1.75 30.24 -35.87
C THR B 602 2.02 31.63 -36.40
N ASN B 603 3.21 32.14 -36.14
CA ASN B 603 3.64 33.38 -36.74
C ASN B 603 3.47 33.36 -38.26
N THR B 604 3.65 32.20 -38.88
CA THR B 604 3.37 32.11 -40.31
C THR B 604 1.89 31.82 -40.55
N SER B 605 1.45 30.60 -40.28
CA SER B 605 0.11 30.20 -40.65
C SER B 605 -0.58 29.50 -39.51
N ASN B 606 -1.90 29.50 -39.58
CA ASN B 606 -2.73 28.66 -38.73
C ASN B 606 -3.10 27.36 -39.39
N GLN B 607 -2.53 27.08 -40.55
CA GLN B 607 -2.81 25.83 -41.24
C GLN B 607 -1.92 24.75 -40.67
N VAL B 608 -2.52 23.65 -40.21
CA VAL B 608 -1.78 22.57 -39.58
C VAL B 608 -2.12 21.26 -40.27
N ALA B 609 -1.21 20.32 -40.16
CA ALA B 609 -1.46 18.95 -40.56
C ALA B 609 -1.37 18.06 -39.33
N VAL B 610 -2.07 16.94 -39.35
CA VAL B 610 -2.16 16.08 -38.19
C VAL B 610 -1.66 14.70 -38.54
N LEU B 611 -0.69 14.22 -37.79
CA LEU B 611 -0.16 12.88 -37.95
C LEU B 611 -0.82 11.96 -36.93
N TYR B 612 -1.59 11.00 -37.41
CA TYR B 612 -2.05 9.93 -36.54
C TYR B 612 -1.01 8.85 -36.60
N GLN B 613 -0.33 8.61 -35.49
CA GLN B 613 0.82 7.74 -35.49
C GLN B 613 0.37 6.30 -35.55
N ASP B 614 0.81 5.59 -36.58
CA ASP B 614 0.64 4.16 -36.65
C ASP B 614 -0.83 3.77 -36.54
N VAL B 615 -1.60 4.20 -37.54
CA VAL B 615 -2.90 3.59 -37.85
C VAL B 615 -3.04 3.58 -39.35
N ASN B 616 -3.58 2.48 -39.84
CA ASN B 616 -4.04 2.42 -41.22
C ASN B 616 -5.12 3.47 -41.39
N CYS B 617 -5.26 4.01 -42.60
CA CYS B 617 -6.18 5.13 -42.72
C CYS B 617 -7.56 4.52 -42.93
N THR B 618 -8.30 4.40 -41.83
CA THR B 618 -9.67 3.94 -41.86
C THR B 618 -10.49 4.73 -40.86
N GLU B 619 -10.15 4.58 -39.59
CA GLU B 619 -10.98 5.05 -38.49
C GLU B 619 -11.32 6.52 -38.58
N VAL B 620 -10.43 7.31 -39.13
CA VAL B 620 -10.54 8.73 -39.01
C VAL B 620 -11.48 9.32 -40.06
N ASN B 641 -7.49 13.88 -49.32
CA ASN B 641 -6.07 14.22 -49.39
C ASN B 641 -5.34 13.74 -48.17
N VAL B 642 -5.09 12.44 -48.14
CA VAL B 642 -4.54 11.77 -46.97
C VAL B 642 -3.40 10.87 -47.41
N PHE B 643 -2.33 10.88 -46.65
CA PHE B 643 -1.11 10.18 -46.99
C PHE B 643 -0.96 9.01 -46.03
N GLN B 644 -0.31 7.95 -46.49
CA GLN B 644 -0.06 6.78 -45.65
C GLN B 644 1.45 6.59 -45.56
N THR B 645 1.99 6.82 -44.39
CA THR B 645 3.43 6.80 -44.19
C THR B 645 3.87 5.42 -43.77
N ARG B 646 5.12 5.31 -43.33
CA ARG B 646 5.46 4.24 -42.42
C ARG B 646 5.06 4.60 -40.98
N ALA B 647 5.06 5.90 -40.66
CA ALA B 647 4.81 6.32 -39.29
C ALA B 647 3.33 6.30 -38.94
N GLY B 648 2.47 6.60 -39.87
CA GLY B 648 1.06 6.61 -39.58
C GLY B 648 0.31 7.45 -40.59
N CYS B 649 -1.00 7.48 -40.40
CA CYS B 649 -1.86 8.15 -41.36
C CYS B 649 -1.71 9.64 -41.15
N LEU B 650 -1.24 10.34 -42.17
CA LEU B 650 -0.92 11.76 -42.09
C LEU B 650 -1.97 12.52 -42.87
N ILE B 651 -2.79 13.27 -42.16
CA ILE B 651 -3.95 13.95 -42.74
C ILE B 651 -3.67 15.43 -42.77
N GLY B 652 -3.86 16.04 -43.93
CA GLY B 652 -3.68 17.46 -44.04
C GLY B 652 -2.44 17.94 -44.72
N ALA B 653 -1.73 17.08 -45.45
CA ALA B 653 -0.58 17.54 -46.20
C ALA B 653 -0.44 16.74 -47.47
N GLU B 654 0.00 17.41 -48.53
CA GLU B 654 0.04 16.80 -49.84
C GLU B 654 1.41 16.19 -50.12
N HIS B 655 1.42 14.89 -50.39
CA HIS B 655 2.65 14.21 -50.78
C HIS B 655 3.28 14.91 -51.97
N VAL B 656 4.61 14.87 -52.02
CA VAL B 656 5.36 15.47 -53.09
C VAL B 656 6.43 14.47 -53.53
N ASN B 657 6.62 14.34 -54.84
CA ASN B 657 7.64 13.44 -55.36
C ASN B 657 9.01 14.06 -55.47
N ASN B 658 9.16 15.32 -55.14
CA ASN B 658 10.50 15.84 -55.08
C ASN B 658 11.17 15.30 -53.85
N SER B 659 12.42 15.66 -53.64
CA SER B 659 13.05 15.38 -52.36
C SER B 659 13.95 16.55 -52.01
N TYR B 660 13.69 17.18 -50.87
CA TYR B 660 14.44 18.34 -50.45
C TYR B 660 15.01 18.07 -49.07
N GLU B 661 15.77 19.01 -48.56
CA GLU B 661 16.33 18.78 -47.25
C GLU B 661 15.24 18.82 -46.19
N CYS B 662 15.51 18.15 -45.07
CA CYS B 662 14.49 17.95 -44.07
C CYS B 662 14.19 19.25 -43.35
N ASP B 663 12.96 19.36 -42.88
CA ASP B 663 12.49 20.59 -42.31
C ASP B 663 11.80 20.35 -40.97
N ILE B 664 10.68 19.64 -41.00
CA ILE B 664 10.08 19.08 -39.80
C ILE B 664 10.14 17.57 -39.94
N PRO B 665 11.04 16.91 -39.23
CA PRO B 665 11.11 15.46 -39.31
C PRO B 665 9.87 14.85 -38.69
N ILE B 666 9.33 13.84 -39.38
CA ILE B 666 8.11 13.19 -38.94
C ILE B 666 8.45 11.77 -38.50
N GLY B 667 8.85 10.95 -39.44
CA GLY B 667 9.31 9.63 -39.12
C GLY B 667 9.64 8.89 -40.39
N ALA B 668 10.48 7.87 -40.24
CA ALA B 668 10.80 6.97 -41.32
C ALA B 668 11.24 7.71 -42.58
N GLY B 669 11.83 8.89 -42.42
CA GLY B 669 12.38 9.62 -43.54
C GLY B 669 11.48 10.65 -44.15
N ILE B 670 10.24 10.78 -43.67
CA ILE B 670 9.27 11.69 -44.25
C ILE B 670 9.35 13.01 -43.51
N CYS B 671 9.79 14.06 -44.19
CA CYS B 671 9.95 15.37 -43.57
C CYS B 671 8.97 16.35 -44.16
N ALA B 672 8.13 16.93 -43.32
CA ALA B 672 7.17 17.94 -43.75
C ALA B 672 7.82 19.30 -43.87
N SER B 673 7.26 20.13 -44.74
CA SER B 673 7.71 21.51 -44.89
C SER B 673 6.60 22.31 -45.54
N TYR B 674 6.72 23.63 -45.44
CA TYR B 674 5.60 24.51 -45.73
C TYR B 674 5.57 25.07 -47.15
N GLN B 675 6.58 24.77 -47.96
CA GLN B 675 6.80 25.49 -49.20
C GLN B 675 5.57 25.46 -50.10
N THR B 676 5.45 26.49 -50.93
CA THR B 676 4.24 26.76 -51.68
C THR B 676 3.97 25.68 -52.71
N SER B 689 -1.05 30.19 -52.43
CA SER B 689 -1.35 28.78 -52.20
C SER B 689 -0.19 28.08 -51.56
N GLN B 690 0.03 28.38 -50.29
CA GLN B 690 1.08 27.76 -49.51
C GLN B 690 0.48 26.65 -48.65
N SER B 691 0.80 25.41 -48.98
CA SER B 691 0.21 24.26 -48.32
C SER B 691 1.29 23.42 -47.67
N ILE B 692 1.04 22.96 -46.45
CA ILE B 692 1.96 22.03 -45.82
C ILE B 692 2.12 20.82 -46.72
N ILE B 693 3.36 20.49 -47.06
CA ILE B 693 3.63 19.33 -47.88
C ILE B 693 4.45 18.37 -47.08
N ALA B 694 4.44 17.11 -47.50
CA ALA B 694 5.20 16.07 -46.84
C ALA B 694 5.87 15.25 -47.91
N TYR B 695 7.17 15.06 -47.79
CA TYR B 695 7.93 14.51 -48.89
C TYR B 695 9.10 13.75 -48.34
N THR B 696 9.44 12.63 -48.97
CA THR B 696 10.62 11.90 -48.53
C THR B 696 11.84 12.76 -48.73
N MET B 697 12.63 12.90 -47.68
CA MET B 697 13.72 13.85 -47.68
C MET B 697 14.93 13.30 -48.40
N SER B 698 15.74 14.20 -48.94
CA SER B 698 17.00 13.85 -49.52
C SER B 698 18.05 13.83 -48.42
N LEU B 699 18.64 12.66 -48.17
CA LEU B 699 19.75 12.65 -47.26
C LEU B 699 20.85 13.42 -47.95
N GLY B 700 21.25 14.53 -47.37
CA GLY B 700 22.12 15.38 -48.13
C GLY B 700 21.48 15.78 -49.46
N ALA B 701 22.34 16.35 -50.31
CA ALA B 701 21.97 16.69 -51.68
C ALA B 701 23.04 16.12 -52.58
N GLU B 702 22.66 15.15 -53.42
CA GLU B 702 23.60 14.20 -53.98
C GLU B 702 24.74 14.88 -54.73
N ASN B 703 25.89 14.22 -54.72
CA ASN B 703 27.09 14.63 -55.42
C ASN B 703 27.78 13.38 -55.93
N SER B 704 28.73 13.55 -56.82
CA SER B 704 29.59 12.45 -57.21
C SER B 704 30.93 13.02 -57.59
N VAL B 705 31.98 12.28 -57.28
CA VAL B 705 33.33 12.76 -57.51
C VAL B 705 33.94 11.99 -58.65
N ALA B 706 34.71 12.69 -59.47
CA ALA B 706 35.33 12.08 -60.62
C ALA B 706 36.68 11.58 -60.15
N TYR B 707 36.78 10.28 -59.98
CA TYR B 707 37.99 9.66 -59.47
C TYR B 707 38.70 8.99 -60.62
N SER B 708 39.94 9.36 -60.83
CA SER B 708 40.70 8.66 -61.82
C SER B 708 42.13 8.55 -61.32
N ASN B 709 42.68 7.36 -61.45
CA ASN B 709 43.86 6.98 -60.70
C ASN B 709 45.06 7.92 -60.90
N ASN B 710 45.07 8.73 -61.95
CA ASN B 710 46.18 9.66 -62.11
C ASN B 710 45.86 11.11 -61.79
N SER B 711 44.64 11.45 -61.35
CA SER B 711 44.23 12.85 -61.37
C SER B 711 43.93 13.39 -59.99
N ILE B 712 44.47 14.57 -59.69
CA ILE B 712 44.37 15.19 -58.37
C ILE B 712 43.81 16.58 -58.50
N ALA B 713 43.19 17.07 -57.43
CA ALA B 713 42.56 18.39 -57.40
C ALA B 713 43.05 19.17 -56.19
N ILE B 714 43.81 20.22 -56.42
CA ILE B 714 44.47 21.00 -55.37
C ILE B 714 43.81 22.36 -55.26
N PRO B 715 43.31 22.76 -54.09
CA PRO B 715 42.70 24.07 -53.96
C PRO B 715 43.70 25.17 -54.22
N THR B 716 43.31 26.14 -55.02
CA THR B 716 44.18 27.24 -55.37
C THR B 716 44.00 28.44 -54.48
N ASN B 717 42.94 28.45 -53.70
CA ASN B 717 42.60 29.63 -52.93
C ASN B 717 41.72 29.16 -51.81
N PHE B 718 41.68 29.95 -50.76
CA PHE B 718 41.05 29.44 -49.57
C PHE B 718 40.10 30.45 -49.02
N THR B 719 39.55 30.18 -47.85
CA THR B 719 38.83 31.20 -47.14
C THR B 719 39.25 31.12 -45.69
N ILE B 720 38.63 31.97 -44.88
CA ILE B 720 38.73 31.91 -43.44
C ILE B 720 37.32 32.06 -42.93
N SER B 721 36.81 31.06 -42.27
CA SER B 721 35.49 31.23 -41.72
C SER B 721 35.59 31.47 -40.22
N VAL B 722 34.45 31.76 -39.62
CA VAL B 722 34.31 31.88 -38.18
C VAL B 722 33.00 31.21 -37.81
N THR B 723 33.05 30.20 -36.98
CA THR B 723 31.88 29.38 -36.73
C THR B 723 31.64 29.33 -35.24
N THR B 724 30.55 29.92 -34.80
CA THR B 724 30.20 29.88 -33.41
C THR B 724 29.98 28.44 -32.96
N GLU B 725 30.26 28.20 -31.68
CA GLU B 725 29.95 26.94 -31.05
C GLU B 725 29.59 27.26 -29.61
N ILE B 726 28.53 26.67 -29.13
CA ILE B 726 27.91 27.12 -27.90
C ILE B 726 27.78 25.94 -26.96
N LEU B 727 28.12 26.15 -25.69
CA LEU B 727 28.10 25.05 -24.78
C LEU B 727 27.47 25.47 -23.46
N PRO B 728 26.68 24.62 -22.85
CA PRO B 728 26.29 24.84 -21.47
C PRO B 728 27.49 24.61 -20.59
N VAL B 729 27.55 25.31 -19.49
CA VAL B 729 28.65 25.11 -18.56
C VAL B 729 28.10 24.88 -17.18
N SER B 730 27.38 25.85 -16.66
CA SER B 730 26.75 25.70 -15.38
C SER B 730 25.25 25.70 -15.56
N MET B 731 24.58 25.09 -14.61
CA MET B 731 23.14 25.24 -14.51
C MET B 731 22.86 26.00 -13.22
N THR B 732 21.71 26.65 -13.19
CA THR B 732 21.41 27.53 -12.07
C THR B 732 21.49 26.78 -10.76
N LYS B 733 22.29 27.29 -9.83
CA LYS B 733 22.40 26.65 -8.53
C LYS B 733 21.09 26.85 -7.80
N THR B 734 20.46 25.75 -7.42
CA THR B 734 19.21 25.87 -6.67
C THR B 734 19.25 24.91 -5.52
N SER B 735 19.12 25.43 -4.31
CA SER B 735 18.87 24.58 -3.16
C SER B 735 17.42 24.72 -2.77
N VAL B 736 16.86 23.63 -2.28
CA VAL B 736 15.49 23.61 -1.85
C VAL B 736 15.45 23.02 -0.46
N ASP B 737 15.08 23.83 0.52
CA ASP B 737 14.81 23.27 1.82
C ASP B 737 13.78 22.18 1.65
N CYS B 738 14.14 20.97 2.02
CA CYS B 738 13.18 19.89 1.98
C CYS B 738 12.20 19.96 3.12
N THR B 739 12.58 20.56 4.24
CA THR B 739 11.69 20.49 5.38
C THR B 739 10.57 21.52 5.27
N MET B 740 10.84 22.68 4.70
CA MET B 740 9.75 23.61 4.53
C MET B 740 8.87 23.24 3.34
N TYR B 741 9.48 22.98 2.19
CA TYR B 741 8.68 22.59 1.03
C TYR B 741 7.64 21.57 1.40
N ILE B 742 8.04 20.51 2.09
CA ILE B 742 7.12 19.43 2.37
C ILE B 742 6.13 19.91 3.41
N CYS B 743 6.59 20.08 4.63
CA CYS B 743 5.78 20.71 5.66
C CYS B 743 6.12 22.18 5.65
N GLY B 744 5.23 23.00 5.14
CA GLY B 744 5.42 24.43 5.21
C GLY B 744 4.88 24.95 6.52
N ASP B 745 5.61 25.89 7.10
CA ASP B 745 5.06 26.79 8.12
C ASP B 745 4.37 26.05 9.24
N SER B 746 4.73 24.79 9.47
CA SER B 746 3.98 23.95 10.37
C SER B 746 4.92 23.26 11.33
N THR B 747 4.32 22.62 12.31
CA THR B 747 5.06 21.80 13.26
C THR B 747 4.50 20.39 13.27
N GLU B 748 3.26 20.21 13.70
CA GLU B 748 2.67 18.89 13.79
C GLU B 748 2.64 18.19 12.45
N CYS B 749 2.85 18.92 11.36
CA CYS B 749 3.25 18.27 10.14
C CYS B 749 4.65 17.71 10.27
N SER B 750 5.60 18.56 10.66
CA SER B 750 7.01 18.21 10.59
C SER B 750 7.33 17.01 11.46
N ASN B 751 6.59 16.81 12.54
CA ASN B 751 6.84 15.64 13.38
C ASN B 751 6.66 14.37 12.57
N LEU B 752 5.66 14.33 11.70
CA LEU B 752 5.55 13.21 10.78
C LEU B 752 6.79 13.10 9.92
N LEU B 753 7.29 14.23 9.44
CA LEU B 753 8.40 14.19 8.50
C LEU B 753 9.62 13.50 9.10
N LEU B 754 9.74 13.47 10.42
CA LEU B 754 10.87 12.79 11.02
C LEU B 754 10.73 11.28 10.94
N GLN B 755 9.51 10.78 10.96
CA GLN B 755 9.31 9.34 10.87
C GLN B 755 9.78 8.76 9.55
N TYR B 756 10.06 9.57 8.55
CA TYR B 756 10.59 9.10 7.29
C TYR B 756 12.10 9.08 7.28
N GLY B 757 12.71 9.34 8.41
CA GLY B 757 14.14 9.20 8.49
C GLY B 757 14.87 10.34 7.84
N SER B 758 15.95 10.03 7.16
CA SER B 758 16.93 11.00 6.72
C SER B 758 16.64 11.58 5.36
N PHE B 759 15.49 11.28 4.78
CA PHE B 759 15.16 11.80 3.46
C PHE B 759 15.54 13.26 3.35
N CYS B 760 14.87 14.12 4.11
CA CYS B 760 15.15 15.53 4.03
C CYS B 760 16.64 15.80 4.14
N THR B 761 17.30 15.19 5.11
CA THR B 761 18.73 15.46 5.24
C THR B 761 19.56 14.80 4.17
N GLN B 762 19.07 13.74 3.54
CA GLN B 762 19.84 13.20 2.43
C GLN B 762 19.47 13.82 1.11
N LEU B 763 18.42 14.62 1.05
CA LEU B 763 18.17 15.38 -0.17
C LEU B 763 19.11 16.56 -0.24
N ASN B 764 19.03 17.46 0.74
CA ASN B 764 19.85 18.65 0.72
C ASN B 764 21.31 18.30 0.52
N ARG B 765 21.72 17.11 0.91
CA ARG B 765 23.05 16.67 0.54
C ARG B 765 23.17 16.52 -0.97
N ALA B 766 22.21 15.86 -1.59
CA ALA B 766 22.22 15.73 -3.04
C ALA B 766 22.28 17.10 -3.69
N LEU B 767 21.23 17.89 -3.49
CA LEU B 767 21.20 19.21 -4.12
C LEU B 767 22.39 20.08 -3.75
N THR B 768 23.08 19.79 -2.68
CA THR B 768 24.32 20.52 -2.48
C THR B 768 25.41 20.01 -3.40
N GLY B 769 25.61 18.70 -3.42
CA GLY B 769 26.64 18.15 -4.28
C GLY B 769 26.54 18.67 -5.69
N ILE B 770 25.32 18.84 -6.19
CA ILE B 770 25.12 19.55 -7.43
C ILE B 770 25.68 20.94 -7.28
N ALA B 771 24.99 21.75 -6.49
CA ALA B 771 25.28 23.18 -6.45
C ALA B 771 26.72 23.46 -6.07
N VAL B 772 27.41 22.51 -5.46
CA VAL B 772 28.83 22.71 -5.21
C VAL B 772 29.63 22.53 -6.48
N GLU B 773 29.41 21.41 -7.18
CA GLU B 773 30.23 21.21 -8.37
C GLU B 773 29.91 22.23 -9.44
N GLN B 774 28.71 22.80 -9.43
CA GLN B 774 28.39 23.83 -10.41
C GLN B 774 29.43 24.93 -10.42
N ASP B 775 30.09 25.17 -9.31
CA ASP B 775 31.21 26.10 -9.32
C ASP B 775 32.53 25.39 -9.45
N LYS B 776 32.56 24.07 -9.49
CA LYS B 776 33.75 23.44 -10.00
C LYS B 776 33.76 23.43 -11.52
N ASN B 777 32.60 23.28 -12.12
CA ASN B 777 32.48 23.37 -13.57
C ASN B 777 33.05 24.69 -14.03
N THR B 778 32.37 25.77 -13.68
CA THR B 778 32.80 27.09 -14.08
C THR B 778 34.25 27.34 -13.72
N GLN B 779 34.74 26.65 -12.71
CA GLN B 779 36.11 26.87 -12.27
C GLN B 779 37.09 26.31 -13.29
N GLU B 780 36.83 25.09 -13.75
CA GLU B 780 37.74 24.41 -14.66
C GLU B 780 37.69 24.99 -16.04
N VAL B 781 36.50 25.33 -16.49
CA VAL B 781 36.33 25.88 -17.82
C VAL B 781 37.14 27.16 -17.91
N PHE B 782 36.74 28.17 -17.15
CA PHE B 782 37.32 29.49 -17.34
C PHE B 782 38.67 29.63 -16.67
N ALA B 783 38.80 29.25 -15.41
CA ALA B 783 40.07 29.60 -14.79
C ALA B 783 41.01 28.46 -15.07
N GLN B 784 41.70 28.57 -16.18
CA GLN B 784 42.87 27.78 -16.49
C GLN B 784 44.12 28.62 -16.43
N VAL B 785 43.98 29.90 -16.17
CA VAL B 785 45.06 30.85 -16.34
C VAL B 785 45.47 31.34 -14.96
N LYS B 786 46.77 31.31 -14.71
CA LYS B 786 47.32 31.85 -13.50
C LYS B 786 46.94 33.31 -13.33
N GLN B 787 47.50 34.17 -14.16
CA GLN B 787 47.43 35.61 -13.98
C GLN B 787 46.46 36.20 -14.97
N ILE B 788 45.56 37.05 -14.50
CA ILE B 788 44.78 37.85 -15.43
C ILE B 788 45.73 38.73 -16.21
N TYR B 789 45.73 38.57 -17.52
CA TYR B 789 46.50 39.45 -18.38
C TYR B 789 45.65 40.64 -18.73
N LYS B 790 46.20 41.57 -19.49
CA LYS B 790 45.35 42.58 -20.07
C LYS B 790 46.03 43.12 -21.31
N THR B 791 45.22 43.60 -22.22
CA THR B 791 45.69 44.01 -23.52
C THR B 791 46.59 45.23 -23.40
N PRO B 792 47.39 45.48 -24.41
CA PRO B 792 48.11 46.75 -24.49
C PRO B 792 47.17 47.86 -24.91
N PRO B 793 47.56 49.12 -24.72
CA PRO B 793 46.69 50.21 -25.13
C PRO B 793 46.57 50.38 -26.63
N ILE B 794 47.64 50.19 -27.38
CA ILE B 794 47.63 50.40 -28.81
C ILE B 794 47.34 49.08 -29.50
N LYS B 795 46.35 49.08 -30.36
CA LYS B 795 46.00 47.87 -31.07
C LYS B 795 46.53 48.01 -32.49
N ASP B 796 47.63 47.33 -32.78
CA ASP B 796 48.06 47.07 -34.15
C ASP B 796 48.41 45.59 -34.24
N PHE B 797 47.51 44.80 -34.78
CA PHE B 797 47.70 43.37 -34.82
C PHE B 797 48.14 42.86 -36.18
N GLY B 798 48.40 43.74 -37.11
CA GLY B 798 48.59 43.34 -38.47
C GLY B 798 47.36 43.50 -39.32
N GLY B 799 46.38 44.25 -38.85
CA GLY B 799 45.16 44.48 -39.57
C GLY B 799 43.98 43.74 -39.02
N PHE B 800 44.19 42.76 -38.14
CA PHE B 800 43.04 42.05 -37.64
C PHE B 800 42.39 42.93 -36.61
N ASN B 801 41.09 43.04 -36.67
CA ASN B 801 40.38 44.02 -35.86
C ASN B 801 39.56 43.29 -34.83
N PHE B 802 40.02 43.32 -33.59
CA PHE B 802 39.37 42.58 -32.52
C PHE B 802 38.44 43.43 -31.67
N SER B 803 38.35 44.73 -31.95
CA SER B 803 37.60 45.62 -31.07
C SER B 803 36.21 45.08 -30.79
N GLN B 804 35.66 44.31 -31.72
CA GLN B 804 34.45 43.57 -31.45
C GLN B 804 34.56 42.77 -30.17
N ILE B 805 35.61 41.95 -30.06
CA ILE B 805 35.68 40.94 -29.02
C ILE B 805 36.53 41.34 -27.83
N LEU B 806 37.21 42.46 -27.87
CA LEU B 806 37.93 42.84 -26.67
C LEU B 806 37.01 43.53 -25.69
N PRO B 807 37.34 43.50 -24.41
CA PRO B 807 36.53 44.23 -23.44
C PRO B 807 36.38 45.67 -23.87
N ASP B 808 35.15 46.13 -23.89
CA ASP B 808 34.85 47.45 -24.41
C ASP B 808 35.00 48.43 -23.26
N PRO B 809 36.02 49.28 -23.25
CA PRO B 809 36.27 50.13 -22.07
C PRO B 809 35.13 51.09 -21.79
N SER B 810 34.25 51.30 -22.76
CA SER B 810 33.13 52.21 -22.60
C SER B 810 31.90 51.55 -21.99
N LYS B 811 32.11 50.44 -21.30
CA LYS B 811 31.02 49.72 -20.65
C LYS B 811 31.27 49.60 -19.15
N PRO B 812 30.34 50.12 -18.35
CA PRO B 812 30.50 50.06 -16.89
C PRO B 812 30.99 48.70 -16.43
N SER B 813 30.34 47.64 -16.91
CA SER B 813 30.79 46.27 -16.70
C SER B 813 31.37 45.85 -18.03
N LYS B 814 32.68 45.69 -18.10
CA LYS B 814 33.30 45.75 -19.40
C LYS B 814 33.23 44.36 -19.99
N ARG B 815 32.29 44.21 -20.92
CA ARG B 815 32.08 43.02 -21.69
C ARG B 815 32.25 43.43 -23.14
N SER B 816 32.86 42.56 -23.93
CA SER B 816 33.07 42.91 -25.31
C SER B 816 31.72 43.02 -25.99
N PHE B 817 31.71 43.67 -27.15
CA PHE B 817 30.44 43.86 -27.81
C PHE B 817 29.74 42.53 -28.02
N ILE B 818 30.37 41.64 -28.78
CA ILE B 818 29.78 40.36 -29.14
C ILE B 818 29.30 39.62 -27.91
N GLU B 819 29.88 39.91 -26.76
CA GLU B 819 29.31 39.39 -25.53
C GLU B 819 27.95 39.99 -25.28
N ASP B 820 27.80 41.30 -25.50
CA ASP B 820 26.54 41.94 -25.15
C ASP B 820 25.36 41.27 -25.82
N LEU B 821 25.47 41.06 -27.13
CA LEU B 821 24.38 40.44 -27.86
C LEU B 821 23.92 39.18 -27.15
N LEU B 822 24.86 38.44 -26.58
CA LEU B 822 24.51 37.18 -25.98
C LEU B 822 23.65 37.37 -24.75
N PHE B 823 23.83 38.47 -24.03
CA PHE B 823 23.04 38.66 -22.83
C PHE B 823 21.67 39.22 -23.14
N ASN B 824 21.45 39.67 -24.36
CA ASN B 824 20.08 39.95 -24.79
C ASN B 824 19.38 38.68 -25.25
N LYS B 825 20.05 37.89 -26.07
CA LYS B 825 19.40 36.75 -26.70
C LYS B 825 18.89 35.73 -25.70
N VAL B 826 19.29 35.84 -24.45
CA VAL B 826 18.90 34.89 -23.43
C VAL B 826 17.80 35.52 -22.58
N THR B 827 16.88 34.69 -22.12
CA THR B 827 15.81 35.10 -21.23
C THR B 827 16.25 34.93 -19.79
N ASN B 856 8.62 28.85 -0.98
CA ASN B 856 8.61 27.51 -0.41
C ASN B 856 9.99 26.97 -0.08
N GLY B 857 11.02 27.79 -0.18
CA GLY B 857 12.37 27.35 0.04
C GLY B 857 13.16 27.29 -1.24
N LEU B 858 12.48 27.35 -2.37
CA LEU B 858 13.16 27.48 -3.64
C LEU B 858 14.08 28.68 -3.60
N THR B 859 15.33 28.48 -3.96
CA THR B 859 16.30 29.55 -3.94
C THR B 859 17.00 29.63 -5.28
N VAL B 860 17.86 30.62 -5.40
CA VAL B 860 18.87 30.64 -6.43
C VAL B 860 20.15 31.03 -5.73
N LEU B 861 21.04 30.15 -5.67
CA LEU B 861 22.25 30.65 -5.05
C LEU B 861 23.09 31.35 -6.10
N PRO B 862 23.64 32.50 -5.79
CA PRO B 862 24.45 33.20 -6.75
C PRO B 862 25.69 32.38 -7.06
N PRO B 863 26.08 32.31 -8.32
CA PRO B 863 27.33 31.63 -8.64
C PRO B 863 28.49 32.30 -7.93
N LEU B 864 29.44 31.50 -7.46
CA LEU B 864 30.64 32.07 -6.87
C LEU B 864 31.23 33.15 -7.76
N LEU B 865 31.66 32.76 -8.95
CA LEU B 865 32.11 33.76 -9.88
C LEU B 865 30.93 34.60 -10.33
N THR B 866 31.20 35.80 -10.82
CA THR B 866 30.15 36.65 -11.33
C THR B 866 30.55 37.28 -12.64
N ASP B 867 29.52 37.74 -13.35
CA ASP B 867 29.70 38.18 -14.72
C ASP B 867 30.61 39.37 -14.85
N GLU B 868 31.05 39.97 -13.75
CA GLU B 868 32.23 40.80 -13.89
C GLU B 868 33.48 39.94 -13.96
N MET B 869 33.60 38.97 -13.06
CA MET B 869 34.80 38.15 -13.07
C MET B 869 34.85 37.27 -14.30
N ILE B 870 33.78 36.52 -14.54
CA ILE B 870 33.70 35.72 -15.76
C ILE B 870 34.12 36.56 -16.95
N ALA B 871 33.73 37.82 -16.95
CA ALA B 871 34.18 38.69 -18.00
C ALA B 871 35.63 39.09 -17.86
N GLN B 872 36.26 38.93 -16.70
CA GLN B 872 37.68 39.22 -16.68
C GLN B 872 38.49 38.07 -17.26
N TYR B 873 38.19 36.83 -16.85
CA TYR B 873 38.91 35.70 -17.41
C TYR B 873 38.86 35.74 -18.91
N THR B 874 37.67 35.62 -19.48
CA THR B 874 37.56 35.60 -20.91
C THR B 874 38.16 36.83 -21.54
N SER B 875 38.52 37.84 -20.75
CA SER B 875 39.41 38.86 -21.26
C SER B 875 40.86 38.41 -21.20
N ALA B 876 41.26 37.75 -20.12
CA ALA B 876 42.63 37.25 -20.05
C ALA B 876 42.89 36.28 -21.18
N LEU B 877 42.21 35.12 -21.12
CA LEU B 877 42.39 34.09 -22.12
C LEU B 877 42.40 34.68 -23.50
N LEU B 878 41.51 35.63 -23.71
CA LEU B 878 41.42 36.24 -25.01
C LEU B 878 42.52 37.25 -25.23
N ALA B 879 43.16 37.74 -24.18
CA ALA B 879 44.24 38.70 -24.37
C ALA B 879 45.62 38.09 -24.27
N GLY B 880 45.74 36.83 -23.91
CA GLY B 880 47.05 36.24 -23.99
C GLY B 880 47.15 35.53 -25.31
N THR B 881 46.00 35.11 -25.81
CA THR B 881 45.96 34.42 -27.09
C THR B 881 46.42 35.35 -28.18
N ILE B 882 46.10 36.62 -28.06
CA ILE B 882 46.50 37.57 -29.07
C ILE B 882 47.99 37.81 -29.01
N THR B 883 48.49 38.22 -27.86
CA THR B 883 49.91 38.53 -27.78
C THR B 883 50.75 37.26 -27.65
N SER B 884 50.56 36.55 -26.55
CA SER B 884 51.45 35.45 -26.20
C SER B 884 51.37 34.30 -27.18
N GLY B 885 50.19 33.98 -27.65
CA GLY B 885 50.04 32.80 -28.47
C GLY B 885 49.61 31.63 -27.64
N TRP B 886 49.96 30.42 -28.07
CA TRP B 886 49.58 29.26 -27.30
C TRP B 886 50.37 29.15 -26.00
N THR B 887 51.52 29.80 -25.93
CA THR B 887 52.46 29.48 -24.88
C THR B 887 52.00 29.90 -23.50
N PHE B 888 50.93 30.66 -23.36
CA PHE B 888 50.72 31.16 -22.02
C PHE B 888 50.11 30.12 -21.11
N GLY B 889 49.61 29.01 -21.66
CA GLY B 889 49.03 27.98 -20.83
C GLY B 889 50.04 26.92 -20.53
N ALA B 890 51.09 26.89 -21.32
CA ALA B 890 52.17 25.94 -21.16
C ALA B 890 53.26 26.45 -20.24
N GLY B 891 53.04 27.57 -19.58
CA GLY B 891 54.12 28.16 -18.82
C GLY B 891 53.89 29.66 -18.69
N ALA B 892 55.00 30.38 -18.56
CA ALA B 892 54.92 31.83 -18.52
C ALA B 892 54.60 32.37 -19.89
N ALA B 893 53.66 33.31 -19.97
CA ALA B 893 53.29 33.89 -21.25
C ALA B 893 54.50 34.56 -21.88
N LEU B 894 54.54 34.54 -23.21
CA LEU B 894 55.66 35.09 -23.95
C LEU B 894 55.11 35.91 -25.10
N GLN B 895 55.33 37.21 -25.10
CA GLN B 895 54.76 37.97 -26.19
C GLN B 895 55.41 37.57 -27.51
N ILE B 896 54.60 37.54 -28.55
CA ILE B 896 55.08 37.28 -29.90
C ILE B 896 54.21 38.10 -30.85
N PRO B 897 54.77 38.67 -31.91
CA PRO B 897 53.97 39.51 -32.80
C PRO B 897 52.86 38.71 -33.43
N PHE B 898 51.64 39.22 -33.34
CA PHE B 898 50.49 38.41 -33.71
C PHE B 898 50.65 37.83 -35.12
N ALA B 899 50.90 38.69 -36.09
CA ALA B 899 51.09 38.19 -37.44
C ALA B 899 52.25 37.22 -37.55
N MET B 900 53.09 37.10 -36.55
CA MET B 900 53.95 35.93 -36.55
C MET B 900 53.21 34.73 -36.01
N GLN B 901 52.43 34.92 -34.95
CA GLN B 901 51.69 33.81 -34.41
C GLN B 901 50.91 33.11 -35.49
N MET B 902 50.24 33.86 -36.35
CA MET B 902 49.51 33.20 -37.42
C MET B 902 50.41 32.52 -38.42
N ALA B 903 51.70 32.72 -38.37
CA ALA B 903 52.52 31.91 -39.24
C ALA B 903 52.81 30.56 -38.60
N TYR B 904 52.65 30.45 -37.30
CA TYR B 904 52.82 29.17 -36.61
C TYR B 904 51.51 28.48 -36.39
N ARG B 905 50.41 29.10 -36.73
CA ARG B 905 49.18 28.34 -36.81
C ARG B 905 48.89 27.84 -38.21
N PHE B 906 49.60 28.32 -39.22
CA PHE B 906 49.49 27.66 -40.51
C PHE B 906 50.40 26.46 -40.59
N ASN B 907 51.61 26.54 -40.04
CA ASN B 907 52.42 25.35 -40.00
C ASN B 907 51.69 24.20 -39.36
N GLY B 908 50.77 24.51 -38.45
CA GLY B 908 49.96 23.45 -37.87
C GLY B 908 49.15 22.72 -38.93
N ILE B 909 48.46 23.47 -39.77
CA ILE B 909 47.50 22.87 -40.68
C ILE B 909 48.18 22.50 -41.99
N GLY B 910 49.49 22.57 -42.02
CA GLY B 910 50.17 22.10 -43.19
C GLY B 910 50.18 23.07 -44.35
N VAL B 911 49.91 24.33 -44.11
CA VAL B 911 50.13 25.37 -45.10
C VAL B 911 51.40 26.09 -44.70
N THR B 912 52.38 26.08 -45.59
CA THR B 912 53.61 26.76 -45.30
C THR B 912 53.34 28.23 -45.03
N GLN B 913 54.14 28.80 -44.14
CA GLN B 913 53.95 30.17 -43.70
C GLN B 913 54.10 31.18 -44.82
N ASN B 914 54.82 30.87 -45.87
CA ASN B 914 54.93 31.86 -46.93
C ASN B 914 53.58 32.13 -47.57
N VAL B 915 52.55 31.40 -47.20
CA VAL B 915 51.21 31.74 -47.64
C VAL B 915 50.67 32.91 -46.85
N LEU B 916 50.83 32.89 -45.53
CA LEU B 916 50.26 33.96 -44.72
C LEU B 916 50.77 35.33 -45.12
N TYR B 917 52.04 35.59 -44.86
CA TYR B 917 52.58 36.93 -45.08
C TYR B 917 52.23 37.43 -46.45
N GLU B 918 52.44 36.61 -47.46
CA GLU B 918 52.19 37.09 -48.80
C GLU B 918 50.74 37.45 -49.02
N ASN B 919 49.82 36.85 -48.29
CA ASN B 919 48.44 37.25 -48.41
C ASN B 919 47.97 38.17 -47.30
N GLN B 920 48.85 38.57 -46.40
CA GLN B 920 48.44 39.04 -45.08
C GLN B 920 47.25 39.97 -45.10
N LYS B 921 47.19 40.89 -46.06
CA LYS B 921 46.15 41.90 -46.06
C LYS B 921 44.79 41.32 -46.38
N LEU B 922 44.71 40.61 -47.50
CA LEU B 922 43.49 39.89 -47.82
C LEU B 922 42.98 39.12 -46.62
N ILE B 923 43.86 38.37 -45.98
CA ILE B 923 43.42 37.50 -44.90
C ILE B 923 42.85 38.34 -43.77
N ALA B 924 43.43 39.50 -43.52
CA ALA B 924 42.87 40.38 -42.50
C ALA B 924 41.40 40.63 -42.76
N ASN B 925 41.06 41.04 -43.99
CA ASN B 925 39.67 41.32 -44.30
C ASN B 925 38.81 40.08 -44.11
N GLN B 926 39.15 39.00 -44.81
CA GLN B 926 38.40 37.77 -44.69
C GLN B 926 38.20 37.43 -43.23
N PHE B 927 39.19 37.68 -42.42
CA PHE B 927 38.93 37.61 -41.00
C PHE B 927 37.86 38.62 -40.64
N ASN B 928 38.17 39.92 -40.78
CA ASN B 928 37.32 40.96 -40.23
C ASN B 928 35.87 40.81 -40.66
N SER B 929 35.62 40.75 -41.96
CA SER B 929 34.26 40.53 -42.43
C SER B 929 33.62 39.38 -41.71
N ALA B 930 34.32 38.25 -41.66
CA ALA B 930 33.78 37.09 -40.99
C ALA B 930 33.43 37.40 -39.55
N ILE B 931 34.19 38.29 -38.91
CA ILE B 931 33.79 38.75 -37.59
C ILE B 931 32.44 39.42 -37.67
N GLY B 932 32.28 40.38 -38.58
CA GLY B 932 31.07 41.16 -38.63
C GLY B 932 29.83 40.29 -38.75
N LYS B 933 29.82 39.41 -39.75
CA LYS B 933 28.66 38.56 -39.99
C LYS B 933 28.20 37.86 -38.73
N ILE B 934 29.13 37.47 -37.87
CA ILE B 934 28.75 36.76 -36.65
C ILE B 934 27.74 37.58 -35.87
N GLN B 935 27.96 38.88 -35.79
CA GLN B 935 27.04 39.73 -35.06
C GLN B 935 25.62 39.56 -35.58
N ASP B 936 25.46 39.69 -36.89
CA ASP B 936 24.12 39.62 -37.45
C ASP B 936 23.63 38.20 -37.50
N SER B 937 24.53 37.24 -37.58
CA SER B 937 24.15 35.87 -37.32
C SER B 937 23.56 35.73 -35.93
N LEU B 938 23.83 36.69 -35.05
CA LEU B 938 23.23 36.74 -33.72
C LEU B 938 22.11 37.76 -33.66
N SER B 939 22.46 39.04 -33.84
CA SER B 939 21.55 40.13 -33.46
C SER B 939 20.15 39.95 -34.03
N SER B 940 20.02 39.37 -35.20
CA SER B 940 18.70 39.12 -35.76
C SER B 940 18.20 37.71 -35.51
N THR B 941 18.99 36.86 -34.87
CA THR B 941 18.58 35.47 -34.63
C THR B 941 18.85 35.10 -33.18
N ALA B 942 17.77 34.85 -32.43
CA ALA B 942 17.92 34.33 -31.08
C ALA B 942 18.13 32.82 -31.06
N SER B 943 17.58 32.13 -32.05
CA SER B 943 17.66 30.67 -32.09
C SER B 943 19.08 30.15 -32.26
N ALA B 944 20.05 31.03 -32.54
CA ALA B 944 21.44 30.60 -32.54
C ALA B 944 21.85 30.07 -31.17
N LEU B 945 21.24 30.57 -30.10
CA LEU B 945 21.56 30.17 -28.73
C LEU B 945 20.76 28.97 -28.27
N GLY B 946 20.12 28.26 -29.17
CA GLY B 946 19.17 27.25 -28.77
C GLY B 946 19.63 26.40 -27.60
N LYS B 947 20.88 25.96 -27.60
CA LYS B 947 21.38 25.10 -26.53
C LYS B 947 21.20 25.75 -25.18
N LEU B 948 21.98 26.80 -24.93
CA LEU B 948 21.87 27.58 -23.72
C LEU B 948 20.44 27.97 -23.45
N GLN B 949 19.68 28.24 -24.50
CA GLN B 949 18.30 28.63 -24.29
C GLN B 949 17.52 27.50 -23.67
N ASP B 950 17.82 26.27 -24.06
CA ASP B 950 17.06 25.16 -23.53
C ASP B 950 17.42 24.88 -22.09
N VAL B 951 18.71 24.77 -21.80
CA VAL B 951 19.19 24.46 -20.46
C VAL B 951 18.47 25.32 -19.44
N VAL B 952 18.28 26.59 -19.75
CA VAL B 952 17.52 27.44 -18.85
C VAL B 952 16.09 26.97 -18.77
N ASN B 953 15.43 26.82 -19.92
CA ASN B 953 14.02 26.43 -19.90
C ASN B 953 13.81 25.18 -19.08
N GLN B 954 14.53 24.11 -19.43
CA GLN B 954 14.35 22.86 -18.69
C GLN B 954 14.49 23.05 -17.20
N ASN B 955 15.38 23.93 -16.77
CA ASN B 955 15.43 24.21 -15.35
C ASN B 955 14.11 24.79 -14.89
N ALA B 956 13.77 25.98 -15.37
CA ALA B 956 12.50 26.59 -15.01
C ALA B 956 11.37 25.60 -15.20
N GLN B 957 11.37 24.88 -16.30
CA GLN B 957 10.34 23.90 -16.55
C GLN B 957 10.25 22.88 -15.45
N ALA B 958 11.32 22.66 -14.69
CA ALA B 958 11.22 21.77 -13.55
C ALA B 958 10.47 22.45 -12.42
N LEU B 959 11.04 23.53 -11.91
CA LEU B 959 10.50 24.21 -10.74
C LEU B 959 9.01 24.43 -10.86
N ASN B 960 8.57 25.01 -11.97
CA ASN B 960 7.14 25.17 -12.18
C ASN B 960 6.44 23.85 -11.94
N THR B 961 6.76 22.85 -12.73
CA THR B 961 6.22 21.53 -12.50
C THR B 961 6.40 21.10 -11.06
N LEU B 962 7.49 21.49 -10.43
CA LEU B 962 7.66 21.18 -9.02
C LEU B 962 6.71 22.00 -8.17
N VAL B 963 6.67 23.31 -8.40
CA VAL B 963 5.81 24.17 -7.60
C VAL B 963 4.36 23.69 -7.66
N LYS B 964 3.83 23.58 -8.87
CA LYS B 964 2.43 23.18 -9.01
C LYS B 964 2.10 21.95 -8.20
N GLN B 965 3.05 21.05 -8.02
CA GLN B 965 2.80 19.88 -7.20
C GLN B 965 2.33 20.26 -5.81
N LEU B 966 2.59 21.48 -5.37
CA LEU B 966 2.03 21.89 -4.09
C LEU B 966 0.52 21.93 -4.13
N SER B 967 -0.04 22.31 -5.27
CA SER B 967 -1.49 22.45 -5.32
C SER B 967 -2.19 21.10 -5.30
N SER B 968 -1.57 20.07 -5.88
CA SER B 968 -2.27 18.80 -6.01
C SER B 968 -2.60 18.21 -4.65
N ASN B 969 -3.67 17.44 -4.62
CA ASN B 969 -4.17 16.88 -3.38
C ASN B 969 -3.66 15.49 -3.10
N PHE B 970 -3.02 14.85 -4.08
CA PHE B 970 -2.48 13.51 -3.89
C PHE B 970 -3.50 12.59 -3.27
N GLY B 971 -4.77 12.81 -3.57
CA GLY B 971 -5.83 12.11 -2.92
C GLY B 971 -6.24 12.68 -1.58
N ALA B 972 -5.39 13.48 -0.95
CA ALA B 972 -5.77 14.04 0.33
C ALA B 972 -6.91 15.03 0.16
N ILE B 973 -7.58 15.32 1.26
CA ILE B 973 -8.87 16.00 1.18
C ILE B 973 -8.71 17.50 1.14
N SER B 974 -7.47 17.98 1.09
CA SER B 974 -7.28 19.39 0.78
C SER B 974 -5.85 19.61 0.32
N SER B 975 -5.65 20.74 -0.35
CA SER B 975 -4.30 21.09 -0.77
C SER B 975 -3.49 21.68 0.36
N VAL B 976 -4.08 22.56 1.14
CA VAL B 976 -3.32 23.32 2.13
C VAL B 976 -3.22 22.52 3.42
N LEU B 977 -2.05 22.60 4.04
CA LEU B 977 -1.75 21.83 5.23
C LEU B 977 -2.54 22.35 6.41
N ASN B 978 -2.50 23.67 6.63
CA ASN B 978 -3.25 24.31 7.69
C ASN B 978 -4.71 23.89 7.69
N ASP B 979 -5.33 23.99 6.53
CA ASP B 979 -6.74 23.70 6.41
C ASP B 979 -7.03 22.23 6.61
N ILE B 980 -6.04 21.38 6.40
CA ILE B 980 -6.17 20.04 6.92
C ILE B 980 -5.84 20.03 8.39
N LEU B 981 -4.84 20.80 8.82
CA LEU B 981 -4.54 20.93 10.24
C LEU B 981 -5.76 21.41 11.00
N SER B 982 -6.18 22.66 10.72
CA SER B 982 -7.31 23.25 11.40
C SER B 982 -8.52 22.32 11.42
N ARG B 983 -9.13 22.12 10.26
CA ARG B 983 -10.42 21.44 10.16
C ARG B 983 -10.47 20.13 10.92
N LEU B 984 -9.37 19.40 10.98
CA LEU B 984 -9.46 17.97 11.20
C LEU B 984 -8.95 17.56 12.58
N ASP B 985 -9.51 16.46 13.09
CA ASP B 985 -9.00 15.81 14.30
C ASP B 985 -7.72 15.06 13.96
N PRO B 986 -6.72 15.06 14.84
CA PRO B 986 -5.41 14.52 14.49
C PRO B 986 -5.50 13.13 13.89
N PRO B 987 -6.29 12.20 14.47
CA PRO B 987 -6.39 10.87 13.84
C PRO B 987 -6.96 10.91 12.45
N GLU B 988 -7.65 12.00 12.09
CA GLU B 988 -7.90 12.32 10.69
C GLU B 988 -6.65 12.95 10.09
N ALA B 989 -6.27 14.11 10.63
CA ALA B 989 -5.17 14.89 10.07
C ALA B 989 -3.98 14.01 9.79
N GLU B 990 -3.62 13.15 10.74
CA GLU B 990 -2.50 12.25 10.53
C GLU B 990 -2.66 11.49 9.21
N VAL B 991 -3.72 10.69 9.11
CA VAL B 991 -3.87 9.88 7.91
C VAL B 991 -3.99 10.74 6.68
N GLN B 992 -4.58 11.92 6.79
CA GLN B 992 -4.61 12.81 5.64
C GLN B 992 -3.23 13.38 5.36
N ILE B 993 -2.58 13.93 6.38
CA ILE B 993 -1.33 14.64 6.15
C ILE B 993 -0.27 13.74 5.57
N ASP B 994 -0.33 12.45 5.87
CA ASP B 994 0.54 11.52 5.17
C ASP B 994 0.45 11.70 3.67
N ARG B 995 -0.75 11.48 3.12
CA ARG B 995 -0.92 11.54 1.68
C ARG B 995 -0.27 12.76 1.08
N LEU B 996 -0.45 13.93 1.70
CA LEU B 996 0.33 15.07 1.26
C LEU B 996 1.81 14.76 1.31
N ILE B 997 2.32 14.51 2.49
CA ILE B 997 3.76 14.30 2.66
C ILE B 997 4.23 13.26 1.65
N THR B 998 3.75 12.03 1.80
CA THR B 998 4.19 10.97 0.90
C THR B 998 4.10 11.41 -0.54
N GLY B 999 3.07 12.14 -0.90
CA GLY B 999 3.07 12.68 -2.23
C GLY B 999 4.13 13.72 -2.38
N ARG B 1000 4.07 14.79 -1.58
CA ARG B 1000 4.98 15.90 -1.81
C ARG B 1000 6.42 15.45 -1.68
N LEU B 1001 6.68 14.53 -0.77
CA LEU B 1001 7.99 13.91 -0.70
C LEU B 1001 8.36 13.33 -2.05
N GLN B 1002 7.60 12.35 -2.50
CA GLN B 1002 7.90 11.69 -3.75
C GLN B 1002 8.07 12.67 -4.89
N SER B 1003 7.40 13.81 -4.81
CA SER B 1003 7.58 14.80 -5.85
C SER B 1003 9.00 15.33 -5.86
N LEU B 1004 9.60 15.49 -4.69
CA LEU B 1004 11.00 15.90 -4.65
C LEU B 1004 11.89 14.86 -5.30
N GLN B 1005 11.83 13.63 -4.81
CA GLN B 1005 12.73 12.61 -5.32
C GLN B 1005 12.68 12.56 -6.82
N THR B 1006 11.50 12.79 -7.40
CA THR B 1006 11.46 13.02 -8.82
C THR B 1006 12.27 14.23 -9.19
N TYR B 1007 11.94 15.38 -8.59
CA TYR B 1007 12.63 16.60 -8.96
C TYR B 1007 14.12 16.49 -8.70
N VAL B 1008 14.50 15.84 -7.61
CA VAL B 1008 15.93 15.72 -7.34
C VAL B 1008 16.58 14.88 -8.42
N THR B 1009 16.09 13.67 -8.61
CA THR B 1009 16.67 12.79 -9.60
C THR B 1009 16.81 13.48 -10.94
N GLN B 1010 15.79 14.21 -11.35
CA GLN B 1010 15.89 14.93 -12.61
C GLN B 1010 17.10 15.82 -12.61
N GLN B 1011 17.33 16.55 -11.52
CA GLN B 1011 18.52 17.36 -11.45
C GLN B 1011 19.76 16.51 -11.62
N LEU B 1012 19.98 15.56 -10.71
CA LEU B 1012 21.18 14.75 -10.77
C LEU B 1012 21.43 14.25 -12.17
N ILE B 1013 20.41 13.67 -12.79
CA ILE B 1013 20.58 13.18 -14.15
C ILE B 1013 20.92 14.32 -15.08
N ARG B 1014 20.21 15.42 -14.94
CA ARG B 1014 20.50 16.55 -15.81
C ARG B 1014 21.83 17.15 -15.48
N ALA B 1015 22.08 17.39 -14.20
CA ALA B 1015 23.33 18.02 -13.82
C ALA B 1015 24.52 17.15 -14.13
N ALA B 1016 24.33 15.87 -14.38
CA ALA B 1016 25.42 15.06 -14.86
C ALA B 1016 25.66 15.26 -16.33
N GLU B 1017 24.60 15.58 -17.07
CA GLU B 1017 24.75 15.89 -18.48
C GLU B 1017 25.59 17.14 -18.66
N ILE B 1018 25.24 18.21 -17.95
CA ILE B 1018 26.04 19.42 -17.99
C ILE B 1018 27.49 19.09 -17.73
N ARG B 1019 27.74 18.36 -16.65
CA ARG B 1019 29.08 17.94 -16.31
C ARG B 1019 29.77 17.29 -17.49
N ALA B 1020 29.02 16.58 -18.32
CA ALA B 1020 29.63 16.02 -19.50
C ALA B 1020 29.89 17.09 -20.53
N SER B 1021 29.07 18.11 -20.58
CA SER B 1021 29.32 19.20 -21.51
C SER B 1021 30.24 20.26 -20.95
N ALA B 1022 30.42 20.30 -19.64
CA ALA B 1022 31.48 21.15 -19.12
C ALA B 1022 32.83 20.54 -19.43
N ASN B 1023 32.99 19.26 -19.15
CA ASN B 1023 34.21 18.56 -19.46
C ASN B 1023 34.54 18.61 -20.93
N LEU B 1024 33.57 18.92 -21.78
CA LEU B 1024 33.90 19.10 -23.17
C LEU B 1024 34.44 20.50 -23.43
N ALA B 1025 33.88 21.51 -22.79
CA ALA B 1025 34.41 22.85 -22.98
C ALA B 1025 35.81 22.95 -22.40
N ALA B 1026 35.96 22.52 -21.16
CA ALA B 1026 37.28 22.54 -20.54
C ALA B 1026 38.29 21.84 -21.41
N THR B 1027 37.85 20.95 -22.27
CA THR B 1027 38.76 20.40 -23.27
C THR B 1027 38.94 21.37 -24.42
N LYS B 1028 37.86 21.88 -24.98
CA LYS B 1028 38.01 22.83 -26.07
C LYS B 1028 38.79 24.04 -25.63
N MET B 1029 38.48 24.54 -24.44
CA MET B 1029 39.23 25.65 -23.90
C MET B 1029 40.70 25.34 -23.87
N SER B 1030 41.05 24.16 -23.39
CA SER B 1030 42.46 23.81 -23.30
C SER B 1030 43.04 23.58 -24.67
N GLU B 1031 42.45 22.69 -25.45
CA GLU B 1031 43.08 22.33 -26.71
C GLU B 1031 42.87 23.39 -27.76
N CYS B 1032 41.64 23.81 -27.95
CA CYS B 1032 41.33 24.59 -29.13
C CYS B 1032 41.71 26.05 -28.94
N VAL B 1033 41.77 26.53 -27.71
CA VAL B 1033 42.18 27.91 -27.45
C VAL B 1033 43.67 27.93 -27.16
N LEU B 1034 44.02 27.48 -25.96
CA LEU B 1034 45.40 27.53 -25.50
C LEU B 1034 46.35 26.84 -26.45
N GLY B 1035 45.89 25.87 -27.24
CA GLY B 1035 46.74 25.26 -28.22
C GLY B 1035 46.30 25.55 -29.64
N GLN B 1036 46.66 24.67 -30.55
CA GLN B 1036 46.00 24.56 -31.85
C GLN B 1036 45.64 23.11 -32.05
N SER B 1037 44.36 22.82 -32.20
CA SER B 1037 43.90 21.46 -32.18
C SER B 1037 44.13 20.76 -33.50
N LYS B 1038 44.69 19.57 -33.44
CA LYS B 1038 44.84 18.75 -34.63
C LYS B 1038 43.66 17.82 -34.83
N ARG B 1039 42.73 17.80 -33.90
CA ARG B 1039 41.62 16.86 -33.99
C ARG B 1039 40.62 17.38 -34.99
N VAL B 1040 40.40 16.62 -36.05
CA VAL B 1040 39.56 17.11 -37.13
C VAL B 1040 38.14 17.33 -36.61
N ASP B 1041 37.56 18.47 -36.96
CA ASP B 1041 36.17 18.78 -36.69
C ASP B 1041 35.82 18.68 -35.21
N PHE B 1042 36.84 18.79 -34.37
CA PHE B 1042 36.62 19.04 -32.96
C PHE B 1042 36.43 20.53 -32.72
N CYS B 1043 37.18 21.34 -33.45
CA CYS B 1043 37.08 22.78 -33.44
C CYS B 1043 36.16 23.34 -34.50
N GLY B 1044 35.40 22.53 -35.19
CA GLY B 1044 34.52 23.11 -36.18
C GLY B 1044 35.04 22.90 -37.59
N LYS B 1045 34.11 22.84 -38.54
CA LYS B 1045 34.43 22.30 -39.84
C LYS B 1045 35.55 23.08 -40.51
N GLY B 1046 36.57 22.36 -40.93
CA GLY B 1046 37.73 22.95 -41.55
C GLY B 1046 38.94 22.86 -40.64
N TYR B 1047 40.11 23.05 -41.25
CA TYR B 1047 41.34 23.14 -40.50
C TYR B 1047 41.24 24.27 -39.50
N HIS B 1048 41.69 24.02 -38.28
CA HIS B 1048 41.51 24.96 -37.19
C HIS B 1048 42.70 25.89 -37.07
N LEU B 1049 42.42 27.15 -36.77
CA LEU B 1049 43.47 28.14 -36.54
C LEU B 1049 43.51 28.62 -35.11
N MET B 1050 42.46 29.26 -34.61
CA MET B 1050 42.49 29.66 -33.23
C MET B 1050 41.06 29.68 -32.71
N SER B 1051 40.89 30.12 -31.48
CA SER B 1051 39.55 30.18 -30.95
C SER B 1051 39.48 31.28 -29.94
N PHE B 1052 38.33 31.92 -29.88
CA PHE B 1052 38.08 33.01 -28.97
C PHE B 1052 36.92 32.64 -28.08
N PRO B 1053 37.13 32.39 -26.81
CA PRO B 1053 35.99 32.17 -25.93
C PRO B 1053 35.27 33.47 -25.71
N GLN B 1054 33.97 33.37 -25.53
CA GLN B 1054 33.16 34.50 -25.10
C GLN B 1054 32.17 33.98 -24.11
N SER B 1055 32.02 34.66 -22.99
CA SER B 1055 31.10 34.19 -21.97
C SER B 1055 29.68 34.46 -22.38
N ALA B 1056 28.79 33.61 -21.94
CA ALA B 1056 27.37 33.73 -22.18
C ALA B 1056 26.70 33.36 -20.88
N PRO B 1057 25.41 33.62 -20.69
CA PRO B 1057 24.79 33.24 -19.42
C PRO B 1057 24.86 31.73 -19.24
N HIS B 1058 25.46 31.31 -18.14
CA HIS B 1058 25.62 29.91 -17.81
C HIS B 1058 26.08 29.10 -19.01
N GLY B 1059 27.13 29.58 -19.65
CA GLY B 1059 27.63 28.87 -20.80
C GLY B 1059 28.66 29.70 -21.51
N VAL B 1060 29.38 29.05 -22.40
CA VAL B 1060 30.49 29.71 -23.08
C VAL B 1060 30.27 29.57 -24.57
N VAL B 1061 30.78 30.53 -25.32
CA VAL B 1061 30.63 30.58 -26.75
C VAL B 1061 31.99 30.74 -27.37
N PHE B 1062 32.35 29.84 -28.26
CA PHE B 1062 33.65 29.89 -28.90
C PHE B 1062 33.50 30.44 -30.30
N LEU B 1063 34.44 31.24 -30.70
CA LEU B 1063 34.53 31.65 -32.09
C LEU B 1063 35.68 30.88 -32.68
N HIS B 1064 35.38 29.88 -33.47
CA HIS B 1064 36.43 29.06 -34.04
C HIS B 1064 36.81 29.65 -35.37
N VAL B 1065 38.04 30.13 -35.48
CA VAL B 1065 38.50 30.68 -36.74
C VAL B 1065 39.15 29.54 -37.50
N THR B 1066 38.53 29.11 -38.58
CA THR B 1066 38.97 27.91 -39.25
C THR B 1066 39.38 28.25 -40.68
N TYR B 1067 40.15 27.37 -41.26
CA TYR B 1067 40.72 27.57 -42.58
C TYR B 1067 40.08 26.61 -43.55
N VAL B 1068 39.28 27.14 -44.47
CA VAL B 1068 38.56 26.28 -45.41
C VAL B 1068 39.08 26.57 -46.81
N PRO B 1069 39.57 25.59 -47.54
CA PRO B 1069 40.05 25.84 -48.90
C PRO B 1069 38.90 26.03 -49.86
N ALA B 1070 39.19 26.71 -50.97
CA ALA B 1070 38.09 27.05 -51.86
C ALA B 1070 38.22 26.53 -53.28
N GLN B 1071 39.02 27.17 -54.11
CA GLN B 1071 38.89 27.05 -55.56
C GLN B 1071 39.87 26.02 -56.11
N GLU B 1072 39.34 24.91 -56.58
CA GLU B 1072 40.08 23.76 -57.05
C GLU B 1072 40.62 23.96 -58.45
N LYS B 1073 41.63 23.19 -58.79
CA LYS B 1073 41.97 22.97 -60.18
C LYS B 1073 42.39 21.53 -60.33
N ASN B 1074 41.85 20.85 -61.34
CA ASN B 1074 42.31 19.51 -61.57
C ASN B 1074 43.77 19.52 -61.99
N PHE B 1075 44.43 18.40 -61.76
CA PHE B 1075 45.77 18.23 -62.27
C PHE B 1075 46.01 16.76 -62.48
N THR B 1076 46.99 16.46 -63.32
CA THR B 1076 47.48 15.11 -63.49
C THR B 1076 48.63 14.91 -62.54
N THR B 1077 48.59 13.83 -61.79
CA THR B 1077 49.54 13.59 -60.71
C THR B 1077 50.15 12.22 -60.82
N ALA B 1078 51.43 12.10 -60.49
CA ALA B 1078 52.04 10.81 -60.50
C ALA B 1078 52.95 10.64 -59.29
N PRO B 1079 52.90 9.47 -58.64
CA PRO B 1079 53.48 9.35 -57.31
C PRO B 1079 54.99 9.39 -57.24
N ALA B 1080 55.71 9.25 -58.34
CA ALA B 1080 57.16 9.34 -58.23
C ALA B 1080 57.69 9.99 -59.50
N ILE B 1081 59.01 10.01 -59.63
CA ILE B 1081 59.64 10.36 -60.89
C ILE B 1081 60.88 9.50 -61.07
N CYS B 1082 60.98 8.78 -62.18
CA CYS B 1082 62.27 8.23 -62.54
C CYS B 1082 63.10 9.38 -63.07
N HIS B 1083 64.23 9.65 -62.47
CA HIS B 1083 65.08 10.56 -63.23
C HIS B 1083 66.14 9.73 -63.92
N ASP B 1084 67.13 9.27 -63.18
CA ASP B 1084 68.15 8.45 -63.79
C ASP B 1084 67.80 6.99 -63.74
N GLY B 1085 66.60 6.66 -63.30
CA GLY B 1085 66.21 5.30 -63.02
C GLY B 1085 66.09 5.04 -61.54
N LYS B 1086 66.76 5.82 -60.72
CA LYS B 1086 66.31 5.93 -59.37
C LYS B 1086 64.94 6.58 -59.39
N ALA B 1087 64.16 6.33 -58.36
CA ALA B 1087 62.94 7.10 -58.26
C ALA B 1087 63.26 8.48 -57.68
N HIS B 1088 62.23 9.28 -57.49
CA HIS B 1088 62.32 10.40 -56.57
C HIS B 1088 60.99 10.59 -55.89
N PHE B 1089 60.99 10.64 -54.61
CA PHE B 1089 59.64 10.94 -54.24
C PHE B 1089 59.62 12.33 -53.65
N PRO B 1090 58.51 13.03 -53.70
CA PRO B 1090 58.50 14.40 -53.20
C PRO B 1090 58.63 14.38 -51.70
N ARG B 1091 59.40 15.32 -51.15
CA ARG B 1091 59.59 15.25 -49.71
C ARG B 1091 58.34 15.70 -48.98
N GLU B 1092 57.70 16.76 -49.44
CA GLU B 1092 56.50 17.27 -48.80
C GLU B 1092 55.49 17.61 -49.86
N GLY B 1093 54.35 16.97 -49.85
CA GLY B 1093 53.31 17.29 -50.79
C GLY B 1093 53.53 16.69 -52.17
N VAL B 1094 52.46 16.69 -52.95
CA VAL B 1094 52.35 15.84 -54.11
C VAL B 1094 53.21 16.36 -55.24
N PHE B 1095 53.50 15.48 -56.19
CA PHE B 1095 53.79 15.91 -57.54
C PHE B 1095 52.51 16.26 -58.25
N VAL B 1096 52.59 17.21 -59.17
CA VAL B 1096 51.46 17.51 -60.04
C VAL B 1096 52.01 17.88 -61.39
N SER B 1097 51.15 17.85 -62.38
CA SER B 1097 51.47 18.46 -63.64
C SER B 1097 50.23 19.08 -64.20
N ASN B 1098 50.42 20.20 -64.87
CA ASN B 1098 49.36 20.81 -65.64
C ASN B 1098 49.40 20.39 -67.09
N GLY B 1099 50.26 19.42 -67.42
CA GLY B 1099 50.39 18.96 -68.77
C GLY B 1099 51.71 19.26 -69.44
N THR B 1100 52.61 20.04 -68.83
CA THR B 1100 53.99 20.01 -69.31
C THR B 1100 54.94 19.90 -68.14
N HIS B 1101 54.96 20.95 -67.34
CA HIS B 1101 56.01 21.13 -66.37
C HIS B 1101 55.56 20.49 -65.08
N TRP B 1102 56.17 19.38 -64.74
CA TRP B 1102 55.85 18.79 -63.45
C TRP B 1102 56.20 19.74 -62.33
N PHE B 1103 55.40 19.70 -61.29
CA PHE B 1103 55.52 20.60 -60.16
C PHE B 1103 55.29 19.81 -58.91
N VAL B 1104 56.28 19.80 -58.01
CA VAL B 1104 55.96 19.44 -56.64
C VAL B 1104 55.10 20.55 -56.07
N THR B 1105 54.26 20.21 -55.12
CA THR B 1105 53.60 21.30 -54.43
C THR B 1105 53.18 20.82 -53.07
N GLN B 1106 52.88 21.78 -52.21
CA GLN B 1106 52.28 21.48 -50.93
C GLN B 1106 50.83 21.14 -51.16
N ARG B 1107 50.28 20.32 -50.27
CA ARG B 1107 49.01 19.71 -50.61
C ARG B 1107 47.84 20.67 -50.47
N ASN B 1108 47.73 21.34 -49.34
CA ASN B 1108 46.50 22.04 -49.02
C ASN B 1108 46.42 23.42 -49.63
N PHE B 1109 47.39 23.82 -50.42
CA PHE B 1109 47.30 25.09 -51.10
C PHE B 1109 48.15 25.00 -52.34
N TYR B 1110 47.75 25.66 -53.41
CA TYR B 1110 48.41 25.44 -54.68
C TYR B 1110 49.53 26.44 -54.83
N GLU B 1111 50.75 25.94 -54.75
CA GLU B 1111 51.94 26.78 -54.87
C GLU B 1111 53.01 25.99 -55.58
N PRO B 1112 52.91 25.87 -56.90
CA PRO B 1112 53.83 25.00 -57.62
C PRO B 1112 55.26 25.49 -57.48
N GLN B 1113 56.18 24.56 -57.69
CA GLN B 1113 57.61 24.81 -57.59
C GLN B 1113 58.30 23.87 -58.54
N ILE B 1114 59.36 24.32 -59.19
CA ILE B 1114 60.09 23.39 -60.04
C ILE B 1114 60.79 22.39 -59.13
N ILE B 1115 61.01 21.19 -59.65
CA ILE B 1115 61.40 20.07 -58.82
C ILE B 1115 62.92 19.98 -58.79
N THR B 1116 63.49 20.27 -57.65
CA THR B 1116 64.92 20.05 -57.46
C THR B 1116 65.09 19.09 -56.30
N THR B 1117 66.34 18.73 -56.03
CA THR B 1117 66.59 17.64 -55.08
C THR B 1117 66.11 17.98 -53.69
N ASP B 1118 66.11 19.26 -53.33
CA ASP B 1118 65.61 19.63 -52.02
C ASP B 1118 64.15 19.29 -51.85
N ASN B 1119 63.41 19.13 -52.94
CA ASN B 1119 62.02 18.76 -52.84
C ASN B 1119 61.83 17.26 -52.72
N THR B 1120 62.81 16.48 -53.13
CA THR B 1120 62.66 15.06 -53.34
C THR B 1120 63.66 14.28 -52.51
N PHE B 1121 63.39 13.01 -52.34
CA PHE B 1121 64.41 12.15 -51.78
C PHE B 1121 64.38 10.84 -52.53
N VAL B 1122 65.54 10.40 -52.99
CA VAL B 1122 65.61 9.22 -53.80
C VAL B 1122 65.27 8.00 -52.97
N SER B 1123 64.59 7.04 -53.58
CA SER B 1123 64.48 5.72 -52.99
C SER B 1123 64.61 4.66 -54.06
N GLY B 1124 65.66 3.86 -53.99
CA GLY B 1124 65.79 2.71 -54.86
C GLY B 1124 65.71 3.06 -56.32
N ASN B 1125 65.26 2.11 -57.13
CA ASN B 1125 65.15 2.32 -58.57
C ASN B 1125 63.72 2.09 -59.01
N CYS B 1126 63.48 2.34 -60.29
CA CYS B 1126 62.12 2.56 -60.81
C CYS B 1126 61.16 1.43 -60.52
N ASP B 1127 61.35 0.31 -61.20
CA ASP B 1127 60.27 -0.56 -61.64
C ASP B 1127 59.19 -0.80 -60.59
N VAL B 1128 59.61 -0.96 -59.34
CA VAL B 1128 58.66 -1.37 -58.32
C VAL B 1128 57.61 -0.29 -58.10
N VAL B 1129 58.00 0.97 -58.23
CA VAL B 1129 57.02 2.04 -58.18
C VAL B 1129 55.99 1.78 -59.27
N ILE B 1130 54.76 2.18 -59.01
CA ILE B 1130 53.67 1.94 -59.92
C ILE B 1130 53.05 3.29 -60.26
N GLY B 1131 53.18 3.71 -61.51
CA GLY B 1131 52.72 5.00 -61.92
C GLY B 1131 53.80 6.03 -62.09
N ILE B 1132 55.07 5.64 -62.03
CA ILE B 1132 56.14 6.60 -62.11
C ILE B 1132 56.17 7.24 -63.49
N VAL B 1133 56.78 8.42 -63.59
CA VAL B 1133 56.82 9.14 -64.86
C VAL B 1133 58.16 9.81 -65.06
N ASN B 1134 58.59 9.86 -66.31
CA ASN B 1134 59.86 10.50 -66.61
C ASN B 1134 59.80 12.00 -66.39
N ASN B 1135 61.00 12.57 -66.28
CA ASN B 1135 61.17 14.00 -66.07
C ASN B 1135 62.65 14.25 -65.88
N THR B 1136 63.01 15.53 -65.90
CA THR B 1136 64.33 15.98 -65.50
C THR B 1136 64.18 16.57 -64.12
N VAL B 1137 64.74 15.93 -63.11
CA VAL B 1137 64.67 16.49 -61.77
C VAL B 1137 65.86 17.41 -61.64
N TYR B 1138 65.58 18.69 -61.55
CA TYR B 1138 66.62 19.68 -61.70
C TYR B 1138 67.62 19.53 -60.58
N ASP B 1139 68.83 20.01 -60.84
CA ASP B 1139 69.93 19.84 -59.91
C ASP B 1139 70.39 21.20 -59.41
N PRO B 1140 70.17 21.53 -58.14
CA PRO B 1140 70.51 22.87 -57.68
C PRO B 1140 71.98 23.16 -57.84
N LEU B 1141 72.80 22.19 -57.45
CA LEU B 1141 74.25 22.35 -57.56
C LEU B 1141 74.64 22.79 -58.96
N GLN B 1142 74.38 21.94 -59.95
CA GLN B 1142 75.09 21.98 -61.23
C GLN B 1142 75.36 23.37 -61.80
N PRO B 1143 74.40 24.27 -61.92
CA PRO B 1143 74.75 25.60 -62.45
C PRO B 1143 75.82 26.28 -61.63
N GLU B 1144 75.87 25.99 -60.34
CA GLU B 1144 76.91 26.59 -59.50
C GLU B 1144 78.30 26.23 -59.99
N LEU B 1145 78.42 25.27 -60.89
CA LEU B 1145 79.70 24.83 -61.38
C LEU B 1145 80.12 25.51 -62.67
N ASP B 1146 79.37 26.52 -63.11
CA ASP B 1146 79.64 27.18 -64.39
C ASP B 1146 81.08 27.66 -64.52
N SER B 1147 81.78 27.89 -63.41
CA SER B 1147 83.17 28.35 -63.41
C SER B 1147 84.13 27.50 -64.26
N PRO C 25 19.65 38.20 47.13
CA PRO C 25 19.98 38.15 45.70
C PRO C 25 20.52 36.78 45.32
N PRO C 26 19.79 36.00 44.53
CA PRO C 26 20.27 34.67 44.18
C PRO C 26 21.51 34.79 43.33
N ALA C 27 22.62 34.26 43.82
CA ALA C 27 23.92 34.68 43.35
C ALA C 27 24.30 33.81 42.18
N TYR C 28 24.35 34.37 40.98
CA TYR C 28 24.53 33.44 39.90
C TYR C 28 25.99 33.11 39.71
N THR C 29 26.22 32.21 38.76
CA THR C 29 27.51 31.98 38.15
C THR C 29 27.28 31.17 36.88
N ASN C 30 28.36 30.70 36.30
CA ASN C 30 28.31 30.15 34.96
C ASN C 30 28.51 28.65 34.98
N SER C 31 27.51 27.93 34.47
CA SER C 31 27.48 26.47 34.54
C SER C 31 28.71 25.82 33.92
N PHE C 32 29.30 26.46 32.93
CA PHE C 32 30.28 25.83 32.06
C PHE C 32 29.78 24.52 31.48
N THR C 33 30.69 23.58 31.37
CA THR C 33 30.47 22.36 30.62
C THR C 33 29.90 21.23 31.47
N ARG C 34 29.62 21.48 32.73
CA ARG C 34 29.10 20.45 33.62
C ARG C 34 27.71 20.04 33.21
N GLY C 35 27.28 18.91 33.72
CA GLY C 35 25.91 18.49 33.52
C GLY C 35 25.70 17.63 32.31
N VAL C 36 26.72 16.95 31.83
CA VAL C 36 26.58 15.90 30.83
C VAL C 36 26.52 14.57 31.53
N TYR C 37 25.68 13.67 31.05
CA TYR C 37 25.54 12.39 31.73
C TYR C 37 25.36 11.31 30.69
N TYR C 38 25.06 10.09 31.14
CA TYR C 38 24.86 9.01 30.21
C TYR C 38 23.38 8.87 29.90
N PRO C 39 22.94 9.16 28.69
CA PRO C 39 21.51 9.23 28.41
C PRO C 39 20.82 7.90 28.53
N ASP C 40 21.56 6.81 28.41
CA ASP C 40 20.99 5.48 28.25
C ASP C 40 22.09 4.45 28.52
N LYS C 41 21.71 3.19 28.47
CA LYS C 41 22.63 2.14 28.86
C LYS C 41 23.33 1.48 27.68
N VAL C 42 23.16 2.00 26.47
CA VAL C 42 23.93 1.48 25.37
C VAL C 42 25.41 1.70 25.62
N PHE C 43 26.23 0.87 24.98
CA PHE C 43 27.69 1.05 24.99
C PHE C 43 28.17 1.22 23.56
N ARG C 44 28.56 2.41 23.21
CA ARG C 44 29.27 2.64 21.98
C ARG C 44 30.73 2.84 22.30
N SER C 45 31.55 3.02 21.29
CA SER C 45 32.91 3.38 21.59
C SER C 45 33.51 4.16 20.44
N SER C 46 34.31 5.16 20.79
CA SER C 46 35.12 5.95 19.87
C SER C 46 34.28 6.65 18.82
N VAL C 47 32.99 6.85 19.07
CA VAL C 47 32.08 7.27 18.01
C VAL C 47 31.26 8.44 18.49
N LEU C 48 31.27 9.51 17.71
CA LEU C 48 30.46 10.67 18.03
C LEU C 48 29.00 10.30 17.85
N HIS C 49 28.20 10.41 18.89
CA HIS C 49 26.81 10.05 18.80
C HIS C 49 25.94 11.25 19.12
N SER C 50 25.28 11.79 18.13
CA SER C 50 24.33 12.86 18.37
C SER C 50 23.21 12.37 19.26
N THR C 51 22.69 13.26 20.09
CA THR C 51 21.60 12.90 20.96
C THR C 51 20.76 14.12 21.29
N GLN C 52 19.47 13.92 21.39
CA GLN C 52 18.56 14.99 21.77
C GLN C 52 17.83 14.58 23.02
N ASP C 53 18.15 15.23 24.14
CA ASP C 53 17.53 14.84 25.39
C ASP C 53 17.64 16.01 26.36
N LEU C 54 16.75 16.02 27.35
CA LEU C 54 16.78 17.06 28.34
C LEU C 54 18.16 17.11 28.97
N PHE C 55 18.81 18.25 28.85
CA PHE C 55 20.17 18.42 29.34
C PHE C 55 20.24 19.75 30.05
N LEU C 56 21.42 20.03 30.57
CA LEU C 56 21.74 21.35 31.10
C LEU C 56 22.52 22.10 30.05
N PRO C 57 21.95 23.13 29.42
CA PRO C 57 22.70 23.88 28.42
C PRO C 57 24.06 24.28 28.95
N PHE C 58 25.03 24.31 28.06
CA PHE C 58 26.30 24.84 28.50
C PHE C 58 26.13 26.30 28.91
N PHE C 59 27.02 26.74 29.77
CA PHE C 59 27.17 28.15 30.06
C PHE C 59 25.86 28.82 30.41
N SER C 60 25.02 28.14 31.17
CA SER C 60 23.83 28.82 31.64
C SER C 60 24.09 29.34 33.05
N ASN C 61 23.09 30.00 33.60
CA ASN C 61 23.16 30.48 34.97
C ASN C 61 22.73 29.40 35.96
N VAL C 62 23.44 29.34 37.08
CA VAL C 62 23.15 28.35 38.10
C VAL C 62 23.05 29.06 39.44
N THR C 63 22.02 28.74 40.20
CA THR C 63 21.60 29.57 41.31
C THR C 63 22.35 29.13 42.55
N TRP C 64 23.33 29.90 42.94
CA TRP C 64 24.41 29.46 43.83
C TRP C 64 24.10 29.87 45.25
N PHE C 65 24.29 28.96 46.19
CA PHE C 65 23.72 29.10 47.52
C PHE C 65 24.82 29.00 48.56
N HIS C 66 24.44 28.87 49.82
CA HIS C 66 25.44 28.86 50.87
C HIS C 66 25.03 27.99 52.05
N ALA C 67 25.95 27.86 52.98
CA ALA C 67 25.67 27.60 54.37
C ALA C 67 26.09 28.86 55.12
N ILE C 68 25.09 29.65 55.51
CA ILE C 68 25.29 30.88 56.26
C ILE C 68 24.03 31.10 57.09
N HIS C 69 23.97 32.27 57.71
CA HIS C 69 23.11 32.58 58.85
C HIS C 69 21.78 33.19 58.43
N ASP C 80 18.74 28.53 54.38
CA ASP C 80 19.11 28.70 52.99
C ASP C 80 18.61 27.51 52.18
N ASN C 81 17.33 27.16 52.31
CA ASN C 81 16.76 26.02 51.59
C ASN C 81 15.34 26.30 51.16
N PRO C 82 15.16 27.11 50.14
CA PRO C 82 13.82 27.45 49.69
C PRO C 82 13.24 26.34 48.85
N VAL C 83 11.91 26.29 48.82
CA VAL C 83 11.27 25.51 47.78
C VAL C 83 11.64 26.09 46.43
N LEU C 84 12.04 25.23 45.51
CA LEU C 84 12.31 25.61 44.15
C LEU C 84 11.27 24.96 43.26
N PRO C 85 11.03 25.50 42.08
CA PRO C 85 10.37 24.73 41.04
C PRO C 85 11.33 23.84 40.27
N PHE C 86 10.80 22.69 39.89
CA PHE C 86 11.54 21.53 39.40
C PHE C 86 11.65 21.51 37.88
N ASN C 87 11.00 22.44 37.21
CA ASN C 87 10.89 22.49 35.76
C ASN C 87 10.59 21.11 35.21
N ASP C 88 11.34 20.71 34.18
CA ASP C 88 11.30 19.34 33.68
C ASP C 88 12.15 18.42 34.53
N GLY C 89 13.37 18.82 34.80
CA GLY C 89 14.28 18.06 35.60
C GLY C 89 15.40 18.97 36.02
N VAL C 90 16.08 18.60 37.08
CA VAL C 90 16.90 19.54 37.80
C VAL C 90 18.28 18.98 37.98
N TYR C 91 19.27 19.71 37.53
CA TYR C 91 20.65 19.39 37.83
C TYR C 91 20.86 19.65 39.31
N PHE C 92 22.08 19.55 39.79
CA PHE C 92 22.37 19.84 41.18
C PHE C 92 23.87 19.70 41.30
N ALA C 93 24.40 20.12 42.42
CA ALA C 93 25.80 19.89 42.72
C ALA C 93 25.98 20.20 44.18
N SER C 94 27.22 20.16 44.63
CA SER C 94 27.59 20.71 45.91
C SER C 94 29.07 20.50 46.05
N THR C 95 29.68 21.34 46.87
CA THR C 95 31.11 21.26 47.09
C THR C 95 31.27 21.24 48.58
N GLU C 96 32.06 20.33 49.09
CA GLU C 96 31.87 19.95 50.47
C GLU C 96 33.16 19.95 51.22
N LYS C 97 33.05 20.08 52.52
CA LYS C 97 34.07 19.60 53.42
C LYS C 97 33.49 18.52 54.32
N SER C 98 32.68 18.89 55.29
CA SER C 98 32.29 17.97 56.34
C SER C 98 31.05 17.18 55.99
N ASN C 99 30.60 17.25 54.74
CA ASN C 99 29.36 16.63 54.30
C ASN C 99 28.16 17.25 55.02
N ILE C 100 27.93 18.51 54.65
CA ILE C 100 26.81 19.27 55.18
C ILE C 100 25.49 18.94 54.48
N ILE C 101 25.52 18.55 53.21
CA ILE C 101 24.31 18.50 52.40
C ILE C 101 23.84 17.05 52.34
N ARG C 102 22.83 16.75 53.13
CA ARG C 102 22.37 15.39 53.31
C ARG C 102 21.01 15.05 52.73
N GLY C 103 20.33 15.94 52.05
CA GLY C 103 18.93 15.61 51.85
C GLY C 103 18.29 16.16 50.59
N TRP C 104 17.05 15.74 50.42
CA TRP C 104 16.16 16.17 49.35
C TRP C 104 14.76 15.91 49.84
N ILE C 105 13.80 16.73 49.44
CA ILE C 105 12.39 16.47 49.73
C ILE C 105 11.62 16.92 48.51
N PHE C 106 10.98 16.02 47.81
CA PHE C 106 10.37 16.56 46.61
C PHE C 106 8.87 16.62 46.82
N GLY C 107 8.16 17.06 45.80
CA GLY C 107 6.72 16.90 45.80
C GLY C 107 6.06 18.02 45.05
N THR C 108 4.75 17.88 44.87
CA THR C 108 3.93 18.98 44.38
C THR C 108 3.12 19.69 45.44
N THR C 109 3.11 19.19 46.67
CA THR C 109 2.44 19.86 47.78
C THR C 109 3.41 19.97 48.94
N LEU C 110 4.04 18.85 49.30
CA LEU C 110 4.97 18.82 50.41
C LEU C 110 4.25 19.03 51.72
N ASP C 111 2.93 18.79 51.68
CA ASP C 111 1.98 19.05 52.75
C ASP C 111 1.68 17.83 53.59
N SER C 112 2.38 16.73 53.36
CA SER C 112 2.10 15.38 53.79
C SER C 112 1.06 14.74 52.88
N LYS C 113 0.39 15.48 52.01
CA LYS C 113 -0.67 14.83 51.24
C LYS C 113 -0.12 14.12 50.01
N THR C 114 0.26 14.82 48.96
CA THR C 114 0.51 14.01 47.79
C THR C 114 1.87 13.32 47.90
N GLN C 115 2.21 12.50 46.91
CA GLN C 115 3.38 11.64 47.05
C GLN C 115 4.65 12.46 47.04
N SER C 116 5.41 12.30 48.10
CA SER C 116 6.53 13.17 48.41
C SER C 116 7.75 12.29 48.64
N LEU C 117 8.69 12.36 47.73
CA LEU C 117 9.86 11.51 47.81
C LEU C 117 10.68 11.90 49.02
N LEU C 118 11.83 11.29 49.15
CA LEU C 118 12.80 11.72 50.13
C LEU C 118 14.15 11.23 49.64
N ILE C 119 15.19 11.61 50.36
CA ILE C 119 16.45 10.91 50.47
C ILE C 119 17.01 11.40 51.80
N VAL C 120 17.90 10.64 52.41
CA VAL C 120 18.57 11.12 53.60
C VAL C 120 19.98 10.60 53.47
N ASN C 121 20.83 10.84 54.46
CA ASN C 121 22.07 10.10 54.53
C ASN C 121 22.53 10.08 55.96
N ASN C 122 23.08 8.94 56.38
CA ASN C 122 23.78 8.83 57.65
C ASN C 122 24.71 7.61 57.56
N ALA C 123 25.88 7.68 58.21
CA ALA C 123 26.81 6.55 58.36
C ALA C 123 26.95 5.71 57.09
N THR C 124 26.97 6.39 55.93
CA THR C 124 27.10 5.83 54.58
C THR C 124 25.86 5.04 54.18
N ASN C 125 24.97 4.84 55.14
CA ASN C 125 23.83 3.95 54.97
C ASN C 125 22.60 4.82 54.75
N VAL C 126 22.07 4.77 53.53
CA VAL C 126 21.15 5.76 52.94
C VAL C 126 19.80 5.64 53.60
N VAL C 127 18.82 6.40 53.14
CA VAL C 127 17.40 6.16 53.37
C VAL C 127 16.69 6.53 52.09
N ILE C 128 15.45 6.07 51.93
CA ILE C 128 14.53 6.60 50.92
C ILE C 128 13.14 6.34 51.44
N LYS C 129 12.19 7.19 51.07
CA LYS C 129 10.78 6.88 51.15
C LYS C 129 10.08 7.69 50.09
N VAL C 130 9.00 7.14 49.54
CA VAL C 130 7.99 7.96 48.89
C VAL C 130 6.79 8.19 49.79
N CYS C 131 6.90 7.82 51.06
CA CYS C 131 5.84 8.07 52.01
C CYS C 131 5.43 9.53 51.96
N GLU C 132 4.15 9.80 52.16
CA GLU C 132 3.63 11.16 52.09
C GLU C 132 3.59 11.76 53.48
N PHE C 133 4.50 12.69 53.80
CA PHE C 133 4.59 13.17 55.18
C PHE C 133 4.89 14.66 55.25
N GLN C 134 4.79 15.20 56.46
CA GLN C 134 4.71 16.62 56.75
C GLN C 134 5.87 17.00 57.66
N PHE C 135 6.08 18.31 57.81
CA PHE C 135 7.35 18.86 58.26
C PHE C 135 7.12 19.98 59.27
N CYS C 136 8.22 20.48 59.81
CA CYS C 136 8.32 21.76 60.50
C CYS C 136 8.35 22.92 59.47
N ASN C 137 8.17 24.17 59.96
CA ASN C 137 8.24 25.34 59.07
C ASN C 137 9.41 25.07 58.14
N ASP C 138 10.50 24.58 58.73
CA ASP C 138 11.81 24.52 58.12
C ASP C 138 12.34 23.10 58.26
N PRO C 139 12.14 22.26 57.26
CA PRO C 139 12.88 21.00 57.20
C PRO C 139 14.37 21.25 57.39
N PHE C 140 15.03 20.40 58.18
CA PHE C 140 16.47 20.58 58.38
C PHE C 140 17.07 19.31 58.95
N LEU C 141 18.39 19.33 59.11
CA LEU C 141 19.10 18.33 59.88
C LEU C 141 19.91 19.05 60.96
N GLY C 142 19.70 18.65 62.23
CA GLY C 142 20.33 19.31 63.36
C GLY C 142 21.58 18.63 63.87
N VAL C 143 22.46 19.43 64.47
CA VAL C 143 23.70 18.91 65.05
C VAL C 143 24.15 19.86 66.18
N TYR C 144 24.89 19.30 67.13
CA TYR C 144 25.68 19.99 68.15
C TYR C 144 27.12 19.48 68.02
N TYR C 145 28.07 20.15 68.63
CA TYR C 145 29.44 20.05 68.11
C TYR C 145 30.39 19.27 68.99
N HIS C 146 31.31 18.56 68.32
CA HIS C 146 32.69 18.32 68.77
C HIS C 146 32.79 17.57 70.11
N LYS C 147 32.53 16.27 70.05
CA LYS C 147 32.79 15.41 71.21
C LYS C 147 32.97 13.97 70.75
N ASN C 148 32.93 13.03 71.72
CA ASN C 148 33.00 11.60 71.42
C ASN C 148 32.02 11.20 70.33
N ASN C 149 30.87 11.88 70.26
CA ASN C 149 30.10 11.94 69.03
C ASN C 149 30.46 13.29 68.43
N LYS C 150 31.31 13.26 67.41
CA LYS C 150 31.50 14.44 66.60
C LYS C 150 30.21 14.69 65.88
N SER C 151 29.74 15.93 65.91
CA SER C 151 28.44 16.32 65.41
C SER C 151 27.33 15.78 66.28
N TRP C 152 27.65 15.09 67.38
CA TRP C 152 26.68 14.74 68.43
C TRP C 152 25.44 14.11 67.84
N MET C 153 24.30 14.49 68.42
CA MET C 153 23.10 14.90 67.72
C MET C 153 22.86 14.12 66.45
N GLU C 154 23.37 12.89 66.40
CA GLU C 154 22.88 11.97 65.42
C GLU C 154 21.41 11.75 65.67
N SER C 155 20.93 12.37 66.75
CA SER C 155 19.55 12.51 67.18
C SER C 155 18.87 13.72 66.57
N GLU C 156 19.48 14.38 65.60
CA GLU C 156 18.72 15.36 64.83
C GLU C 156 17.37 14.75 64.51
N PHE C 157 17.39 13.75 63.65
CA PHE C 157 16.22 12.94 63.33
C PHE C 157 15.14 13.69 62.58
N ARG C 158 15.14 15.00 62.71
CA ARG C 158 13.89 15.75 62.63
C ARG C 158 13.90 16.61 61.40
N VAL C 159 13.16 16.16 60.38
CA VAL C 159 12.50 17.05 59.46
C VAL C 159 11.00 17.03 59.62
N TYR C 160 10.41 15.99 60.19
CA TYR C 160 9.15 15.59 59.61
C TYR C 160 8.16 14.97 60.57
N SER C 161 6.87 15.15 60.22
CA SER C 161 5.66 14.71 60.90
C SER C 161 5.43 13.22 61.10
N SER C 162 4.93 12.54 60.06
CA SER C 162 4.80 11.10 60.13
C SER C 162 4.76 10.53 58.72
N ALA C 163 5.47 9.41 58.50
CA ALA C 163 5.48 8.72 57.21
C ALA C 163 4.23 7.88 57.07
N ASN C 164 3.42 8.15 56.05
CA ASN C 164 2.02 7.80 56.19
C ASN C 164 1.52 6.67 55.31
N ASN C 165 1.18 6.92 54.05
CA ASN C 165 0.62 5.89 53.19
C ASN C 165 1.59 5.64 52.05
N CYS C 166 2.37 4.57 52.15
CA CYS C 166 3.74 4.52 51.64
C CYS C 166 3.86 3.62 50.43
N THR C 167 4.39 4.16 49.33
CA THR C 167 4.50 3.42 48.08
C THR C 167 5.90 2.93 47.71
N PHE C 168 6.90 3.04 48.58
CA PHE C 168 8.23 2.50 48.28
C PHE C 168 9.03 2.49 49.59
N GLU C 169 10.28 2.06 49.49
CA GLU C 169 11.31 2.12 50.54
C GLU C 169 12.62 1.58 49.97
N TYR C 170 13.71 1.99 50.61
CA TYR C 170 15.03 1.38 50.45
C TYR C 170 15.85 1.85 51.64
N VAL C 171 16.94 1.13 51.94
CA VAL C 171 17.96 1.57 52.90
C VAL C 171 19.25 0.86 52.51
N SER C 172 20.37 1.33 53.04
CA SER C 172 21.62 0.62 52.93
C SER C 172 22.32 0.59 54.30
N PHE C 186 37.52 23.24 49.58
CA PHE C 186 36.79 21.98 49.74
C PHE C 186 37.49 20.81 49.12
N LYS C 187 37.12 19.61 49.56
CA LYS C 187 37.55 18.41 48.90
C LYS C 187 36.65 17.97 47.75
N ASN C 188 35.34 18.20 47.84
CA ASN C 188 34.35 17.35 47.20
C ASN C 188 33.60 18.05 46.09
N LEU C 189 33.04 17.25 45.21
CA LEU C 189 32.00 17.71 44.32
C LEU C 189 31.06 16.55 44.08
N ARG C 190 29.75 16.79 44.15
CA ARG C 190 28.78 15.71 44.04
C ARG C 190 27.68 16.18 43.10
N GLU C 191 27.55 15.57 41.95
CA GLU C 191 26.66 16.07 40.93
C GLU C 191 25.52 15.11 40.73
N PHE C 192 24.29 15.57 40.86
CA PHE C 192 23.15 14.68 40.84
C PHE C 192 22.07 15.21 39.90
N VAL C 193 21.88 14.59 38.77
CA VAL C 193 20.78 14.96 37.90
C VAL C 193 19.52 14.23 38.35
N PHE C 194 18.37 14.89 38.30
CA PHE C 194 17.12 14.27 38.73
C PHE C 194 16.09 14.49 37.64
N LYS C 195 15.38 13.44 37.23
CA LYS C 195 14.32 13.70 36.27
C LYS C 195 13.26 12.60 36.26
N ASN C 196 12.10 12.97 35.71
CA ASN C 196 10.93 12.12 35.59
C ASN C 196 10.64 11.87 34.13
N ILE C 197 10.56 10.60 33.74
CA ILE C 197 9.93 10.23 32.49
C ILE C 197 9.23 8.89 32.67
N ASP C 198 8.03 8.78 32.08
CA ASP C 198 7.14 7.64 32.29
C ASP C 198 6.97 7.36 33.77
N GLY C 199 6.93 8.42 34.55
CA GLY C 199 6.75 8.28 35.97
C GLY C 199 7.92 7.57 36.60
N TYR C 200 9.00 7.40 35.86
CA TYR C 200 10.21 6.88 36.46
C TYR C 200 11.05 8.04 36.91
N PHE C 201 11.09 8.25 38.21
CA PHE C 201 12.06 9.19 38.73
C PHE C 201 13.43 8.59 38.54
N LYS C 202 14.37 9.37 38.04
CA LYS C 202 15.70 8.84 37.81
C LYS C 202 16.70 9.63 38.64
N ILE C 203 17.96 9.18 38.61
CA ILE C 203 19.07 9.84 39.28
C ILE C 203 20.35 9.47 38.55
N TYR C 204 21.30 10.39 38.50
CA TYR C 204 22.67 10.09 38.09
C TYR C 204 23.60 10.59 39.18
N SER C 205 24.91 10.47 39.01
CA SER C 205 25.78 11.03 40.05
C SER C 205 27.23 11.07 39.63
N LYS C 206 28.04 11.62 40.53
CA LYS C 206 29.49 11.43 40.66
C LYS C 206 29.83 11.56 42.12
N HIS C 207 31.09 11.37 42.46
CA HIS C 207 31.74 12.15 43.50
C HIS C 207 33.06 12.55 42.88
N THR C 208 33.29 13.84 42.69
CA THR C 208 34.62 13.99 42.19
C THR C 208 35.39 15.00 43.03
N PRO C 209 36.64 14.70 43.35
CA PRO C 209 37.36 15.53 44.29
C PRO C 209 37.84 16.79 43.60
N ILE C 210 37.71 17.90 44.32
CA ILE C 210 38.28 19.15 43.86
C ILE C 210 38.85 19.87 45.06
N ASN C 211 39.89 20.62 44.84
CA ASN C 211 40.39 21.57 45.82
C ASN C 211 40.08 22.94 45.27
N LEU C 212 39.16 23.64 45.92
CA LEU C 212 38.78 24.99 45.58
C LEU C 212 37.62 25.33 46.48
N VAL C 213 37.22 26.60 46.47
CA VAL C 213 36.10 27.08 47.27
C VAL C 213 34.94 27.55 46.40
N ARG C 214 35.14 28.64 45.67
CA ARG C 214 33.99 29.42 45.21
C ARG C 214 33.35 28.86 43.95
N ASP C 215 34.13 28.27 43.05
CA ASP C 215 33.67 28.07 41.70
C ASP C 215 33.52 26.60 41.34
N LEU C 216 32.45 26.29 40.62
CA LEU C 216 32.35 25.01 39.96
C LEU C 216 33.57 24.91 39.09
N PRO C 217 34.48 24.00 39.36
CA PRO C 217 35.66 23.88 38.53
C PRO C 217 35.25 23.73 37.10
N GLN C 218 35.82 24.56 36.24
CA GLN C 218 35.69 24.23 34.84
C GLN C 218 36.27 22.86 34.69
N GLY C 219 35.46 21.96 34.18
CA GLY C 219 35.78 20.55 34.25
C GLY C 219 34.60 19.76 33.74
N PHE C 220 34.89 18.52 33.37
CA PHE C 220 33.91 17.74 32.66
C PHE C 220 33.92 16.32 33.18
N SER C 221 32.77 15.86 33.62
CA SER C 221 32.63 14.45 33.88
C SER C 221 31.18 14.07 33.68
N ALA C 222 30.97 12.85 33.22
CA ALA C 222 29.67 12.40 32.82
C ALA C 222 29.07 11.58 33.94
N LEU C 223 27.75 11.62 34.03
CA LEU C 223 27.05 11.13 35.22
C LEU C 223 26.33 9.83 34.87
N GLU C 224 26.86 8.72 35.34
CA GLU C 224 26.20 7.45 35.08
C GLU C 224 24.93 7.39 35.89
N PRO C 225 24.10 6.37 35.75
CA PRO C 225 22.99 6.22 36.66
C PRO C 225 23.38 5.57 37.97
N LEU C 226 22.61 5.91 39.00
CA LEU C 226 22.56 5.16 40.23
C LEU C 226 21.28 4.35 40.25
N VAL C 227 20.16 5.03 40.14
CA VAL C 227 18.87 4.46 40.44
C VAL C 227 17.94 4.73 39.29
N ASP C 228 17.11 3.75 38.95
CA ASP C 228 15.83 4.03 38.37
C ASP C 228 14.80 3.86 39.48
N LEU C 229 13.89 4.80 39.55
CA LEU C 229 12.75 4.66 40.43
C LEU C 229 11.51 4.63 39.58
N PRO C 230 10.86 3.58 39.51
CA PRO C 230 9.49 3.54 38.99
C PRO C 230 8.47 3.92 40.05
N ILE C 231 8.65 5.10 40.65
CA ILE C 231 7.83 5.49 41.80
C ILE C 231 6.59 6.29 41.46
N GLY C 232 6.45 6.76 40.23
CA GLY C 232 5.19 7.39 39.88
C GLY C 232 4.85 8.67 40.60
N ILE C 233 5.74 9.22 41.43
CA ILE C 233 5.47 10.56 41.92
C ILE C 233 5.40 11.47 40.72
N ASN C 234 4.61 12.50 40.83
CA ASN C 234 4.53 13.52 39.80
C ASN C 234 4.89 14.86 40.43
N ILE C 235 6.06 15.41 40.12
CA ILE C 235 6.69 16.43 40.95
C ILE C 235 6.75 17.76 40.20
N THR C 236 6.34 18.85 40.85
CA THR C 236 6.71 20.18 40.38
C THR C 236 7.76 20.93 41.18
N ARG C 237 8.03 20.57 42.42
CA ARG C 237 8.85 21.44 43.26
C ARG C 237 9.88 20.60 43.95
N PHE C 238 10.69 21.18 44.82
CA PHE C 238 11.44 20.38 45.79
C PHE C 238 12.08 21.32 46.79
N GLN C 239 12.97 20.76 47.59
CA GLN C 239 13.69 21.49 48.60
C GLN C 239 14.99 20.75 48.83
N THR C 240 15.67 21.04 49.93
CA THR C 240 16.85 20.30 50.30
C THR C 240 17.06 20.40 51.79
N LEU C 241 18.14 19.78 52.26
CA LEU C 241 18.38 19.60 53.68
C LEU C 241 19.82 19.95 53.96
N LEU C 242 20.12 20.13 55.24
CA LEU C 242 21.44 20.61 55.64
C LEU C 242 21.66 20.24 57.08
N ALA C 243 22.91 20.32 57.52
CA ALA C 243 23.28 20.04 58.90
C ALA C 243 23.34 21.33 59.72
N LEU C 244 22.53 21.38 60.77
CA LEU C 244 22.41 22.53 61.67
C LEU C 244 23.33 22.39 62.86
N HIS C 245 23.75 23.53 63.41
CA HIS C 245 24.38 23.52 64.72
C HIS C 245 23.75 24.52 65.72
N ALA C 263 30.67 25.76 52.60
CA ALA C 263 29.70 24.69 52.47
C ALA C 263 28.59 25.20 51.61
N ALA C 264 28.54 24.85 50.34
CA ALA C 264 27.55 25.44 49.47
C ALA C 264 27.13 24.44 48.42
N TYR C 265 26.35 24.91 47.46
CA TYR C 265 25.91 24.05 46.40
C TYR C 265 25.38 24.90 45.26
N TYR C 266 24.70 24.26 44.31
CA TYR C 266 24.28 24.91 43.11
C TYR C 266 22.90 24.40 42.76
N VAL C 267 22.39 24.84 41.61
CA VAL C 267 21.23 24.25 40.96
C VAL C 267 21.35 24.58 39.49
N GLY C 268 20.90 23.69 38.63
CA GLY C 268 20.68 24.00 37.24
C GLY C 268 19.21 23.94 36.89
N TYR C 269 18.94 23.98 35.59
CA TYR C 269 17.66 23.50 35.08
C TYR C 269 17.86 23.00 33.67
N LEU C 270 17.14 21.96 33.34
CA LEU C 270 17.40 21.16 32.18
C LEU C 270 16.46 21.56 31.05
N GLN C 271 17.00 21.66 29.85
CA GLN C 271 16.10 21.97 28.77
C GLN C 271 16.46 21.15 27.54
N PRO C 272 15.47 20.74 26.76
CA PRO C 272 15.71 19.70 25.76
C PRO C 272 16.60 20.14 24.62
N ARG C 273 17.89 20.13 24.88
CA ARG C 273 18.89 20.45 23.88
C ARG C 273 19.10 19.33 22.89
N THR C 274 20.17 19.46 22.14
CA THR C 274 20.76 18.39 21.37
C THR C 274 22.25 18.50 21.52
N PHE C 275 22.91 17.46 21.97
CA PHE C 275 24.35 17.52 22.08
C PHE C 275 25.00 16.61 21.06
N LEU C 276 26.32 16.59 21.10
CA LEU C 276 27.12 15.65 20.36
C LEU C 276 28.09 15.03 21.35
N LEU C 277 27.92 13.77 21.66
CA LEU C 277 28.69 13.12 22.70
C LEU C 277 29.81 12.34 22.05
N LYS C 278 30.99 12.39 22.64
CA LYS C 278 32.11 11.62 22.10
C LYS C 278 32.49 10.50 23.06
N TYR C 279 32.09 9.30 22.71
CA TYR C 279 32.51 8.14 23.47
C TYR C 279 33.96 7.83 23.16
N ASN C 280 34.59 7.08 24.02
CA ASN C 280 35.95 6.62 23.82
C ASN C 280 35.96 5.10 23.80
N GLU C 281 37.16 4.54 23.63
CA GLU C 281 37.30 3.10 23.47
C GLU C 281 36.75 2.34 24.65
N ASN C 282 36.63 2.96 25.80
CA ASN C 282 35.96 2.31 26.92
C ASN C 282 34.51 2.73 27.01
N GLY C 283 34.02 3.53 26.07
CA GLY C 283 32.69 4.05 26.25
C GLY C 283 32.58 5.11 27.31
N THR C 284 33.70 5.61 27.80
CA THR C 284 33.69 6.68 28.78
C THR C 284 33.57 8.00 28.04
N ILE C 285 32.47 8.72 28.23
CA ILE C 285 32.33 9.97 27.48
C ILE C 285 33.50 10.87 27.84
N THR C 286 34.33 11.18 26.86
CA THR C 286 35.39 12.11 27.15
C THR C 286 34.88 13.53 27.08
N ASP C 287 34.11 13.84 26.05
CA ASP C 287 33.77 15.21 25.79
C ASP C 287 32.43 15.30 25.09
N ALA C 288 31.70 16.37 25.39
CA ALA C 288 30.45 16.67 24.73
C ALA C 288 30.53 18.01 24.06
N VAL C 289 29.64 18.21 23.10
CA VAL C 289 29.58 19.44 22.32
C VAL C 289 28.13 19.84 22.20
N ASP C 290 27.85 21.11 22.45
CA ASP C 290 26.48 21.55 22.38
C ASP C 290 26.09 21.74 20.92
N CYS C 291 24.85 22.14 20.70
CA CYS C 291 24.45 22.65 19.39
C CYS C 291 23.97 24.08 19.54
N ALA C 292 22.87 24.32 20.23
CA ALA C 292 22.29 25.66 20.26
C ALA C 292 23.22 26.68 20.89
N LEU C 293 24.35 26.22 21.43
CA LEU C 293 25.23 27.13 22.16
C LEU C 293 25.56 28.36 21.34
N ASP C 294 25.91 28.18 20.08
CA ASP C 294 26.44 29.27 19.28
C ASP C 294 26.62 28.74 17.87
N PRO C 295 27.00 29.56 16.90
CA PRO C 295 27.13 29.02 15.54
C PRO C 295 28.14 27.90 15.45
N LEU C 296 29.34 28.10 15.94
CA LEU C 296 30.40 27.14 15.68
C LEU C 296 29.97 25.76 16.13
N SER C 297 29.28 25.67 17.23
CA SER C 297 28.84 24.40 17.75
C SER C 297 27.54 23.92 17.13
N GLU C 298 27.01 24.63 16.15
CA GLU C 298 26.08 23.99 15.25
C GLU C 298 26.73 23.57 13.94
N THR C 299 28.00 23.89 13.72
CA THR C 299 28.67 23.30 12.58
C THR C 299 29.07 21.87 12.90
N LYS C 300 29.67 21.68 14.07
CA LYS C 300 30.04 20.35 14.50
C LYS C 300 28.82 19.43 14.53
N CYS C 301 27.70 19.93 15.01
CA CYS C 301 26.49 19.13 15.02
C CYS C 301 26.04 18.76 13.62
N THR C 302 26.44 19.51 12.61
CA THR C 302 26.11 19.13 11.25
C THR C 302 27.13 18.14 10.68
N LEU C 303 28.41 18.35 10.93
CA LEU C 303 29.39 17.44 10.36
C LEU C 303 29.54 16.15 11.13
N LYS C 304 28.98 16.05 12.32
CA LYS C 304 29.25 14.94 13.23
C LYS C 304 30.74 14.81 13.51
N SER C 305 31.39 15.93 13.78
CA SER C 305 32.83 15.89 14.03
C SER C 305 33.23 16.99 14.98
N PHE C 306 34.20 16.70 15.85
CA PHE C 306 34.74 17.82 16.61
C PHE C 306 35.69 18.64 15.78
N THR C 307 36.47 18.01 14.92
CA THR C 307 37.42 18.74 14.10
C THR C 307 36.70 19.25 12.86
N VAL C 308 36.68 20.56 12.70
CA VAL C 308 35.98 21.20 11.59
C VAL C 308 37.00 22.04 10.85
N GLU C 309 37.24 21.70 9.61
CA GLU C 309 38.29 22.31 8.84
C GLU C 309 37.79 23.51 8.07
N LYS C 310 38.70 24.15 7.38
CA LYS C 310 38.44 25.41 6.72
C LYS C 310 37.26 25.31 5.78
N GLY C 311 36.51 26.40 5.64
CA GLY C 311 35.51 26.51 4.60
C GLY C 311 34.10 26.55 5.14
N ILE C 312 33.20 26.93 4.24
CA ILE C 312 31.85 27.37 4.57
C ILE C 312 30.89 26.19 4.61
N TYR C 313 30.30 25.95 5.77
CA TYR C 313 29.45 24.78 5.96
C TYR C 313 28.01 25.21 6.18
N GLN C 314 27.17 25.01 5.19
CA GLN C 314 25.81 25.50 5.30
C GLN C 314 25.05 24.69 6.32
N THR C 315 24.50 25.36 7.32
CA THR C 315 23.79 24.58 8.31
C THR C 315 22.29 24.80 8.26
N SER C 316 21.82 25.89 8.86
CA SER C 316 20.44 25.97 9.28
C SER C 316 19.58 26.83 8.37
N ASN C 317 18.33 26.98 8.76
CA ASN C 317 17.45 28.03 8.28
C ASN C 317 17.17 28.97 9.42
N PHE C 318 16.85 30.20 9.06
CA PHE C 318 16.32 31.15 10.03
C PHE C 318 15.10 31.79 9.41
N ARG C 319 13.99 31.67 10.08
CA ARG C 319 12.75 32.21 9.59
C ARG C 319 12.36 33.31 10.54
N VAL C 320 12.41 34.55 10.07
CA VAL C 320 12.13 35.66 10.95
C VAL C 320 10.82 35.42 11.65
N GLN C 321 10.79 35.77 12.93
CA GLN C 321 9.66 35.52 13.77
C GLN C 321 8.42 36.21 13.19
N PRO C 322 7.24 35.75 13.56
CA PRO C 322 6.07 36.63 13.49
C PRO C 322 6.12 37.60 14.66
N THR C 323 5.17 38.52 14.69
CA THR C 323 5.14 39.50 15.78
C THR C 323 3.97 39.20 16.72
N GLU C 324 2.73 39.49 16.34
CA GLU C 324 1.70 38.93 17.20
C GLU C 324 0.66 38.13 16.45
N SER C 325 -0.32 38.80 15.86
CA SER C 325 -1.26 38.25 14.90
C SER C 325 -2.22 39.38 14.58
N ILE C 326 -2.81 39.29 13.41
CA ILE C 326 -3.84 40.21 13.00
C ILE C 326 -5.04 39.37 12.67
N VAL C 327 -6.04 39.42 13.51
CA VAL C 327 -7.33 38.88 13.17
C VAL C 327 -8.16 40.02 12.63
N ARG C 328 -8.73 39.83 11.47
CA ARG C 328 -9.49 40.90 10.85
C ARG C 328 -10.72 40.28 10.23
N PHE C 329 -11.88 40.65 10.75
CA PHE C 329 -13.12 40.01 10.42
C PHE C 329 -14.18 41.06 10.08
N PRO C 330 -15.05 40.77 9.12
CA PRO C 330 -16.10 41.72 8.75
C PRO C 330 -16.91 42.17 9.96
N ASN C 331 -17.06 43.49 10.07
CA ASN C 331 -17.51 44.15 11.28
C ASN C 331 -19.03 44.11 11.47
N ILE C 332 -19.43 44.27 12.73
CA ILE C 332 -20.77 44.53 13.24
C ILE C 332 -21.64 43.28 13.29
N THR C 333 -21.33 42.31 12.43
CA THR C 333 -21.51 40.89 12.72
C THR C 333 -22.93 40.41 13.05
N ASN C 334 -23.88 41.31 13.32
CA ASN C 334 -25.27 40.94 13.59
C ASN C 334 -25.41 39.76 14.56
N LEU C 335 -26.39 38.87 14.32
CA LEU C 335 -26.53 37.60 15.05
C LEU C 335 -27.25 36.59 14.18
N CYS C 336 -26.69 35.38 14.19
CA CYS C 336 -27.18 34.27 13.42
C CYS C 336 -28.38 33.72 14.15
N PRO C 337 -29.31 33.09 13.36
CA PRO C 337 -30.46 32.58 14.09
C PRO C 337 -30.43 31.08 14.34
N PHE C 338 -29.28 30.41 14.46
CA PHE C 338 -29.48 28.99 14.71
C PHE C 338 -30.68 28.83 15.62
N GLY C 339 -30.78 29.70 16.62
CA GLY C 339 -31.72 29.65 17.71
C GLY C 339 -33.16 29.56 17.32
N GLU C 340 -33.49 29.81 16.07
CA GLU C 340 -34.75 29.35 15.53
C GLU C 340 -34.65 28.02 14.80
N VAL C 341 -33.46 27.55 14.45
CA VAL C 341 -33.42 26.37 13.60
C VAL C 341 -33.77 25.15 14.42
N PHE C 342 -33.28 25.09 15.64
CA PHE C 342 -33.53 23.99 16.54
C PHE C 342 -34.83 24.15 17.28
N ASN C 343 -35.10 25.33 17.77
CA ASN C 343 -36.26 25.56 18.59
C ASN C 343 -37.51 25.74 17.76
N ALA C 344 -37.46 25.44 16.48
CA ALA C 344 -38.66 25.48 15.66
C ALA C 344 -39.65 24.39 16.07
N THR C 345 -40.90 24.59 15.64
CA THR C 345 -42.04 23.91 16.24
C THR C 345 -42.22 22.50 15.69
N ARG C 346 -42.71 22.39 14.47
CA ARG C 346 -42.71 21.15 13.74
C ARG C 346 -41.48 21.14 12.86
N PHE C 347 -40.84 19.99 12.76
CA PHE C 347 -39.88 19.81 11.69
C PHE C 347 -40.48 19.00 10.56
N ALA C 348 -40.24 19.47 9.34
CA ALA C 348 -40.87 18.88 8.19
C ALA C 348 -40.48 17.42 8.06
N SER C 349 -41.29 16.67 7.34
CA SER C 349 -40.94 15.28 7.13
C SER C 349 -39.73 15.21 6.22
N VAL C 350 -39.25 14.00 5.98
CA VAL C 350 -37.95 13.90 5.35
C VAL C 350 -38.03 14.23 3.87
N TYR C 351 -39.10 13.81 3.21
CA TYR C 351 -39.21 14.06 1.79
C TYR C 351 -39.51 15.51 1.47
N ALA C 352 -39.71 16.33 2.49
CA ALA C 352 -39.54 17.77 2.38
C ALA C 352 -38.39 18.18 3.29
N TRP C 353 -38.07 19.48 3.27
CA TRP C 353 -37.22 20.13 4.27
C TRP C 353 -36.90 21.56 3.89
N ASN C 354 -36.27 22.31 4.80
CA ASN C 354 -35.99 23.73 4.57
C ASN C 354 -34.52 24.04 4.71
N ARG C 355 -33.92 24.51 3.62
CA ARG C 355 -32.54 24.96 3.64
C ARG C 355 -32.54 26.44 3.98
N LYS C 356 -32.20 26.75 5.22
CA LYS C 356 -32.35 28.09 5.74
C LYS C 356 -31.01 28.80 5.68
N ARG C 357 -30.94 29.88 4.95
CA ARG C 357 -29.76 30.71 5.01
C ARG C 357 -29.70 31.40 6.36
N ILE C 358 -28.54 31.31 7.01
CA ILE C 358 -28.24 32.09 8.19
C ILE C 358 -27.06 32.97 7.81
N SER C 359 -27.29 34.27 7.64
CA SER C 359 -26.30 35.09 6.96
C SER C 359 -26.47 36.55 7.34
N ASN C 360 -25.48 37.34 6.95
CA ASN C 360 -25.30 38.71 7.40
C ASN C 360 -25.44 38.76 8.91
N CYS C 361 -24.56 38.02 9.57
CA CYS C 361 -24.68 37.79 10.99
C CYS C 361 -23.40 37.13 11.50
N VAL C 362 -23.39 36.84 12.79
CA VAL C 362 -22.33 36.08 13.45
C VAL C 362 -22.99 34.86 14.07
N ALA C 363 -22.40 33.69 13.86
CA ALA C 363 -22.92 32.45 14.44
C ALA C 363 -21.87 31.81 15.32
N ASP C 364 -22.07 31.84 16.62
CA ASP C 364 -21.19 31.02 17.43
C ASP C 364 -21.66 29.59 17.40
N TYR C 365 -20.72 28.66 17.56
CA TYR C 365 -21.08 27.25 17.64
C TYR C 365 -21.09 26.66 19.03
N SER C 366 -20.65 27.37 20.05
CA SER C 366 -20.73 26.77 21.37
C SER C 366 -22.17 26.47 21.71
N VAL C 367 -23.01 27.49 21.68
CA VAL C 367 -24.40 27.35 22.08
C VAL C 367 -25.06 26.22 21.33
N LEU C 368 -24.61 25.94 20.12
CA LEU C 368 -25.02 24.70 19.47
C LEU C 368 -24.29 23.52 20.07
N TYR C 369 -22.97 23.63 20.15
CA TYR C 369 -22.20 22.48 20.56
C TYR C 369 -22.29 22.28 22.07
N ASN C 370 -21.69 23.17 22.82
CA ASN C 370 -21.51 22.95 24.24
C ASN C 370 -22.79 22.88 25.03
N SER C 371 -23.94 23.11 24.40
CA SER C 371 -25.18 22.82 25.10
C SER C 371 -25.24 21.35 25.47
N ALA C 372 -24.81 20.48 24.56
CA ALA C 372 -24.43 19.08 24.82
C ALA C 372 -25.57 18.19 25.32
N SER C 373 -26.82 18.54 25.10
CA SER C 373 -27.88 17.54 25.19
C SER C 373 -28.02 16.80 23.89
N PHE C 374 -27.14 17.11 22.94
CA PHE C 374 -27.27 16.64 21.58
C PHE C 374 -26.72 15.24 21.49
N SER C 375 -27.56 14.30 21.10
CA SER C 375 -27.23 12.89 21.14
C SER C 375 -25.92 12.63 20.45
N THR C 376 -25.93 12.73 19.14
CA THR C 376 -24.71 12.64 18.34
C THR C 376 -24.54 13.93 17.57
N PHE C 377 -23.54 14.69 17.92
CA PHE C 377 -23.08 15.79 17.10
C PHE C 377 -21.84 15.24 16.42
N LYS C 378 -21.97 14.85 15.17
CA LYS C 378 -20.91 14.14 14.49
C LYS C 378 -20.44 15.01 13.33
N CYS C 379 -19.31 15.66 13.49
CA CYS C 379 -18.78 16.42 12.39
C CYS C 379 -18.07 15.49 11.41
N TYR C 380 -17.91 15.97 10.18
CA TYR C 380 -17.25 15.17 9.15
C TYR C 380 -15.92 15.79 8.77
N GLY C 381 -15.92 16.88 8.03
CA GLY C 381 -14.64 17.55 7.90
C GLY C 381 -14.21 18.20 9.19
N VAL C 382 -14.97 19.16 9.67
CA VAL C 382 -14.45 20.07 10.68
C VAL C 382 -14.39 19.40 12.04
N SER C 383 -13.61 20.01 12.92
CA SER C 383 -13.54 19.61 14.32
C SER C 383 -14.20 20.71 15.14
N PRO C 384 -15.37 20.47 15.72
CA PRO C 384 -16.26 21.57 16.12
C PRO C 384 -15.64 22.56 17.07
N THR C 385 -14.50 22.24 17.66
CA THR C 385 -13.73 23.28 18.34
C THR C 385 -13.22 24.31 17.34
N LYS C 386 -12.79 23.87 16.17
CA LYS C 386 -12.14 24.79 15.25
C LYS C 386 -13.10 25.84 14.70
N LEU C 387 -14.39 25.71 14.93
CA LEU C 387 -15.35 26.49 14.13
C LEU C 387 -15.24 27.97 14.43
N ASN C 388 -15.26 28.34 15.70
CA ASN C 388 -15.19 29.74 16.06
C ASN C 388 -14.04 30.44 15.34
N ASP C 389 -12.93 29.73 15.20
CA ASP C 389 -11.76 30.25 14.51
C ASP C 389 -12.00 30.48 13.02
N LEU C 390 -13.16 30.12 12.49
CA LEU C 390 -13.30 29.84 11.06
C LEU C 390 -14.39 30.72 10.45
N CYS C 391 -14.37 30.85 9.12
CA CYS C 391 -15.24 31.77 8.41
C CYS C 391 -16.34 31.03 7.67
N PHE C 392 -17.50 31.66 7.54
CA PHE C 392 -18.58 31.02 6.81
C PHE C 392 -19.40 32.00 6.01
N THR C 393 -19.59 31.69 4.74
CA THR C 393 -20.60 32.36 3.94
C THR C 393 -21.85 31.49 3.84
N ASN C 394 -21.73 30.35 3.19
CA ASN C 394 -22.88 29.48 3.06
C ASN C 394 -23.20 28.90 4.40
N VAL C 395 -24.41 29.14 4.89
CA VAL C 395 -24.89 28.44 6.06
C VAL C 395 -26.32 28.00 5.78
N TYR C 396 -26.52 26.70 5.68
CA TYR C 396 -27.86 26.21 5.45
C TYR C 396 -28.10 24.91 6.20
N ALA C 397 -29.03 24.94 7.14
CA ALA C 397 -29.33 23.77 7.95
C ALA C 397 -30.55 23.06 7.42
N ASP C 398 -30.42 21.77 7.16
CA ASP C 398 -31.46 21.04 6.46
C ASP C 398 -32.05 20.02 7.41
N SER C 399 -33.21 20.31 7.97
CA SER C 399 -33.74 19.52 9.08
C SER C 399 -34.92 18.68 8.63
N PHE C 400 -34.77 17.40 8.76
CA PHE C 400 -35.90 16.52 8.77
C PHE C 400 -36.03 15.83 10.12
N VAL C 401 -36.96 14.89 10.20
CA VAL C 401 -37.14 14.03 11.35
C VAL C 401 -37.20 12.61 10.82
N ILE C 402 -36.56 11.69 11.52
CA ILE C 402 -36.62 10.28 11.16
C ILE C 402 -36.63 9.39 12.39
N ARG C 403 -37.05 8.16 12.13
CA ARG C 403 -36.76 7.04 13.00
C ARG C 403 -35.27 6.89 13.21
N GLY C 404 -34.89 6.42 14.40
CA GLY C 404 -33.50 6.51 14.81
C GLY C 404 -32.59 5.50 14.14
N ASP C 405 -33.09 4.28 13.90
CA ASP C 405 -32.25 3.24 13.31
C ASP C 405 -31.66 3.66 11.98
N GLU C 406 -32.23 4.67 11.34
CA GLU C 406 -31.69 5.21 10.10
C GLU C 406 -30.75 6.38 10.32
N VAL C 407 -30.69 6.92 11.53
CA VAL C 407 -29.74 7.99 11.83
C VAL C 407 -28.33 7.54 11.49
N ARG C 408 -27.95 6.40 12.04
CA ARG C 408 -26.66 5.80 11.71
C ARG C 408 -26.53 5.53 10.21
N GLN C 409 -27.65 5.36 9.53
CA GLN C 409 -27.64 5.11 8.11
C GLN C 409 -27.53 6.37 7.29
N ILE C 410 -27.35 7.51 7.94
CA ILE C 410 -27.20 8.78 7.26
C ILE C 410 -25.82 9.34 7.54
N ALA C 411 -25.04 9.50 6.50
CA ALA C 411 -23.71 10.09 6.48
C ALA C 411 -23.25 9.90 5.05
N PRO C 412 -22.26 10.65 4.58
CA PRO C 412 -21.64 10.29 3.30
C PRO C 412 -21.22 8.83 3.32
N GLY C 413 -21.40 8.17 2.17
CA GLY C 413 -21.10 6.76 2.04
C GLY C 413 -22.13 5.84 2.62
N GLN C 414 -23.02 6.33 3.48
CA GLN C 414 -24.06 5.48 4.05
C GLN C 414 -25.06 5.13 2.97
N THR C 415 -25.26 3.83 2.76
CA THR C 415 -26.13 3.33 1.72
C THR C 415 -27.36 2.71 2.34
N GLY C 416 -28.53 3.00 1.77
CA GLY C 416 -29.77 2.46 2.26
C GLY C 416 -30.94 3.26 1.76
N LYS C 417 -32.11 2.93 2.30
CA LYS C 417 -33.36 3.51 1.85
C LYS C 417 -33.32 5.04 1.88
N ILE C 418 -32.68 5.60 2.89
CA ILE C 418 -32.76 7.04 3.08
C ILE C 418 -31.97 7.74 2.00
N ALA C 419 -30.63 7.61 2.04
CA ALA C 419 -29.79 8.27 1.05
C ALA C 419 -30.30 8.05 -0.36
N ASP C 420 -30.74 6.83 -0.66
CA ASP C 420 -31.39 6.53 -1.93
C ASP C 420 -32.65 7.36 -2.12
N TYR C 421 -33.69 7.06 -1.35
CA TYR C 421 -35.03 7.49 -1.74
C TYR C 421 -35.30 8.94 -1.36
N ASN C 422 -35.52 9.20 -0.07
CA ASN C 422 -36.20 10.41 0.35
C ASN C 422 -35.37 11.66 0.11
N TYR C 423 -34.04 11.51 0.14
CA TYR C 423 -33.10 12.61 0.34
C TYR C 423 -31.70 11.98 0.45
N LYS C 424 -30.64 12.75 0.28
CA LYS C 424 -29.33 12.17 0.06
C LYS C 424 -28.26 13.03 0.73
N LEU C 425 -27.06 12.48 0.85
CA LEU C 425 -25.92 13.32 1.20
C LEU C 425 -24.80 13.17 0.17
N PRO C 426 -24.18 14.28 -0.21
CA PRO C 426 -22.94 14.22 -0.98
C PRO C 426 -21.88 13.45 -0.21
N ASP C 427 -20.93 12.88 -0.93
CA ASP C 427 -19.87 12.13 -0.28
C ASP C 427 -18.63 12.96 0.01
N ASP C 428 -18.54 14.17 -0.52
CA ASP C 428 -17.52 15.15 -0.16
C ASP C 428 -18.00 16.08 0.94
N PHE C 429 -19.12 15.74 1.56
CA PHE C 429 -19.86 16.66 2.41
C PHE C 429 -19.03 17.17 3.57
N THR C 430 -18.89 18.48 3.65
CA THR C 430 -18.18 19.13 4.75
C THR C 430 -19.16 19.96 5.55
N GLY C 431 -19.50 19.45 6.71
CA GLY C 431 -20.34 20.15 7.66
C GLY C 431 -20.86 19.17 8.68
N CYS C 432 -21.31 19.70 9.80
CA CYS C 432 -21.57 18.75 10.87
C CYS C 432 -23.01 18.27 10.77
N VAL C 433 -23.31 17.25 11.57
CA VAL C 433 -24.61 16.60 11.54
C VAL C 433 -25.03 16.36 12.98
N ILE C 434 -26.07 17.04 13.43
CA ILE C 434 -26.43 16.91 14.83
C ILE C 434 -27.43 15.79 14.89
N ALA C 435 -28.03 15.55 16.05
CA ALA C 435 -29.17 14.65 16.21
C ALA C 435 -29.55 14.65 17.67
N TRP C 436 -30.79 14.26 17.92
CA TRP C 436 -31.31 14.02 19.25
C TRP C 436 -32.76 13.63 19.05
N ASN C 437 -33.32 12.93 20.03
CA ASN C 437 -34.69 12.51 19.86
C ASN C 437 -35.64 13.62 20.26
N SER C 438 -36.69 13.77 19.49
CA SER C 438 -37.82 14.56 19.90
C SER C 438 -38.82 13.74 20.67
N ASN C 439 -38.44 12.50 21.01
CA ASN C 439 -39.38 11.48 21.48
C ASN C 439 -40.37 12.00 22.49
N ASN C 440 -39.90 12.75 23.50
CA ASN C 440 -40.83 13.29 24.47
C ASN C 440 -41.79 14.30 23.89
N LEU C 441 -41.60 14.69 22.63
CA LEU C 441 -42.49 15.63 21.97
C LEU C 441 -43.12 15.03 20.73
N ASP C 442 -42.33 14.68 19.72
CA ASP C 442 -42.86 14.23 18.44
C ASP C 442 -43.47 12.85 18.47
N SER C 443 -43.42 12.12 19.59
CA SER C 443 -44.00 10.80 19.64
C SER C 443 -45.44 10.92 20.12
N LYS C 444 -46.38 10.73 19.20
CA LYS C 444 -47.79 10.71 19.57
C LYS C 444 -48.19 9.33 20.04
N VAL C 445 -49.12 9.30 20.99
CA VAL C 445 -49.78 8.04 21.32
C VAL C 445 -50.29 7.38 20.05
N GLY C 446 -50.94 8.16 19.19
CA GLY C 446 -51.31 7.69 17.87
C GLY C 446 -50.15 7.55 16.91
N GLY C 447 -48.94 7.95 17.31
CA GLY C 447 -47.81 7.78 16.43
C GLY C 447 -47.90 8.63 15.18
N ASN C 448 -47.99 9.95 15.33
CA ASN C 448 -48.39 10.81 14.23
C ASN C 448 -47.62 10.50 12.96
N TYR C 449 -48.37 10.34 11.88
CA TYR C 449 -47.85 9.90 10.60
C TYR C 449 -47.50 11.06 9.69
N ASN C 450 -47.74 12.30 10.14
CA ASN C 450 -47.18 13.45 9.46
C ASN C 450 -45.68 13.30 9.30
N TYR C 451 -45.05 12.56 10.21
CA TYR C 451 -43.63 12.26 10.12
C TYR C 451 -43.50 10.98 9.33
N LEU C 452 -42.95 11.11 8.13
CA LEU C 452 -43.22 10.18 7.05
C LEU C 452 -42.08 10.30 6.08
N TYR C 453 -41.87 9.25 5.31
CA TYR C 453 -40.70 9.16 4.46
C TYR C 453 -41.09 8.71 3.07
N ARG C 454 -40.12 8.80 2.18
CA ARG C 454 -40.27 8.21 0.86
C ARG C 454 -39.99 6.72 0.93
N LEU C 455 -41.01 5.93 0.60
CA LEU C 455 -40.84 4.50 0.48
C LEU C 455 -40.17 4.16 -0.85
N PHE C 456 -40.82 4.52 -1.96
CA PHE C 456 -40.29 4.21 -3.28
C PHE C 456 -40.09 5.47 -4.13
N ARG C 457 -38.84 5.71 -4.48
CA ARG C 457 -38.44 6.37 -5.73
C ARG C 457 -37.27 5.55 -6.24
N LYS C 458 -37.44 4.89 -7.39
CA LYS C 458 -36.43 3.93 -7.84
C LYS C 458 -35.03 4.50 -7.81
N SER C 459 -34.86 5.66 -8.41
CA SER C 459 -33.54 6.28 -8.47
C SER C 459 -33.14 6.79 -7.09
N ASN C 460 -31.94 7.34 -7.02
CA ASN C 460 -31.43 7.95 -5.80
C ASN C 460 -31.26 9.44 -6.09
N LEU C 461 -31.93 10.27 -5.31
CA LEU C 461 -31.99 11.69 -5.61
C LEU C 461 -30.60 12.26 -5.75
N LYS C 462 -30.48 13.28 -6.60
CA LYS C 462 -29.29 14.12 -6.57
C LYS C 462 -29.19 14.76 -5.19
N PRO C 463 -28.02 15.14 -4.77
CA PRO C 463 -27.85 15.60 -3.39
C PRO C 463 -28.85 16.66 -2.99
N PHE C 464 -29.57 16.38 -1.90
CA PHE C 464 -30.53 17.28 -1.29
C PHE C 464 -31.69 17.61 -2.20
N GLU C 465 -31.95 16.87 -3.25
CA GLU C 465 -32.84 17.39 -4.30
C GLU C 465 -34.20 16.73 -4.21
N ARG C 466 -35.21 17.53 -3.88
CA ARG C 466 -36.47 17.05 -3.31
C ARG C 466 -37.43 16.52 -4.37
N ASP C 467 -38.30 15.61 -3.93
CA ASP C 467 -39.33 15.01 -4.78
C ASP C 467 -40.61 14.91 -3.98
N ILE C 468 -41.69 15.50 -4.47
CA ILE C 468 -43.00 15.41 -3.82
C ILE C 468 -43.89 14.35 -4.44
N SER C 469 -43.36 13.55 -5.38
CA SER C 469 -44.20 12.72 -6.26
C SER C 469 -45.20 11.88 -5.48
N THR C 470 -46.46 11.96 -5.90
CA THR C 470 -47.57 11.21 -5.31
C THR C 470 -47.92 9.95 -6.11
N GLU C 471 -47.20 9.64 -7.18
CA GLU C 471 -47.56 8.50 -8.02
C GLU C 471 -47.44 7.21 -7.23
N ILE C 472 -48.51 6.43 -7.20
CA ILE C 472 -48.45 5.09 -6.62
C ILE C 472 -47.35 4.33 -7.35
N TYR C 473 -46.40 3.81 -6.59
CA TYR C 473 -45.23 3.19 -7.17
C TYR C 473 -45.63 2.01 -8.03
N GLN C 474 -45.24 2.04 -9.29
CA GLN C 474 -45.54 0.98 -10.23
C GLN C 474 -44.56 -0.16 -10.01
N ALA C 475 -45.10 -1.35 -9.73
CA ALA C 475 -44.30 -2.56 -9.64
C ALA C 475 -44.59 -3.49 -10.81
N GLY C 476 -45.81 -3.98 -10.92
CA GLY C 476 -46.13 -4.92 -11.98
C GLY C 476 -46.00 -4.26 -13.34
N SER C 477 -45.70 -5.09 -14.35
CA SER C 477 -45.50 -4.60 -15.71
C SER C 477 -46.79 -4.05 -16.31
N THR C 478 -47.94 -4.29 -15.70
CA THR C 478 -49.16 -3.61 -16.09
C THR C 478 -49.20 -2.25 -15.41
N PRO C 479 -49.34 -1.15 -16.14
CA PRO C 479 -49.26 0.18 -15.53
C PRO C 479 -50.31 0.36 -14.44
N CYS C 480 -49.85 0.84 -13.28
CA CYS C 480 -50.78 1.17 -12.21
C CYS C 480 -51.66 2.35 -12.59
N ASN C 481 -51.11 3.31 -13.33
CA ASN C 481 -51.81 4.52 -13.74
C ASN C 481 -52.31 5.33 -12.54
N GLY C 482 -51.68 5.16 -11.39
CA GLY C 482 -52.08 5.87 -10.19
C GLY C 482 -53.32 5.31 -9.51
N VAL C 483 -53.44 3.99 -9.42
CA VAL C 483 -54.54 3.39 -8.68
C VAL C 483 -53.98 2.49 -7.61
N GLU C 484 -54.86 1.95 -6.77
CA GLU C 484 -54.47 0.93 -5.82
C GLU C 484 -54.46 -0.45 -6.48
N GLY C 485 -53.68 -1.34 -5.89
CA GLY C 485 -53.72 -2.73 -6.29
C GLY C 485 -52.42 -3.41 -5.96
N PHE C 486 -52.43 -4.72 -6.13
CA PHE C 486 -51.19 -5.48 -6.01
C PHE C 486 -50.23 -5.02 -7.09
N ASN C 487 -48.94 -4.99 -6.74
CA ASN C 487 -47.90 -4.41 -7.58
C ASN C 487 -48.11 -2.92 -7.81
N CYS C 488 -48.83 -2.27 -6.90
CA CYS C 488 -48.97 -0.81 -6.91
C CYS C 488 -48.83 -0.35 -5.47
N TYR C 489 -47.85 0.51 -5.20
CA TYR C 489 -47.52 0.91 -3.85
C TYR C 489 -47.46 2.42 -3.74
N PHE C 490 -47.97 2.96 -2.64
CA PHE C 490 -47.86 4.39 -2.46
C PHE C 490 -46.38 4.76 -2.29
N PRO C 491 -45.93 5.86 -2.90
CA PRO C 491 -44.48 6.12 -2.93
C PRO C 491 -43.89 6.47 -1.58
N LEU C 492 -44.66 7.07 -0.68
CA LEU C 492 -44.15 7.56 0.60
C LEU C 492 -44.82 6.75 1.72
N GLN C 493 -44.09 5.82 2.31
CA GLN C 493 -44.63 5.11 3.47
C GLN C 493 -44.42 5.96 4.73
N SER C 494 -45.27 5.73 5.72
CA SER C 494 -45.25 6.56 6.91
C SER C 494 -44.55 5.89 8.07
N TYR C 495 -43.85 6.72 8.85
CA TYR C 495 -43.54 6.37 10.23
C TYR C 495 -44.75 6.62 11.13
N GLY C 496 -45.02 5.68 12.00
CA GLY C 496 -45.64 5.98 13.28
C GLY C 496 -44.54 6.12 14.32
N PHE C 497 -44.77 6.97 15.31
CA PHE C 497 -43.92 7.00 16.50
C PHE C 497 -44.82 7.00 17.73
N GLN C 498 -44.88 5.92 18.39
CA GLN C 498 -45.54 5.97 19.67
C GLN C 498 -44.54 6.32 20.75
N PRO C 499 -44.98 6.98 21.82
CA PRO C 499 -44.04 7.33 22.88
C PRO C 499 -43.38 6.12 23.51
N THR C 500 -43.92 4.94 23.31
CA THR C 500 -43.37 3.73 23.92
C THR C 500 -42.40 2.99 23.00
N ASN C 501 -42.07 3.54 21.83
CA ASN C 501 -41.31 2.79 20.85
C ASN C 501 -39.87 2.58 21.31
N GLY C 502 -39.25 1.55 20.76
CA GLY C 502 -37.85 1.30 21.02
C GLY C 502 -36.98 2.46 20.57
N VAL C 503 -35.75 2.47 21.09
CA VAL C 503 -34.82 3.56 20.81
C VAL C 503 -34.72 3.80 19.32
N GLY C 504 -34.70 2.73 18.53
CA GLY C 504 -34.61 2.90 17.08
C GLY C 504 -35.84 3.55 16.50
N TYR C 505 -37.01 3.15 16.98
CA TYR C 505 -38.30 3.59 16.45
C TYR C 505 -38.78 4.87 17.09
N GLN C 506 -38.03 5.45 17.82
CA GLN C 506 -38.41 6.78 18.28
C GLN C 506 -37.91 7.84 17.31
N PRO C 507 -38.55 9.00 17.26
CA PRO C 507 -38.12 10.04 16.34
C PRO C 507 -36.90 10.78 16.85
N TYR C 508 -36.08 11.22 15.90
CA TYR C 508 -34.88 12.01 16.20
C TYR C 508 -34.87 13.20 15.28
N ARG C 509 -35.01 14.40 15.83
CA ARG C 509 -34.76 15.56 15.00
C ARG C 509 -33.32 15.52 14.56
N VAL C 510 -33.10 15.57 13.26
CA VAL C 510 -31.79 15.68 12.71
C VAL C 510 -31.60 17.11 12.27
N VAL C 511 -30.36 17.49 11.97
CA VAL C 511 -30.02 18.72 11.28
C VAL C 511 -28.74 18.45 10.52
N VAL C 512 -28.61 19.00 9.33
CA VAL C 512 -27.36 18.85 8.62
C VAL C 512 -26.86 20.28 8.43
N LEU C 513 -25.67 20.50 7.87
CA LEU C 513 -25.18 21.86 7.77
C LEU C 513 -24.37 22.04 6.49
N SER C 514 -24.22 23.31 6.09
CA SER C 514 -23.91 23.67 4.72
C SER C 514 -22.86 24.77 4.69
N PHE C 515 -21.75 24.53 4.00
CA PHE C 515 -20.74 25.52 3.68
C PHE C 515 -19.63 24.86 2.87
N GLU C 516 -18.93 25.69 2.10
CA GLU C 516 -17.66 25.38 1.44
C GLU C 516 -16.47 25.97 2.18
N LEU C 517 -16.71 26.66 3.28
CA LEU C 517 -15.69 27.39 4.00
C LEU C 517 -15.17 28.53 3.17
N LEU C 518 -13.86 28.53 2.92
CA LEU C 518 -13.12 29.74 2.54
C LEU C 518 -13.34 30.14 1.08
N HIS C 519 -12.67 31.22 0.72
CA HIS C 519 -12.52 31.77 -0.62
C HIS C 519 -13.74 32.57 -1.02
N ALA C 520 -14.73 32.68 -0.16
CA ALA C 520 -15.77 33.62 -0.44
C ALA C 520 -15.70 34.75 0.57
N PRO C 521 -16.14 35.94 0.19
CA PRO C 521 -16.24 37.05 1.15
C PRO C 521 -17.35 36.77 2.17
N ALA C 522 -17.01 36.91 3.44
CA ALA C 522 -17.81 36.29 4.48
C ALA C 522 -19.09 37.07 4.77
N THR C 523 -20.11 36.33 5.21
CA THR C 523 -21.28 36.85 5.93
C THR C 523 -21.29 36.35 7.36
N VAL C 524 -21.35 35.05 7.55
CA VAL C 524 -21.28 34.49 8.89
C VAL C 524 -19.83 34.34 9.30
N CYS C 525 -19.55 34.63 10.56
CA CYS C 525 -18.19 34.60 11.03
C CYS C 525 -18.20 34.07 12.45
N GLY C 526 -17.06 33.51 12.87
CA GLY C 526 -16.94 33.00 14.22
C GLY C 526 -17.00 34.20 15.14
N PRO C 527 -16.83 33.95 16.48
CA PRO C 527 -16.89 35.14 17.33
C PRO C 527 -15.49 35.65 17.68
N LYS C 528 -14.71 36.04 16.67
CA LYS C 528 -13.37 36.52 16.95
C LYS C 528 -13.25 37.98 16.54
N LYS C 529 -12.30 38.66 17.14
CA LYS C 529 -12.22 40.12 17.11
C LYS C 529 -11.73 40.60 15.76
N SER C 530 -11.48 41.89 15.69
CA SER C 530 -10.45 42.45 14.84
C SER C 530 -9.39 43.04 15.76
N THR C 531 -8.36 43.60 15.16
CA THR C 531 -7.41 44.40 15.89
C THR C 531 -6.93 45.49 14.96
N ASN C 532 -5.98 46.28 15.42
CA ASN C 532 -5.32 47.14 14.46
C ASN C 532 -4.60 46.26 13.45
N LEU C 533 -4.36 46.82 12.28
CA LEU C 533 -3.68 46.08 11.23
C LEU C 533 -2.26 46.61 11.15
N VAL C 534 -1.32 45.82 11.64
CA VAL C 534 0.08 46.17 11.57
C VAL C 534 0.53 46.03 10.13
N LYS C 535 1.44 46.89 9.72
CA LYS C 535 1.84 46.94 8.33
C LYS C 535 3.35 46.97 8.21
N ASN C 536 3.84 46.29 7.19
CA ASN C 536 5.24 46.22 6.84
C ASN C 536 6.10 45.71 7.98
N LYS C 537 5.47 45.08 8.96
CA LYS C 537 6.19 44.40 10.02
C LYS C 537 5.66 42.99 10.08
N CYS C 538 6.56 42.01 10.12
CA CYS C 538 6.16 40.64 9.96
C CYS C 538 5.15 40.27 11.03
N VAL C 539 3.99 39.81 10.60
CA VAL C 539 2.91 39.48 11.51
C VAL C 539 2.37 38.12 11.15
N ASN C 540 1.96 37.37 12.16
CA ASN C 540 0.93 36.40 11.91
C ASN C 540 -0.35 37.15 11.59
N PHE C 541 -1.31 36.45 11.01
CA PHE C 541 -2.58 37.09 10.68
C PHE C 541 -3.66 36.06 10.51
N ASN C 542 -4.90 36.53 10.53
CA ASN C 542 -6.00 35.84 9.90
C ASN C 542 -6.91 36.85 9.24
N PHE C 543 -7.20 36.67 7.97
CA PHE C 543 -8.21 37.45 7.28
C PHE C 543 -9.34 36.54 6.89
N ASN C 544 -10.50 36.72 7.50
CA ASN C 544 -11.67 35.95 7.15
C ASN C 544 -11.40 34.48 7.27
N GLY C 545 -10.55 34.08 8.20
CA GLY C 545 -10.18 32.69 8.30
C GLY C 545 -9.09 32.25 7.37
N LEU C 546 -8.79 32.99 6.32
CA LEU C 546 -7.66 32.64 5.49
C LEU C 546 -6.39 33.12 6.17
N THR C 547 -5.54 32.19 6.55
CA THR C 547 -4.47 32.50 7.47
C THR C 547 -3.12 32.35 6.80
N GLY C 548 -2.10 32.46 7.61
CA GLY C 548 -0.73 32.37 7.19
C GLY C 548 0.11 33.21 8.11
N THR C 549 1.28 33.58 7.64
CA THR C 549 2.08 34.58 8.31
C THR C 549 2.76 35.38 7.23
N GLY C 550 2.67 36.70 7.30
CA GLY C 550 3.10 37.47 6.16
C GLY C 550 3.60 38.82 6.59
N VAL C 551 4.08 39.57 5.61
CA VAL C 551 4.43 40.96 5.80
C VAL C 551 3.45 41.76 5.00
N LEU C 552 2.54 42.45 5.69
CA LEU C 552 1.42 43.09 5.05
C LEU C 552 1.80 44.48 4.60
N THR C 553 1.30 44.89 3.45
CA THR C 553 1.73 46.11 2.81
C THR C 553 0.50 46.80 2.24
N GLU C 554 0.70 47.78 1.39
CA GLU C 554 -0.39 48.26 0.56
C GLU C 554 -0.02 48.10 -0.91
N SER C 555 -1.04 48.05 -1.74
CA SER C 555 -0.88 47.45 -3.05
C SER C 555 -1.56 48.25 -4.13
N ASN C 556 -0.88 48.36 -5.26
CA ASN C 556 -1.41 48.97 -6.45
C ASN C 556 -2.45 48.11 -7.13
N LYS C 557 -2.41 46.81 -6.90
CA LYS C 557 -3.30 45.89 -7.59
C LYS C 557 -4.74 46.31 -7.40
N LYS C 558 -5.48 46.31 -8.49
CA LYS C 558 -6.84 46.80 -8.49
C LYS C 558 -7.76 45.61 -8.68
N PHE C 559 -8.49 45.25 -7.64
CA PHE C 559 -9.45 44.19 -7.82
C PHE C 559 -10.56 44.60 -8.77
N LEU C 560 -11.21 43.63 -9.26
CA LEU C 560 -12.56 43.84 -9.71
C LEU C 560 -13.50 43.67 -8.52
N PRO C 561 -14.56 44.45 -8.49
CA PRO C 561 -15.19 44.78 -7.20
C PRO C 561 -15.62 43.58 -6.38
N PHE C 562 -16.22 42.60 -7.02
CA PHE C 562 -16.84 41.46 -6.36
C PHE C 562 -15.83 40.57 -5.65
N GLN C 563 -14.55 40.73 -5.95
CA GLN C 563 -13.51 39.76 -5.69
C GLN C 563 -13.13 39.72 -4.23
N GLN C 564 -12.47 38.65 -3.85
CA GLN C 564 -11.82 38.69 -2.56
C GLN C 564 -10.32 38.45 -2.70
N PHE C 565 -9.91 37.24 -2.98
CA PHE C 565 -8.49 37.00 -2.87
C PHE C 565 -7.79 37.39 -4.16
N GLY C 566 -6.47 37.29 -4.13
CA GLY C 566 -5.69 37.02 -5.31
C GLY C 566 -5.09 35.64 -5.19
N ARG C 567 -4.19 35.34 -6.12
CA ARG C 567 -3.31 34.20 -5.96
C ARG C 567 -2.11 34.42 -6.86
N ASP C 568 -1.18 33.48 -6.78
CA ASP C 568 -0.25 33.25 -7.86
C ASP C 568 0.13 31.78 -7.78
N ILE C 569 1.03 31.38 -8.68
CA ILE C 569 0.99 30.06 -9.33
C ILE C 569 0.79 28.94 -8.33
N ALA C 570 1.34 29.07 -7.13
CA ALA C 570 1.54 27.91 -6.28
C ALA C 570 0.32 27.53 -5.47
N ASP C 571 -0.84 28.14 -5.73
CA ASP C 571 -1.91 28.25 -4.73
C ASP C 571 -1.42 29.15 -3.61
N THR C 572 -0.61 30.12 -4.01
CA THR C 572 -0.23 31.21 -3.14
C THR C 572 -1.45 32.03 -2.75
N THR C 573 -1.46 32.56 -1.55
CA THR C 573 -2.29 33.73 -1.32
C THR C 573 -1.43 34.95 -1.48
N ASP C 574 -1.64 35.68 -2.56
CA ASP C 574 -0.77 36.80 -2.89
C ASP C 574 -1.30 38.10 -2.30
N ALA C 575 -2.45 38.53 -2.76
CA ALA C 575 -3.09 39.74 -2.26
C ALA C 575 -4.37 39.35 -1.57
N VAL C 576 -4.86 40.24 -0.73
CA VAL C 576 -6.16 40.04 -0.10
C VAL C 576 -6.88 41.37 -0.08
N ARG C 577 -7.95 41.45 0.68
CA ARG C 577 -8.63 42.72 0.83
C ARG C 577 -9.09 42.85 2.26
N ASP C 578 -8.80 43.99 2.87
CA ASP C 578 -9.15 44.15 4.27
C ASP C 578 -10.64 43.92 4.40
N PRO C 579 -11.07 42.91 5.13
CA PRO C 579 -12.51 42.61 5.15
C PRO C 579 -13.37 43.75 5.65
N GLN C 580 -13.02 44.35 6.78
CA GLN C 580 -13.81 45.46 7.27
C GLN C 580 -13.87 46.60 6.28
N THR C 581 -12.79 47.35 6.19
CA THR C 581 -12.71 48.47 5.25
C THR C 581 -11.89 48.04 4.06
N LEU C 582 -12.51 48.04 2.90
CA LEU C 582 -11.89 47.33 1.81
C LEU C 582 -10.67 48.11 1.37
N GLU C 583 -9.53 47.47 1.41
CA GLU C 583 -8.32 48.01 0.84
C GLU C 583 -7.41 46.82 0.59
N ILE C 584 -6.50 46.98 -0.34
CA ILE C 584 -5.86 45.84 -0.96
C ILE C 584 -4.47 45.69 -0.36
N LEU C 585 -4.31 44.72 0.51
CA LEU C 585 -3.08 44.54 1.24
C LEU C 585 -2.33 43.42 0.58
N ASP C 586 -1.16 43.67 0.01
CA ASP C 586 -0.49 42.48 -0.47
C ASP C 586 0.03 41.67 0.70
N ILE C 587 0.53 40.49 0.40
CA ILE C 587 1.16 39.64 1.38
C ILE C 587 2.53 39.29 0.81
N THR C 588 3.30 38.56 1.57
CA THR C 588 4.70 38.37 1.28
C THR C 588 5.24 37.37 2.28
N PRO C 589 6.11 36.47 1.87
CA PRO C 589 6.70 35.55 2.83
C PRO C 589 7.49 36.31 3.86
N CYS C 590 8.00 35.57 4.84
CA CYS C 590 8.63 36.25 5.96
C CYS C 590 10.07 36.58 5.68
N SER C 591 10.98 35.60 5.79
CA SER C 591 12.36 35.82 5.41
C SER C 591 13.02 34.64 4.69
N PHE C 592 13.15 33.52 5.37
CA PHE C 592 14.07 32.41 5.03
C PHE C 592 15.47 32.95 5.10
N GLY C 593 16.27 32.61 4.11
CA GLY C 593 17.70 32.74 4.10
C GLY C 593 18.28 31.43 4.57
N GLY C 594 19.40 31.04 3.99
CA GLY C 594 20.16 29.97 4.57
C GLY C 594 21.08 30.53 5.61
N VAL C 595 21.76 29.66 6.28
CA VAL C 595 22.81 30.09 7.19
C VAL C 595 24.07 29.37 6.76
N SER C 596 25.20 29.99 7.00
CA SER C 596 26.46 29.37 6.70
C SER C 596 27.45 29.84 7.72
N VAL C 597 28.29 28.95 8.17
CA VAL C 597 29.31 29.33 9.12
C VAL C 597 30.63 29.29 8.37
N ILE C 598 31.18 30.44 8.08
CA ILE C 598 32.49 30.52 7.47
C ILE C 598 33.52 30.39 8.57
N THR C 599 34.40 29.41 8.48
CA THR C 599 35.42 29.34 9.47
C THR C 599 36.78 28.93 8.96
N PRO C 600 37.84 29.50 9.50
CA PRO C 600 39.12 28.82 9.52
C PRO C 600 38.94 27.53 10.31
N GLY C 601 39.85 26.58 10.11
CA GLY C 601 39.73 25.33 10.83
C GLY C 601 39.72 25.57 12.33
N THR C 602 38.90 24.78 13.05
CA THR C 602 39.04 24.74 14.50
C THR C 602 40.48 24.44 14.86
N ASN C 603 41.17 23.75 13.98
CA ASN C 603 42.60 23.53 14.01
C ASN C 603 43.31 24.83 14.36
N THR C 604 42.92 25.91 13.72
CA THR C 604 43.60 27.19 13.87
C THR C 604 42.91 28.11 14.87
N SER C 605 41.69 28.52 14.57
CA SER C 605 41.01 29.40 15.50
C SER C 605 39.53 29.09 15.55
N ASN C 606 38.92 29.37 16.68
CA ASN C 606 37.54 29.04 16.95
C ASN C 606 36.59 30.18 16.67
N GLN C 607 37.07 31.25 16.07
CA GLN C 607 36.20 32.36 15.73
C GLN C 607 35.63 32.12 14.35
N VAL C 608 34.36 32.47 14.16
CA VAL C 608 33.65 32.18 12.93
C VAL C 608 32.93 33.43 12.46
N ALA C 609 32.68 33.47 11.16
CA ALA C 609 31.82 34.49 10.56
C ALA C 609 30.61 33.79 9.96
N VAL C 610 29.44 34.39 10.12
CA VAL C 610 28.19 33.72 9.83
C VAL C 610 27.46 34.48 8.74
N LEU C 611 27.19 33.82 7.64
CA LEU C 611 26.58 34.45 6.48
C LEU C 611 25.10 34.11 6.42
N TYR C 612 24.26 35.08 6.72
CA TYR C 612 22.85 34.89 6.44
C TYR C 612 22.64 35.12 4.96
N GLN C 613 22.20 34.11 4.25
CA GLN C 613 22.07 34.24 2.82
C GLN C 613 20.78 34.94 2.47
N ASP C 614 20.82 35.75 1.43
CA ASP C 614 19.62 36.28 0.82
C ASP C 614 18.74 36.97 1.86
N VAL C 615 19.34 37.83 2.66
CA VAL C 615 18.53 38.77 3.41
C VAL C 615 19.18 40.13 3.32
N ASN C 616 18.65 41.05 4.09
CA ASN C 616 18.98 42.46 4.00
C ASN C 616 19.38 42.87 5.41
N CYS C 617 20.54 43.50 5.57
CA CYS C 617 21.10 43.42 6.93
C CYS C 617 20.30 44.40 7.75
N THR C 618 19.25 43.84 8.33
CA THR C 618 18.33 44.54 9.17
C THR C 618 17.85 43.66 10.30
N GLU C 619 17.07 42.62 9.97
CA GLU C 619 16.23 41.92 10.92
C GLU C 619 16.97 40.99 11.84
N VAL C 620 18.26 40.80 11.68
CA VAL C 620 18.99 39.87 12.52
C VAL C 620 18.91 40.26 13.99
N ASN C 641 30.17 42.85 14.10
CA ASN C 641 30.14 43.67 12.91
C ASN C 641 29.28 43.02 11.85
N VAL C 642 28.69 43.86 11.00
CA VAL C 642 27.76 43.43 9.96
C VAL C 642 28.15 44.09 8.67
N PHE C 643 28.14 43.32 7.60
CA PHE C 643 28.58 43.80 6.29
C PHE C 643 27.61 43.29 5.23
N GLN C 644 26.85 44.18 4.62
CA GLN C 644 25.99 43.74 3.53
C GLN C 644 26.85 43.36 2.35
N THR C 645 26.27 42.56 1.46
CA THR C 645 26.96 42.03 0.30
C THR C 645 25.93 41.81 -0.78
N ARG C 646 26.34 41.14 -1.84
CA ARG C 646 25.42 40.62 -2.84
C ARG C 646 24.75 39.35 -2.36
N ALA C 647 25.53 38.41 -1.85
CA ALA C 647 25.00 37.10 -1.50
C ALA C 647 24.10 37.14 -0.29
N GLY C 648 24.27 38.13 0.56
CA GLY C 648 23.38 38.27 1.70
C GLY C 648 24.12 38.94 2.84
N CYS C 649 23.38 39.16 3.91
CA CYS C 649 23.96 39.76 5.09
C CYS C 649 25.04 38.87 5.65
N LEU C 650 26.21 39.43 5.86
CA LEU C 650 27.31 38.70 6.46
C LEU C 650 27.65 39.35 7.79
N ILE C 651 27.93 38.53 8.80
CA ILE C 651 28.16 39.04 10.14
C ILE C 651 29.51 38.54 10.63
N GLY C 652 30.13 39.32 11.48
CA GLY C 652 31.33 38.83 12.12
C GLY C 652 32.54 38.88 11.23
N ALA C 653 32.54 39.72 10.21
CA ALA C 653 33.72 39.85 9.39
C ALA C 653 33.93 41.30 9.03
N GLU C 654 35.17 41.61 8.76
CA GLU C 654 35.61 42.97 8.56
C GLU C 654 35.94 43.15 7.09
N HIS C 655 35.11 43.90 6.39
CA HIS C 655 35.35 44.15 4.98
C HIS C 655 36.71 44.79 4.78
N VAL C 656 37.36 44.43 3.67
CA VAL C 656 38.70 44.89 3.35
C VAL C 656 38.79 45.26 1.87
N ASN C 657 39.72 46.15 1.55
CA ASN C 657 40.05 46.47 0.17
C ASN C 657 40.94 45.43 -0.48
N ASN C 658 42.13 45.22 0.06
CA ASN C 658 43.16 44.52 -0.68
C ASN C 658 42.63 43.21 -1.19
N SER C 659 42.64 43.06 -2.50
CA SER C 659 42.05 41.89 -3.12
C SER C 659 43.08 40.78 -3.11
N TYR C 660 42.71 39.65 -2.55
CA TYR C 660 43.59 38.50 -2.48
C TYR C 660 43.02 37.39 -3.34
N GLU C 661 43.76 36.29 -3.40
CA GLU C 661 43.23 35.10 -4.01
C GLU C 661 42.08 34.57 -3.19
N CYS C 662 41.13 33.96 -3.87
CA CYS C 662 39.96 33.43 -3.21
C CYS C 662 40.39 32.28 -2.31
N ASP C 663 39.87 32.26 -1.10
CA ASP C 663 40.38 31.40 -0.06
C ASP C 663 39.24 30.55 0.48
N ILE C 664 38.24 31.18 1.09
CA ILE C 664 36.99 30.48 1.33
C ILE C 664 35.92 31.15 0.48
N PRO C 665 35.51 30.56 -0.62
CA PRO C 665 34.55 31.24 -1.49
C PRO C 665 33.20 31.38 -0.83
N ILE C 666 32.62 32.56 -0.94
CA ILE C 666 31.41 32.88 -0.20
C ILE C 666 30.24 33.01 -1.16
N GLY C 667 30.31 34.03 -2.01
CA GLY C 667 29.37 34.16 -3.10
C GLY C 667 29.60 35.46 -3.83
N ALA C 668 29.18 35.52 -5.08
CA ALA C 668 29.16 36.75 -5.85
C ALA C 668 30.51 37.45 -5.90
N GLY C 669 31.59 36.74 -5.70
CA GLY C 669 32.91 37.31 -5.76
C GLY C 669 33.57 37.54 -4.41
N ILE C 670 32.79 37.65 -3.34
CA ILE C 670 33.37 37.76 -2.01
C ILE C 670 34.06 36.46 -1.65
N CYS C 671 35.30 36.53 -1.20
CA CYS C 671 36.03 35.35 -0.74
C CYS C 671 36.75 35.68 0.55
N ALA C 672 36.34 35.07 1.65
CA ALA C 672 36.85 35.43 2.96
C ALA C 672 38.25 34.85 3.18
N SER C 673 38.75 34.97 4.40
CA SER C 673 39.97 34.32 4.89
C SER C 673 40.13 34.70 6.35
N TYR C 674 40.99 33.96 7.04
CA TYR C 674 41.14 34.19 8.47
C TYR C 674 42.15 35.28 8.79
N GLN C 675 43.02 35.63 7.88
CA GLN C 675 44.30 36.23 8.24
C GLN C 675 44.11 37.63 8.79
N THR C 676 45.22 38.30 9.05
CA THR C 676 45.22 39.67 9.54
C THR C 676 44.77 40.59 8.41
N SER C 689 44.85 40.01 17.17
CA SER C 689 44.83 41.05 16.16
C SER C 689 44.28 40.49 14.85
N GLN C 690 43.91 39.22 14.88
CA GLN C 690 43.36 38.55 13.71
C GLN C 690 41.85 38.48 13.81
N SER C 691 41.19 38.82 12.70
CA SER C 691 39.77 38.65 12.54
C SER C 691 39.57 38.16 11.11
N ILE C 692 38.35 37.74 10.80
CA ILE C 692 38.06 37.08 9.55
C ILE C 692 37.66 38.14 8.54
N ILE C 693 38.46 38.36 7.53
CA ILE C 693 38.20 39.42 6.57
C ILE C 693 37.47 38.87 5.37
N ALA C 694 36.36 39.48 5.02
CA ALA C 694 35.69 39.24 3.76
C ALA C 694 36.09 40.34 2.79
N TYR C 695 36.23 40.00 1.53
CA TYR C 695 36.71 40.99 0.59
C TYR C 695 36.35 40.53 -0.81
N THR C 696 36.86 41.24 -1.80
CA THR C 696 36.65 40.85 -3.19
C THR C 696 37.92 40.22 -3.73
N MET C 697 37.76 39.08 -4.40
CA MET C 697 38.91 38.33 -4.85
C MET C 697 39.47 38.91 -6.13
N SER C 698 40.76 38.72 -6.32
CA SER C 698 41.37 38.92 -7.63
C SER C 698 41.41 37.58 -8.34
N LEU C 699 40.75 37.50 -9.48
CA LEU C 699 41.13 36.48 -10.41
C LEU C 699 42.61 36.69 -10.68
N GLY C 700 43.41 35.69 -10.39
CA GLY C 700 44.84 35.79 -10.62
C GLY C 700 45.50 36.95 -9.90
N ALA C 701 46.77 37.14 -10.15
CA ALA C 701 47.49 38.34 -9.76
C ALA C 701 47.75 39.11 -11.04
N GLU C 702 47.12 40.27 -11.18
CA GLU C 702 47.04 40.87 -12.50
C GLU C 702 48.42 41.18 -13.05
N ASN C 703 48.65 40.75 -14.29
CA ASN C 703 49.83 41.00 -15.10
C ASN C 703 49.37 41.66 -16.38
N SER C 704 50.29 42.35 -17.05
CA SER C 704 50.03 42.87 -18.39
C SER C 704 51.27 42.62 -19.22
N VAL C 705 51.12 41.90 -20.33
CA VAL C 705 52.29 41.55 -21.13
C VAL C 705 52.83 42.80 -21.79
N ALA C 706 54.13 42.82 -21.99
CA ALA C 706 54.76 43.88 -22.74
C ALA C 706 54.80 43.40 -24.17
N TYR C 707 53.99 44.00 -25.02
CA TYR C 707 53.80 43.53 -26.38
C TYR C 707 54.20 44.59 -27.37
N SER C 708 54.85 44.17 -28.43
CA SER C 708 54.92 45.06 -29.58
C SER C 708 55.26 44.21 -30.79
N ASN C 709 54.95 44.77 -31.94
CA ASN C 709 54.80 44.00 -33.14
C ASN C 709 56.11 43.46 -33.70
N ASN C 710 57.27 43.95 -33.28
CA ASN C 710 58.49 43.28 -33.68
C ASN C 710 59.20 42.55 -32.56
N SER C 711 58.66 42.51 -31.36
CA SER C 711 59.45 42.08 -30.20
C SER C 711 59.03 40.71 -29.70
N ILE C 712 59.93 39.74 -29.78
CA ILE C 712 59.67 38.36 -29.40
C ILE C 712 60.49 38.01 -28.17
N ALA C 713 60.05 37.01 -27.42
CA ALA C 713 60.73 36.59 -26.20
C ALA C 713 60.85 35.08 -26.16
N ILE C 714 62.08 34.57 -26.23
CA ILE C 714 62.37 33.14 -26.34
C ILE C 714 62.94 32.64 -25.02
N PRO C 715 62.41 31.57 -24.45
CA PRO C 715 62.96 31.06 -23.20
C PRO C 715 64.34 30.47 -23.42
N THR C 716 65.23 30.72 -22.48
CA THR C 716 66.60 30.28 -22.57
C THR C 716 66.90 29.03 -21.77
N ASN C 717 65.92 28.46 -21.09
CA ASN C 717 66.20 27.41 -20.14
C ASN C 717 64.88 26.93 -19.56
N PHE C 718 64.89 25.71 -19.06
CA PHE C 718 63.65 25.03 -18.76
C PHE C 718 63.72 24.28 -17.45
N THR C 719 62.59 24.15 -16.80
CA THR C 719 62.54 23.21 -15.71
C THR C 719 62.11 21.87 -16.28
N ILE C 720 61.99 20.89 -15.38
CA ILE C 720 61.22 19.68 -15.62
C ILE C 720 60.37 19.49 -14.38
N SER C 721 59.08 19.69 -14.50
CA SER C 721 58.29 19.45 -13.31
C SER C 721 57.88 18.00 -13.28
N VAL C 722 57.22 17.60 -12.21
CA VAL C 722 56.45 16.36 -12.17
C VAL C 722 55.17 16.68 -11.44
N THR C 723 54.05 16.59 -12.13
CA THR C 723 52.80 17.08 -11.59
C THR C 723 51.89 15.88 -11.39
N THR C 724 51.65 15.51 -10.15
CA THR C 724 50.77 14.40 -9.89
C THR C 724 49.36 14.72 -10.39
N GLU C 725 48.63 13.68 -10.72
CA GLU C 725 47.26 13.78 -11.13
C GLU C 725 46.57 12.51 -10.70
N ILE C 726 45.31 12.61 -10.28
CA ILE C 726 44.67 11.46 -9.68
C ILE C 726 43.27 11.32 -10.22
N LEU C 727 42.81 10.08 -10.34
CA LEU C 727 41.49 9.80 -10.83
C LEU C 727 40.90 8.63 -10.06
N PRO C 728 39.62 8.64 -9.78
CA PRO C 728 38.95 7.40 -9.41
C PRO C 728 38.92 6.48 -10.59
N VAL C 729 38.78 5.20 -10.31
CA VAL C 729 38.66 4.23 -11.39
C VAL C 729 37.44 3.37 -11.10
N SER C 730 37.46 2.72 -9.97
CA SER C 730 36.35 1.88 -9.57
C SER C 730 35.78 2.40 -8.27
N MET C 731 34.59 1.97 -7.96
CA MET C 731 34.02 2.20 -6.66
C MET C 731 33.73 0.85 -6.05
N THR C 732 33.61 0.82 -4.73
CA THR C 732 33.45 -0.43 -4.03
C THR C 732 32.28 -1.22 -4.58
N LYS C 733 32.53 -2.46 -4.98
CA LYS C 733 31.44 -3.26 -5.52
C LYS C 733 30.61 -3.69 -4.34
N THR C 734 29.40 -3.20 -4.25
CA THR C 734 28.54 -3.70 -3.21
C THR C 734 27.48 -4.57 -3.85
N SER C 735 26.71 -5.20 -2.99
CA SER C 735 25.51 -5.88 -3.40
C SER C 735 24.59 -5.87 -2.22
N VAL C 736 23.32 -5.69 -2.49
CA VAL C 736 22.31 -5.69 -1.45
C VAL C 736 21.24 -6.64 -1.89
N ASP C 737 21.02 -7.69 -1.12
CA ASP C 737 19.87 -8.50 -1.41
C ASP C 737 18.65 -7.67 -1.05
N CYS C 738 17.82 -7.40 -2.05
CA CYS C 738 16.64 -6.60 -1.79
C CYS C 738 15.74 -7.29 -0.80
N THR C 739 15.36 -8.53 -1.09
CA THR C 739 14.41 -9.23 -0.25
C THR C 739 14.77 -9.13 1.22
N MET C 740 16.03 -9.38 1.57
CA MET C 740 16.35 -9.42 2.98
C MET C 740 16.30 -8.02 3.58
N TYR C 741 16.85 -7.04 2.90
CA TYR C 741 16.85 -5.70 3.45
C TYR C 741 15.42 -5.29 3.78
N ILE C 742 14.59 -5.17 2.74
CA ILE C 742 13.20 -4.79 2.88
C ILE C 742 12.58 -5.59 3.99
N CYS C 743 12.39 -6.88 3.74
CA CYS C 743 11.89 -7.82 4.72
C CYS C 743 13.09 -8.58 5.26
N GLY C 744 13.51 -8.23 6.47
CA GLY C 744 14.38 -9.11 7.20
C GLY C 744 13.54 -10.22 7.77
N ASP C 745 14.02 -11.45 7.61
CA ASP C 745 13.58 -12.56 8.44
C ASP C 745 12.09 -12.55 8.75
N SER C 746 11.25 -12.78 7.75
CA SER C 746 9.85 -13.07 8.01
C SER C 746 9.30 -13.91 6.88
N THR C 747 8.45 -14.85 7.22
CA THR C 747 7.57 -15.45 6.24
C THR C 747 6.35 -14.59 5.98
N GLU C 748 5.91 -13.83 6.97
CA GLU C 748 4.88 -12.84 6.75
C GLU C 748 5.37 -11.82 5.73
N CYS C 749 6.32 -10.99 6.16
CA CYS C 749 6.71 -9.83 5.37
C CYS C 749 6.99 -10.22 3.94
N SER C 750 7.77 -11.27 3.74
CA SER C 750 8.11 -11.68 2.40
C SER C 750 6.91 -12.17 1.60
N ASN C 751 5.75 -12.31 2.22
CA ASN C 751 4.56 -12.65 1.47
C ASN C 751 3.86 -11.44 0.91
N LEU C 752 4.10 -10.26 1.49
CA LEU C 752 3.57 -9.04 0.88
C LEU C 752 4.41 -8.66 -0.31
N LEU C 753 5.73 -8.69 -0.13
CA LEU C 753 6.67 -8.32 -1.16
C LEU C 753 6.51 -9.14 -2.42
N LEU C 754 5.88 -10.30 -2.36
CA LEU C 754 5.57 -10.99 -3.61
C LEU C 754 4.56 -10.23 -4.43
N GLN C 755 3.75 -9.40 -3.80
CA GLN C 755 2.73 -8.70 -4.56
C GLN C 755 3.30 -7.50 -5.28
N TYR C 756 4.16 -6.72 -4.63
CA TYR C 756 4.75 -5.59 -5.30
C TYR C 756 5.48 -5.99 -6.56
N GLY C 757 5.73 -7.27 -6.75
CA GLY C 757 6.15 -7.71 -8.05
C GLY C 757 7.63 -7.62 -8.26
N SER C 758 8.03 -7.31 -9.48
CA SER C 758 9.40 -7.49 -9.91
C SER C 758 10.38 -6.58 -9.21
N PHE C 759 9.92 -5.63 -8.39
CA PHE C 759 10.81 -4.64 -7.79
C PHE C 759 12.10 -5.26 -7.29
N CYS C 760 11.99 -6.08 -6.26
CA CYS C 760 13.16 -6.74 -5.73
C CYS C 760 13.98 -7.35 -6.85
N THR C 761 13.34 -8.09 -7.73
CA THR C 761 14.09 -8.79 -8.75
C THR C 761 14.66 -7.87 -9.81
N GLN C 762 14.17 -6.64 -9.93
CA GLN C 762 14.77 -5.72 -10.87
C GLN C 762 15.73 -4.77 -10.20
N LEU C 763 15.85 -4.83 -8.89
CA LEU C 763 16.95 -4.13 -8.25
C LEU C 763 18.22 -4.93 -8.39
N ASN C 764 18.23 -6.14 -7.85
CA ASN C 764 19.42 -6.97 -7.95
C ASN C 764 19.98 -7.02 -9.35
N ARG C 765 19.16 -6.84 -10.36
CA ARG C 765 19.72 -6.70 -11.69
C ARG C 765 20.39 -5.34 -11.86
N ALA C 766 19.82 -4.30 -11.26
CA ALA C 766 20.48 -3.00 -11.28
C ALA C 766 21.84 -3.09 -10.63
N LEU C 767 21.87 -3.40 -9.33
CA LEU C 767 23.12 -3.43 -8.59
C LEU C 767 24.12 -4.43 -9.13
N THR C 768 23.71 -5.34 -10.00
CA THR C 768 24.71 -6.14 -10.66
C THR C 768 25.35 -5.38 -11.81
N GLY C 769 24.53 -4.76 -12.65
CA GLY C 769 25.06 -4.03 -13.77
C GLY C 769 26.17 -3.09 -13.37
N ILE C 770 26.06 -2.51 -12.18
CA ILE C 770 27.19 -1.82 -11.57
C ILE C 770 28.31 -2.81 -11.38
N ALA C 771 28.11 -3.76 -10.48
CA ALA C 771 29.21 -4.63 -10.05
C ALA C 771 29.90 -5.28 -11.22
N VAL C 772 29.20 -5.55 -12.31
CA VAL C 772 29.87 -5.98 -13.52
C VAL C 772 30.86 -4.92 -13.94
N GLU C 773 30.35 -3.78 -14.39
CA GLU C 773 31.22 -2.81 -15.04
C GLU C 773 32.30 -2.34 -14.10
N GLN C 774 32.02 -2.27 -12.79
CA GLN C 774 33.05 -1.91 -11.84
C GLN C 774 34.29 -2.74 -12.02
N ASP C 775 34.13 -3.96 -12.51
CA ASP C 775 35.25 -4.78 -12.89
C ASP C 775 35.58 -4.66 -14.35
N LYS C 776 34.73 -4.03 -15.13
CA LYS C 776 35.11 -3.75 -16.51
C LYS C 776 35.98 -2.52 -16.59
N ASN C 777 35.69 -1.52 -15.77
CA ASN C 777 36.55 -0.35 -15.67
C ASN C 777 37.98 -0.75 -15.45
N THR C 778 38.26 -1.25 -14.26
CA THR C 778 39.61 -1.62 -13.89
C THR C 778 40.22 -2.55 -14.91
N GLN C 779 39.40 -3.24 -15.66
CA GLN C 779 39.94 -4.05 -16.74
C GLN C 779 40.49 -3.17 -17.84
N GLU C 780 39.79 -2.08 -18.14
CA GLU C 780 40.10 -1.25 -19.28
C GLU C 780 41.22 -0.28 -18.99
N VAL C 781 41.19 0.32 -17.82
CA VAL C 781 42.24 1.22 -17.41
C VAL C 781 43.55 0.47 -17.43
N PHE C 782 43.72 -0.45 -16.50
CA PHE C 782 45.03 -1.00 -16.24
C PHE C 782 45.47 -1.97 -17.33
N ALA C 783 44.66 -2.98 -17.64
CA ALA C 783 45.23 -3.98 -18.52
C ALA C 783 44.94 -3.53 -19.94
N GLN C 784 45.89 -2.80 -20.49
CA GLN C 784 45.94 -2.52 -21.91
C GLN C 784 47.05 -3.28 -22.59
N VAL C 785 47.83 -4.02 -21.83
CA VAL C 785 49.07 -4.58 -22.31
C VAL C 785 48.91 -6.08 -22.48
N LYS C 786 49.44 -6.59 -23.59
CA LYS C 786 49.39 -8.02 -23.83
C LYS C 786 50.04 -8.79 -22.69
N GLN C 787 51.33 -8.59 -22.50
CA GLN C 787 52.14 -9.42 -21.64
C GLN C 787 52.60 -8.63 -20.44
N ILE C 788 52.88 -9.33 -19.35
CA ILE C 788 53.54 -8.67 -18.25
C ILE C 788 55.01 -8.59 -18.56
N TYR C 789 55.50 -7.37 -18.70
CA TYR C 789 56.93 -7.21 -18.81
C TYR C 789 57.51 -7.21 -17.42
N LYS C 790 58.83 -7.18 -17.36
CA LYS C 790 59.41 -7.06 -16.05
C LYS C 790 60.76 -6.42 -16.23
N THR C 791 61.14 -5.65 -15.22
CA THR C 791 62.31 -4.81 -15.32
C THR C 791 63.56 -5.66 -15.44
N PRO C 792 64.61 -5.11 -16.02
CA PRO C 792 65.91 -5.72 -15.90
C PRO C 792 66.45 -5.48 -14.51
N PRO C 793 67.16 -6.46 -13.93
CA PRO C 793 67.78 -6.26 -12.63
C PRO C 793 68.95 -5.29 -12.63
N ILE C 794 69.49 -4.92 -13.79
CA ILE C 794 70.54 -3.93 -13.86
C ILE C 794 69.93 -2.58 -14.25
N LYS C 795 69.90 -1.66 -13.31
CA LYS C 795 69.34 -0.35 -13.53
C LYS C 795 70.44 0.61 -13.95
N ASP C 796 70.43 0.98 -15.22
CA ASP C 796 71.18 2.13 -15.70
C ASP C 796 70.29 2.83 -16.71
N PHE C 797 69.76 3.99 -16.36
CA PHE C 797 69.00 4.73 -17.36
C PHE C 797 69.68 5.98 -17.86
N GLY C 798 70.94 6.19 -17.51
CA GLY C 798 71.59 7.44 -17.81
C GLY C 798 71.47 8.45 -16.71
N GLY C 799 71.24 8.01 -15.48
CA GLY C 799 71.14 8.89 -14.35
C GLY C 799 69.72 9.08 -13.85
N PHE C 800 68.72 8.77 -14.66
CA PHE C 800 67.38 8.86 -14.15
C PHE C 800 67.17 7.78 -13.11
N ASN C 801 66.70 8.16 -11.95
CA ASN C 801 66.64 7.25 -10.83
C ASN C 801 65.19 6.90 -10.56
N PHE C 802 64.80 5.69 -10.92
CA PHE C 802 63.42 5.27 -10.79
C PHE C 802 63.13 4.46 -9.56
N SER C 803 64.13 4.08 -8.78
CA SER C 803 63.91 3.12 -7.71
C SER C 803 62.75 3.54 -6.83
N GLN C 804 62.45 4.83 -6.82
CA GLN C 804 61.23 5.33 -6.20
C GLN C 804 60.02 4.59 -6.71
N ILE C 805 59.83 4.59 -8.02
CA ILE C 805 58.66 3.97 -8.64
C ILE C 805 58.90 2.56 -9.13
N LEU C 806 60.05 2.12 -9.16
CA LEU C 806 60.03 0.71 -9.54
C LEU C 806 59.88 -0.17 -8.32
N PRO C 807 59.17 -1.29 -8.48
CA PRO C 807 58.63 -2.00 -7.33
C PRO C 807 59.68 -2.53 -6.39
N ASP C 808 59.17 -2.93 -5.23
CA ASP C 808 59.94 -3.28 -4.05
C ASP C 808 59.80 -4.77 -3.77
N PRO C 809 60.85 -5.56 -3.92
CA PRO C 809 60.78 -6.96 -3.50
C PRO C 809 60.66 -7.14 -2.01
N SER C 810 60.95 -6.11 -1.22
CA SER C 810 61.00 -6.23 0.23
C SER C 810 59.64 -6.12 0.89
N LYS C 811 58.62 -5.68 0.19
CA LYS C 811 57.28 -5.81 0.70
C LYS C 811 56.76 -7.21 0.42
N PRO C 812 55.73 -7.64 1.12
CA PRO C 812 55.07 -8.89 0.71
C PRO C 812 54.49 -8.80 -0.69
N SER C 813 53.67 -7.78 -0.96
CA SER C 813 53.22 -7.48 -2.31
C SER C 813 54.09 -6.36 -2.83
N LYS C 814 54.57 -6.52 -4.05
CA LYS C 814 55.69 -5.70 -4.47
C LYS C 814 55.11 -4.42 -5.02
N ARG C 815 55.21 -3.36 -4.23
CA ARG C 815 54.65 -2.07 -4.54
C ARG C 815 55.75 -1.06 -4.34
N SER C 816 56.04 -0.28 -5.38
CA SER C 816 57.14 0.64 -5.25
C SER C 816 56.83 1.65 -4.18
N PHE C 817 57.86 2.31 -3.72
CA PHE C 817 57.75 3.18 -2.57
C PHE C 817 56.51 4.05 -2.65
N ILE C 818 56.50 4.95 -3.62
CA ILE C 818 55.39 5.88 -3.81
C ILE C 818 54.05 5.17 -3.86
N GLU C 819 54.02 3.91 -4.30
CA GLU C 819 52.73 3.24 -4.30
C GLU C 819 52.21 3.05 -2.90
N ASP C 820 53.10 2.89 -1.91
CA ASP C 820 52.62 2.60 -0.56
C ASP C 820 52.06 3.83 0.13
N LEU C 821 52.76 4.96 0.03
CA LEU C 821 52.20 6.20 0.57
C LEU C 821 50.77 6.36 0.13
N LEU C 822 50.50 6.05 -1.13
CA LEU C 822 49.15 6.13 -1.63
C LEU C 822 48.20 5.26 -0.82
N PHE C 823 48.67 4.13 -0.31
CA PHE C 823 47.76 3.33 0.47
C PHE C 823 47.54 3.93 1.84
N ASN C 824 48.61 4.33 2.51
CA ASN C 824 48.48 4.77 3.89
C ASN C 824 47.68 6.05 3.98
N LYS C 825 48.02 7.03 3.14
CA LYS C 825 47.36 8.32 3.17
C LYS C 825 45.87 8.22 2.95
N VAL C 826 45.41 7.16 2.35
CA VAL C 826 43.99 7.02 2.06
C VAL C 826 43.32 6.37 3.25
N THR C 827 42.20 6.96 3.66
CA THR C 827 41.41 6.46 4.75
C THR C 827 40.12 5.88 4.20
N ASN C 856 22.05 -6.97 7.34
CA ASN C 856 20.78 -6.74 6.70
C ASN C 856 20.72 -7.22 5.27
N GLY C 857 21.76 -7.85 4.77
CA GLY C 857 21.85 -8.19 3.36
C GLY C 857 22.84 -7.36 2.61
N LEU C 858 23.65 -6.59 3.28
CA LEU C 858 24.61 -5.70 2.63
C LEU C 858 25.89 -6.49 2.47
N THR C 859 26.21 -6.87 1.25
CA THR C 859 27.50 -7.50 1.05
C THR C 859 28.44 -6.53 0.37
N VAL C 860 29.68 -6.95 0.23
CA VAL C 860 30.66 -6.25 -0.56
C VAL C 860 31.47 -7.29 -1.28
N LEU C 861 31.50 -7.22 -2.52
CA LEU C 861 32.24 -8.25 -3.20
C LEU C 861 33.69 -7.86 -3.30
N PRO C 862 34.59 -8.81 -3.45
CA PRO C 862 35.98 -8.46 -3.68
C PRO C 862 36.19 -8.06 -5.13
N PRO C 863 37.15 -7.22 -5.41
CA PRO C 863 37.43 -6.87 -6.80
C PRO C 863 38.07 -8.02 -7.53
N LEU C 864 37.69 -8.22 -8.79
CA LEU C 864 38.31 -9.28 -9.56
C LEU C 864 39.82 -9.19 -9.52
N LEU C 865 40.38 -8.13 -10.09
CA LEU C 865 41.82 -7.94 -9.96
C LEU C 865 42.12 -7.48 -8.55
N THR C 866 43.13 -8.07 -7.94
CA THR C 866 43.39 -7.80 -6.54
C THR C 866 44.52 -6.79 -6.41
N ASP C 867 44.46 -6.00 -5.34
CA ASP C 867 45.38 -4.89 -5.21
C ASP C 867 46.82 -5.32 -5.30
N GLU C 868 47.10 -6.62 -5.27
CA GLU C 868 48.42 -7.06 -5.68
C GLU C 868 48.54 -7.13 -7.18
N MET C 869 47.58 -7.76 -7.85
CA MET C 869 47.69 -7.93 -9.31
C MET C 869 47.85 -6.60 -10.00
N ILE C 870 47.00 -5.64 -9.65
CA ILE C 870 47.08 -4.29 -10.17
C ILE C 870 48.53 -3.89 -10.13
N ALA C 871 49.16 -4.07 -8.98
CA ALA C 871 50.56 -3.71 -8.87
C ALA C 871 51.45 -4.50 -9.79
N GLN C 872 50.97 -5.56 -10.44
CA GLN C 872 51.82 -6.13 -11.47
C GLN C 872 51.67 -5.37 -12.77
N TYR C 873 50.45 -4.99 -13.12
CA TYR C 873 50.28 -4.19 -14.31
C TYR C 873 51.05 -2.91 -14.20
N THR C 874 50.68 -2.05 -13.26
CA THR C 874 51.38 -0.78 -13.18
C THR C 874 52.86 -0.97 -12.96
N SER C 875 53.30 -2.18 -12.66
CA SER C 875 54.70 -2.52 -12.73
C SER C 875 55.09 -3.14 -14.05
N ALA C 876 54.17 -3.24 -15.00
CA ALA C 876 54.51 -3.63 -16.36
C ALA C 876 54.57 -2.40 -17.24
N LEU C 877 53.46 -1.70 -17.37
CA LEU C 877 53.41 -0.42 -18.07
C LEU C 877 54.63 0.40 -17.70
N LEU C 878 54.68 0.76 -16.44
CA LEU C 878 55.82 1.49 -15.94
C LEU C 878 57.14 0.82 -16.28
N ALA C 879 57.15 -0.50 -16.45
CA ALA C 879 58.39 -1.16 -16.82
C ALA C 879 58.55 -1.39 -18.31
N GLY C 880 57.52 -1.20 -19.09
CA GLY C 880 57.72 -1.34 -20.51
C GLY C 880 57.80 0.02 -21.11
N THR C 881 57.33 1.00 -20.34
CA THR C 881 57.48 2.38 -20.76
C THR C 881 58.94 2.73 -20.84
N ILE C 882 59.71 2.24 -19.88
CA ILE C 882 61.07 2.67 -19.72
C ILE C 882 61.97 2.03 -20.75
N THR C 883 61.92 0.72 -20.87
CA THR C 883 62.84 0.05 -21.77
C THR C 883 62.38 0.16 -23.22
N SER C 884 61.11 -0.07 -23.47
CA SER C 884 60.61 -0.25 -24.82
C SER C 884 60.21 1.03 -25.49
N GLY C 885 60.41 2.16 -24.86
CA GLY C 885 59.81 3.32 -25.49
C GLY C 885 58.31 3.22 -25.33
N TRP C 886 57.61 3.77 -26.32
CA TRP C 886 56.17 3.61 -26.39
C TRP C 886 55.73 2.47 -27.28
N THR C 887 56.64 1.87 -28.03
CA THR C 887 56.21 0.95 -29.08
C THR C 887 55.52 -0.28 -28.54
N PHE C 888 55.48 -0.48 -27.24
CA PHE C 888 54.80 -1.66 -26.77
C PHE C 888 53.30 -1.50 -26.85
N GLY C 889 52.81 -0.27 -27.03
CA GLY C 889 51.39 -0.09 -27.19
C GLY C 889 50.92 -0.40 -28.58
N ALA C 890 51.77 -0.20 -29.57
CA ALA C 890 51.45 -0.41 -30.96
C ALA C 890 51.86 -1.78 -31.46
N GLY C 891 52.28 -2.67 -30.58
CA GLY C 891 52.87 -3.92 -31.04
C GLY C 891 53.51 -4.65 -29.88
N ALA C 892 54.53 -5.43 -30.19
CA ALA C 892 55.36 -6.02 -29.16
C ALA C 892 56.51 -5.09 -28.84
N ALA C 893 56.86 -5.01 -27.56
CA ALA C 893 57.81 -4.02 -27.10
C ALA C 893 59.11 -4.10 -27.86
N LEU C 894 59.75 -2.94 -28.02
CA LEU C 894 61.05 -2.84 -28.66
C LEU C 894 62.03 -2.26 -27.67
N GLN C 895 63.00 -3.03 -27.22
CA GLN C 895 63.98 -2.44 -26.36
C GLN C 895 64.73 -1.38 -27.15
N ILE C 896 64.89 -0.23 -26.53
CA ILE C 896 65.57 0.94 -27.08
C ILE C 896 66.25 1.58 -25.87
N PRO C 897 67.44 2.15 -25.98
CA PRO C 897 68.06 2.74 -24.79
C PRO C 897 67.14 3.79 -24.24
N PHE C 898 67.34 4.16 -22.98
CA PHE C 898 66.42 5.15 -22.45
C PHE C 898 66.77 6.52 -23.02
N ALA C 899 67.92 7.06 -22.68
CA ALA C 899 68.22 8.41 -23.12
C ALA C 899 68.17 8.56 -24.62
N MET C 900 68.10 7.48 -25.36
CA MET C 900 67.75 7.57 -26.76
C MET C 900 66.26 7.50 -26.97
N GLN C 901 65.49 7.47 -25.89
CA GLN C 901 64.05 7.67 -25.97
C GLN C 901 63.76 9.14 -25.76
N MET C 902 64.13 9.66 -24.59
CA MET C 902 63.87 11.06 -24.31
C MET C 902 64.17 11.95 -25.49
N ALA C 903 65.24 11.66 -26.22
CA ALA C 903 65.48 12.38 -27.46
C ALA C 903 64.31 12.28 -28.41
N TYR C 904 63.48 11.26 -28.30
CA TYR C 904 62.28 11.19 -29.12
C TYR C 904 61.03 11.63 -28.40
N ARG C 905 61.12 11.98 -27.14
CA ARG C 905 60.02 12.68 -26.51
C ARG C 905 60.25 14.17 -26.48
N PHE C 906 61.39 14.64 -26.96
CA PHE C 906 61.55 16.06 -27.21
C PHE C 906 60.96 16.44 -28.55
N ASN C 907 61.42 15.81 -29.62
CA ASN C 907 60.88 16.13 -30.93
C ASN C 907 59.37 16.20 -30.87
N GLY C 908 58.77 15.41 -29.99
CA GLY C 908 57.36 15.55 -29.74
C GLY C 908 56.96 16.94 -29.31
N ILE C 909 57.74 17.56 -28.43
CA ILE C 909 57.41 18.91 -27.97
C ILE C 909 58.15 19.97 -28.77
N GLY C 910 58.82 19.59 -29.83
CA GLY C 910 59.45 20.55 -30.70
C GLY C 910 60.87 20.91 -30.34
N VAL C 911 61.26 20.74 -29.09
CA VAL C 911 62.67 20.90 -28.74
C VAL C 911 63.48 19.83 -29.44
N THR C 912 64.53 20.24 -30.11
CA THR C 912 65.31 19.30 -30.88
C THR C 912 66.29 18.57 -30.00
N GLN C 913 66.53 17.31 -30.33
CA GLN C 913 67.14 16.37 -29.41
C GLN C 913 68.51 16.81 -28.92
N ASN C 914 69.22 17.63 -29.69
CA ASN C 914 70.50 18.07 -29.17
C ASN C 914 70.37 18.82 -27.86
N VAL C 915 69.15 19.20 -27.49
CA VAL C 915 68.91 19.79 -26.18
C VAL C 915 68.86 18.73 -25.09
N LEU C 916 68.92 17.47 -25.44
CA LEU C 916 69.03 16.47 -24.40
C LEU C 916 70.49 16.14 -24.13
N TYR C 917 71.10 15.43 -25.07
CA TYR C 917 72.45 14.93 -24.89
C TYR C 917 73.38 16.02 -24.44
N GLU C 918 73.11 17.25 -24.82
CA GLU C 918 73.95 18.32 -24.34
C GLU C 918 73.58 18.75 -22.94
N ASN C 919 72.34 18.57 -22.52
CA ASN C 919 71.99 18.88 -21.15
C ASN C 919 71.89 17.67 -20.27
N GLN C 920 72.21 16.48 -20.76
CA GLN C 920 71.62 15.27 -20.19
C GLN C 920 71.69 15.25 -18.68
N LYS C 921 72.89 15.36 -18.14
CA LYS C 921 73.09 15.32 -16.70
C LYS C 921 72.14 16.25 -15.99
N LEU C 922 72.29 17.54 -16.24
CA LEU C 922 71.51 18.55 -15.55
C LEU C 922 70.02 18.23 -15.56
N ILE C 923 69.55 17.59 -16.62
CA ILE C 923 68.17 17.16 -16.62
C ILE C 923 67.95 16.11 -15.55
N ALA C 924 68.79 15.08 -15.56
CA ALA C 924 68.60 13.97 -14.64
C ALA C 924 68.34 14.45 -13.23
N ASN C 925 69.03 15.50 -12.82
CA ASN C 925 68.81 16.04 -11.49
C ASN C 925 67.48 16.75 -11.41
N GLN C 926 67.22 17.66 -12.36
CA GLN C 926 65.90 18.24 -12.46
C GLN C 926 64.85 17.14 -12.44
N PHE C 927 65.16 16.00 -13.04
CA PHE C 927 64.27 14.87 -12.84
C PHE C 927 64.47 14.31 -11.44
N ASN C 928 65.62 13.65 -11.21
CA ASN C 928 65.80 12.85 -10.00
C ASN C 928 65.38 13.60 -8.76
N SER C 929 65.69 14.88 -8.68
CA SER C 929 65.11 15.72 -7.65
C SER C 929 63.60 15.69 -7.72
N ALA C 930 63.05 16.16 -8.84
CA ALA C 930 61.61 16.41 -8.91
C ALA C 930 60.82 15.24 -8.37
N ILE C 931 61.25 14.02 -8.68
CA ILE C 931 60.60 12.85 -8.12
C ILE C 931 60.62 12.92 -6.61
N GLY C 932 61.70 13.42 -6.03
CA GLY C 932 61.82 13.45 -4.59
C GLY C 932 60.72 14.28 -3.94
N LYS C 933 60.54 15.52 -4.40
CA LYS C 933 59.56 16.41 -3.80
C LYS C 933 58.23 15.73 -3.58
N ILE C 934 57.80 14.92 -4.56
CA ILE C 934 56.49 14.30 -4.51
C ILE C 934 56.26 13.69 -3.15
N GLN C 935 57.22 12.89 -2.68
CA GLN C 935 57.05 12.14 -1.46
C GLN C 935 56.57 13.04 -0.33
N ASP C 936 57.31 14.10 -0.05
CA ASP C 936 56.85 15.08 0.92
C ASP C 936 55.45 15.56 0.56
N SER C 937 55.32 16.19 -0.60
CA SER C 937 54.01 16.64 -1.06
C SER C 937 52.98 15.53 -0.99
N LEU C 938 53.40 14.27 -1.08
CA LEU C 938 52.47 13.20 -0.74
C LEU C 938 52.38 13.03 0.76
N SER C 939 53.50 13.08 1.47
CA SER C 939 53.42 12.90 2.92
C SER C 939 52.98 14.16 3.65
N SER C 940 53.23 15.34 3.11
CA SER C 940 52.83 16.54 3.83
C SER C 940 51.36 16.82 3.65
N THR C 941 50.80 16.45 2.51
CA THR C 941 49.51 16.97 2.10
C THR C 941 48.53 15.82 2.01
N ALA C 942 47.56 15.79 2.93
CA ALA C 942 46.49 14.82 2.80
C ALA C 942 45.42 15.29 1.82
N SER C 943 45.57 16.49 1.24
CA SER C 943 44.69 16.99 0.19
C SER C 943 45.25 16.75 -1.20
N ALA C 944 46.37 16.05 -1.31
CA ALA C 944 46.79 15.56 -2.61
C ALA C 944 45.80 14.55 -3.17
N LEU C 945 45.28 13.70 -2.29
CA LEU C 945 44.39 12.60 -2.60
C LEU C 945 42.93 12.98 -2.52
N GLY C 946 42.62 14.26 -2.39
CA GLY C 946 41.27 14.67 -2.11
C GLY C 946 40.24 13.97 -2.97
N LYS C 947 40.56 13.74 -4.24
CA LYS C 947 39.59 13.09 -5.11
C LYS C 947 39.20 11.73 -4.59
N LEU C 948 40.14 10.79 -4.70
CA LEU C 948 39.91 9.42 -4.25
C LEU C 948 39.35 9.40 -2.85
N GLN C 949 39.90 10.21 -1.97
CA GLN C 949 39.45 10.16 -0.60
C GLN C 949 37.96 10.40 -0.52
N ASP C 950 37.45 11.30 -1.37
CA ASP C 950 36.06 11.68 -1.20
C ASP C 950 35.11 10.68 -1.82
N VAL C 951 35.49 10.08 -2.95
CA VAL C 951 34.69 8.99 -3.49
C VAL C 951 34.34 8.01 -2.40
N VAL C 952 35.37 7.36 -1.86
CA VAL C 952 35.21 6.32 -0.86
C VAL C 952 34.32 6.79 0.27
N ASN C 953 34.42 8.07 0.62
CA ASN C 953 33.51 8.60 1.63
C ASN C 953 32.08 8.51 1.14
N GLN C 954 31.81 9.11 -0.01
CA GLN C 954 30.43 9.26 -0.46
C GLN C 954 29.70 7.95 -0.46
N ASN C 955 30.37 6.88 -0.86
CA ASN C 955 29.76 5.57 -0.78
C ASN C 955 29.41 5.27 0.66
N ALA C 956 30.41 5.08 1.51
CA ALA C 956 30.12 4.75 2.89
C ALA C 956 29.25 5.80 3.55
N GLN C 957 29.11 6.95 2.94
CA GLN C 957 28.15 7.91 3.43
C GLN C 957 26.73 7.48 3.10
N ALA C 958 26.54 6.78 1.99
CA ALA C 958 25.20 6.39 1.61
C ALA C 958 24.71 5.23 2.46
N LEU C 959 25.54 4.22 2.62
CA LEU C 959 25.13 3.06 3.41
C LEU C 959 24.74 3.47 4.81
N ASN C 960 25.62 4.20 5.48
CA ASN C 960 25.28 4.72 6.80
C ASN C 960 23.96 5.45 6.76
N THR C 961 23.63 6.05 5.64
CA THR C 961 22.27 6.57 5.50
C THR C 961 21.32 5.47 5.10
N LEU C 962 21.76 4.58 4.23
CA LEU C 962 20.88 3.48 3.87
C LEU C 962 20.62 2.57 5.04
N VAL C 963 21.53 2.49 5.99
CA VAL C 963 21.30 1.60 7.11
C VAL C 963 20.39 2.24 8.13
N LYS C 964 20.60 3.52 8.42
CA LYS C 964 19.73 4.17 9.39
C LYS C 964 18.28 4.13 8.98
N GLN C 965 18.00 3.98 7.69
CA GLN C 965 16.61 3.90 7.29
C GLN C 965 15.90 2.76 7.98
N LEU C 966 16.59 1.68 8.28
CA LEU C 966 15.93 0.57 8.92
C LEU C 966 15.34 0.97 10.26
N SER C 967 15.70 2.12 10.78
CA SER C 967 15.26 2.60 12.07
C SER C 967 14.04 3.50 12.01
N SER C 968 13.40 3.65 10.86
CA SER C 968 12.40 4.69 10.66
C SER C 968 10.98 4.18 10.76
N ASN C 969 10.09 5.04 11.26
CA ASN C 969 8.70 4.69 11.41
C ASN C 969 7.98 4.65 10.08
N PHE C 970 8.28 5.61 9.20
CA PHE C 970 7.50 5.78 7.98
C PHE C 970 6.01 5.86 8.29
N GLY C 971 5.68 6.41 9.45
CA GLY C 971 4.33 6.42 9.93
C GLY C 971 3.90 5.15 10.59
N ALA C 972 4.58 4.04 10.33
CA ALA C 972 4.27 2.81 11.01
C ALA C 972 4.63 2.91 12.48
N ILE C 973 4.09 1.98 13.26
CA ILE C 973 4.24 2.01 14.70
C ILE C 973 5.68 1.85 15.14
N SER C 974 6.50 1.12 14.39
CA SER C 974 7.83 0.78 14.88
C SER C 974 8.75 0.43 13.72
N SER C 975 10.05 0.50 13.99
CA SER C 975 11.06 0.13 13.02
C SER C 975 11.61 -1.27 13.21
N VAL C 976 11.14 -2.01 14.21
CA VAL C 976 11.48 -3.41 14.35
C VAL C 976 10.36 -4.21 13.72
N LEU C 977 10.70 -4.87 12.63
CA LEU C 977 9.69 -5.41 11.72
C LEU C 977 8.91 -6.54 12.36
N ASN C 978 9.49 -7.22 13.33
CA ASN C 978 8.77 -8.27 14.03
C ASN C 978 7.87 -7.72 15.13
N ASP C 979 8.33 -6.71 15.87
CA ASP C 979 7.52 -6.21 16.97
C ASP C 979 6.13 -5.80 16.49
N ILE C 980 6.03 -5.28 15.29
CA ILE C 980 4.74 -5.21 14.64
C ILE C 980 4.20 -6.63 14.57
N LEU C 981 4.84 -7.45 13.72
CA LEU C 981 4.37 -8.81 13.47
C LEU C 981 4.05 -9.52 14.76
N SER C 982 4.99 -9.50 15.71
CA SER C 982 4.82 -10.26 16.93
C SER C 982 3.60 -9.77 17.69
N ARG C 983 3.57 -8.48 18.01
CA ARG C 983 2.48 -7.93 18.81
C ARG C 983 1.17 -7.92 18.02
N LEU C 984 1.21 -7.51 16.76
CA LEU C 984 -0.02 -7.21 16.07
C LEU C 984 -0.29 -8.21 14.96
N ASP C 985 -1.59 -8.38 14.68
CA ASP C 985 -2.25 -9.48 14.01
C ASP C 985 -2.30 -9.28 12.51
N PRO C 986 -2.35 -10.37 11.76
CA PRO C 986 -2.25 -10.30 10.32
C PRO C 986 -3.23 -9.32 9.70
N PRO C 987 -4.50 -9.30 10.10
CA PRO C 987 -5.41 -8.33 9.47
C PRO C 987 -5.07 -6.91 9.82
N GLU C 988 -4.36 -6.71 10.93
CA GLU C 988 -3.88 -5.38 11.32
C GLU C 988 -2.53 -5.11 10.70
N ALA C 989 -1.55 -5.93 11.04
CA ALA C 989 -0.17 -5.72 10.63
C ALA C 989 -0.02 -5.58 9.11
N GLU C 990 -1.03 -5.96 8.33
CA GLU C 990 -0.96 -5.60 6.92
C GLU C 990 -0.58 -4.15 6.73
N VAL C 991 -1.49 -3.25 7.09
CA VAL C 991 -1.30 -1.84 6.80
C VAL C 991 0.01 -1.36 7.40
N GLN C 992 0.18 -1.54 8.71
CA GLN C 992 1.42 -1.15 9.35
C GLN C 992 2.63 -1.68 8.59
N ILE C 993 2.56 -2.92 8.11
CA ILE C 993 3.67 -3.44 7.32
C ILE C 993 3.54 -3.05 5.86
N ASP C 994 2.37 -2.61 5.42
CA ASP C 994 2.30 -1.98 4.12
C ASP C 994 3.23 -0.78 4.07
N ARG C 995 3.25 0.01 5.13
CA ARG C 995 4.05 1.21 5.12
C ARG C 995 5.53 0.87 5.08
N LEU C 996 6.00 0.12 6.07
CA LEU C 996 7.43 -0.14 6.12
C LEU C 996 7.92 -0.70 4.81
N ILE C 997 7.26 -1.74 4.32
CA ILE C 997 7.67 -2.28 3.03
C ILE C 997 7.67 -1.21 1.97
N THR C 998 6.70 -0.30 2.02
CA THR C 998 6.73 0.81 1.08
C THR C 998 7.95 1.66 1.32
N GLY C 999 8.08 2.19 2.52
CA GLY C 999 9.17 3.09 2.81
C GLY C 999 10.49 2.42 2.58
N ARG C 1000 10.76 1.31 3.28
CA ARG C 1000 12.07 0.68 3.13
C ARG C 1000 12.36 0.38 1.68
N LEU C 1001 11.33 0.09 0.91
CA LEU C 1001 11.54 -0.08 -0.52
C LEU C 1001 11.88 1.23 -1.17
N GLN C 1002 11.03 2.23 -0.98
CA GLN C 1002 11.31 3.55 -1.49
C GLN C 1002 12.67 4.05 -1.05
N SER C 1003 13.16 3.53 0.06
CA SER C 1003 14.49 3.91 0.48
C SER C 1003 15.57 3.17 -0.28
N LEU C 1004 15.32 1.95 -0.73
CA LEU C 1004 16.23 1.35 -1.68
C LEU C 1004 16.33 2.20 -2.92
N GLN C 1005 15.23 2.32 -3.66
CA GLN C 1005 15.30 2.99 -4.94
C GLN C 1005 16.06 4.29 -4.84
N THR C 1006 15.80 5.05 -3.79
CA THR C 1006 16.58 6.24 -3.56
C THR C 1006 18.07 5.93 -3.52
N TYR C 1007 18.42 4.82 -2.91
CA TYR C 1007 19.84 4.46 -2.90
C TYR C 1007 20.26 3.91 -4.24
N VAL C 1008 19.48 3.00 -4.80
CA VAL C 1008 19.87 2.39 -6.06
C VAL C 1008 20.03 3.45 -7.12
N THR C 1009 19.18 4.46 -7.08
CA THR C 1009 19.28 5.50 -8.09
C THR C 1009 20.58 6.28 -7.95
N GLN C 1010 20.97 6.59 -6.72
CA GLN C 1010 22.28 7.19 -6.52
C GLN C 1010 23.35 6.42 -7.25
N GLN C 1011 23.53 5.17 -6.87
CA GLN C 1011 24.60 4.37 -7.43
C GLN C 1011 24.62 4.49 -8.94
N LEU C 1012 23.49 4.26 -9.58
CA LEU C 1012 23.46 4.33 -11.02
C LEU C 1012 23.92 5.69 -11.49
N ILE C 1013 23.59 6.73 -10.76
CA ILE C 1013 24.02 8.06 -11.14
C ILE C 1013 25.49 8.22 -10.85
N ARG C 1014 25.90 7.88 -9.65
CA ARG C 1014 27.30 8.01 -9.30
C ARG C 1014 28.16 7.07 -10.13
N ALA C 1015 27.74 5.81 -10.26
CA ALA C 1015 28.55 4.88 -11.02
C ALA C 1015 28.76 5.37 -12.43
N ALA C 1016 27.75 6.02 -13.00
CA ALA C 1016 27.96 6.61 -14.31
C ALA C 1016 29.01 7.68 -14.25
N GLU C 1017 29.17 8.32 -13.11
CA GLU C 1017 30.20 9.34 -12.99
C GLU C 1017 31.59 8.72 -12.99
N ILE C 1018 31.82 7.76 -12.10
CA ILE C 1018 33.04 6.99 -12.12
C ILE C 1018 33.30 6.47 -13.53
N ARG C 1019 32.28 5.86 -14.12
CA ARG C 1019 32.37 5.38 -15.48
C ARG C 1019 32.90 6.44 -16.41
N ALA C 1020 32.59 7.69 -16.14
CA ALA C 1020 33.11 8.75 -16.99
C ALA C 1020 34.53 9.07 -16.63
N SER C 1021 34.84 9.10 -15.34
CA SER C 1021 36.22 9.33 -14.94
C SER C 1021 37.09 8.14 -15.26
N ALA C 1022 36.51 6.95 -15.35
CA ALA C 1022 37.29 5.80 -15.74
C ALA C 1022 37.76 5.93 -17.18
N ASN C 1023 36.88 6.36 -18.07
CA ASN C 1023 37.31 6.52 -19.45
C ASN C 1023 38.38 7.58 -19.57
N LEU C 1024 38.30 8.64 -18.78
CA LEU C 1024 39.33 9.65 -18.86
C LEU C 1024 40.69 9.05 -18.55
N ALA C 1025 40.75 8.22 -17.52
CA ALA C 1025 41.96 7.47 -17.24
C ALA C 1025 42.38 6.70 -18.47
N ALA C 1026 41.59 5.71 -18.84
CA ALA C 1026 41.97 4.83 -19.93
C ALA C 1026 42.31 5.60 -21.18
N THR C 1027 41.92 6.86 -21.28
CA THR C 1027 42.38 7.66 -22.38
C THR C 1027 43.78 8.18 -22.12
N LYS C 1028 44.02 8.74 -20.94
CA LYS C 1028 45.38 9.05 -20.54
C LYS C 1028 46.24 7.81 -20.63
N MET C 1029 45.91 6.81 -19.83
CA MET C 1029 46.68 5.58 -19.80
C MET C 1029 46.98 5.09 -21.20
N SER C 1030 46.06 5.27 -22.12
CA SER C 1030 46.38 4.96 -23.50
C SER C 1030 47.23 6.03 -24.13
N GLU C 1031 46.76 7.27 -24.11
CA GLU C 1031 47.47 8.31 -24.85
C GLU C 1031 48.63 8.86 -24.06
N CYS C 1032 48.42 9.10 -22.77
CA CYS C 1032 49.40 9.83 -22.01
C CYS C 1032 50.59 8.93 -21.71
N VAL C 1033 50.36 7.84 -21.00
CA VAL C 1033 51.38 6.84 -20.75
C VAL C 1033 51.99 6.31 -22.02
N LEU C 1034 51.23 5.48 -22.74
CA LEU C 1034 51.73 4.72 -23.86
C LEU C 1034 52.14 5.57 -25.04
N GLY C 1035 51.71 6.80 -25.12
CA GLY C 1035 52.12 7.63 -26.24
C GLY C 1035 53.00 8.76 -25.81
N GLN C 1036 52.99 9.85 -26.58
CA GLN C 1036 53.32 11.17 -26.05
C GLN C 1036 52.20 12.09 -26.47
N SER C 1037 51.45 12.61 -25.50
CA SER C 1037 50.19 13.26 -25.84
C SER C 1037 50.40 14.70 -26.27
N LYS C 1038 49.81 15.07 -27.39
CA LYS C 1038 49.92 16.39 -27.97
C LYS C 1038 48.82 17.32 -27.55
N ARG C 1039 47.95 16.89 -26.65
CA ARG C 1039 46.77 17.65 -26.33
C ARG C 1039 47.11 18.59 -25.19
N VAL C 1040 47.18 19.87 -25.48
CA VAL C 1040 47.66 20.84 -24.52
C VAL C 1040 46.92 20.67 -23.21
N ASP C 1041 47.67 20.57 -22.12
CA ASP C 1041 47.10 20.49 -20.78
C ASP C 1041 46.15 19.34 -20.62
N PHE C 1042 46.23 18.34 -21.48
CA PHE C 1042 45.48 17.14 -21.19
C PHE C 1042 46.23 16.28 -20.20
N CYS C 1043 47.53 16.17 -20.39
CA CYS C 1043 48.42 15.40 -19.54
C CYS C 1043 49.08 16.22 -18.45
N GLY C 1044 48.65 17.44 -18.21
CA GLY C 1044 49.27 18.23 -17.18
C GLY C 1044 50.05 19.39 -17.76
N LYS C 1045 50.22 20.42 -16.94
CA LYS C 1045 50.58 21.74 -17.45
C LYS C 1045 51.99 21.76 -18.00
N GLY C 1046 52.12 22.21 -19.23
CA GLY C 1046 53.40 22.26 -19.90
C GLY C 1046 53.49 21.23 -21.00
N TYR C 1047 54.43 21.44 -21.90
CA TYR C 1047 54.71 20.44 -22.92
C TYR C 1047 54.99 19.12 -22.25
N HIS C 1048 54.33 18.07 -22.71
CA HIS C 1048 54.32 16.81 -22.01
C HIS C 1048 55.39 15.87 -22.54
N LEU C 1049 56.11 15.23 -21.64
CA LEU C 1049 57.15 14.29 -22.03
C LEU C 1049 56.69 12.86 -21.87
N MET C 1050 56.40 12.43 -20.65
CA MET C 1050 55.89 11.08 -20.51
C MET C 1050 55.11 11.02 -19.21
N SER C 1051 54.61 9.85 -18.89
CA SER C 1051 53.83 9.77 -17.68
C SER C 1051 53.93 8.38 -17.11
N PHE C 1052 53.93 8.31 -15.79
CA PHE C 1052 54.17 7.09 -15.05
C PHE C 1052 52.94 6.74 -14.24
N PRO C 1053 52.24 5.67 -14.54
CA PRO C 1053 51.08 5.33 -13.74
C PRO C 1053 51.49 4.74 -12.42
N GLN C 1054 50.69 4.98 -11.40
CA GLN C 1054 50.86 4.36 -10.11
C GLN C 1054 49.48 4.01 -9.61
N SER C 1055 49.29 2.80 -9.12
CA SER C 1055 47.99 2.42 -8.62
C SER C 1055 47.74 3.05 -7.26
N ALA C 1056 46.48 3.23 -6.95
CA ALA C 1056 46.03 3.70 -5.64
C ALA C 1056 44.70 3.03 -5.37
N PRO C 1057 44.27 2.95 -4.11
CA PRO C 1057 43.08 2.17 -3.82
C PRO C 1057 41.87 2.73 -4.55
N HIS C 1058 41.22 1.87 -5.32
CA HIS C 1058 40.12 2.28 -6.18
C HIS C 1058 40.45 3.55 -6.95
N GLY C 1059 41.66 3.63 -7.45
CA GLY C 1059 42.03 4.83 -8.16
C GLY C 1059 43.29 4.58 -8.94
N VAL C 1060 43.79 5.64 -9.56
CA VAL C 1060 45.05 5.58 -10.27
C VAL C 1060 45.67 6.96 -10.19
N VAL C 1061 46.99 7.00 -10.17
CA VAL C 1061 47.72 8.23 -9.96
C VAL C 1061 48.78 8.34 -11.00
N PHE C 1062 48.69 9.35 -11.83
CA PHE C 1062 49.65 9.54 -12.89
C PHE C 1062 50.68 10.54 -12.45
N LEU C 1063 51.92 10.27 -12.76
CA LEU C 1063 52.98 11.25 -12.61
C LEU C 1063 53.29 11.79 -14.00
N HIS C 1064 53.04 13.05 -14.21
CA HIS C 1064 53.21 13.61 -15.53
C HIS C 1064 54.50 14.40 -15.55
N VAL C 1065 55.45 13.96 -16.32
CA VAL C 1065 56.71 14.66 -16.44
C VAL C 1065 56.58 15.66 -17.57
N THR C 1066 56.59 16.93 -17.24
CA THR C 1066 56.30 17.97 -18.20
C THR C 1066 57.50 18.87 -18.35
N TYR C 1067 57.54 19.59 -19.45
CA TYR C 1067 58.66 20.45 -19.79
C TYR C 1067 58.20 21.90 -19.74
N VAL C 1068 58.65 22.65 -18.75
CA VAL C 1068 58.20 24.03 -18.57
C VAL C 1068 59.38 24.95 -18.80
N PRO C 1069 59.31 25.87 -19.76
CA PRO C 1069 60.43 26.79 -20.01
C PRO C 1069 60.54 27.87 -18.95
N ALA C 1070 61.75 28.36 -18.73
CA ALA C 1070 61.96 29.19 -17.56
C ALA C 1070 62.48 30.59 -17.82
N GLN C 1071 63.75 30.73 -18.16
CA GLN C 1071 64.37 32.04 -18.25
C GLN C 1071 64.16 32.60 -19.64
N GLU C 1072 63.46 33.72 -19.73
CA GLU C 1072 63.15 34.34 -21.00
C GLU C 1072 64.10 35.49 -21.26
N LYS C 1073 64.39 35.73 -22.52
CA LYS C 1073 65.11 36.93 -22.88
C LYS C 1073 64.45 37.55 -24.08
N ASN C 1074 64.16 38.84 -23.99
CA ASN C 1074 63.56 39.53 -25.12
C ASN C 1074 64.49 39.51 -26.31
N PHE C 1075 63.90 39.70 -27.48
CA PHE C 1075 64.69 39.94 -28.66
C PHE C 1075 63.89 40.77 -29.62
N THR C 1076 64.51 41.08 -30.73
CA THR C 1076 63.86 41.71 -31.87
C THR C 1076 63.89 40.74 -33.01
N THR C 1077 62.79 40.71 -33.75
CA THR C 1077 62.48 39.62 -34.66
C THR C 1077 62.21 40.17 -36.03
N ALA C 1078 62.18 39.28 -37.01
CA ALA C 1078 61.69 39.64 -38.31
C ALA C 1078 60.99 38.43 -38.90
N PRO C 1079 59.88 38.61 -39.59
CA PRO C 1079 59.26 37.49 -40.27
C PRO C 1079 60.03 36.98 -41.47
N ALA C 1080 61.02 37.69 -41.98
CA ALA C 1080 61.71 37.18 -43.15
C ALA C 1080 63.11 37.78 -43.19
N ILE C 1081 63.80 37.55 -44.29
CA ILE C 1081 65.03 38.28 -44.59
C ILE C 1081 65.14 38.47 -46.10
N CYS C 1082 65.35 39.69 -46.54
CA CYS C 1082 65.66 39.88 -47.94
C CYS C 1082 67.13 39.55 -48.15
N HIS C 1083 67.45 38.55 -48.95
CA HIS C 1083 68.88 38.52 -49.20
C HIS C 1083 69.17 39.33 -50.44
N ASP C 1084 68.87 38.75 -51.59
CA ASP C 1084 68.94 39.46 -52.85
C ASP C 1084 67.61 40.06 -53.20
N GLY C 1085 66.66 40.02 -52.28
CA GLY C 1085 65.31 40.43 -52.49
C GLY C 1085 64.37 39.28 -52.61
N LYS C 1086 64.85 38.11 -53.00
CA LYS C 1086 64.13 36.89 -52.70
C LYS C 1086 64.00 36.80 -51.20
N ALA C 1087 62.79 36.65 -50.70
CA ALA C 1087 62.70 36.62 -49.25
C ALA C 1087 63.35 35.35 -48.75
N HIS C 1088 63.40 35.19 -47.44
CA HIS C 1088 63.82 33.92 -46.90
C HIS C 1088 63.03 33.61 -45.65
N PHE C 1089 62.42 32.50 -45.64
CA PHE C 1089 61.73 32.30 -44.40
C PHE C 1089 62.43 31.18 -43.66
N PRO C 1090 62.39 31.17 -42.35
CA PRO C 1090 63.10 30.12 -41.63
C PRO C 1090 62.42 28.81 -41.93
N ARG C 1091 63.20 27.74 -42.06
CA ARG C 1091 62.52 26.48 -42.27
C ARG C 1091 61.74 26.07 -41.04
N GLU C 1092 62.38 26.05 -39.88
CA GLU C 1092 61.67 25.82 -38.63
C GLU C 1092 62.28 26.68 -37.55
N GLY C 1093 61.47 27.47 -36.87
CA GLY C 1093 62.00 28.31 -35.82
C GLY C 1093 62.16 29.76 -36.25
N VAL C 1094 61.99 30.67 -35.30
CA VAL C 1094 61.87 32.07 -35.61
C VAL C 1094 63.21 32.66 -36.01
N PHE C 1095 63.16 33.80 -36.68
CA PHE C 1095 64.30 34.72 -36.76
C PHE C 1095 64.35 35.55 -35.51
N VAL C 1096 65.51 35.63 -34.90
CA VAL C 1096 65.71 36.55 -33.78
C VAL C 1096 67.07 37.16 -33.93
N SER C 1097 67.13 38.46 -33.84
CA SER C 1097 68.41 39.11 -33.71
C SER C 1097 68.52 39.65 -32.32
N ASN C 1098 69.73 39.61 -31.79
CA ASN C 1098 70.02 40.15 -30.49
C ASN C 1098 70.37 41.62 -30.56
N GLY C 1099 70.18 42.23 -31.70
CA GLY C 1099 70.47 43.62 -31.95
C GLY C 1099 71.62 43.85 -32.89
N THR C 1100 72.42 42.82 -33.15
CA THR C 1100 73.57 42.95 -34.03
C THR C 1100 73.50 41.97 -35.18
N HIS C 1101 73.46 40.68 -34.90
CA HIS C 1101 73.41 39.66 -35.92
C HIS C 1101 72.09 38.95 -35.88
N TRP C 1102 71.76 38.34 -36.99
CA TRP C 1102 70.49 37.68 -37.15
C TRP C 1102 70.64 36.19 -36.99
N PHE C 1103 69.80 35.63 -36.15
CA PHE C 1103 69.88 34.25 -35.76
C PHE C 1103 68.52 33.61 -35.91
N VAL C 1104 68.48 32.52 -36.60
CA VAL C 1104 67.33 31.62 -36.53
C VAL C 1104 67.48 30.75 -35.30
N THR C 1105 66.38 30.42 -34.66
CA THR C 1105 66.50 29.52 -33.53
C THR C 1105 65.23 28.71 -33.38
N GLN C 1106 65.37 27.50 -32.90
CA GLN C 1106 64.22 26.67 -32.58
C GLN C 1106 63.38 27.42 -31.58
N ARG C 1107 62.07 27.29 -31.69
CA ARG C 1107 61.21 28.26 -31.04
C ARG C 1107 61.25 28.17 -29.53
N ASN C 1108 61.38 26.97 -28.97
CA ASN C 1108 61.14 26.82 -27.55
C ASN C 1108 62.39 26.82 -26.69
N PHE C 1109 63.57 26.94 -27.26
CA PHE C 1109 64.76 26.98 -26.43
C PHE C 1109 65.78 27.85 -27.12
N TYR C 1110 66.40 28.76 -26.40
CA TYR C 1110 67.18 29.72 -27.14
C TYR C 1110 68.48 29.08 -27.58
N GLU C 1111 68.63 28.91 -28.89
CA GLU C 1111 69.80 28.23 -29.44
C GLU C 1111 70.10 28.80 -30.81
N PRO C 1112 70.61 30.01 -30.87
CA PRO C 1112 70.84 30.67 -32.15
C PRO C 1112 71.87 29.97 -33.01
N GLN C 1113 71.65 30.06 -34.33
CA GLN C 1113 72.55 29.49 -35.31
C GLN C 1113 72.52 30.37 -36.55
N ILE C 1114 73.64 30.46 -37.25
CA ILE C 1114 73.72 31.39 -38.36
C ILE C 1114 72.77 30.97 -39.46
N ILE C 1115 72.30 31.94 -40.21
CA ILE C 1115 71.24 31.72 -41.18
C ILE C 1115 71.87 31.43 -42.53
N THR C 1116 71.78 30.18 -42.95
CA THR C 1116 72.32 29.79 -44.24
C THR C 1116 71.28 28.93 -44.92
N THR C 1117 71.49 28.68 -46.21
CA THR C 1117 70.42 28.23 -47.09
C THR C 1117 69.81 26.91 -46.69
N ASP C 1118 70.33 26.29 -45.64
CA ASP C 1118 69.69 25.11 -45.13
C ASP C 1118 68.80 25.41 -43.94
N ASN C 1119 68.68 26.66 -43.55
CA ASN C 1119 67.66 27.04 -42.58
C ASN C 1119 66.47 27.70 -43.24
N THR C 1120 66.54 27.98 -44.53
CA THR C 1120 65.65 28.95 -45.13
C THR C 1120 65.13 28.43 -46.45
N PHE C 1121 63.91 28.80 -46.77
CA PHE C 1121 63.37 28.54 -48.08
C PHE C 1121 62.78 29.82 -48.64
N VAL C 1122 62.87 29.94 -49.96
CA VAL C 1122 62.74 31.19 -50.67
C VAL C 1122 61.35 31.29 -51.26
N SER C 1123 60.69 32.41 -51.03
CA SER C 1123 59.37 32.65 -51.63
C SER C 1123 59.31 34.06 -52.19
N GLY C 1124 59.20 34.19 -53.50
CA GLY C 1124 58.96 35.47 -54.13
C GLY C 1124 60.01 36.50 -53.78
N ASN C 1125 59.61 37.78 -53.80
CA ASN C 1125 60.49 38.89 -53.49
C ASN C 1125 60.07 39.53 -52.18
N CYS C 1126 60.81 40.56 -51.79
CA CYS C 1126 60.62 41.19 -50.49
C CYS C 1126 59.20 41.71 -50.23
N ASP C 1127 58.88 42.84 -50.88
CA ASP C 1127 57.94 43.83 -50.37
C ASP C 1127 56.70 43.21 -49.80
N VAL C 1128 56.14 42.26 -50.53
CA VAL C 1128 54.81 41.74 -50.23
C VAL C 1128 54.71 41.33 -48.78
N VAL C 1129 55.82 40.90 -48.20
CA VAL C 1129 55.86 40.59 -46.79
C VAL C 1129 55.98 41.90 -46.03
N ILE C 1130 55.01 42.18 -45.17
CA ILE C 1130 55.13 43.32 -44.28
C ILE C 1130 56.15 43.00 -43.21
N GLY C 1131 57.05 43.94 -42.96
CA GLY C 1131 57.99 43.76 -41.87
C GLY C 1131 59.25 43.05 -42.22
N ILE C 1132 59.45 42.69 -43.49
CA ILE C 1132 60.69 42.04 -43.84
C ILE C 1132 61.85 42.97 -43.55
N VAL C 1133 63.03 42.39 -43.31
CA VAL C 1133 64.19 43.16 -42.92
C VAL C 1133 65.37 42.73 -43.77
N ASN C 1134 66.43 43.51 -43.68
CA ASN C 1134 67.63 43.30 -44.45
C ASN C 1134 68.67 42.46 -43.74
N ASN C 1135 69.34 41.61 -44.49
CA ASN C 1135 70.50 40.89 -44.00
C ASN C 1135 71.13 40.18 -45.19
N THR C 1136 72.19 39.41 -44.92
CA THR C 1136 72.85 38.59 -45.92
C THR C 1136 72.78 37.14 -45.47
N VAL C 1137 71.99 36.34 -46.17
CA VAL C 1137 71.79 34.95 -45.79
C VAL C 1137 73.00 34.17 -46.25
N TYR C 1138 73.72 33.59 -45.31
CA TYR C 1138 75.01 33.09 -45.69
C TYR C 1138 74.86 31.81 -46.49
N ASP C 1139 75.88 31.54 -47.31
CA ASP C 1139 75.87 30.51 -48.32
C ASP C 1139 76.93 29.47 -48.02
N PRO C 1140 76.59 28.20 -47.81
CA PRO C 1140 77.63 27.24 -47.42
C PRO C 1140 78.55 26.94 -48.56
N LEU C 1141 78.01 26.95 -49.77
CA LEU C 1141 78.63 26.26 -50.87
C LEU C 1141 79.86 26.99 -51.36
N GLN C 1142 79.67 28.17 -51.91
CA GLN C 1142 80.68 28.95 -52.61
C GLN C 1142 82.03 28.97 -51.90
N PRO C 1143 82.07 29.15 -50.57
CA PRO C 1143 83.35 29.02 -49.88
C PRO C 1143 83.98 27.65 -50.00
N GLU C 1144 83.24 26.63 -50.45
CA GLU C 1144 83.92 25.40 -50.84
C GLU C 1144 84.48 25.52 -52.24
N LEU C 1145 83.69 26.06 -53.16
CA LEU C 1145 84.21 26.33 -54.49
C LEU C 1145 85.51 27.10 -54.43
N ASP C 1146 85.72 27.83 -53.33
CA ASP C 1146 86.83 28.77 -53.29
C ASP C 1146 88.11 28.14 -53.82
N SER C 1147 88.48 26.99 -53.31
CA SER C 1147 89.73 26.48 -53.79
C SER C 1147 89.94 25.02 -53.39
N ILE D 1 -14.47 -31.48 80.32
CA ILE D 1 -13.96 -31.95 81.60
C ILE D 1 -14.60 -33.27 81.96
N VAL D 2 -15.27 -33.29 83.11
CA VAL D 2 -16.08 -34.41 83.56
C VAL D 2 -17.39 -33.83 84.06
N LEU D 3 -18.49 -34.52 83.79
CA LEU D 3 -19.79 -34.03 84.20
C LEU D 3 -20.52 -35.11 85.00
N THR D 4 -21.57 -34.69 85.69
CA THR D 4 -22.46 -35.57 86.43
C THR D 4 -23.88 -35.28 85.99
N GLN D 5 -24.73 -36.31 86.01
CA GLN D 5 -26.12 -36.15 85.64
C GLN D 5 -27.02 -36.59 86.79
N SER D 6 -28.28 -36.17 86.70
CA SER D 6 -29.29 -36.73 87.57
C SER D 6 -29.43 -38.20 87.20
N PRO D 7 -29.07 -39.13 88.09
CA PRO D 7 -29.03 -40.54 87.67
C PRO D 7 -30.38 -41.09 87.26
N THR D 8 -31.41 -40.90 88.08
CA THR D 8 -32.71 -41.48 87.82
C THR D 8 -33.82 -40.58 88.37
N LEU D 9 -35.02 -40.85 87.90
CA LEU D 9 -36.25 -40.34 88.51
C LEU D 9 -37.30 -41.45 88.43
N SER D 10 -38.29 -41.34 89.33
CA SER D 10 -39.44 -42.24 89.33
C SER D 10 -40.69 -41.38 89.42
N LEU D 11 -41.53 -41.43 88.39
CA LEU D 11 -42.60 -40.46 88.21
C LEU D 11 -43.81 -41.17 87.63
N SER D 12 -44.78 -40.39 87.20
CA SER D 12 -46.04 -40.88 86.65
C SER D 12 -46.27 -40.28 85.27
N PRO D 13 -47.16 -40.87 84.47
CA PRO D 13 -47.43 -40.31 83.14
C PRO D 13 -47.98 -38.89 83.24
N GLY D 14 -47.79 -38.14 82.16
CA GLY D 14 -48.25 -36.77 82.10
C GLY D 14 -47.58 -35.87 83.12
N GLU D 15 -46.26 -35.93 83.21
CA GLU D 15 -45.51 -35.19 84.20
C GLU D 15 -44.24 -34.65 83.58
N ARG D 16 -43.57 -33.76 84.32
CA ARG D 16 -42.29 -33.20 83.91
C ARG D 16 -41.15 -34.05 84.46
N ALA D 17 -40.11 -34.23 83.66
CA ALA D 17 -38.89 -34.90 84.08
C ALA D 17 -37.78 -33.86 84.12
N THR D 18 -37.31 -33.53 85.33
CA THR D 18 -36.26 -32.55 85.53
C THR D 18 -34.93 -33.28 85.64
N LEU D 19 -34.06 -33.08 84.66
CA LEU D 19 -32.81 -33.84 84.55
C LEU D 19 -31.66 -32.86 84.56
N SER D 20 -30.85 -32.92 85.62
CA SER D 20 -29.72 -32.00 85.78
C SER D 20 -28.46 -32.64 85.22
N CYS D 21 -27.84 -31.96 84.25
CA CYS D 21 -26.52 -32.34 83.74
C CYS D 21 -25.53 -31.42 84.44
N ARG D 22 -24.78 -31.97 85.38
CA ARG D 22 -23.92 -31.20 86.28
C ARG D 22 -22.48 -31.37 85.82
N ALA D 23 -21.89 -30.29 85.31
CA ALA D 23 -20.54 -30.35 84.78
C ALA D 23 -19.53 -29.95 85.84
N SER D 24 -18.56 -30.82 86.08
CA SER D 24 -17.42 -30.43 86.88
C SER D 24 -16.45 -29.62 86.01
N GLU D 25 -15.65 -28.77 86.68
CA GLU D 25 -14.75 -27.83 86.01
C GLU D 25 -15.58 -26.97 85.06
N SER D 26 -15.38 -27.04 83.74
CA SER D 26 -15.99 -26.12 82.80
C SER D 26 -17.50 -26.07 82.97
N VAL D 27 -18.04 -24.85 82.92
CA VAL D 27 -19.47 -24.61 83.04
C VAL D 27 -19.96 -24.07 81.70
N ASP D 28 -20.70 -24.91 80.97
CA ASP D 28 -21.38 -24.52 79.73
C ASP D 28 -20.42 -23.91 78.72
N ASN D 29 -20.60 -22.63 78.40
CA ASN D 29 -19.94 -22.02 77.25
C ASN D 29 -19.49 -20.60 77.55
N TYR D 30 -18.40 -20.22 76.88
CA TYR D 30 -18.01 -18.83 76.75
C TYR D 30 -19.02 -18.07 75.90
N GLY D 31 -19.47 -18.67 74.81
CA GLY D 31 -20.50 -18.08 73.98
C GLY D 31 -21.88 -18.33 74.56
N ILE D 32 -21.91 -18.77 75.81
CA ILE D 32 -23.10 -18.75 76.67
C ILE D 32 -24.00 -19.96 76.37
N SER D 33 -23.73 -20.71 75.31
CA SER D 33 -24.53 -21.89 74.99
C SER D 33 -23.62 -23.08 74.69
N PHE D 34 -23.67 -24.10 75.53
CA PHE D 34 -22.97 -25.39 75.30
C PHE D 34 -23.62 -26.51 76.11
N MET D 35 -22.88 -27.59 76.27
CA MET D 35 -23.29 -28.94 76.66
C MET D 35 -24.29 -29.43 75.59
N ASN D 36 -25.28 -30.22 75.96
CA ASN D 36 -25.96 -31.09 75.00
C ASN D 36 -27.04 -31.90 75.70
N TRP D 37 -27.78 -32.69 74.94
CA TRP D 37 -28.61 -33.75 75.49
C TRP D 37 -28.67 -34.91 74.50
N PHE D 38 -28.67 -36.11 75.05
CA PHE D 38 -28.65 -37.34 74.25
C PHE D 38 -29.42 -38.40 75.01
N GLN D 39 -29.87 -39.41 74.27
CA GLN D 39 -30.67 -40.47 74.86
C GLN D 39 -30.24 -41.80 74.25
N GLN D 40 -29.99 -42.80 75.08
CA GLN D 40 -29.78 -44.17 74.63
C GLN D 40 -30.86 -45.03 75.26
N LYS D 41 -31.69 -45.63 74.42
CA LYS D 41 -32.78 -46.45 74.91
C LYS D 41 -32.28 -47.87 75.21
N PRO D 42 -32.83 -48.50 76.26
CA PRO D 42 -32.38 -49.86 76.61
C PRO D 42 -32.61 -50.83 75.46
N GLY D 43 -31.57 -51.59 75.13
CA GLY D 43 -31.63 -52.45 73.97
C GLY D 43 -31.70 -51.67 72.67
N GLN D 44 -31.17 -50.45 72.67
CA GLN D 44 -31.27 -49.58 71.51
C GLN D 44 -30.03 -48.69 71.44
N ALA D 45 -29.70 -48.28 70.22
CA ALA D 45 -28.59 -47.38 70.01
C ALA D 45 -28.86 -46.04 70.68
N PRO D 46 -27.81 -45.27 70.96
CA PRO D 46 -28.02 -43.92 71.49
C PRO D 46 -28.73 -43.05 70.47
N ARG D 47 -29.23 -41.92 70.93
CA ARG D 47 -29.99 -41.02 70.08
C ARG D 47 -29.80 -39.59 70.55
N LEU D 48 -29.69 -38.68 69.59
CA LEU D 48 -29.60 -37.27 69.90
C LEU D 48 -30.84 -36.79 70.64
N LEU D 49 -30.66 -35.79 71.48
CA LEU D 49 -31.80 -35.06 72.03
C LEU D 49 -31.67 -33.58 71.75
N ILE D 50 -30.83 -32.91 72.53
CA ILE D 50 -30.71 -31.47 72.50
C ILE D 50 -29.23 -31.14 72.50
N TYR D 51 -28.89 -29.98 71.95
CA TYR D 51 -27.53 -29.47 72.01
C TYR D 51 -27.57 -28.04 72.52
N ALA D 52 -26.68 -27.72 73.45
CA ALA D 52 -26.72 -26.49 74.23
C ALA D 52 -28.01 -26.36 75.02
N ALA D 53 -28.71 -27.49 75.22
CA ALA D 53 -29.83 -27.64 76.14
C ALA D 53 -31.03 -26.77 75.78
N SER D 54 -30.82 -25.75 74.95
CA SER D 54 -31.85 -24.78 74.58
C SER D 54 -32.44 -25.03 73.20
N ASN D 55 -32.06 -26.08 72.51
CA ASN D 55 -31.97 -26.03 71.06
C ASN D 55 -32.39 -27.38 70.49
N GLN D 56 -31.98 -27.64 69.26
CA GLN D 56 -32.42 -28.72 68.36
C GLN D 56 -33.88 -28.45 68.00
N GLY D 57 -34.75 -29.44 67.98
CA GLY D 57 -35.99 -29.19 67.28
C GLY D 57 -36.57 -30.48 66.71
N SER D 58 -37.26 -30.32 65.59
CA SER D 58 -37.94 -31.41 64.89
C SER D 58 -37.01 -32.60 64.72
N GLY D 59 -37.58 -33.80 64.88
CA GLY D 59 -36.83 -35.02 65.09
C GLY D 59 -36.61 -35.35 66.55
N ILE D 60 -36.68 -34.35 67.42
CA ILE D 60 -36.66 -34.54 68.86
C ILE D 60 -37.99 -34.03 69.38
N PRO D 61 -38.87 -34.90 69.88
CA PRO D 61 -40.26 -34.49 70.17
C PRO D 61 -40.34 -33.34 71.16
N SER D 62 -41.48 -32.66 71.11
CA SER D 62 -41.68 -31.44 71.89
C SER D 62 -41.52 -31.68 73.39
N ARG D 63 -41.81 -32.90 73.85
CA ARG D 63 -41.68 -33.19 75.27
C ARG D 63 -40.26 -32.87 75.75
N PHE D 64 -39.26 -33.12 74.92
CA PHE D 64 -37.89 -32.78 75.28
C PHE D 64 -37.76 -31.26 75.32
N SER D 65 -37.36 -30.73 76.46
CA SER D 65 -37.22 -29.29 76.65
C SER D 65 -36.29 -29.06 77.82
N GLY D 66 -35.85 -27.82 77.97
CA GLY D 66 -35.11 -27.43 79.14
C GLY D 66 -34.08 -26.39 78.79
N SER D 67 -33.15 -26.20 79.72
CA SER D 67 -32.06 -25.25 79.56
C SER D 67 -30.94 -25.66 80.49
N GLY D 68 -29.94 -24.80 80.64
CA GLY D 68 -28.88 -25.04 81.60
C GLY D 68 -28.28 -23.73 82.05
N SER D 69 -27.72 -23.76 83.25
CA SER D 69 -27.10 -22.59 83.85
C SER D 69 -25.70 -22.99 84.31
N GLY D 70 -24.68 -22.45 83.65
CA GLY D 70 -23.32 -22.81 83.97
C GLY D 70 -23.09 -24.30 83.92
N THR D 71 -22.65 -24.86 85.05
CA THR D 71 -22.43 -26.30 85.14
C THR D 71 -23.72 -27.06 84.84
N ASP D 72 -24.77 -26.78 85.59
CA ASP D 72 -25.97 -27.59 85.53
C ASP D 72 -26.72 -27.34 84.23
N PHE D 73 -27.19 -28.43 83.63
CA PHE D 73 -28.08 -28.38 82.48
C PHE D 73 -29.35 -29.12 82.84
N SER D 74 -30.48 -28.44 82.72
CA SER D 74 -31.77 -28.97 83.12
C SER D 74 -32.51 -29.47 81.88
N LEU D 75 -32.64 -30.78 81.75
CA LEU D 75 -33.48 -31.37 80.71
C LEU D 75 -34.87 -31.57 81.30
N THR D 76 -35.82 -30.81 80.80
CA THR D 76 -37.19 -30.81 81.34
C THR D 76 -38.11 -31.43 80.29
N ILE D 77 -38.57 -32.64 80.55
CA ILE D 77 -39.40 -33.37 79.60
C ILE D 77 -40.81 -33.41 80.16
N SER D 78 -41.71 -32.63 79.55
CA SER D 78 -43.07 -32.52 80.03
C SER D 78 -43.94 -33.67 79.53
N SER D 79 -44.97 -34.00 80.31
CA SER D 79 -45.97 -35.00 79.97
C SER D 79 -45.31 -36.33 79.61
N LEU D 80 -44.71 -36.95 80.63
CA LEU D 80 -44.01 -38.21 80.44
C LEU D 80 -44.95 -39.31 80.00
N GLU D 81 -44.42 -40.27 79.25
CA GLU D 81 -45.16 -41.44 78.81
C GLU D 81 -44.43 -42.70 79.25
N PRO D 82 -45.17 -43.72 79.69
CA PRO D 82 -44.51 -44.96 80.13
C PRO D 82 -43.80 -45.70 79.00
N GLU D 83 -44.09 -45.38 77.74
CA GLU D 83 -43.34 -45.97 76.65
C GLU D 83 -42.15 -45.11 76.23
N ASP D 84 -42.07 -43.86 76.67
CA ASP D 84 -41.10 -42.93 76.12
C ASP D 84 -39.84 -42.75 76.97
N PHE D 85 -39.75 -43.35 78.14
CA PHE D 85 -38.64 -43.04 79.04
C PHE D 85 -37.48 -43.99 78.84
N ALA D 86 -36.27 -43.44 78.76
CA ALA D 86 -35.08 -44.23 78.51
C ALA D 86 -33.87 -43.44 78.98
N VAL D 87 -32.73 -44.13 79.09
CA VAL D 87 -31.52 -43.50 79.61
C VAL D 87 -31.14 -42.32 78.74
N TYR D 88 -30.74 -41.21 79.37
CA TYR D 88 -30.42 -39.96 78.69
C TYR D 88 -28.96 -39.61 78.92
N PHE D 89 -28.44 -38.73 78.07
CA PHE D 89 -27.05 -38.33 78.10
C PHE D 89 -26.91 -36.88 77.70
N CYS D 90 -25.79 -36.27 78.08
CA CYS D 90 -25.43 -34.91 77.69
C CYS D 90 -23.93 -34.88 77.43
N GLN D 91 -23.53 -34.42 76.26
CA GLN D 91 -22.12 -34.29 75.91
C GLN D 91 -21.57 -32.95 76.38
N GLN D 92 -20.34 -32.98 76.87
CA GLN D 92 -19.56 -31.78 77.07
C GLN D 92 -19.07 -31.22 75.74
N SER D 93 -18.62 -29.98 75.80
CA SER D 93 -17.87 -29.37 74.71
C SER D 93 -16.90 -28.36 75.30
N LYS D 94 -16.10 -27.77 74.43
CA LYS D 94 -15.21 -26.64 74.67
C LYS D 94 -13.96 -27.04 75.46
N GLU D 95 -13.96 -28.20 76.13
CA GLU D 95 -12.79 -28.70 76.82
C GLU D 95 -12.83 -30.21 76.79
N VAL D 96 -11.67 -30.83 76.68
CA VAL D 96 -11.50 -32.25 77.01
C VAL D 96 -12.21 -33.04 75.91
N PRO D 97 -11.95 -34.33 75.72
CA PRO D 97 -12.88 -35.13 74.92
C PRO D 97 -14.30 -34.93 75.43
N ARG D 98 -15.21 -34.66 74.47
CA ARG D 98 -16.54 -34.17 74.80
C ARG D 98 -17.32 -35.11 75.70
N ILE D 99 -16.93 -36.38 75.76
CA ILE D 99 -17.51 -37.43 76.60
C ILE D 99 -19.03 -37.39 76.54
N PHE D 100 -19.68 -37.64 77.67
CA PHE D 100 -21.13 -37.78 77.75
C PHE D 100 -21.53 -37.62 79.21
N GLY D 101 -22.82 -37.85 79.47
CA GLY D 101 -23.28 -37.93 80.83
C GLY D 101 -23.15 -39.33 81.39
N GLN D 102 -23.22 -39.42 82.72
CA GLN D 102 -23.20 -40.70 83.40
C GLN D 102 -24.43 -41.55 83.09
N GLY D 103 -25.39 -41.00 82.35
CA GLY D 103 -26.63 -41.66 82.01
C GLY D 103 -27.78 -41.16 82.87
N THR D 104 -28.96 -41.03 82.28
CA THR D 104 -30.11 -40.48 82.98
C THR D 104 -31.37 -41.18 82.52
N LYS D 105 -32.12 -41.77 83.44
CA LYS D 105 -33.35 -42.47 83.07
C LYS D 105 -34.43 -42.20 84.08
N VAL D 106 -35.60 -41.78 83.60
CA VAL D 106 -36.74 -41.43 84.45
C VAL D 106 -37.71 -42.60 84.42
N GLU D 107 -37.85 -43.29 85.56
CA GLU D 107 -38.87 -44.31 85.64
C GLU D 107 -40.26 -43.67 85.70
N ILE D 108 -41.26 -44.48 85.35
CA ILE D 108 -42.66 -44.06 85.38
C ILE D 108 -43.48 -45.19 85.98
N LEU D 109 -44.23 -44.88 87.02
CA LEU D 109 -44.99 -45.89 87.76
C LEU D 109 -46.29 -46.17 87.03
N LYS D 110 -47.19 -46.92 87.69
CA LYS D 110 -48.51 -47.24 87.15
C LYS D 110 -48.40 -48.02 85.84
N VAL E 1 -27.58 -40.20 58.92
CA VAL E 1 -28.86 -40.88 59.00
C VAL E 1 -28.71 -42.27 59.60
N LYS E 2 -27.91 -43.11 58.95
CA LYS E 2 -27.76 -44.49 59.39
C LYS E 2 -26.29 -44.86 59.37
N LEU E 3 -25.81 -45.37 60.49
CA LEU E 3 -24.42 -45.78 60.64
C LEU E 3 -24.39 -47.29 60.80
N VAL E 4 -23.91 -47.97 59.78
CA VAL E 4 -23.73 -49.41 59.83
C VAL E 4 -22.30 -49.67 60.28
N GLU E 5 -22.11 -50.68 61.12
CA GLU E 5 -20.81 -50.95 61.70
C GLU E 5 -20.36 -52.34 61.33
N SER E 6 -19.13 -52.67 61.74
CA SER E 6 -18.60 -54.02 61.58
C SER E 6 -19.18 -54.90 62.68
N GLY E 7 -19.21 -56.20 62.42
CA GLY E 7 -19.83 -57.12 63.36
C GLY E 7 -19.01 -57.32 64.61
N GLY E 8 -19.42 -58.28 65.44
CA GLY E 8 -18.70 -58.54 66.67
C GLY E 8 -17.34 -59.16 66.42
N GLY E 9 -16.49 -59.11 67.43
CA GLY E 9 -15.23 -59.82 67.40
C GLY E 9 -14.75 -60.12 68.80
N LEU E 10 -13.99 -61.20 68.93
CA LEU E 10 -13.43 -61.61 70.21
C LEU E 10 -11.96 -61.91 70.03
N VAL E 11 -11.11 -61.14 70.71
CA VAL E 11 -9.67 -61.23 70.58
C VAL E 11 -9.11 -61.36 72.00
N LYS E 12 -7.80 -61.56 72.09
CA LYS E 12 -7.08 -61.48 73.35
C LYS E 12 -6.57 -60.06 73.56
N PRO E 13 -6.29 -59.68 74.81
CA PRO E 13 -5.75 -58.33 75.07
C PRO E 13 -4.39 -58.13 74.41
N GLY E 14 -4.16 -56.90 73.96
CA GLY E 14 -2.87 -56.47 73.49
C GLY E 14 -2.74 -56.29 71.98
N GLY E 15 -3.68 -56.81 71.19
CA GLY E 15 -3.59 -56.78 69.75
C GLY E 15 -4.20 -55.54 69.12
N SER E 16 -4.60 -55.68 67.86
CA SER E 16 -5.27 -54.62 67.13
C SER E 16 -6.56 -55.18 66.54
N LEU E 17 -7.69 -54.66 67.00
CA LEU E 17 -9.01 -55.12 66.55
C LEU E 17 -9.56 -54.13 65.53
N ARG E 18 -9.63 -54.56 64.27
CA ARG E 18 -10.16 -53.71 63.23
C ARG E 18 -11.67 -53.61 63.31
N LEU E 19 -12.19 -52.46 62.88
CA LEU E 19 -13.63 -52.29 62.69
C LEU E 19 -13.87 -51.54 61.40
N SER E 20 -15.14 -51.37 61.06
CA SER E 20 -15.54 -50.58 59.92
C SER E 20 -16.89 -49.95 60.22
N CYS E 21 -17.07 -48.69 59.85
CA CYS E 21 -18.34 -47.98 60.02
C CYS E 21 -18.88 -47.66 58.64
N ALA E 22 -19.92 -48.38 58.24
CA ALA E 22 -20.49 -48.22 56.90
C ALA E 22 -21.53 -47.13 56.94
N ALA E 23 -21.43 -46.17 56.02
CA ALA E 23 -22.31 -45.02 55.98
C ALA E 23 -23.43 -45.26 54.98
N SER E 24 -24.67 -45.11 55.43
CA SER E 24 -25.83 -45.23 54.56
C SER E 24 -26.77 -44.06 54.83
N GLY E 25 -26.97 -43.22 53.82
CA GLY E 25 -27.92 -42.14 53.92
C GLY E 25 -27.35 -40.74 54.12
N PHE E 26 -26.03 -40.56 54.05
CA PHE E 26 -25.44 -39.24 54.19
C PHE E 26 -24.11 -39.21 53.45
N THR E 27 -23.60 -38.00 53.26
CA THR E 27 -22.26 -37.82 52.73
C THR E 27 -21.25 -38.00 53.85
N PHE E 28 -20.39 -39.00 53.70
CA PHE E 28 -19.48 -39.38 54.77
C PHE E 28 -18.37 -38.37 54.96
N THR E 29 -18.10 -37.56 53.93
CA THR E 29 -17.08 -36.53 54.04
C THR E 29 -17.62 -35.31 54.78
N ASN E 30 -18.87 -34.92 54.49
CA ASN E 30 -19.44 -33.71 55.06
C ASN E 30 -19.55 -33.78 56.57
N TYR E 31 -19.34 -34.95 57.14
CA TYR E 31 -19.55 -35.19 58.56
C TYR E 31 -18.27 -35.70 59.18
N GLY E 32 -17.76 -34.96 60.15
CA GLY E 32 -16.75 -35.50 61.03
C GLY E 32 -17.31 -36.76 61.64
N MET E 33 -16.50 -37.78 61.79
CA MET E 33 -16.99 -39.07 62.23
C MET E 33 -16.28 -39.46 63.52
N SER E 34 -16.68 -40.61 64.07
CA SER E 34 -16.15 -41.01 65.37
C SER E 34 -16.40 -42.49 65.59
N TRP E 35 -15.87 -42.98 66.70
CA TRP E 35 -16.26 -44.26 67.30
C TRP E 35 -16.39 -44.00 68.78
N VAL E 36 -17.60 -44.12 69.30
CA VAL E 36 -17.90 -43.89 70.71
C VAL E 36 -18.30 -45.21 71.33
N ARG E 37 -17.85 -45.46 72.55
CA ARG E 37 -18.16 -46.70 73.23
C ARG E 37 -19.22 -46.47 74.30
N GLN E 38 -20.18 -47.39 74.36
CA GLN E 38 -20.98 -47.59 75.55
C GLN E 38 -20.49 -48.89 76.18
N ALA E 39 -19.79 -48.77 77.28
CA ALA E 39 -19.22 -49.92 77.95
C ALA E 39 -20.24 -50.53 78.91
N PRO E 40 -20.12 -51.82 79.20
CA PRO E 40 -21.08 -52.46 80.11
C PRO E 40 -21.09 -51.78 81.47
N GLY E 41 -22.29 -51.42 81.93
CA GLY E 41 -22.44 -50.75 83.21
C GLY E 41 -21.69 -49.44 83.30
N LYS E 42 -21.55 -48.73 82.18
CA LYS E 42 -20.76 -47.51 82.13
C LYS E 42 -21.55 -46.43 81.40
N ARG E 43 -21.07 -45.20 81.52
CA ARG E 43 -21.57 -44.10 80.71
C ARG E 43 -21.04 -44.21 79.28
N LEU E 44 -21.72 -43.51 78.36
CA LEU E 44 -21.14 -43.32 77.04
C LEU E 44 -19.80 -42.61 77.15
N GLU E 45 -18.80 -43.20 76.52
CA GLU E 45 -17.45 -42.64 76.47
C GLU E 45 -17.15 -42.27 75.02
N TRP E 46 -17.05 -40.98 74.76
CA TRP E 46 -16.52 -40.54 73.48
C TRP E 46 -15.05 -40.91 73.42
N VAL E 47 -14.67 -41.69 72.42
CA VAL E 47 -13.33 -42.29 72.38
C VAL E 47 -12.62 -41.87 71.11
N ALA E 48 -13.14 -42.32 69.98
CA ALA E 48 -12.43 -42.24 68.71
C ALA E 48 -13.06 -41.15 67.85
N GLU E 49 -12.26 -40.58 66.96
CA GLU E 49 -12.74 -39.42 66.21
C GLU E 49 -12.11 -39.40 64.81
N ILE E 50 -12.79 -38.69 63.92
CA ILE E 50 -12.16 -38.14 62.73
C ILE E 50 -12.98 -36.92 62.30
N SER E 51 -12.31 -35.92 61.74
CA SER E 51 -12.98 -34.71 61.35
C SER E 51 -13.52 -34.82 59.92
N SER E 52 -14.25 -33.80 59.49
CA SER E 52 -14.91 -33.87 58.18
C SER E 52 -13.94 -33.51 57.06
N GLY E 53 -13.56 -32.24 56.99
CA GLY E 53 -12.65 -31.76 55.97
C GLY E 53 -11.19 -31.85 56.32
N GLY E 54 -10.84 -32.68 57.31
CA GLY E 54 -9.45 -32.86 57.71
C GLY E 54 -9.31 -34.19 58.42
N SER E 55 -8.13 -34.39 58.99
CA SER E 55 -7.84 -35.59 59.77
C SER E 55 -7.61 -35.18 61.22
N TYR E 56 -8.55 -35.56 62.10
CA TYR E 56 -8.49 -35.15 63.49
C TYR E 56 -8.03 -36.30 64.38
N THR E 57 -8.81 -37.38 64.46
CA THR E 57 -8.43 -38.66 65.08
C THR E 57 -7.76 -38.49 66.45
N TYR E 58 -8.19 -37.48 67.19
CA TYR E 58 -7.83 -37.40 68.60
C TYR E 58 -8.77 -38.24 69.44
N TYR E 59 -8.29 -38.62 70.61
CA TYR E 59 -9.04 -39.46 71.54
C TYR E 59 -9.10 -38.76 72.89
N PRO E 60 -9.74 -39.33 73.90
CA PRO E 60 -9.32 -39.06 75.26
C PRO E 60 -7.88 -39.52 75.40
N ASP E 61 -7.03 -38.64 75.93
CA ASP E 61 -5.62 -38.98 75.92
C ASP E 61 -5.37 -40.07 76.95
N THR E 62 -5.41 -39.72 78.23
CA THR E 62 -5.52 -40.69 79.32
C THR E 62 -4.61 -41.88 79.07
N VAL E 63 -5.20 -43.07 79.01
CA VAL E 63 -4.62 -44.19 78.28
C VAL E 63 -5.26 -44.15 76.89
N THR E 64 -4.46 -43.86 75.88
CA THR E 64 -5.00 -43.68 74.54
C THR E 64 -5.72 -44.95 74.09
N GLY E 65 -6.98 -44.80 73.71
CA GLY E 65 -7.64 -45.86 72.99
C GLY E 65 -6.80 -46.31 71.82
N ARG E 66 -6.11 -45.37 71.17
CA ARG E 66 -5.06 -45.60 70.19
C ARG E 66 -5.61 -46.27 68.95
N PHE E 67 -6.90 -46.61 68.95
CA PHE E 67 -7.51 -47.42 67.90
C PHE E 67 -7.32 -46.73 66.55
N THR E 68 -6.75 -47.47 65.60
CA THR E 68 -6.44 -46.88 64.30
C THR E 68 -7.70 -46.47 63.58
N ILE E 69 -7.76 -45.21 63.18
CA ILE E 69 -8.92 -44.65 62.49
C ILE E 69 -8.48 -44.22 61.11
N SER E 70 -9.21 -44.67 60.10
CA SER E 70 -9.01 -44.15 58.76
C SER E 70 -10.36 -44.08 58.07
N ARG E 71 -10.34 -43.51 56.87
CA ARG E 71 -11.52 -43.33 56.07
C ARG E 71 -11.28 -43.81 54.65
N ASP E 72 -12.26 -44.50 54.10
CA ASP E 72 -12.40 -44.61 52.66
C ASP E 72 -13.68 -43.87 52.31
N ASN E 73 -13.52 -42.69 51.70
CA ASN E 73 -14.68 -41.87 51.39
C ASN E 73 -15.42 -42.40 50.17
N ALA E 74 -14.81 -43.28 49.38
CA ALA E 74 -15.55 -44.05 48.40
C ALA E 74 -16.44 -45.08 49.08
N LYS E 75 -15.87 -45.85 49.99
CA LYS E 75 -16.68 -46.75 50.81
C LYS E 75 -17.58 -45.99 51.77
N ASN E 76 -17.27 -44.72 52.05
CA ASN E 76 -17.92 -43.98 53.13
C ASN E 76 -17.74 -44.70 54.46
N THR E 77 -16.66 -45.45 54.60
CA THR E 77 -16.50 -46.38 55.72
C THR E 77 -15.41 -45.88 56.66
N LEU E 78 -15.80 -45.60 57.90
CA LEU E 78 -14.86 -45.24 58.94
C LEU E 78 -14.38 -46.52 59.62
N TYR E 79 -13.09 -46.58 59.91
CA TYR E 79 -12.48 -47.76 60.49
C TYR E 79 -12.09 -47.51 61.93
N LEU E 80 -12.21 -48.54 62.75
CA LEU E 80 -11.65 -48.50 64.09
C LEU E 80 -10.79 -49.75 64.25
N GLN E 81 -9.48 -49.57 64.28
CA GLN E 81 -8.56 -50.68 64.43
C GLN E 81 -7.87 -50.48 65.77
N MET E 82 -8.26 -51.28 66.76
CA MET E 82 -8.08 -50.88 68.15
C MET E 82 -6.74 -51.39 68.65
N ASN E 83 -5.82 -50.47 68.83
CA ASN E 83 -4.47 -50.77 69.25
C ASN E 83 -4.41 -50.77 70.78
N SER E 84 -3.56 -51.64 71.32
CA SER E 84 -3.49 -51.91 72.76
C SER E 84 -4.84 -52.44 73.24
N LEU E 85 -5.20 -53.62 72.71
CA LEU E 85 -6.42 -54.29 73.14
C LEU E 85 -6.28 -54.77 74.58
N ARG E 86 -7.41 -54.85 75.26
CA ARG E 86 -7.41 -55.32 76.64
C ARG E 86 -8.79 -55.86 76.98
N ALA E 87 -8.90 -56.42 78.18
CA ALA E 87 -10.15 -57.03 78.60
C ALA E 87 -11.24 -55.98 78.81
N GLU E 88 -10.86 -54.77 79.22
CA GLU E 88 -11.83 -53.71 79.40
C GLU E 88 -12.44 -53.28 78.07
N ASP E 89 -11.72 -53.48 76.97
CA ASP E 89 -12.24 -53.13 75.65
C ASP E 89 -13.52 -53.86 75.31
N THR E 90 -13.89 -54.90 76.07
CA THR E 90 -15.21 -55.49 75.92
C THR E 90 -16.26 -54.43 76.15
N ALA E 91 -17.13 -54.22 75.16
CA ALA E 91 -18.11 -53.14 75.18
C ALA E 91 -18.93 -53.14 73.89
N VAL E 92 -19.90 -52.24 73.82
CA VAL E 92 -20.66 -52.01 72.59
C VAL E 92 -20.19 -50.68 72.02
N TYR E 93 -19.49 -50.74 70.90
CA TYR E 93 -18.91 -49.54 70.30
C TYR E 93 -19.87 -48.95 69.29
N TYR E 94 -19.98 -47.63 69.30
CA TYR E 94 -20.83 -46.91 68.36
C TYR E 94 -19.94 -45.96 67.57
N CYS E 95 -19.76 -46.22 66.29
CA CYS E 95 -19.24 -45.18 65.44
C CYS E 95 -20.36 -44.16 65.27
N ALA E 96 -20.08 -42.90 65.60
CA ALA E 96 -21.12 -41.91 65.59
C ALA E 96 -20.86 -40.90 64.49
N ARG E 97 -21.81 -40.01 64.31
CA ARG E 97 -21.72 -39.00 63.26
C ARG E 97 -22.23 -37.68 63.83
N PHE E 98 -21.50 -36.62 63.55
CA PHE E 98 -21.79 -35.35 64.19
C PHE E 98 -22.79 -34.57 63.36
N ARG E 99 -23.20 -33.43 63.88
CA ARG E 99 -24.04 -32.51 63.15
C ARG E 99 -23.15 -31.52 62.43
N TYR E 100 -23.74 -30.65 61.63
CA TYR E 100 -23.00 -29.47 61.21
C TYR E 100 -22.72 -28.58 62.41
N GLY E 101 -21.73 -27.72 62.26
CA GLY E 101 -21.13 -26.99 63.35
C GLY E 101 -22.08 -26.30 64.31
N GLY E 102 -21.70 -26.32 65.59
CA GLY E 102 -22.52 -25.77 66.66
C GLY E 102 -22.04 -26.30 68.01
N GLY E 103 -22.94 -26.32 68.98
CA GLY E 103 -22.68 -26.87 70.30
C GLY E 103 -22.63 -28.37 70.35
N GLY E 104 -22.63 -29.02 69.20
CA GLY E 104 -22.71 -30.46 69.09
C GLY E 104 -22.62 -30.78 67.61
N THR E 105 -23.13 -31.93 67.20
CA THR E 105 -23.80 -32.88 68.07
C THR E 105 -23.32 -34.23 67.65
N VAL E 106 -23.96 -35.27 68.15
CA VAL E 106 -24.00 -36.56 67.48
C VAL E 106 -25.44 -36.78 67.05
N ASP E 107 -25.69 -36.69 65.74
CA ASP E 107 -27.07 -36.76 65.26
C ASP E 107 -27.58 -38.19 65.32
N TYR E 108 -27.07 -39.04 64.45
CA TYR E 108 -27.45 -40.43 64.40
C TYR E 108 -26.32 -41.27 65.00
N TRP E 109 -26.50 -42.59 64.94
CA TRP E 109 -25.61 -43.47 65.66
C TRP E 109 -25.46 -44.77 64.88
N GLY E 110 -24.39 -45.48 65.18
CA GLY E 110 -24.30 -46.87 64.77
C GLY E 110 -25.26 -47.73 65.55
N GLN E 111 -25.45 -48.95 65.07
CA GLN E 111 -26.28 -49.91 65.80
C GLN E 111 -25.52 -50.54 66.95
N GLY E 112 -24.25 -50.18 67.11
CA GLY E 112 -23.38 -50.75 68.11
C GLY E 112 -22.49 -51.82 67.54
N THR E 113 -21.27 -51.90 68.04
CA THR E 113 -20.34 -52.95 67.67
C THR E 113 -20.10 -53.77 68.93
N LEU E 114 -20.65 -54.96 68.98
CA LEU E 114 -20.38 -55.85 70.10
C LEU E 114 -18.92 -56.24 70.07
N VAL E 115 -18.23 -56.01 71.17
CA VAL E 115 -16.80 -56.30 71.25
C VAL E 115 -16.53 -56.95 72.60
N THR E 116 -15.84 -58.08 72.56
CA THR E 116 -15.48 -58.80 73.77
C THR E 116 -14.03 -59.23 73.65
N VAL E 117 -13.19 -58.76 74.55
CA VAL E 117 -11.81 -59.21 74.66
C VAL E 117 -11.63 -59.82 76.04
N SER E 118 -11.34 -61.11 76.07
CA SER E 118 -11.21 -61.86 77.32
C SER E 118 -10.59 -63.20 76.98
N SER E 119 -10.51 -64.08 77.97
CA SER E 119 -9.98 -65.42 77.78
C SER E 119 -11.04 -66.34 77.18
N ILE F 1 -74.25 -44.26 -6.25
CA ILE F 1 -75.05 -45.27 -6.91
C ILE F 1 -76.49 -44.79 -7.03
N VAL F 2 -77.40 -45.56 -6.45
CA VAL F 2 -78.80 -45.20 -6.32
C VAL F 2 -79.21 -45.52 -4.89
N LEU F 3 -80.04 -44.66 -4.31
CA LEU F 3 -80.46 -44.87 -2.94
C LEU F 3 -81.98 -44.85 -2.86
N THR F 4 -82.48 -45.34 -1.73
CA THR F 4 -83.90 -45.30 -1.40
C THR F 4 -84.06 -44.67 -0.02
N GLN F 5 -85.18 -43.98 0.17
CA GLN F 5 -85.47 -43.35 1.45
C GLN F 5 -86.77 -43.86 2.01
N SER F 6 -86.96 -43.64 3.30
CA SER F 6 -88.27 -43.82 3.90
C SER F 6 -89.21 -42.80 3.27
N PRO F 7 -90.20 -43.22 2.49
CA PRO F 7 -90.99 -42.24 1.73
C PRO F 7 -91.75 -41.26 2.61
N THR F 8 -92.48 -41.76 3.61
CA THR F 8 -93.32 -40.90 4.42
C THR F 8 -93.44 -41.47 5.84
N LEU F 9 -93.89 -40.61 6.74
CA LEU F 9 -94.37 -41.01 8.06
C LEU F 9 -95.58 -40.16 8.40
N SER F 10 -96.41 -40.67 9.30
CA SER F 10 -97.55 -39.94 9.84
C SER F 10 -97.50 -40.06 11.36
N LEU F 11 -97.35 -38.94 12.04
CA LEU F 11 -97.00 -38.93 13.45
C LEU F 11 -97.73 -37.77 14.13
N SER F 12 -97.34 -37.49 15.36
CA SER F 12 -97.93 -36.44 16.18
C SER F 12 -96.86 -35.50 16.67
N PRO F 13 -97.23 -34.30 17.13
CA PRO F 13 -96.23 -33.36 17.64
C PRO F 13 -95.48 -33.93 18.83
N GLY F 14 -94.27 -33.42 19.04
CA GLY F 14 -93.43 -33.87 20.14
C GLY F 14 -93.05 -35.33 20.03
N GLU F 15 -92.58 -35.74 18.86
CA GLU F 15 -92.24 -37.14 18.60
C GLU F 15 -90.97 -37.21 17.77
N ARG F 16 -90.44 -38.43 17.67
CA ARG F 16 -89.28 -38.69 16.84
C ARG F 16 -89.70 -39.09 15.44
N ALA F 17 -88.95 -38.63 14.45
CA ALA F 17 -89.16 -39.01 13.05
C ALA F 17 -87.94 -39.83 12.62
N THR F 18 -88.16 -41.14 12.41
CA THR F 18 -87.09 -42.06 12.00
C THR F 18 -87.12 -42.19 10.49
N LEU F 19 -86.09 -41.69 9.83
CA LEU F 19 -86.04 -41.61 8.37
C LEU F 19 -84.84 -42.40 7.87
N SER F 20 -85.11 -43.48 7.16
CA SER F 20 -84.05 -44.35 6.66
C SER F 20 -83.68 -43.94 5.24
N CYS F 21 -82.40 -43.61 5.05
CA CYS F 21 -81.84 -43.38 3.72
C CYS F 21 -81.11 -44.66 3.34
N ARG F 22 -81.71 -45.42 2.42
CA ARG F 22 -81.25 -46.76 2.08
C ARG F 22 -80.53 -46.71 0.76
N ALA F 23 -79.22 -46.93 0.78
CA ALA F 23 -78.39 -46.83 -0.41
C ALA F 23 -78.24 -48.20 -1.06
N SER F 24 -78.59 -48.28 -2.33
CA SER F 24 -78.25 -49.45 -3.11
C SER F 24 -76.79 -49.36 -3.54
N GLU F 25 -76.18 -50.52 -3.78
CA GLU F 25 -74.75 -50.64 -4.08
C GLU F 25 -73.98 -50.01 -2.94
N SER F 26 -73.23 -48.93 -3.17
CA SER F 26 -72.32 -48.38 -2.18
C SER F 26 -73.01 -48.11 -0.85
N VAL F 27 -72.33 -48.47 0.23
CA VAL F 27 -72.82 -48.29 1.58
C VAL F 27 -71.92 -47.27 2.26
N ASP F 28 -72.45 -46.06 2.46
CA ASP F 28 -71.80 -45.00 3.23
C ASP F 28 -70.40 -44.69 2.71
N ASN F 29 -69.37 -44.96 3.52
CA ASN F 29 -68.04 -44.45 3.25
C ASN F 29 -66.96 -45.47 3.59
N TYR F 30 -65.87 -45.39 2.83
CA TYR F 30 -64.61 -46.03 3.21
C TYR F 30 -64.04 -45.37 4.45
N GLY F 31 -64.07 -44.05 4.52
CA GLY F 31 -63.65 -43.33 5.70
C GLY F 31 -64.72 -43.32 6.76
N ILE F 32 -65.74 -44.17 6.58
CA ILE F 32 -66.68 -44.56 7.62
C ILE F 32 -67.78 -43.52 7.79
N SER F 33 -67.64 -42.35 7.16
CA SER F 33 -68.68 -41.31 7.25
C SER F 33 -69.00 -40.78 5.85
N PHE F 34 -70.22 -41.00 5.38
CA PHE F 34 -70.74 -40.41 4.12
C PHE F 34 -72.26 -40.41 4.12
N MET F 35 -72.82 -40.27 2.93
CA MET F 35 -74.19 -39.86 2.60
C MET F 35 -74.40 -38.45 3.18
N ASN F 36 -75.60 -38.11 3.66
CA ASN F 36 -76.00 -36.73 3.78
C ASN F 36 -77.43 -36.64 4.31
N TRP F 37 -77.92 -35.42 4.52
CA TRP F 37 -79.34 -35.17 4.72
C TRP F 37 -79.67 -33.80 4.16
N PHE F 38 -80.85 -33.71 3.55
CA PHE F 38 -81.31 -32.48 2.90
C PHE F 38 -82.82 -32.41 3.03
N GLN F 39 -83.34 -31.20 2.90
CA GLN F 39 -84.77 -30.99 3.04
C GLN F 39 -85.23 -30.00 2.00
N GLN F 40 -86.30 -30.31 1.28
CA GLN F 40 -86.97 -29.37 0.41
C GLN F 40 -88.40 -29.19 0.90
N LYS F 41 -88.73 -27.97 1.29
CA LYS F 41 -90.06 -27.72 1.82
C LYS F 41 -91.04 -27.47 0.68
N PRO F 42 -92.29 -27.90 0.82
CA PRO F 42 -93.28 -27.70 -0.25
C PRO F 42 -93.48 -26.24 -0.55
N GLY F 43 -93.40 -25.89 -1.83
CA GLY F 43 -93.43 -24.50 -2.23
C GLY F 43 -92.20 -23.74 -1.80
N GLN F 44 -91.08 -24.45 -1.64
CA GLN F 44 -89.87 -23.84 -1.11
C GLN F 44 -88.66 -24.53 -1.72
N ALA F 45 -87.56 -23.78 -1.82
CA ALA F 45 -86.33 -24.33 -2.31
C ALA F 45 -85.83 -25.44 -1.39
N PRO F 46 -84.96 -26.32 -1.89
CA PRO F 46 -84.36 -27.32 -1.02
C PRO F 46 -83.47 -26.65 0.02
N ARG F 47 -83.12 -27.42 1.04
CA ARG F 47 -82.33 -26.90 2.13
C ARG F 47 -81.45 -28.01 2.70
N LEU F 48 -80.24 -27.65 3.07
CA LEU F 48 -79.32 -28.58 3.71
C LEU F 48 -79.90 -29.06 5.03
N LEU F 49 -79.55 -30.29 5.40
CA LEU F 49 -79.79 -30.76 6.75
C LEU F 49 -78.51 -31.23 7.40
N ILE F 50 -78.08 -32.43 7.03
CA ILE F 50 -76.95 -33.10 7.65
C ILE F 50 -76.09 -33.68 6.55
N TYR F 51 -74.81 -33.83 6.83
CA TYR F 51 -73.89 -34.50 5.93
C TYR F 51 -73.14 -35.57 6.70
N ALA F 52 -73.02 -36.75 6.10
CA ALA F 52 -72.56 -37.96 6.77
C ALA F 52 -73.45 -38.33 7.95
N ALA F 53 -74.66 -37.78 7.99
CA ALA F 53 -75.74 -38.18 8.88
C ALA F 53 -75.43 -37.93 10.36
N SER F 54 -74.15 -37.75 10.68
CA SER F 54 -73.68 -37.59 12.05
C SER F 54 -73.38 -36.15 12.43
N ASN F 55 -73.61 -35.19 11.55
CA ASN F 55 -72.76 -34.02 11.50
C ASN F 55 -73.62 -32.80 11.16
N GLN F 56 -72.97 -31.76 10.66
CA GLN F 56 -73.47 -30.38 10.47
C GLN F 56 -73.70 -29.79 11.88
N GLY F 57 -74.78 -29.08 12.12
CA GLY F 57 -74.76 -28.24 13.31
C GLY F 57 -75.63 -27.02 13.12
N SER F 58 -75.21 -25.95 13.80
CA SER F 58 -75.93 -24.68 13.82
C SER F 58 -76.30 -24.25 12.41
N GLY F 59 -77.51 -23.69 12.29
CA GLY F 59 -78.18 -23.51 11.04
C GLY F 59 -79.12 -24.65 10.70
N ILE F 60 -78.89 -25.82 11.27
CA ILE F 60 -79.79 -26.96 11.16
C ILE F 60 -80.27 -27.26 12.59
N PRO F 61 -81.54 -27.03 12.89
CA PRO F 61 -81.99 -27.08 14.30
C PRO F 61 -81.71 -28.42 14.96
N SER F 62 -81.67 -28.37 16.29
CA SER F 62 -81.29 -29.53 17.09
C SER F 62 -82.20 -30.72 16.85
N ARG F 63 -83.46 -30.48 16.48
CA ARG F 63 -84.37 -31.58 16.23
C ARG F 63 -83.79 -32.53 15.19
N PHE F 64 -83.10 -32.00 14.19
CA PHE F 64 -82.46 -32.85 13.19
C PHE F 64 -81.32 -33.60 13.85
N SER F 65 -81.38 -34.93 13.79
CA SER F 65 -80.37 -35.77 14.41
C SER F 65 -80.43 -37.13 13.73
N GLY F 66 -79.42 -37.94 13.98
CA GLY F 66 -79.45 -39.32 13.55
C GLY F 66 -78.06 -39.79 13.20
N SER F 67 -78.02 -40.93 12.52
CA SER F 67 -76.78 -41.52 12.05
C SER F 67 -77.11 -42.44 10.88
N GLY F 68 -76.13 -43.24 10.47
CA GLY F 68 -76.37 -44.24 9.45
C GLY F 68 -75.40 -45.38 9.61
N SER F 69 -75.83 -46.54 9.12
CA SER F 69 -75.02 -47.76 9.18
C SER F 69 -74.97 -48.35 7.78
N GLY F 70 -73.79 -48.32 7.18
CA GLY F 70 -73.65 -48.82 5.82
C GLY F 70 -74.61 -48.15 4.87
N THR F 71 -75.43 -48.97 4.20
CA THR F 71 -76.44 -48.45 3.29
C THR F 71 -77.38 -47.49 4.01
N ASP F 72 -78.04 -47.97 5.06
CA ASP F 72 -79.10 -47.21 5.68
C ASP F 72 -78.54 -46.01 6.45
N PHE F 73 -79.21 -44.87 6.29
CA PHE F 73 -78.94 -43.68 7.06
C PHE F 73 -80.21 -43.28 7.79
N SER F 74 -80.13 -43.18 9.10
CA SER F 74 -81.29 -42.90 9.94
C SER F 74 -81.30 -41.43 10.31
N LEU F 75 -82.25 -40.69 9.76
CA LEU F 75 -82.47 -39.30 10.16
C LEU F 75 -83.52 -39.32 11.26
N THR F 76 -83.11 -38.98 12.47
CA THR F 76 -83.97 -39.05 13.64
C THR F 76 -84.25 -37.62 14.11
N ILE F 77 -85.48 -37.16 13.89
CA ILE F 77 -85.86 -35.79 14.22
C ILE F 77 -86.79 -35.85 15.43
N SER F 78 -86.27 -35.44 16.59
CA SER F 78 -87.02 -35.52 17.83
C SER F 78 -87.96 -34.33 17.98
N SER F 79 -89.05 -34.55 18.71
CA SER F 79 -90.04 -33.51 19.05
C SER F 79 -90.53 -32.79 17.80
N LEU F 80 -91.27 -33.53 16.99
CA LEU F 80 -91.79 -33.00 15.73
C LEU F 80 -92.77 -31.86 15.98
N GLU F 81 -92.82 -30.94 15.03
CA GLU F 81 -93.76 -29.83 15.07
C GLU F 81 -94.62 -29.82 13.80
N PRO F 82 -95.91 -29.52 13.92
CA PRO F 82 -96.77 -29.50 12.72
C PRO F 82 -96.39 -28.43 11.72
N GLU F 83 -95.61 -27.43 12.13
CA GLU F 83 -95.13 -26.45 11.16
C GLU F 83 -93.77 -26.81 10.57
N ASP F 84 -93.07 -27.78 11.16
CA ASP F 84 -91.68 -28.01 10.78
C ASP F 84 -91.46 -29.16 9.81
N PHE F 85 -92.51 -29.91 9.42
CA PHE F 85 -92.28 -31.13 8.65
C PHE F 85 -92.38 -30.84 7.15
N ALA F 86 -91.41 -31.35 6.40
CA ALA F 86 -91.35 -31.13 4.96
C ALA F 86 -90.50 -32.22 4.33
N VAL F 87 -90.59 -32.33 3.00
CA VAL F 87 -89.90 -33.39 2.28
C VAL F 87 -88.39 -33.29 2.55
N TYR F 88 -87.76 -34.45 2.78
CA TYR F 88 -86.36 -34.54 3.13
C TYR F 88 -85.59 -35.30 2.06
N PHE F 89 -84.27 -35.12 2.06
CA PHE F 89 -83.40 -35.73 1.05
C PHE F 89 -82.07 -36.09 1.68
N CYS F 90 -81.35 -37.00 1.02
CA CYS F 90 -80.00 -37.39 1.40
C CYS F 90 -79.20 -37.62 0.13
N GLN F 91 -78.07 -36.94 0.01
CA GLN F 91 -77.19 -37.10 -1.14
C GLN F 91 -76.24 -38.27 -0.93
N GLN F 92 -76.00 -39.01 -2.00
CA GLN F 92 -74.89 -39.95 -2.05
C GLN F 92 -73.56 -39.22 -2.20
N SER F 93 -72.49 -39.96 -1.97
CA SER F 93 -71.16 -39.53 -2.31
C SER F 93 -70.32 -40.76 -2.62
N LYS F 94 -69.08 -40.53 -3.02
CA LYS F 94 -68.01 -41.49 -3.20
C LYS F 94 -68.19 -42.32 -4.47
N GLU F 95 -69.39 -42.35 -5.05
CA GLU F 95 -69.63 -43.04 -6.31
C GLU F 95 -70.74 -42.32 -7.05
N VAL F 96 -70.63 -42.27 -8.38
CA VAL F 96 -71.77 -41.94 -9.22
C VAL F 96 -72.06 -40.45 -9.03
N PRO F 97 -72.79 -39.78 -9.91
CA PRO F 97 -73.34 -38.48 -9.54
C PRO F 97 -74.06 -38.59 -8.20
N ARG F 98 -73.75 -37.66 -7.30
CA ARG F 98 -74.14 -37.78 -5.90
C ARG F 98 -75.64 -37.91 -5.69
N ILE F 99 -76.42 -37.47 -6.68
CA ILE F 99 -77.89 -37.55 -6.70
C ILE F 99 -78.47 -37.08 -5.37
N PHE F 100 -79.53 -37.75 -4.93
CA PHE F 100 -80.31 -37.35 -3.76
C PHE F 100 -81.13 -38.53 -3.31
N GLY F 101 -81.99 -38.29 -2.33
CA GLY F 101 -82.98 -39.27 -1.96
C GLY F 101 -84.25 -39.14 -2.77
N GLN F 102 -85.05 -40.20 -2.74
CA GLN F 102 -86.35 -40.19 -3.40
C GLN F 102 -87.32 -39.19 -2.79
N GLY F 103 -86.93 -38.56 -1.69
CA GLY F 103 -87.74 -37.63 -0.95
C GLY F 103 -88.34 -38.26 0.29
N THR F 104 -88.42 -37.48 1.37
CA THR F 104 -88.90 -38.00 2.64
C THR F 104 -89.69 -36.94 3.36
N LYS F 105 -90.94 -37.24 3.73
CA LYS F 105 -91.77 -36.26 4.42
C LYS F 105 -92.57 -36.94 5.50
N VAL F 106 -92.50 -36.40 6.71
CA VAL F 106 -93.19 -36.95 7.87
C VAL F 106 -94.45 -36.13 8.12
N GLU F 107 -95.62 -36.73 7.89
CA GLU F 107 -96.84 -36.03 8.27
C GLU F 107 -97.00 -35.99 9.78
N ILE F 108 -97.82 -35.05 10.23
CA ILE F 108 -98.13 -34.88 11.64
C ILE F 108 -99.62 -34.63 11.77
N LEU F 109 -100.29 -35.45 12.59
CA LEU F 109 -101.74 -35.40 12.73
C LEU F 109 -102.11 -34.28 13.71
N LYS F 110 -103.38 -34.25 14.11
CA LYS F 110 -103.89 -33.27 15.07
C LYS F 110 -103.70 -31.84 14.57
N VAL G 1 -74.69 -18.38 0.76
CA VAL G 1 -75.74 -17.80 1.56
C VAL G 1 -77.03 -17.69 0.76
N LYS G 2 -76.99 -16.93 -0.33
CA LYS G 2 -78.17 -16.68 -1.12
C LYS G 2 -77.86 -16.85 -2.59
N LEU G 3 -78.65 -17.68 -3.26
CA LEU G 3 -78.47 -17.96 -4.68
C LEU G 3 -79.65 -17.38 -5.43
N VAL G 4 -79.41 -16.31 -6.16
CA VAL G 4 -80.43 -15.72 -7.01
C VAL G 4 -80.29 -16.33 -8.40
N GLU G 5 -81.41 -16.59 -9.04
CA GLU G 5 -81.39 -17.29 -10.32
C GLU G 5 -82.04 -16.42 -11.39
N SER G 6 -82.02 -16.92 -12.62
CA SER G 6 -82.71 -16.29 -13.73
C SER G 6 -84.19 -16.64 -13.64
N GLY G 7 -85.03 -15.79 -14.23
CA GLY G 7 -86.46 -15.99 -14.14
C GLY G 7 -86.95 -17.16 -14.97
N GLY G 8 -88.27 -17.29 -15.06
CA GLY G 8 -88.84 -18.37 -15.82
C GLY G 8 -88.62 -18.21 -17.31
N GLY G 9 -88.78 -19.31 -18.03
CA GLY G 9 -88.78 -19.26 -19.49
C GLY G 9 -89.57 -20.41 -20.05
N LEU G 10 -90.12 -20.19 -21.25
CA LEU G 10 -90.89 -21.21 -21.94
C LEU G 10 -90.42 -21.29 -23.38
N VAL G 11 -89.88 -22.45 -23.76
CA VAL G 11 -89.30 -22.65 -25.08
C VAL G 11 -89.92 -23.93 -25.63
N LYS G 12 -89.60 -24.24 -26.89
CA LYS G 12 -89.93 -25.52 -27.48
C LYS G 12 -88.79 -26.51 -27.26
N PRO G 13 -89.07 -27.81 -27.33
CA PRO G 13 -88.00 -28.80 -27.18
C PRO G 13 -86.95 -28.69 -28.26
N GLY G 14 -85.70 -28.95 -27.88
CA GLY G 14 -84.60 -29.09 -28.82
C GLY G 14 -83.61 -27.94 -28.82
N GLY G 15 -83.95 -26.79 -28.24
CA GLY G 15 -83.10 -25.61 -28.31
C GLY G 15 -82.10 -25.53 -27.17
N SER G 16 -81.69 -24.31 -26.88
CA SER G 16 -80.78 -24.01 -25.78
C SER G 16 -81.40 -22.93 -24.91
N LEU G 17 -81.71 -23.28 -23.66
CA LEU G 17 -82.33 -22.35 -22.73
C LEU G 17 -81.28 -21.83 -21.76
N ARG G 18 -80.94 -20.55 -21.90
CA ARG G 18 -79.97 -19.94 -21.02
C ARG G 18 -80.55 -19.68 -19.64
N LEU G 19 -79.69 -19.73 -18.64
CA LEU G 19 -80.04 -19.30 -17.29
C LEU G 19 -78.87 -18.51 -16.71
N SER G 20 -79.08 -17.98 -15.51
CA SER G 20 -78.04 -17.30 -14.77
C SER G 20 -78.28 -17.51 -13.29
N CYS G 21 -77.22 -17.75 -12.53
CA CYS G 21 -77.30 -17.92 -11.08
C CYS G 21 -76.55 -16.77 -10.43
N ALA G 22 -77.28 -15.82 -9.87
CA ALA G 22 -76.67 -14.63 -9.29
C ALA G 22 -76.29 -14.93 -7.84
N ALA G 23 -75.05 -14.64 -7.48
CA ALA G 23 -74.54 -14.94 -6.15
C ALA G 23 -74.62 -13.69 -5.28
N SER G 24 -75.25 -13.83 -4.11
CA SER G 24 -75.34 -12.75 -3.14
C SER G 24 -75.01 -13.31 -1.77
N GLY G 25 -73.93 -12.81 -1.17
CA GLY G 25 -73.55 -13.17 0.17
C GLY G 25 -72.41 -14.14 0.33
N PHE G 26 -71.70 -14.49 -0.74
CA PHE G 26 -70.56 -15.39 -0.64
C PHE G 26 -69.61 -15.12 -1.79
N THR G 27 -68.40 -15.66 -1.65
CA THR G 27 -67.43 -15.64 -2.75
C THR G 27 -67.77 -16.76 -3.73
N PHE G 28 -68.08 -16.37 -4.96
CA PHE G 28 -68.58 -17.32 -5.96
C PHE G 28 -67.47 -18.24 -6.45
N THR G 29 -66.22 -17.83 -6.29
CA THR G 29 -65.10 -18.67 -6.70
C THR G 29 -64.83 -19.74 -5.65
N ASN G 30 -64.88 -19.37 -4.37
CA ASN G 30 -64.52 -20.28 -3.29
C ASN G 30 -65.44 -21.49 -3.24
N TYR G 31 -66.52 -21.47 -3.98
CA TYR G 31 -67.55 -22.49 -3.91
C TYR G 31 -67.75 -23.09 -5.29
N GLY G 32 -67.51 -24.40 -5.39
CA GLY G 32 -67.98 -25.13 -6.55
C GLY G 32 -69.47 -24.90 -6.65
N MET G 33 -69.97 -24.74 -7.86
CA MET G 33 -71.37 -24.37 -8.05
C MET G 33 -72.07 -25.45 -8.86
N SER G 34 -73.37 -25.27 -9.06
CA SER G 34 -74.15 -26.30 -9.72
C SER G 34 -75.47 -25.71 -10.20
N TRP G 35 -76.21 -26.55 -10.92
CA TRP G 35 -77.64 -26.34 -11.19
C TRP G 35 -78.31 -27.69 -10.96
N VAL G 36 -79.17 -27.75 -9.95
CA VAL G 36 -79.87 -28.97 -9.59
C VAL G 36 -81.35 -28.77 -9.87
N ARG G 37 -82.00 -29.78 -10.40
CA ARG G 37 -83.42 -29.69 -10.70
C ARG G 37 -84.25 -30.43 -9.68
N GLN G 38 -85.34 -29.81 -9.28
CA GLN G 38 -86.46 -30.51 -8.68
C GLN G 38 -87.57 -30.54 -9.72
N ALA G 39 -87.78 -31.70 -10.29
CA ALA G 39 -88.77 -31.86 -11.34
C ALA G 39 -90.14 -32.12 -10.74
N PRO G 40 -91.21 -31.78 -11.46
CA PRO G 40 -92.57 -32.00 -10.93
C PRO G 40 -92.80 -33.46 -10.60
N GLY G 41 -93.26 -33.71 -9.38
CA GLY G 41 -93.52 -35.08 -8.94
C GLY G 41 -92.30 -35.97 -8.98
N LYS G 42 -91.11 -35.41 -8.76
CA LYS G 42 -89.87 -36.15 -8.86
C LYS G 42 -88.99 -35.84 -7.65
N ARG G 43 -87.95 -36.65 -7.50
CA ARG G 43 -86.91 -36.37 -6.52
C ARG G 43 -86.01 -35.25 -7.03
N LEU G 44 -85.26 -34.65 -6.10
CA LEU G 44 -84.18 -33.76 -6.51
C LEU G 44 -83.18 -34.53 -7.35
N GLU G 45 -82.87 -33.97 -8.51
CA GLU G 45 -81.88 -34.53 -9.42
C GLU G 45 -80.71 -33.57 -9.50
N TRP G 46 -79.57 -33.99 -8.98
CA TRP G 46 -78.33 -33.26 -9.23
C TRP G 46 -77.99 -33.40 -10.70
N VAL G 47 -77.88 -32.27 -11.39
CA VAL G 47 -77.75 -32.30 -12.85
C VAL G 47 -76.47 -31.61 -13.26
N ALA G 48 -76.39 -30.31 -13.03
CA ALA G 48 -75.37 -29.46 -13.60
C ALA G 48 -74.36 -29.09 -12.53
N GLU G 49 -73.13 -28.83 -12.95
CA GLU G 49 -72.06 -28.62 -11.98
C GLU G 49 -71.04 -27.62 -12.51
N ILE G 50 -70.30 -27.03 -11.56
CA ILE G 50 -69.00 -26.45 -11.85
C ILE G 50 -68.21 -26.47 -10.54
N SER G 51 -66.89 -26.64 -10.67
CA SER G 51 -66.04 -26.73 -9.48
C SER G 51 -65.59 -25.33 -9.05
N SER G 52 -64.89 -25.27 -7.92
CA SER G 52 -64.51 -23.97 -7.37
C SER G 52 -63.24 -23.45 -8.04
N GLY G 53 -62.10 -24.08 -7.78
CA GLY G 53 -60.84 -23.69 -8.34
C GLY G 53 -60.50 -24.31 -9.67
N GLY G 54 -61.50 -24.84 -10.38
CA GLY G 54 -61.30 -25.44 -11.68
C GLY G 54 -62.61 -25.43 -12.45
N SER G 55 -62.59 -26.11 -13.60
CA SER G 55 -63.78 -26.27 -14.42
C SER G 55 -64.17 -27.74 -14.44
N TYR G 56 -65.29 -28.07 -13.79
CA TYR G 56 -65.73 -29.44 -13.67
C TYR G 56 -66.88 -29.76 -14.63
N THR G 57 -68.03 -29.12 -14.45
CA THR G 57 -69.15 -29.13 -15.40
C THR G 57 -69.49 -30.51 -15.92
N TYR G 58 -69.32 -31.52 -15.07
CA TYR G 58 -69.87 -32.83 -15.35
C TYR G 58 -71.34 -32.92 -14.93
N TYR G 59 -72.06 -33.84 -15.54
CA TYR G 59 -73.47 -34.03 -15.29
C TYR G 59 -73.71 -35.48 -14.89
N PRO G 60 -74.95 -35.89 -14.62
CA PRO G 60 -75.30 -37.28 -14.88
C PRO G 60 -75.14 -37.54 -16.35
N ASP G 61 -74.43 -38.62 -16.69
CA ASP G 61 -74.11 -38.80 -18.09
C ASP G 61 -75.36 -39.21 -18.84
N THR G 62 -75.82 -40.45 -18.64
CA THR G 62 -77.17 -40.86 -19.01
C THR G 62 -77.54 -40.32 -20.38
N VAL G 63 -78.63 -39.55 -20.43
CA VAL G 63 -78.83 -38.55 -21.46
C VAL G 63 -78.31 -37.24 -20.88
N THR G 64 -77.22 -36.73 -21.44
CA THR G 64 -76.59 -35.55 -20.87
C THR G 64 -77.57 -34.39 -20.84
N GLY G 65 -77.76 -33.82 -19.64
CA GLY G 65 -78.43 -32.54 -19.57
C GLY G 65 -77.79 -31.54 -20.51
N ARG G 66 -76.46 -31.63 -20.67
CA ARG G 66 -75.68 -30.95 -21.70
C ARG G 66 -75.74 -29.45 -21.52
N PHE G 67 -76.49 -28.97 -20.55
CA PHE G 67 -76.77 -27.55 -20.39
C PHE G 67 -75.47 -26.78 -20.22
N THR G 68 -75.25 -25.77 -21.07
CA THR G 68 -73.99 -25.05 -21.06
C THR G 68 -73.82 -24.32 -19.74
N ILE G 69 -72.70 -24.56 -19.09
CA ILE G 69 -72.38 -23.96 -17.80
C ILE G 69 -71.14 -23.11 -17.98
N SER G 70 -71.21 -21.87 -17.53
CA SER G 70 -70.03 -21.04 -17.45
C SER G 70 -70.15 -20.14 -16.24
N ARG G 71 -69.07 -19.42 -15.98
CA ARG G 71 -68.98 -18.53 -14.83
C ARG G 71 -68.47 -17.17 -15.27
N ASP G 72 -69.08 -16.14 -14.73
CA ASP G 72 -68.45 -14.83 -14.65
C ASP G 72 -68.22 -14.56 -13.18
N ASN G 73 -66.96 -14.66 -12.75
CA ASN G 73 -66.66 -14.49 -11.34
C ASN G 73 -66.67 -13.02 -10.92
N ALA G 74 -66.67 -12.10 -11.89
CA ALA G 74 -67.00 -10.71 -11.57
C ALA G 74 -68.48 -10.57 -11.29
N LYS G 75 -69.33 -11.11 -12.18
CA LYS G 75 -70.75 -11.18 -11.89
C LYS G 75 -71.07 -12.12 -10.75
N ASN G 76 -70.15 -13.03 -10.41
CA ASN G 76 -70.45 -14.14 -9.50
C ASN G 76 -71.63 -14.95 -10.00
N THR G 77 -71.83 -14.99 -11.32
CA THR G 77 -73.05 -15.53 -11.90
C THR G 77 -72.76 -16.83 -12.64
N LEU G 78 -73.36 -17.91 -12.16
CA LEU G 78 -73.30 -19.19 -12.83
C LEU G 78 -74.41 -19.28 -13.86
N TYR G 79 -74.09 -19.82 -15.02
CA TYR G 79 -75.04 -19.89 -16.13
C TYR G 79 -75.47 -21.32 -16.36
N LEU G 80 -76.72 -21.49 -16.75
CA LEU G 80 -77.19 -22.77 -17.23
C LEU G 80 -77.84 -22.52 -18.59
N GLN G 81 -77.20 -22.97 -19.64
CA GLN G 81 -77.73 -22.81 -21.00
C GLN G 81 -78.04 -24.19 -21.51
N MET G 82 -79.31 -24.55 -21.55
CA MET G 82 -79.70 -25.95 -21.54
C MET G 82 -79.80 -26.47 -22.95
N ASN G 83 -78.84 -27.30 -23.33
CA ASN G 83 -78.76 -27.85 -24.67
C ASN G 83 -79.56 -29.15 -24.73
N SER G 84 -80.15 -29.40 -25.90
CA SER G 84 -81.10 -30.49 -26.09
C SER G 84 -82.30 -30.31 -25.17
N LEU G 85 -83.02 -29.21 -25.40
CA LEU G 85 -84.24 -28.94 -24.65
C LEU G 85 -85.31 -29.97 -25.01
N ARG G 86 -86.20 -30.21 -24.05
CA ARG G 86 -87.29 -31.15 -24.28
C ARG G 86 -88.43 -30.82 -23.34
N ALA G 87 -89.54 -31.55 -23.52
CA ALA G 87 -90.72 -31.30 -22.71
C ALA G 87 -90.50 -31.70 -21.26
N GLU G 88 -89.66 -32.71 -21.02
CA GLU G 88 -89.38 -33.12 -19.65
C GLU G 88 -88.59 -32.07 -18.90
N ASP G 89 -87.86 -31.23 -19.63
CA ASP G 89 -87.09 -30.15 -18.99
C ASP G 89 -87.96 -29.19 -18.21
N THR G 90 -89.28 -29.24 -18.39
CA THR G 90 -90.18 -28.50 -17.51
C THR G 90 -89.94 -28.94 -16.07
N ALA G 91 -89.60 -27.97 -15.21
CA ALA G 91 -89.21 -28.26 -13.83
C ALA G 91 -88.85 -26.98 -13.10
N VAL G 92 -88.52 -27.10 -11.82
CA VAL G 92 -88.00 -25.99 -11.03
C VAL G 92 -86.53 -26.26 -10.81
N TYR G 93 -85.68 -25.48 -11.45
CA TYR G 93 -84.23 -25.68 -11.38
C TYR G 93 -83.65 -24.86 -10.25
N TYR G 94 -82.71 -25.48 -9.53
CA TYR G 94 -82.01 -24.82 -8.44
C TYR G 94 -80.54 -24.83 -8.75
N CYS G 95 -79.96 -23.68 -9.04
CA CYS G 95 -78.52 -23.59 -8.98
C CYS G 95 -78.13 -23.65 -7.52
N ALA G 96 -77.27 -24.60 -7.18
CA ALA G 96 -76.95 -24.81 -5.78
C ALA G 96 -75.50 -24.43 -5.52
N ARG G 97 -75.13 -24.46 -4.25
CA ARG G 97 -73.79 -24.09 -3.85
C ARG G 97 -73.32 -25.06 -2.78
N PHE G 98 -72.09 -25.53 -2.92
CA PHE G 98 -71.61 -26.58 -2.06
C PHE G 98 -70.99 -26.00 -0.80
N ARG G 99 -70.60 -26.90 0.09
CA ARG G 99 -69.87 -26.50 1.28
C ARG G 99 -68.38 -26.59 0.96
N TYR G 100 -67.54 -26.20 1.91
CA TYR G 100 -66.15 -26.59 1.81
C TYR G 100 -66.03 -28.10 1.98
N GLY G 101 -64.91 -28.63 1.52
CA GLY G 101 -64.72 -30.05 1.34
C GLY G 101 -65.11 -30.94 2.48
N GLY G 102 -65.66 -32.11 2.14
CA GLY G 102 -66.17 -33.07 3.12
C GLY G 102 -67.09 -34.06 2.42
N GLY G 103 -67.99 -34.65 3.22
CA GLY G 103 -69.00 -35.55 2.72
C GLY G 103 -70.12 -34.91 1.96
N GLY G 104 -69.98 -33.62 1.65
CA GLY G 104 -71.02 -32.82 1.04
C GLY G 104 -70.41 -31.45 0.82
N THR G 105 -71.26 -30.42 0.72
CA THR G 105 -72.69 -30.53 0.86
C THR G 105 -73.27 -29.65 -0.21
N VAL G 106 -74.57 -29.41 -0.14
CA VAL G 106 -75.17 -28.22 -0.72
C VAL G 106 -75.68 -27.39 0.45
N ASP G 107 -75.01 -26.28 0.72
CA ASP G 107 -75.36 -25.49 1.90
C ASP G 107 -76.66 -24.72 1.68
N TYR G 108 -76.60 -23.72 0.83
CA TYR G 108 -77.77 -22.91 0.50
C TYR G 108 -78.25 -23.29 -0.89
N TRP G 109 -79.27 -22.58 -1.36
CA TRP G 109 -79.95 -22.99 -2.58
C TRP G 109 -80.42 -21.75 -3.32
N GLY G 110 -80.69 -21.93 -4.60
CA GLY G 110 -81.45 -20.95 -5.33
C GLY G 110 -82.90 -20.95 -4.91
N GLN G 111 -83.61 -19.91 -5.31
CA GLN G 111 -85.05 -19.86 -5.05
C GLN G 111 -85.83 -20.73 -6.02
N GLY G 112 -85.15 -21.35 -6.97
CA GLY G 112 -85.76 -22.13 -8.01
C GLY G 112 -85.87 -21.36 -9.30
N THR G 113 -85.70 -22.05 -10.42
CA THR G 113 -85.92 -21.48 -11.73
C THR G 113 -87.10 -22.21 -12.34
N LEU G 114 -88.24 -21.54 -12.42
CA LEU G 114 -89.38 -22.12 -13.09
C LEU G 114 -89.07 -22.28 -14.55
N VAL G 115 -89.20 -23.49 -15.06
CA VAL G 115 -88.89 -23.79 -16.46
C VAL G 115 -89.99 -24.67 -17.01
N THR G 116 -90.53 -24.28 -18.16
CA THR G 116 -91.57 -25.03 -18.83
C THR G 116 -91.24 -25.09 -20.31
N VAL G 117 -91.04 -26.29 -20.82
CA VAL G 117 -90.87 -26.52 -22.25
C VAL G 117 -91.99 -27.43 -22.71
N SER G 118 -92.84 -26.92 -23.58
CA SER G 118 -94.02 -27.63 -24.05
C SER G 118 -94.57 -26.87 -25.24
N SER G 119 -95.73 -27.30 -25.74
CA SER G 119 -96.40 -26.64 -26.84
C SER G 119 -97.19 -25.43 -26.35
N ILE H 1 -59.83 4.17 24.38
CA ILE H 1 -61.11 4.42 25.03
C ILE H 1 -61.39 3.33 26.04
N VAL H 2 -62.52 2.64 25.85
CA VAL H 2 -62.88 1.46 26.62
C VAL H 2 -63.35 0.41 25.62
N LEU H 3 -63.02 -0.85 25.88
CA LEU H 3 -63.40 -1.90 24.96
C LEU H 3 -64.12 -3.00 25.72
N THR H 4 -64.79 -3.87 24.97
CA THR H 4 -65.45 -5.05 25.50
C THR H 4 -64.98 -6.26 24.71
N GLN H 5 -64.91 -7.41 25.37
CA GLN H 5 -64.49 -8.63 24.72
C GLN H 5 -65.59 -9.68 24.83
N SER H 6 -65.48 -10.70 23.98
CA SER H 6 -66.27 -11.90 24.17
C SER H 6 -65.84 -12.54 25.49
N PRO H 7 -66.70 -12.57 26.50
CA PRO H 7 -66.24 -13.01 27.83
C PRO H 7 -65.75 -14.45 27.85
N THR H 8 -66.53 -15.38 27.31
CA THR H 8 -66.20 -16.79 27.40
C THR H 8 -66.75 -17.53 26.18
N LEU H 9 -66.22 -18.73 25.98
CA LEU H 9 -66.79 -19.72 25.09
C LEU H 9 -66.64 -21.09 25.74
N SER H 10 -67.49 -22.03 25.32
CA SER H 10 -67.41 -23.42 25.74
C SER H 10 -67.48 -24.28 24.49
N LEU H 11 -66.42 -25.04 24.22
CA LEU H 11 -66.24 -25.68 22.93
C LEU H 11 -65.59 -27.04 23.15
N SER H 12 -65.13 -27.65 22.06
CA SER H 12 -64.52 -28.96 22.07
C SER H 12 -63.16 -28.90 21.39
N PRO H 13 -62.30 -29.89 21.61
CA PRO H 13 -60.99 -29.88 20.95
C PRO H 13 -61.12 -29.89 19.43
N GLY H 14 -60.08 -29.39 18.78
CA GLY H 14 -60.06 -29.33 17.33
C GLY H 14 -61.14 -28.45 16.75
N GLU H 15 -61.27 -27.24 17.28
CA GLU H 15 -62.33 -26.32 16.88
C GLU H 15 -61.78 -24.90 16.82
N ARG H 16 -62.57 -24.02 16.24
CA ARG H 16 -62.24 -22.60 16.17
C ARG H 16 -62.80 -21.87 17.38
N ALA H 17 -62.03 -20.91 17.88
CA ALA H 17 -62.47 -20.04 18.96
C ALA H 17 -62.60 -18.63 18.39
N THR H 18 -63.84 -18.15 18.28
CA THR H 18 -64.13 -16.81 17.74
C THR H 18 -64.26 -15.84 18.91
N LEU H 19 -63.32 -14.91 19.00
CA LEU H 19 -63.23 -14.01 20.14
C LEU H 19 -63.33 -12.57 19.64
N SER H 20 -64.42 -11.90 20.00
CA SER H 20 -64.66 -10.54 19.56
C SER H 20 -64.11 -9.55 20.59
N CYS H 21 -63.21 -8.68 20.15
CA CYS H 21 -62.74 -7.56 20.96
C CYS H 21 -63.51 -6.34 20.47
N ARG H 22 -64.47 -5.88 21.28
CA ARG H 22 -65.42 -4.86 20.88
C ARG H 22 -65.02 -3.54 21.55
N ALA H 23 -64.57 -2.59 20.75
CA ALA H 23 -64.09 -1.33 21.26
C ALA H 23 -65.20 -0.30 21.27
N SER H 24 -65.45 0.30 22.43
CA SER H 24 -66.31 1.45 22.50
C SER H 24 -65.51 2.69 22.07
N GLU H 25 -66.24 3.69 21.57
CA GLU H 25 -65.64 4.91 21.00
C GLU H 25 -64.70 4.48 19.88
N SER H 26 -63.40 4.72 19.99
CA SER H 26 -62.47 4.53 18.88
C SER H 26 -62.57 3.12 18.30
N VAL H 27 -62.55 3.06 16.97
CA VAL H 27 -62.63 1.80 16.23
C VAL H 27 -61.29 1.60 15.54
N ASP H 28 -60.49 0.66 16.04
CA ASP H 28 -59.25 0.22 15.41
C ASP H 28 -58.30 1.38 15.15
N ASN H 29 -58.02 1.69 13.88
CA ASN H 29 -56.93 2.57 13.53
C ASN H 29 -57.29 3.49 12.36
N TYR H 30 -56.68 4.68 12.39
CA TYR H 30 -56.63 5.53 11.21
C TYR H 30 -55.77 4.90 10.13
N GLY H 31 -54.63 4.34 10.51
CA GLY H 31 -53.79 3.62 9.58
C GLY H 31 -54.30 2.21 9.33
N ILE H 32 -55.54 1.96 9.77
CA ILE H 32 -56.34 0.82 9.33
C ILE H 32 -55.97 -0.44 10.12
N SER H 33 -54.89 -0.39 10.90
CA SER H 33 -54.49 -1.54 11.71
C SER H 33 -54.18 -1.10 13.14
N PHE H 34 -54.97 -1.56 14.11
CA PHE H 34 -54.72 -1.34 15.55
C PHE H 34 -55.46 -2.39 16.37
N MET H 35 -55.61 -2.09 17.65
CA MET H 35 -55.93 -2.98 18.78
C MET H 35 -54.81 -4.02 18.86
N ASN H 36 -55.09 -5.26 19.25
CA ASN H 36 -54.09 -6.14 19.81
C ASN H 36 -54.70 -7.48 20.18
N TRP H 37 -53.88 -8.41 20.66
CA TRP H 37 -54.35 -9.59 21.35
C TRP H 37 -53.33 -9.99 22.40
N PHE H 38 -53.82 -10.47 23.53
CA PHE H 38 -52.98 -10.84 24.66
C PHE H 38 -53.66 -11.97 25.40
N GLN H 39 -52.87 -12.71 26.16
CA GLN H 39 -53.38 -13.86 26.89
C GLN H 39 -52.73 -13.91 28.26
N GLN H 40 -53.55 -14.06 29.30
CA GLN H 40 -53.05 -14.33 30.64
C GLN H 40 -53.60 -15.67 31.10
N LYS H 41 -52.69 -16.62 31.33
CA LYS H 41 -53.11 -17.95 31.73
C LYS H 41 -53.37 -18.01 33.23
N PRO H 42 -54.37 -18.79 33.65
CA PRO H 42 -54.69 -18.88 35.08
C PRO H 42 -53.51 -19.38 35.88
N GLY H 43 -53.18 -18.66 36.95
CA GLY H 43 -51.98 -18.96 37.72
C GLY H 43 -50.72 -18.68 36.93
N GLN H 44 -50.78 -17.75 35.98
CA GLN H 44 -49.66 -17.48 35.10
C GLN H 44 -49.67 -16.01 34.72
N ALA H 45 -48.48 -15.49 34.42
CA ALA H 45 -48.35 -14.12 33.97
C ALA H 45 -49.07 -13.94 32.64
N PRO H 46 -49.42 -12.69 32.29
CA PRO H 46 -49.99 -12.44 30.97
C PRO H 46 -48.97 -12.73 29.89
N ARG H 47 -49.46 -12.84 28.67
CA ARG H 47 -48.62 -13.18 27.54
C ARG H 47 -49.15 -12.52 26.28
N LEU H 48 -48.23 -12.04 25.45
CA LEU H 48 -48.60 -11.46 24.17
C LEU H 48 -49.30 -12.50 23.29
N LEU H 49 -50.20 -12.02 22.43
CA LEU H 49 -50.72 -12.86 21.37
C LEU H 49 -50.50 -12.20 20.02
N ILE H 50 -51.35 -11.21 19.71
CA ILE H 50 -51.38 -10.59 18.40
C ILE H 50 -51.45 -9.08 18.62
N TYR H 51 -50.96 -8.32 17.64
CA TYR H 51 -51.10 -6.88 17.66
C TYR H 51 -51.66 -6.44 16.32
N ALA H 52 -52.64 -5.54 16.36
CA ALA H 52 -53.46 -5.18 15.22
C ALA H 52 -54.21 -6.38 14.66
N ALA H 53 -54.32 -7.44 15.47
CA ALA H 53 -55.20 -8.59 15.23
C ALA H 53 -54.82 -9.39 13.98
N SER H 54 -54.05 -8.78 13.08
CA SER H 54 -53.68 -9.38 11.81
C SER H 54 -52.27 -9.96 11.79
N ASN H 55 -51.55 -9.93 12.90
CA ASN H 55 -50.11 -9.76 12.85
C ASN H 55 -49.47 -10.60 13.95
N GLN H 56 -48.24 -10.25 14.30
CA GLN H 56 -47.29 -11.00 15.13
C GLN H 56 -46.87 -12.25 14.36
N GLY H 57 -46.79 -13.41 14.97
CA GLY H 57 -46.04 -14.44 14.28
C GLY H 57 -45.40 -15.41 15.27
N SER H 58 -44.26 -15.94 14.85
CA SER H 58 -43.50 -16.92 15.61
C SER H 58 -43.32 -16.48 17.05
N GLY H 59 -43.41 -17.44 17.97
CA GLY H 59 -43.60 -17.18 19.37
C GLY H 59 -45.05 -17.17 19.80
N ILE H 60 -45.96 -16.93 18.86
CA ILE H 60 -47.39 -17.04 19.08
C ILE H 60 -47.88 -18.14 18.14
N PRO H 61 -48.30 -19.29 18.65
CA PRO H 61 -48.56 -20.45 17.78
C PRO H 61 -49.58 -20.17 16.70
N SER H 62 -49.52 -20.99 15.65
CA SER H 62 -50.34 -20.79 14.46
C SER H 62 -51.82 -20.80 14.78
N ARG H 63 -52.23 -21.52 15.82
CA ARG H 63 -53.65 -21.58 16.17
C ARG H 63 -54.19 -20.17 16.39
N PHE H 64 -53.39 -19.28 16.96
CA PHE H 64 -53.82 -17.90 17.13
C PHE H 64 -53.91 -17.24 15.76
N SER H 65 -55.10 -16.74 15.44
CA SER H 65 -55.35 -16.11 14.14
C SER H 65 -56.57 -15.22 14.30
N GLY H 66 -56.77 -14.37 13.30
CA GLY H 66 -57.99 -13.60 13.23
C GLY H 66 -57.73 -12.24 12.61
N SER H 67 -58.70 -11.37 12.77
CA SER H 67 -58.62 -10.00 12.28
C SER H 67 -59.58 -9.15 13.08
N GLY H 68 -59.80 -7.92 12.63
CA GLY H 68 -60.79 -7.07 13.26
C GLY H 68 -61.32 -6.06 12.26
N SER H 69 -62.54 -5.61 12.51
CA SER H 69 -63.21 -4.65 11.65
C SER H 69 -63.71 -3.52 12.53
N GLY H 70 -63.10 -2.34 12.39
CA GLY H 70 -63.47 -1.21 13.21
C GLY H 70 -63.37 -1.51 14.69
N THR H 71 -64.48 -1.36 15.39
CA THR H 71 -64.53 -1.67 16.81
C THR H 71 -64.15 -3.13 17.06
N ASP H 72 -64.88 -4.04 16.44
CA ASP H 72 -64.73 -5.46 16.76
C ASP H 72 -63.41 -6.00 16.24
N PHE H 73 -62.75 -6.79 17.07
CA PHE H 73 -61.57 -7.54 16.68
C PHE H 73 -61.85 -9.02 16.93
N SER H 74 -61.70 -9.83 15.88
CA SER H 74 -62.04 -11.24 15.94
C SER H 74 -60.75 -12.03 16.12
N LEU H 75 -60.57 -12.63 17.29
CA LEU H 75 -59.48 -13.56 17.52
C LEU H 75 -59.99 -14.95 17.23
N THR H 76 -59.50 -15.56 16.16
CA THR H 76 -59.97 -16.85 15.69
C THR H 76 -58.86 -17.87 15.91
N ILE H 77 -59.05 -18.76 16.89
CA ILE H 77 -58.04 -19.74 17.26
C ILE H 77 -58.55 -21.10 16.80
N SER H 78 -57.93 -21.63 15.75
CA SER H 78 -58.36 -22.89 15.15
C SER H 78 -57.79 -24.07 15.92
N SER H 79 -58.51 -25.19 15.87
CA SER H 79 -58.09 -26.47 16.44
C SER H 79 -57.70 -26.30 17.91
N LEU H 80 -58.72 -26.03 18.72
CA LEU H 80 -58.50 -25.80 20.15
C LEU H 80 -57.99 -27.05 20.84
N GLU H 81 -57.22 -26.85 21.90
CA GLU H 81 -56.72 -27.94 22.71
C GLU H 81 -57.13 -27.73 24.17
N PRO H 82 -57.50 -28.80 24.87
CA PRO H 82 -57.91 -28.64 26.27
C PRO H 82 -56.79 -28.19 27.18
N GLU H 83 -55.54 -28.28 26.75
CA GLU H 83 -54.44 -27.73 27.55
C GLU H 83 -54.11 -26.30 27.17
N ASP H 84 -54.60 -25.80 26.03
CA ASP H 84 -54.13 -24.53 25.49
C ASP H 84 -55.03 -23.34 25.79
N PHE H 85 -56.19 -23.52 26.42
CA PHE H 85 -57.14 -22.42 26.53
C PHE H 85 -56.94 -21.68 27.84
N ALA H 86 -56.93 -20.35 27.74
CA ALA H 86 -56.71 -19.50 28.91
C ALA H 86 -57.25 -18.10 28.61
N VAL H 87 -57.39 -17.31 29.67
CA VAL H 87 -57.97 -15.97 29.52
C VAL H 87 -57.16 -15.16 28.53
N TYR H 88 -57.86 -14.43 27.66
CA TYR H 88 -57.25 -13.64 26.59
C TYR H 88 -57.54 -12.16 26.77
N PHE H 89 -56.74 -11.32 26.13
CA PHE H 89 -56.85 -9.88 26.26
C PHE H 89 -56.50 -9.22 24.93
N CYS H 90 -56.95 -7.98 24.77
CA CYS H 90 -56.63 -7.14 23.63
C CYS H 90 -56.44 -5.72 24.12
N GLN H 91 -55.30 -5.12 23.80
CA GLN H 91 -55.02 -3.74 24.17
C GLN H 91 -55.56 -2.78 23.13
N GLN H 92 -56.10 -1.67 23.62
CA GLN H 92 -56.38 -0.52 22.77
C GLN H 92 -55.09 0.20 22.39
N SER H 93 -55.21 1.07 21.40
CA SER H 93 -54.18 2.03 21.07
C SER H 93 -54.85 3.27 20.49
N LYS H 94 -54.03 4.28 20.20
CA LYS H 94 -54.36 5.49 19.46
C LYS H 94 -55.18 6.47 20.30
N GLU H 95 -55.80 6.02 21.40
CA GLU H 95 -56.51 6.91 22.31
C GLU H 95 -56.43 6.33 23.70
N VAL H 96 -56.34 7.21 24.70
CA VAL H 96 -56.62 6.83 26.08
C VAL H 96 -55.46 5.95 26.54
N PRO H 97 -55.23 5.75 27.83
CA PRO H 97 -54.36 4.64 28.23
C PRO H 97 -54.81 3.36 27.55
N ARG H 98 -53.84 2.66 26.96
CA ARG H 98 -54.13 1.56 26.03
C ARG H 98 -54.97 0.46 26.65
N ILE H 99 -54.99 0.36 27.98
CA ILE H 99 -55.76 -0.58 28.77
C ILE H 99 -55.65 -1.99 28.19
N PHE H 100 -56.74 -2.75 28.22
CA PHE H 100 -56.76 -4.15 27.83
C PHE H 100 -58.20 -4.54 27.57
N GLY H 101 -58.40 -5.83 27.34
CA GLY H 101 -59.74 -6.36 27.27
C GLY H 101 -60.25 -6.78 28.64
N GLN H 102 -61.57 -6.94 28.74
CA GLN H 102 -62.20 -7.41 29.95
C GLN H 102 -61.80 -8.84 30.30
N GLY H 103 -61.06 -9.51 29.43
CA GLY H 103 -60.64 -10.88 29.59
C GLY H 103 -61.47 -11.81 28.74
N THR H 104 -60.84 -12.83 28.18
CA THR H 104 -61.51 -13.76 27.28
C THR H 104 -60.97 -15.16 27.47
N LYS H 105 -61.85 -16.12 27.77
CA LYS H 105 -61.39 -17.49 27.98
C LYS H 105 -62.38 -18.46 27.37
N VAL H 106 -61.86 -19.38 26.55
CA VAL H 106 -62.68 -20.36 25.85
C VAL H 106 -62.57 -21.68 26.59
N GLU H 107 -63.66 -22.11 27.21
CA GLU H 107 -63.66 -23.44 27.79
C GLU H 107 -63.70 -24.51 26.72
N ILE H 108 -63.28 -25.71 27.09
CA ILE H 108 -63.27 -26.87 26.21
C ILE H 108 -63.78 -28.06 27.00
N LEU H 109 -64.82 -28.71 26.46
CA LEU H 109 -65.48 -29.81 27.15
C LEU H 109 -64.69 -31.10 26.93
N LYS H 110 -65.28 -32.23 27.31
CA LYS H 110 -64.67 -33.55 27.14
C LYS H 110 -63.34 -33.65 27.87
N VAL I 1 -37.27 -10.08 27.62
CA VAL I 1 -37.26 -11.52 27.80
C VAL I 1 -37.82 -11.90 29.16
N LYS I 2 -37.19 -11.41 30.23
CA LYS I 2 -37.58 -11.79 31.56
C LYS I 2 -37.64 -10.55 32.43
N LEU I 3 -38.78 -10.36 33.10
CA LEU I 3 -39.00 -9.21 33.96
C LEU I 3 -39.10 -9.72 35.40
N VAL I 4 -38.09 -9.45 36.19
CA VAL I 4 -38.10 -9.79 37.61
C VAL I 4 -38.63 -8.58 38.36
N GLU I 5 -39.44 -8.83 39.38
CA GLU I 5 -40.08 -7.74 40.09
C GLU I 5 -39.70 -7.77 41.56
N SER I 6 -40.18 -6.78 42.30
CA SER I 6 -40.00 -6.74 43.74
C SER I 6 -41.03 -7.68 44.38
N GLY I 7 -40.73 -8.15 45.58
CA GLY I 7 -41.59 -9.10 46.24
C GLY I 7 -42.89 -8.49 46.73
N GLY I 8 -43.65 -9.27 47.49
CA GLY I 8 -44.92 -8.77 48.00
C GLY I 8 -44.73 -7.70 49.06
N GLY I 9 -45.79 -6.97 49.31
CA GLY I 9 -45.80 -6.04 50.43
C GLY I 9 -47.22 -5.79 50.89
N LEU I 10 -47.36 -5.46 52.17
CA LEU I 10 -48.65 -5.18 52.77
C LEU I 10 -48.56 -3.89 53.57
N VAL I 11 -49.30 -2.88 53.15
CA VAL I 11 -49.26 -1.56 53.75
C VAL I 11 -50.70 -1.17 54.08
N LYS I 12 -50.87 -0.02 54.74
CA LYS I 12 -52.16 0.59 54.91
C LYS I 12 -52.45 1.56 53.78
N PRO I 13 -53.73 1.86 53.53
CA PRO I 13 -54.06 2.82 52.48
C PRO I 13 -53.49 4.20 52.76
N GLY I 14 -53.10 4.89 51.68
CA GLY I 14 -52.71 6.28 51.73
C GLY I 14 -51.23 6.56 51.59
N GLY I 15 -50.37 5.55 51.73
CA GLY I 15 -48.93 5.75 51.73
C GLY I 15 -48.32 5.65 50.35
N SER I 16 -47.04 5.32 50.33
CA SER I 16 -46.29 5.11 49.09
C SER I 16 -45.61 3.75 49.15
N LEU I 17 -46.02 2.84 48.26
CA LEU I 17 -45.48 1.49 48.22
C LEU I 17 -44.47 1.39 47.09
N ARG I 18 -43.19 1.27 47.45
CA ARG I 18 -42.14 1.14 46.46
C ARG I 18 -42.14 -0.25 45.84
N LEU I 19 -41.73 -0.32 44.58
CA LEU I 19 -41.46 -1.57 43.90
C LEU I 19 -40.18 -1.44 43.10
N SER I 20 -39.77 -2.55 42.50
CA SER I 20 -38.63 -2.56 41.59
C SER I 20 -38.88 -3.63 40.53
N CYS I 21 -38.53 -3.32 39.29
CA CYS I 21 -38.66 -4.26 38.18
C CYS I 21 -37.26 -4.58 37.67
N ALA I 22 -36.77 -5.77 37.98
CA ALA I 22 -35.41 -6.15 37.62
C ALA I 22 -35.42 -6.75 36.22
N ALA I 23 -34.54 -6.25 35.35
CA ALA I 23 -34.49 -6.66 33.96
C ALA I 23 -33.42 -7.72 33.78
N SER I 24 -33.80 -8.86 33.20
CA SER I 24 -32.86 -9.94 32.90
C SER I 24 -33.12 -10.41 31.48
N GLY I 25 -32.13 -10.23 30.61
CA GLY I 25 -32.20 -10.75 29.25
C GLY I 25 -32.48 -9.74 28.16
N PHE I 26 -32.49 -8.44 28.46
CA PHE I 26 -32.71 -7.43 27.43
C PHE I 26 -32.06 -6.13 27.87
N THR I 27 -31.93 -5.21 26.91
CA THR I 27 -31.48 -3.87 27.21
C THR I 27 -32.66 -3.06 27.75
N PHE I 28 -32.53 -2.59 28.99
CA PHE I 28 -33.63 -1.96 29.68
C PHE I 28 -33.92 -0.57 29.12
N THR I 29 -32.94 0.04 28.45
CA THR I 29 -33.14 1.34 27.84
C THR I 29 -33.90 1.22 26.53
N ASN I 30 -33.54 0.21 25.73
CA ASN I 30 -34.12 0.07 24.39
C ASN I 30 -35.61 -0.17 24.43
N TYR I 31 -36.16 -0.42 25.62
CA TYR I 31 -37.55 -0.79 25.77
C TYR I 31 -38.23 0.17 26.71
N GLY I 32 -39.25 0.86 26.21
CA GLY I 32 -40.17 1.55 27.08
C GLY I 32 -40.70 0.54 28.06
N MET I 33 -40.87 0.93 29.32
CA MET I 33 -41.23 -0.02 30.35
C MET I 33 -42.56 0.42 30.98
N SER I 34 -43.04 -0.39 31.91
CA SER I 34 -44.35 -0.13 32.48
C SER I 34 -44.50 -0.90 33.78
N TRP I 35 -45.63 -0.64 34.45
CA TRP I 35 -46.16 -1.50 35.51
C TRP I 35 -47.65 -1.63 35.23
N VAL I 36 -48.09 -2.84 34.92
CA VAL I 36 -49.48 -3.13 34.62
C VAL I 36 -50.03 -4.01 35.72
N ARG I 37 -51.27 -3.76 36.12
CA ARG I 37 -51.89 -4.53 37.18
C ARG I 37 -52.90 -5.51 36.61
N GLN I 38 -52.88 -6.73 37.12
CA GLN I 38 -54.01 -7.63 37.04
C GLN I 38 -54.61 -7.68 38.44
N ALA I 39 -55.76 -7.05 38.59
CA ALA I 39 -56.43 -6.97 39.87
C ALA I 39 -57.30 -8.19 40.08
N PRO I 40 -57.56 -8.56 41.33
CA PRO I 40 -58.39 -9.75 41.60
C PRO I 40 -59.77 -9.61 40.98
N GLY I 41 -60.16 -10.63 40.23
CA GLY I 41 -61.45 -10.61 39.56
C GLY I 41 -61.64 -9.46 38.59
N LYS I 42 -60.56 -9.00 37.98
CA LYS I 42 -60.59 -7.85 37.10
C LYS I 42 -59.84 -8.14 35.81
N ARG I 43 -60.03 -7.27 34.83
CA ARG I 43 -59.24 -7.30 33.62
C ARG I 43 -57.84 -6.75 33.89
N LEU I 44 -56.92 -7.07 32.99
CA LEU I 44 -55.63 -6.38 33.00
C LEU I 44 -55.85 -4.89 32.82
N GLU I 45 -55.24 -4.12 33.72
CA GLU I 45 -55.29 -2.66 33.66
C GLU I 45 -53.88 -2.15 33.41
N TRP I 46 -53.67 -1.58 32.23
CA TRP I 46 -52.44 -0.84 31.99
C TRP I 46 -52.46 0.40 32.87
N VAL I 47 -51.45 0.54 33.73
CA VAL I 47 -51.47 1.58 34.75
C VAL I 47 -50.25 2.48 34.59
N ALA I 48 -49.08 1.92 34.83
CA ALA I 48 -47.87 2.69 34.98
C ALA I 48 -47.00 2.53 33.74
N GLU I 49 -46.19 3.56 33.47
CA GLU I 49 -45.44 3.57 32.23
C GLU I 49 -44.09 4.25 32.40
N ILE I 50 -43.17 3.93 31.49
CA ILE I 50 -42.04 4.78 31.18
C ILE I 50 -41.62 4.48 29.76
N SER I 51 -41.12 5.51 29.06
CA SER I 51 -40.73 5.33 27.67
C SER I 51 -39.28 4.87 27.57
N SER I 52 -38.83 4.58 26.35
CA SER I 52 -37.49 4.02 26.18
C SER I 52 -36.44 5.13 26.17
N GLY I 53 -36.43 5.94 25.12
CA GLY I 53 -35.49 7.03 24.98
C GLY I 53 -35.92 8.34 25.58
N GLY I 54 -36.91 8.30 26.49
CA GLY I 54 -37.38 9.50 27.16
C GLY I 54 -38.04 9.13 28.46
N SER I 55 -38.67 10.13 29.08
CA SER I 55 -39.44 9.91 30.30
C SER I 55 -40.91 10.17 30.02
N TYR I 56 -41.71 9.11 30.05
CA TYR I 56 -43.13 9.21 29.71
C TYR I 56 -43.99 9.18 30.95
N THR I 57 -43.99 8.07 31.69
CA THR I 57 -44.60 7.93 33.02
C THR I 57 -46.01 8.53 33.12
N TYR I 58 -46.76 8.43 32.03
CA TYR I 58 -48.18 8.71 32.09
C TYR I 58 -48.94 7.47 32.55
N TYR I 59 -50.13 7.71 33.09
CA TYR I 59 -50.98 6.66 33.62
C TYR I 59 -52.34 6.74 32.95
N PRO I 60 -53.29 5.87 33.29
CA PRO I 60 -54.69 6.28 33.19
C PRO I 60 -54.90 7.45 34.13
N ASP I 61 -55.50 8.52 33.61
CA ASP I 61 -55.56 9.72 34.42
C ASP I 61 -56.56 9.49 35.54
N THR I 62 -57.86 9.50 35.21
CA THR I 62 -58.90 8.97 36.11
C THR I 62 -58.67 9.43 37.53
N VAL I 63 -58.54 8.46 38.43
CA VAL I 63 -57.80 8.65 39.68
C VAL I 63 -56.39 8.17 39.40
N THR I 64 -55.43 9.08 39.41
CA THR I 64 -54.07 8.74 39.03
C THR I 64 -53.54 7.64 39.96
N GLY I 65 -53.08 6.55 39.36
CA GLY I 65 -52.29 5.60 40.12
C GLY I 65 -51.16 6.31 40.83
N ARG I 66 -50.58 7.33 40.18
CA ARG I 66 -49.66 8.29 40.75
C ARG I 66 -48.36 7.62 41.18
N PHE I 67 -48.28 6.29 41.04
CA PHE I 67 -47.17 5.52 41.56
C PHE I 67 -45.86 6.01 40.98
N THR I 68 -44.91 6.36 41.86
CA THR I 68 -43.66 6.95 41.40
C THR I 68 -42.88 5.95 40.57
N ILE I 69 -42.51 6.37 39.37
CA ILE I 69 -41.78 5.53 38.43
C ILE I 69 -40.44 6.19 38.16
N SER I 70 -39.38 5.41 38.31
CA SER I 70 -38.08 5.87 37.88
C SER I 70 -37.30 4.68 37.34
N ARG I 71 -36.14 4.99 36.80
CA ARG I 71 -35.27 4.00 36.20
C ARG I 71 -33.86 4.15 36.72
N ASP I 72 -33.23 3.02 37.02
CA ASP I 72 -31.78 2.96 37.06
C ASP I 72 -31.37 2.05 35.91
N ASN I 73 -30.82 2.64 34.86
CA ASN I 73 -30.46 1.87 33.68
C ASN I 73 -29.18 1.08 33.89
N ALA I 74 -28.41 1.40 34.93
CA ALA I 74 -27.35 0.50 35.36
C ALA I 74 -27.95 -0.75 36.02
N LYS I 75 -28.87 -0.54 36.96
CA LYS I 75 -29.61 -1.67 37.51
C LYS I 75 -30.54 -2.30 36.50
N ASN I 76 -30.87 -1.59 35.43
CA ASN I 76 -31.93 -2.00 34.51
C ASN I 76 -33.25 -2.19 35.26
N THR I 77 -33.43 -1.45 36.35
CA THR I 77 -34.52 -1.70 37.28
C THR I 77 -35.54 -0.58 37.22
N LEU I 78 -36.76 -0.91 36.82
CA LEU I 78 -37.88 0.01 36.84
C LEU I 78 -38.54 -0.03 38.20
N TYR I 79 -38.90 1.14 38.72
CA TYR I 79 -39.47 1.24 40.05
C TYR I 79 -40.94 1.60 39.96
N LEU I 80 -41.72 1.07 40.90
CA LEU I 80 -43.10 1.52 41.08
C LEU I 80 -43.25 1.87 42.54
N GLN I 81 -43.37 3.16 42.84
CA GLN I 81 -43.54 3.61 44.21
C GLN I 81 -44.93 4.23 44.28
N MET I 82 -45.87 3.52 44.90
CA MET I 82 -47.27 3.75 44.61
C MET I 82 -47.83 4.78 45.56
N ASN I 83 -48.09 5.96 45.02
CA ASN I 83 -48.60 7.08 45.80
C ASN I 83 -50.12 7.03 45.84
N SER I 84 -50.68 7.48 46.95
CA SER I 84 -52.09 7.35 47.24
C SER I 84 -52.49 5.87 47.27
N LEU I 85 -51.90 5.16 48.22
CA LEU I 85 -52.24 3.76 48.44
C LEU I 85 -53.66 3.62 48.95
N ARG I 86 -54.27 2.48 48.62
CA ARG I 86 -55.64 2.24 49.08
C ARG I 86 -55.88 0.74 49.11
N ALA I 87 -57.05 0.36 49.60
CA ALA I 87 -57.37 -1.05 49.73
C ALA I 87 -57.55 -1.71 48.38
N GLU I 88 -58.01 -0.96 47.39
CA GLU I 88 -58.18 -1.51 46.04
C GLU I 88 -56.84 -1.83 45.41
N ASP I 89 -55.77 -1.17 45.85
CA ASP I 89 -54.44 -1.43 45.32
C ASP I 89 -54.00 -2.87 45.54
N THR I 90 -54.70 -3.62 46.38
CA THR I 90 -54.46 -5.05 46.47
C THR I 90 -54.66 -5.68 45.10
N ALA I 91 -53.62 -6.36 44.60
CA ALA I 91 -53.62 -6.88 43.24
C ALA I 91 -52.29 -7.57 42.94
N VAL I 92 -52.18 -8.15 41.75
CA VAL I 92 -50.93 -8.70 41.25
C VAL I 92 -50.43 -7.75 40.17
N TYR I 93 -49.35 -7.04 40.46
CA TYR I 93 -48.84 -6.04 39.54
C TYR I 93 -47.78 -6.67 38.64
N TYR I 94 -47.83 -6.30 37.36
CA TYR I 94 -46.86 -6.77 36.39
C TYR I 94 -46.17 -5.56 35.80
N CYS I 95 -44.89 -5.39 36.10
CA CYS I 95 -44.10 -4.48 35.29
C CYS I 95 -43.91 -5.15 33.95
N ALA I 96 -44.29 -4.47 32.88
CA ALA I 96 -44.26 -5.10 31.57
C ALA I 96 -43.20 -4.43 30.71
N ARG I 97 -42.99 -4.98 29.53
CA ARG I 97 -42.00 -4.48 28.61
C ARG I 97 -42.56 -4.52 27.21
N PHE I 98 -42.37 -3.44 26.48
CA PHE I 98 -43.03 -3.31 25.20
C PHE I 98 -42.17 -3.92 24.09
N ARG I 99 -42.71 -3.93 22.88
CA ARG I 99 -41.96 -4.35 21.72
C ARG I 99 -41.32 -3.11 21.11
N TYR I 100 -40.53 -3.31 20.07
CA TYR I 100 -40.19 -2.17 19.24
C TYR I 100 -41.43 -1.69 18.51
N GLY I 101 -41.37 -0.43 18.06
CA GLY I 101 -42.52 0.31 17.59
C GLY I 101 -43.44 -0.40 16.62
N GLY I 102 -44.73 -0.15 16.78
CA GLY I 102 -45.78 -0.79 16.00
C GLY I 102 -47.13 -0.61 16.69
N GLY I 103 -48.04 -1.53 16.38
CA GLY I 103 -49.35 -1.56 16.99
C GLY I 103 -49.36 -2.05 18.42
N GLY I 104 -48.19 -2.20 19.02
CA GLY I 104 -48.03 -2.78 20.34
C GLY I 104 -46.55 -2.71 20.65
N THR I 105 -46.06 -3.56 21.55
CA THR I 105 -46.87 -4.59 22.20
C THR I 105 -46.42 -4.58 23.63
N VAL I 106 -46.86 -5.58 24.39
CA VAL I 106 -46.14 -6.02 25.57
C VAL I 106 -45.62 -7.41 25.26
N ASP I 107 -44.31 -7.53 25.07
CA ASP I 107 -43.74 -8.81 24.64
C ASP I 107 -43.73 -9.80 25.80
N TYR I 108 -42.86 -9.57 26.77
CA TYR I 108 -42.75 -10.40 27.94
C TYR I 108 -43.37 -9.70 29.13
N TRP I 109 -43.28 -10.32 30.30
CA TRP I 109 -44.01 -9.84 31.45
C TRP I 109 -43.19 -10.11 32.71
N GLY I 110 -43.53 -9.38 33.76
CA GLY I 110 -43.07 -9.76 35.07
C GLY I 110 -43.78 -11.01 35.55
N GLN I 111 -43.25 -11.59 36.62
CA GLN I 111 -43.89 -12.75 37.23
C GLN I 111 -45.07 -12.34 38.10
N GLY I 112 -45.31 -11.03 38.22
CA GLY I 112 -46.34 -10.50 39.07
C GLY I 112 -45.78 -10.00 40.38
N THR I 113 -46.35 -8.91 40.88
CA THR I 113 -46.01 -8.41 42.20
C THR I 113 -47.25 -8.54 43.06
N LEU I 114 -47.23 -9.49 43.98
CA LEU I 114 -48.33 -9.62 44.92
C LEU I 114 -48.37 -8.39 45.80
N VAL I 115 -49.52 -7.74 45.83
CA VAL I 115 -49.67 -6.52 46.61
C VAL I 115 -51.00 -6.59 47.33
N THR I 116 -50.98 -6.34 48.64
CA THR I 116 -52.18 -6.33 49.45
C THR I 116 -52.14 -5.13 50.37
N VAL I 117 -53.10 -4.23 50.22
CA VAL I 117 -53.27 -3.11 51.14
C VAL I 117 -54.63 -3.24 51.79
N SER I 118 -54.64 -3.43 53.09
CA SER I 118 -55.86 -3.67 53.86
C SER I 118 -55.52 -3.53 55.33
N SER I 119 -56.49 -3.84 56.19
CA SER I 119 -56.28 -3.80 57.63
C SER I 119 -55.60 -5.07 58.12
#